data_7ZEY
#
_entry.id   7ZEY
#
_cell.length_a   1.000
_cell.length_b   1.000
_cell.length_c   1.000
_cell.angle_alpha   90.00
_cell.angle_beta   90.00
_cell.angle_gamma   90.00
#
_symmetry.space_group_name_H-M   'P 1'
#
loop_
_entity.id
_entity.type
_entity.pdbx_description
1 polymer 'Peptidyl-prolyl cis-trans isomerase E'
2 polymer 'MLL cleavage product N320'
3 non-polymer 'ZINC ION'
#
loop_
_entity_poly.entity_id
_entity_poly.type
_entity_poly.pdbx_seq_one_letter_code
_entity_poly.pdbx_strand_id
1 'polypeptide(L)'
;AGHMATTKRVLYVGGLAEEVDDKVLHAAFIPFGDITDIQIPLDYETEKHRGFAFVEFELAEDAAAAIDNMNESELFGRTI
RVNLAKPMRIKEGSSRPVWSDDDWLKKFSGKTLEENK
;
A
2 'polypeptide(L)' AKGNFCPLCDKCYDDDDYESKMMQCGKCDRWVHSKCENLSDEMYEILSNLPESVAYTCVNCTER B
#
loop_
_chem_comp.id
_chem_comp.type
_chem_comp.name
_chem_comp.formula
ZN non-polymer 'ZINC ION' 'Zn 2'
#
# COMPACT_ATOMS: atom_id res chain seq x y z
N ALA A 1 7.81 -20.05 -14.98
CA ALA A 1 7.00 -19.01 -14.32
C ALA A 1 5.76 -18.69 -15.15
N GLY A 2 4.80 -17.96 -14.55
CA GLY A 2 3.57 -17.58 -15.22
C GLY A 2 2.71 -16.71 -14.31
N HIS A 3 1.63 -16.15 -14.85
CA HIS A 3 0.74 -15.26 -14.12
C HIS A 3 -0.68 -15.31 -14.67
N MET A 4 -1.64 -14.82 -13.88
CA MET A 4 -3.04 -14.81 -14.27
C MET A 4 -3.33 -13.65 -15.25
N ALA A 5 -2.52 -12.59 -15.20
CA ALA A 5 -2.66 -11.44 -16.07
C ALA A 5 -1.39 -10.59 -15.99
N THR A 6 -1.09 -9.86 -17.07
CA THR A 6 0.08 -8.98 -17.11
C THR A 6 -0.05 -7.71 -16.27
N THR A 7 -1.24 -7.10 -16.28
CA THR A 7 -1.53 -5.86 -15.58
C THR A 7 -0.62 -4.67 -15.90
N LYS A 8 -0.96 -3.49 -15.38
CA LYS A 8 -0.18 -2.27 -15.56
C LYS A 8 -0.25 -1.35 -14.34
N ARG A 9 -0.75 -1.88 -13.22
CA ARG A 9 -0.93 -1.13 -11.98
C ARG A 9 -0.06 -1.71 -10.86
N VAL A 10 -0.37 -1.37 -9.61
CA VAL A 10 0.41 -1.82 -8.46
C VAL A 10 0.39 -3.33 -8.25
N LEU A 11 1.42 -3.84 -7.57
CA LEU A 11 1.54 -5.27 -7.30
C LEU A 11 1.88 -5.51 -5.83
N TYR A 12 1.52 -6.69 -5.35
CA TYR A 12 1.68 -7.11 -3.97
C TYR A 12 3.03 -7.73 -3.60
N VAL A 13 3.48 -7.51 -2.37
CA VAL A 13 4.71 -8.08 -1.85
C VAL A 13 4.53 -8.55 -0.41
N GLY A 14 5.12 -9.70 -0.05
CA GLY A 14 4.97 -10.26 1.28
C GLY A 14 6.14 -11.15 1.67
N GLY A 15 6.09 -11.69 2.90
CA GLY A 15 7.16 -12.51 3.45
C GLY A 15 8.33 -11.66 3.94
N LEU A 16 8.15 -10.34 3.95
CA LEU A 16 9.18 -9.38 4.33
C LEU A 16 9.45 -9.38 5.84
N ALA A 17 10.67 -9.06 6.23
CA ALA A 17 11.01 -8.82 7.62
C ALA A 17 10.63 -7.38 8.00
N GLU A 18 10.42 -7.12 9.28
CA GLU A 18 10.06 -5.78 9.74
C GLU A 18 11.18 -4.78 9.45
N GLU A 19 12.40 -5.27 9.21
CA GLU A 19 13.54 -4.43 8.88
C GLU A 19 13.45 -3.88 7.45
N VAL A 20 12.58 -4.45 6.62
CA VAL A 20 12.41 -4.02 5.24
C VAL A 20 11.74 -2.65 5.22
N ASP A 21 12.13 -1.82 4.25
CA ASP A 21 11.62 -0.48 4.06
C ASP A 21 11.63 -0.23 2.55
N ASP A 22 11.13 0.92 2.09
CA ASP A 22 11.03 1.22 0.67
C ASP A 22 12.37 1.22 -0.06
N LYS A 23 13.48 1.46 0.66
CA LYS A 23 14.81 1.47 0.08
C LYS A 23 15.29 0.04 -0.21
N VAL A 24 14.76 -0.94 0.54
CA VAL A 24 15.09 -2.34 0.32
C VAL A 24 14.22 -2.89 -0.82
N LEU A 25 12.94 -2.52 -0.83
CA LEU A 25 12.04 -2.94 -1.90
C LEU A 25 12.41 -2.27 -3.21
N HIS A 26 12.98 -1.07 -3.18
CA HIS A 26 13.35 -0.40 -4.42
C HIS A 26 14.59 -1.05 -5.02
N ALA A 27 15.62 -1.30 -4.20
CA ALA A 27 16.86 -1.86 -4.70
C ALA A 27 16.68 -3.30 -5.19
N ALA A 28 15.67 -4.01 -4.66
CA ALA A 28 15.41 -5.38 -5.05
C ALA A 28 14.45 -5.49 -6.24
N PHE A 29 13.67 -4.44 -6.51
CA PHE A 29 12.68 -4.46 -7.58
C PHE A 29 13.00 -3.62 -8.83
N ILE A 30 14.06 -2.82 -8.75
CA ILE A 30 14.44 -1.92 -9.83
C ILE A 30 15.19 -2.59 -11.00
N PRO A 31 15.79 -3.80 -10.87
CA PRO A 31 16.62 -4.35 -11.93
C PRO A 31 15.81 -4.86 -13.12
N PHE A 32 14.49 -5.01 -12.96
CA PHE A 32 13.63 -5.51 -14.04
C PHE A 32 13.07 -4.31 -14.81
N GLY A 33 13.08 -3.12 -14.21
CA GLY A 33 12.54 -1.93 -14.84
C GLY A 33 12.27 -0.82 -13.83
N ASP A 34 11.96 0.37 -14.34
CA ASP A 34 11.75 1.54 -13.49
C ASP A 34 10.53 1.45 -12.57
N ILE A 35 10.73 1.84 -11.31
CA ILE A 35 9.68 1.92 -10.30
C ILE A 35 9.26 3.38 -10.15
N THR A 36 8.01 3.61 -9.76
CA THR A 36 7.50 4.96 -9.59
C THR A 36 6.84 5.24 -8.22
N ASP A 37 6.51 4.20 -7.46
CA ASP A 37 5.99 4.38 -6.11
C ASP A 37 6.13 3.12 -5.24
N ILE A 38 6.41 3.31 -3.94
CA ILE A 38 6.51 2.24 -2.97
C ILE A 38 6.05 2.77 -1.62
N GLN A 39 5.20 2.02 -0.90
CA GLN A 39 4.69 2.44 0.39
C GLN A 39 4.55 1.22 1.31
N ILE A 40 4.79 1.42 2.60
CA ILE A 40 4.68 0.37 3.60
C ILE A 40 3.72 0.80 4.71
N PRO A 41 2.56 0.14 4.85
CA PRO A 41 1.63 0.37 5.95
C PRO A 41 2.24 -0.14 7.25
N LEU A 42 1.84 0.43 8.39
CA LEU A 42 2.48 0.11 9.67
C LEU A 42 1.45 -0.19 10.77
N ASP A 43 1.87 -1.01 11.74
CA ASP A 43 1.09 -1.34 12.91
C ASP A 43 1.06 -0.17 13.90
N TYR A 44 -0.14 0.23 14.35
CA TYR A 44 -0.29 1.41 15.18
C TYR A 44 0.43 1.47 16.52
N GLU A 45 0.89 0.34 17.06
CA GLU A 45 1.55 0.34 18.36
C GLU A 45 3.07 0.19 18.27
N THR A 46 3.59 -0.34 17.17
CA THR A 46 5.03 -0.57 17.02
C THR A 46 5.66 0.10 15.81
N GLU A 47 4.86 0.70 14.92
CA GLU A 47 5.35 1.30 13.69
C GLU A 47 6.14 0.31 12.83
N LYS A 48 5.73 -0.96 12.81
CA LYS A 48 6.34 -2.00 11.97
C LYS A 48 5.26 -2.61 11.08
N HIS A 49 5.68 -3.12 9.92
CA HIS A 49 4.77 -3.84 9.03
C HIS A 49 4.82 -5.33 9.36
N ARG A 50 3.71 -6.03 9.09
CA ARG A 50 3.59 -7.45 9.39
C ARG A 50 4.18 -8.33 8.29
N GLY A 51 5.08 -7.77 7.48
CA GLY A 51 5.73 -8.51 6.41
C GLY A 51 4.91 -8.47 5.12
N PHE A 52 4.34 -7.31 4.79
CA PHE A 52 3.50 -7.16 3.60
C PHE A 52 3.65 -5.68 3.22
N ALA A 53 3.62 -5.42 1.91
CA ALA A 53 3.81 -4.08 1.37
C ALA A 53 3.31 -3.98 -0.08
N PHE A 54 3.42 -2.79 -0.68
CA PHE A 54 3.01 -2.55 -2.05
C PHE A 54 4.05 -1.82 -2.92
N VAL A 55 4.06 -2.11 -4.22
CA VAL A 55 5.03 -1.57 -5.17
C VAL A 55 4.33 -1.24 -6.48
N GLU A 56 4.76 -0.16 -7.14
CA GLU A 56 4.19 0.24 -8.43
C GLU A 56 5.27 0.55 -9.46
N PHE A 57 5.17 -0.11 -10.62
CA PHE A 57 6.06 0.08 -11.75
C PHE A 57 5.67 1.18 -12.73
N GLU A 58 6.66 1.73 -13.43
CA GLU A 58 6.43 2.73 -14.47
C GLU A 58 6.05 2.04 -15.79
N LEU A 59 6.29 0.72 -15.89
CA LEU A 59 5.98 -0.06 -17.07
C LEU A 59 5.21 -1.33 -16.71
N ALA A 60 4.32 -1.76 -17.59
CA ALA A 60 3.48 -2.93 -17.36
C ALA A 60 4.22 -4.25 -17.56
N GLU A 61 5.24 -4.26 -18.43
CA GLU A 61 5.98 -5.47 -18.74
C GLU A 61 6.94 -5.82 -17.62
N ASP A 62 7.54 -4.79 -17.02
CA ASP A 62 8.52 -4.96 -15.96
C ASP A 62 7.85 -5.38 -14.65
N ALA A 63 6.55 -5.10 -14.51
CA ALA A 63 5.79 -5.54 -13.35
C ALA A 63 5.54 -7.05 -13.47
N ALA A 64 5.43 -7.57 -14.69
CA ALA A 64 5.23 -8.99 -14.92
C ALA A 64 6.54 -9.74 -14.68
N ALA A 65 7.68 -9.06 -14.84
CA ALA A 65 8.97 -9.66 -14.54
C ALA A 65 9.19 -9.74 -13.04
N ALA A 66 8.57 -8.82 -12.27
CA ALA A 66 8.70 -8.84 -10.82
C ALA A 66 7.98 -10.04 -10.23
N ILE A 67 6.73 -10.30 -10.64
CA ILE A 67 5.97 -11.44 -10.15
C ILE A 67 6.60 -12.74 -10.65
N ASP A 68 7.29 -12.71 -11.79
CA ASP A 68 7.93 -13.90 -12.35
C ASP A 68 9.28 -14.28 -11.74
N ASN A 69 9.96 -13.35 -11.06
CA ASN A 69 11.28 -13.60 -10.51
C ASN A 69 11.41 -13.31 -9.02
N MET A 70 10.76 -12.26 -8.52
CA MET A 70 10.90 -11.89 -7.11
C MET A 70 10.07 -12.79 -6.19
N ASN A 71 9.14 -13.58 -6.75
CA ASN A 71 8.35 -14.51 -5.97
C ASN A 71 9.21 -15.65 -5.44
N GLU A 72 10.43 -15.81 -5.97
CA GLU A 72 11.38 -16.80 -5.50
C GLU A 72 12.55 -16.15 -4.78
N SER A 73 12.55 -14.82 -4.69
CA SER A 73 13.62 -14.05 -4.09
C SER A 73 13.65 -14.20 -2.56
N GLU A 74 14.70 -13.66 -1.94
CA GLU A 74 14.94 -13.75 -0.51
C GLU A 74 15.44 -12.42 0.02
N LEU A 75 14.99 -12.04 1.22
CA LEU A 75 15.38 -10.80 1.86
C LEU A 75 15.53 -11.04 3.36
N PHE A 76 16.52 -10.40 3.98
CA PHE A 76 16.76 -10.54 5.41
C PHE A 76 16.95 -11.97 5.94
N GLY A 77 17.24 -12.93 5.04
CA GLY A 77 17.45 -14.32 5.43
C GLY A 77 16.19 -15.17 5.32
N ARG A 78 15.12 -14.66 4.67
CA ARG A 78 13.88 -15.41 4.51
C ARG A 78 13.26 -15.16 3.14
N THR A 79 12.53 -16.15 2.64
CA THR A 79 11.84 -16.08 1.36
C THR A 79 10.71 -15.05 1.30
N ILE A 80 10.48 -14.47 0.13
CA ILE A 80 9.45 -13.46 -0.07
C ILE A 80 8.43 -13.97 -1.08
N ARG A 81 7.31 -13.26 -1.23
CA ARG A 81 6.25 -13.59 -2.17
C ARG A 81 5.83 -12.34 -2.93
N VAL A 82 5.51 -12.49 -4.21
CA VAL A 82 5.09 -11.41 -5.08
C VAL A 82 3.97 -11.85 -6.03
N ASN A 83 2.99 -10.97 -6.26
CA ASN A 83 1.84 -11.29 -7.08
C ASN A 83 1.12 -10.00 -7.49
N LEU A 84 0.18 -10.10 -8.44
CA LEU A 84 -0.60 -8.95 -8.90
C LEU A 84 -1.44 -8.38 -7.76
N ALA A 85 -1.86 -7.13 -7.91
CA ALA A 85 -2.74 -6.48 -6.94
C ALA A 85 -3.73 -5.54 -7.66
N LYS A 86 -3.93 -5.73 -8.96
CA LYS A 86 -4.93 -5.00 -9.73
C LYS A 86 -6.35 -5.58 -9.61
N PRO A 87 -6.54 -6.91 -9.54
CA PRO A 87 -7.87 -7.52 -9.47
C PRO A 87 -8.50 -7.39 -8.08
N MET A 88 -8.24 -6.27 -7.39
CA MET A 88 -8.74 -6.04 -6.03
C MET A 88 -9.05 -4.56 -5.82
N ARG A 89 -9.44 -3.84 -6.89
CA ARG A 89 -9.82 -2.44 -6.82
C ARG A 89 -11.09 -2.33 -5.97
N ILE A 90 -11.00 -1.60 -4.85
CA ILE A 90 -12.05 -1.56 -3.85
C ILE A 90 -13.37 -1.00 -4.39
N LYS A 91 -14.48 -1.55 -3.90
CA LYS A 91 -15.83 -1.10 -4.25
C LYS A 91 -16.30 0.04 -3.35
N GLU A 92 -15.39 0.96 -3.02
CA GLU A 92 -15.73 2.11 -2.19
C GLU A 92 -16.88 2.88 -2.83
N GLY A 93 -17.84 3.26 -1.99
CA GLY A 93 -19.05 3.94 -2.43
C GLY A 93 -20.22 2.94 -2.53
N SER A 94 -19.98 1.68 -2.15
CA SER A 94 -21.01 0.65 -2.14
C SER A 94 -20.76 -0.37 -1.02
N SER A 95 -19.49 -0.74 -0.79
CA SER A 95 -19.14 -1.66 0.28
C SER A 95 -17.63 -1.63 0.54
N ARG A 96 -17.24 -2.23 1.68
CA ARG A 96 -15.85 -2.37 2.07
C ARG A 96 -15.26 -3.63 1.43
N PRO A 97 -13.94 -3.83 1.53
CA PRO A 97 -13.24 -4.93 0.87
C PRO A 97 -13.56 -6.27 1.52
N VAL A 98 -14.23 -7.18 0.79
CA VAL A 98 -14.66 -8.48 1.31
C VAL A 98 -14.82 -9.54 0.22
N TRP A 99 -14.19 -9.39 -0.95
CA TRP A 99 -14.50 -10.26 -2.08
C TRP A 99 -13.31 -10.66 -2.96
N SER A 100 -12.08 -10.32 -2.56
CA SER A 100 -10.91 -10.56 -3.40
C SER A 100 -9.65 -10.67 -2.53
N ASP A 101 -8.48 -10.44 -3.12
CA ASP A 101 -7.26 -10.35 -2.33
C ASP A 101 -7.36 -9.33 -1.20
N ASP A 102 -8.32 -8.40 -1.30
CA ASP A 102 -8.57 -7.45 -0.24
C ASP A 102 -9.34 -8.09 0.93
N ASP A 103 -10.01 -9.22 0.66
CA ASP A 103 -10.71 -9.96 1.67
C ASP A 103 -9.67 -10.65 2.53
N TRP A 104 -8.60 -11.21 1.93
CA TRP A 104 -7.62 -11.87 2.79
C TRP A 104 -6.85 -10.82 3.59
N LEU A 105 -6.79 -9.56 3.13
CA LEU A 105 -6.24 -8.50 3.98
C LEU A 105 -7.10 -8.36 5.24
N LYS A 106 -8.41 -8.56 5.12
CA LYS A 106 -9.28 -8.56 6.31
C LYS A 106 -9.08 -9.81 7.14
N LYS A 107 -8.90 -10.98 6.50
CA LYS A 107 -8.62 -12.21 7.23
C LYS A 107 -7.30 -12.06 7.98
N PHE A 108 -6.40 -11.26 7.41
CA PHE A 108 -5.15 -10.87 8.04
C PHE A 108 -5.28 -10.00 9.29
N SER A 109 -6.31 -9.17 9.33
CA SER A 109 -6.61 -8.37 10.53
C SER A 109 -7.05 -9.29 11.67
N GLY A 110 -7.62 -10.45 11.32
CA GLY A 110 -8.03 -11.45 12.29
C GLY A 110 -9.48 -11.87 12.06
N LYS A 111 -9.71 -12.65 11.00
CA LYS A 111 -11.02 -13.12 10.57
C LYS A 111 -11.97 -11.99 10.20
N THR A 112 -12.45 -11.22 11.20
CA THR A 112 -13.33 -10.06 11.07
C THR A 112 -14.68 -10.21 10.36
N LEU A 113 -14.83 -11.19 9.47
CA LEU A 113 -16.06 -11.39 8.71
C LEU A 113 -17.16 -11.97 9.59
N GLU A 114 -16.84 -12.38 10.82
CA GLU A 114 -17.82 -12.87 11.78
C GLU A 114 -18.57 -11.71 12.45
N GLU A 115 -18.26 -10.47 12.07
CA GLU A 115 -18.90 -9.28 12.62
C GLU A 115 -19.19 -8.25 11.52
N ASN A 116 -18.85 -8.56 10.26
CA ASN A 116 -19.10 -7.67 9.14
C ASN A 116 -20.60 -7.38 9.04
N LYS A 117 -20.95 -6.11 8.83
CA LYS A 117 -22.34 -5.66 8.79
C LYS A 117 -22.44 -4.32 8.06
N ALA B 1 5.50 20.67 15.35
CA ALA B 1 4.35 20.45 14.46
C ALA B 1 4.70 20.77 13.02
N LYS B 2 3.79 20.46 12.08
CA LYS B 2 3.99 20.69 10.66
C LYS B 2 2.67 21.14 10.03
N GLY B 3 1.81 21.76 10.84
CA GLY B 3 0.51 22.24 10.40
C GLY B 3 -0.53 21.11 10.43
N ASN B 4 -1.77 21.47 10.79
CA ASN B 4 -2.88 20.53 10.89
C ASN B 4 -3.50 20.23 9.51
N PHE B 5 -2.71 20.33 8.45
CA PHE B 5 -3.22 20.17 7.09
C PHE B 5 -2.08 19.58 6.26
N CYS B 6 -2.40 19.17 5.03
CA CYS B 6 -1.45 18.58 4.10
C CYS B 6 -0.28 19.55 3.87
N PRO B 7 0.93 19.17 4.29
CA PRO B 7 2.11 20.01 4.17
C PRO B 7 2.74 19.90 2.78
N LEU B 8 2.29 18.96 1.96
CA LEU B 8 2.89 18.69 0.66
C LEU B 8 2.38 19.61 -0.44
N CYS B 9 1.35 20.42 -0.15
CA CYS B 9 0.83 21.37 -1.12
C CYS B 9 0.23 22.59 -0.41
N ASP B 10 -0.05 23.65 -1.18
CA ASP B 10 -0.66 24.87 -0.65
C ASP B 10 -2.17 24.82 -0.51
N LYS B 11 -2.80 23.70 -0.88
CA LYS B 11 -4.24 23.54 -0.76
C LYS B 11 -4.61 23.29 0.71
N CYS B 12 -5.89 23.48 1.04
CA CYS B 12 -6.37 23.38 2.39
C CYS B 12 -7.69 22.61 2.45
N TYR B 13 -8.37 22.68 3.60
CA TYR B 13 -9.65 22.05 3.86
C TYR B 13 -10.85 22.48 3.01
N ASP B 14 -10.59 23.05 1.83
CA ASP B 14 -11.62 23.55 0.93
C ASP B 14 -12.63 22.50 0.44
N ASP B 15 -13.73 22.96 -0.14
CA ASP B 15 -14.82 22.11 -0.60
C ASP B 15 -14.45 21.07 -1.65
N ASP B 16 -13.32 21.26 -2.35
CA ASP B 16 -12.83 20.34 -3.36
C ASP B 16 -12.37 18.98 -2.84
N ASP B 17 -12.34 18.81 -1.53
CA ASP B 17 -11.83 17.59 -0.89
C ASP B 17 -12.48 16.28 -1.34
N TYR B 18 -13.61 16.32 -2.05
CA TYR B 18 -14.27 15.10 -2.51
C TYR B 18 -13.54 14.35 -3.61
N GLU B 19 -12.89 15.09 -4.52
CA GLU B 19 -12.13 14.51 -5.61
C GLU B 19 -10.64 14.50 -5.28
N SER B 20 -10.26 15.16 -4.17
CA SER B 20 -8.89 15.18 -3.70
C SER B 20 -8.53 13.89 -2.96
N LYS B 21 -9.50 12.96 -2.82
CA LYS B 21 -9.26 11.66 -2.23
C LYS B 21 -8.60 11.76 -0.85
N MET B 22 -9.17 12.58 0.03
CA MET B 22 -8.59 12.82 1.35
C MET B 22 -8.77 11.61 2.26
N MET B 23 -7.90 11.57 3.29
CA MET B 23 -7.83 10.48 4.25
C MET B 23 -7.40 11.04 5.60
N GLN B 24 -7.92 10.46 6.69
CA GLN B 24 -7.55 10.87 8.03
C GLN B 24 -6.48 9.91 8.57
N CYS B 25 -5.56 10.46 9.37
CA CYS B 25 -4.51 9.67 10.00
C CYS B 25 -5.14 8.79 11.10
N GLY B 26 -4.41 7.77 11.55
CA GLY B 26 -4.97 6.79 12.49
C GLY B 26 -4.45 6.91 13.91
N LYS B 27 -3.49 7.80 14.18
CA LYS B 27 -3.05 8.05 15.54
C LYS B 27 -2.97 9.56 15.83
N CYS B 28 -3.40 10.37 14.86
CA CYS B 28 -3.62 11.80 15.01
C CYS B 28 -4.81 12.15 14.12
N ASP B 29 -5.41 13.33 14.30
CA ASP B 29 -6.64 13.67 13.59
C ASP B 29 -6.47 14.49 12.31
N ARG B 30 -5.22 14.73 11.91
CA ARG B 30 -4.95 15.53 10.72
C ARG B 30 -5.42 14.80 9.46
N TRP B 31 -6.00 15.55 8.53
CA TRP B 31 -6.42 15.04 7.24
C TRP B 31 -5.39 15.41 6.17
N VAL B 32 -5.25 14.58 5.14
CA VAL B 32 -4.30 14.80 4.06
C VAL B 32 -4.88 14.40 2.70
N HIS B 33 -4.53 15.12 1.63
CA HIS B 33 -4.93 14.73 0.29
C HIS B 33 -4.01 13.58 -0.14
N SER B 34 -4.58 12.48 -0.65
CA SER B 34 -3.76 11.34 -1.07
C SER B 34 -3.05 11.61 -2.40
N LYS B 35 -3.51 12.63 -3.14
CA LYS B 35 -2.92 12.96 -4.44
C LYS B 35 -1.55 13.61 -4.28
N CYS B 36 -1.31 14.27 -3.14
CA CYS B 36 -0.02 14.91 -2.87
C CYS B 36 0.99 13.87 -2.38
N GLU B 37 0.48 12.74 -1.88
CA GLU B 37 1.30 11.64 -1.39
C GLU B 37 1.76 10.75 -2.55
N ASN B 38 1.54 11.19 -3.79
CA ASN B 38 1.90 10.47 -5.00
C ASN B 38 1.17 9.13 -5.14
N LEU B 39 0.14 8.89 -4.32
CA LEU B 39 -0.59 7.63 -4.32
C LEU B 39 -1.55 7.56 -5.51
N SER B 40 -1.63 6.39 -6.15
CA SER B 40 -2.62 6.14 -7.18
C SER B 40 -3.98 6.03 -6.52
N ASP B 41 -5.07 6.11 -7.30
CA ASP B 41 -6.41 6.05 -6.75
C ASP B 41 -6.72 4.69 -6.12
N GLU B 42 -6.32 3.60 -6.77
CA GLU B 42 -6.55 2.26 -6.24
C GLU B 42 -5.63 2.01 -5.05
N MET B 43 -4.40 2.53 -5.12
CA MET B 43 -3.43 2.41 -4.03
C MET B 43 -4.00 3.09 -2.79
N TYR B 44 -4.56 4.29 -3.00
CA TYR B 44 -5.27 5.03 -1.96
C TYR B 44 -6.43 4.29 -1.33
N GLU B 45 -7.31 3.70 -2.16
CA GLU B 45 -8.44 2.96 -1.64
C GLU B 45 -7.98 1.77 -0.80
N ILE B 46 -6.88 1.11 -1.19
CA ILE B 46 -6.42 -0.05 -0.43
C ILE B 46 -5.88 0.40 0.93
N LEU B 47 -4.89 1.30 0.94
CA LEU B 47 -4.28 1.72 2.20
C LEU B 47 -5.25 2.55 3.05
N SER B 48 -6.35 3.04 2.45
CA SER B 48 -7.38 3.72 3.22
C SER B 48 -8.34 2.71 3.87
N ASN B 49 -8.62 1.59 3.19
CA ASN B 49 -9.49 0.55 3.75
C ASN B 49 -8.75 -0.59 4.44
N LEU B 50 -7.41 -0.51 4.55
CA LEU B 50 -6.65 -1.45 5.38
C LEU B 50 -7.25 -1.52 6.79
N PRO B 51 -6.99 -2.63 7.50
CA PRO B 51 -7.46 -2.86 8.87
C PRO B 51 -7.14 -1.73 9.85
N GLU B 52 -7.78 -1.77 11.02
CA GLU B 52 -7.55 -0.79 12.07
C GLU B 52 -6.27 -1.08 12.84
N SER B 53 -5.69 -2.28 12.69
CA SER B 53 -4.45 -2.63 13.38
C SER B 53 -3.24 -2.10 12.61
N VAL B 54 -3.31 -2.18 11.27
CA VAL B 54 -2.22 -1.77 10.39
C VAL B 54 -2.71 -0.92 9.23
N ALA B 55 -2.07 0.23 9.02
CA ALA B 55 -2.49 1.18 8.01
C ALA B 55 -1.42 2.26 7.82
N TYR B 56 -1.56 3.04 6.75
CA TYR B 56 -0.68 4.17 6.47
C TYR B 56 -0.91 5.39 7.37
N THR B 57 0.16 6.14 7.70
CA THR B 57 0.08 7.32 8.56
C THR B 57 0.67 8.59 7.97
N CYS B 58 0.26 9.75 8.50
CA CYS B 58 0.69 11.04 8.00
C CYS B 58 2.20 11.25 8.17
N VAL B 59 2.71 12.30 7.53
CA VAL B 59 4.15 12.61 7.50
C VAL B 59 4.77 12.96 8.85
N ASN B 60 3.98 12.98 9.93
CA ASN B 60 4.50 13.29 11.26
C ASN B 60 4.32 12.13 12.23
N CYS B 61 3.50 11.14 11.88
CA CYS B 61 3.40 9.91 12.65
C CYS B 61 4.40 8.89 12.11
N THR B 62 4.83 9.07 10.85
CA THR B 62 5.88 8.27 10.24
C THR B 62 6.58 8.99 9.09
N GLU B 63 7.84 8.64 8.83
CA GLU B 63 8.59 9.23 7.72
C GLU B 63 8.26 8.48 6.43
N ARG B 64 8.11 9.23 5.33
CA ARG B 64 7.82 8.67 4.02
C ARG B 64 8.55 9.46 2.93
ZN ZN C . -2.30 18.41 -0.54
ZN ZN D . -0.64 11.46 11.98
N ALA A 1 8.95 -16.69 -18.84
CA ALA A 1 7.75 -16.12 -18.18
C ALA A 1 6.76 -17.21 -17.80
N GLY A 2 5.85 -16.90 -16.87
CA GLY A 2 4.85 -17.85 -16.40
C GLY A 2 3.64 -17.14 -15.78
N HIS A 3 3.56 -15.81 -15.91
CA HIS A 3 2.46 -15.03 -15.36
C HIS A 3 1.15 -15.35 -16.08
N MET A 4 0.03 -15.02 -15.44
CA MET A 4 -1.28 -15.18 -16.03
C MET A 4 -1.67 -13.93 -16.82
N ALA A 5 -1.10 -12.78 -16.45
CA ALA A 5 -1.40 -11.50 -17.06
C ALA A 5 -0.35 -10.45 -16.67
N THR A 6 -0.39 -9.30 -17.33
CA THR A 6 0.44 -8.15 -16.99
C THR A 6 -0.35 -6.94 -16.51
N THR A 7 0.24 -6.18 -15.58
CA THR A 7 -0.37 -4.97 -15.05
C THR A 7 0.63 -3.83 -14.82
N LYS A 8 0.27 -2.62 -15.24
CA LYS A 8 1.14 -1.45 -15.12
C LYS A 8 0.83 -0.66 -13.85
N ARG A 9 0.11 -1.27 -12.90
CA ARG A 9 -0.27 -0.62 -11.66
C ARG A 9 0.46 -1.27 -10.48
N VAL A 10 -0.02 -1.00 -9.27
CA VAL A 10 0.58 -1.52 -8.05
C VAL A 10 0.49 -3.04 -7.96
N LEU A 11 1.51 -3.66 -7.36
CA LEU A 11 1.56 -5.09 -7.13
C LEU A 11 1.89 -5.37 -5.66
N TYR A 12 1.55 -6.58 -5.21
CA TYR A 12 1.71 -7.01 -3.83
C TYR A 12 3.05 -7.66 -3.47
N VAL A 13 3.50 -7.46 -2.23
CA VAL A 13 4.73 -8.05 -1.71
C VAL A 13 4.52 -8.58 -0.30
N GLY A 14 5.15 -9.72 0.03
CA GLY A 14 5.02 -10.35 1.33
C GLY A 14 6.26 -11.15 1.72
N GLY A 15 6.26 -11.70 2.93
CA GLY A 15 7.37 -12.49 3.46
C GLY A 15 8.52 -11.60 3.96
N LEU A 16 8.29 -10.29 4.04
CA LEU A 16 9.30 -9.31 4.41
C LEU A 16 9.59 -9.33 5.91
N ALA A 17 10.82 -8.97 6.29
CA ALA A 17 11.20 -8.75 7.68
C ALA A 17 10.79 -7.35 8.11
N GLU A 18 10.69 -7.09 9.41
CA GLU A 18 10.35 -5.77 9.93
C GLU A 18 11.42 -4.74 9.59
N GLU A 19 12.62 -5.20 9.24
CA GLU A 19 13.72 -4.34 8.87
C GLU A 19 13.58 -3.81 7.44
N VAL A 20 12.69 -4.41 6.64
CA VAL A 20 12.48 -4.01 5.25
C VAL A 20 11.80 -2.65 5.18
N ASP A 21 12.20 -1.84 4.22
CA ASP A 21 11.65 -0.53 3.94
C ASP A 21 11.67 -0.20 2.44
N ASP A 22 11.16 0.96 2.06
CA ASP A 22 11.04 1.36 0.67
C ASP A 22 12.35 1.31 -0.12
N LYS A 23 13.48 1.51 0.56
CA LYS A 23 14.79 1.52 -0.08
C LYS A 23 15.35 0.10 -0.25
N VAL A 24 14.90 -0.86 0.56
CA VAL A 24 15.29 -2.25 0.39
C VAL A 24 14.41 -2.82 -0.73
N LEU A 25 13.12 -2.46 -0.76
CA LEU A 25 12.23 -2.91 -1.81
C LEU A 25 12.64 -2.31 -3.15
N HIS A 26 13.00 -1.02 -3.18
CA HIS A 26 13.36 -0.38 -4.43
C HIS A 26 14.61 -1.03 -5.03
N ALA A 27 15.63 -1.29 -4.20
CA ALA A 27 16.87 -1.86 -4.69
C ALA A 27 16.67 -3.29 -5.18
N ALA A 28 15.68 -4.01 -4.64
CA ALA A 28 15.40 -5.37 -5.04
C ALA A 28 14.43 -5.46 -6.22
N PHE A 29 13.63 -4.40 -6.45
CA PHE A 29 12.65 -4.38 -7.51
C PHE A 29 12.99 -3.56 -8.77
N ILE A 30 14.04 -2.74 -8.69
CA ILE A 30 14.42 -1.86 -9.78
C ILE A 30 15.17 -2.53 -10.94
N PRO A 31 15.79 -3.71 -10.80
CA PRO A 31 16.63 -4.26 -11.86
C PRO A 31 15.80 -4.83 -13.02
N PHE A 32 14.48 -5.00 -12.83
CA PHE A 32 13.62 -5.57 -13.85
C PHE A 32 13.02 -4.43 -14.67
N GLY A 33 12.99 -3.21 -14.14
CA GLY A 33 12.41 -2.06 -14.83
C GLY A 33 12.16 -0.90 -13.88
N ASP A 34 11.77 0.24 -14.44
CA ASP A 34 11.55 1.45 -13.65
C ASP A 34 10.38 1.37 -12.66
N ILE A 35 10.64 1.83 -11.44
CA ILE A 35 9.64 1.95 -10.39
C ILE A 35 9.21 3.41 -10.29
N THR A 36 7.96 3.66 -9.86
CA THR A 36 7.45 5.02 -9.74
C THR A 36 6.80 5.35 -8.40
N ASP A 37 6.49 4.34 -7.56
CA ASP A 37 6.00 4.58 -6.21
C ASP A 37 6.15 3.34 -5.34
N ILE A 38 6.40 3.53 -4.03
CA ILE A 38 6.51 2.46 -3.05
C ILE A 38 6.02 2.99 -1.70
N GLN A 39 5.17 2.23 -1.01
CA GLN A 39 4.65 2.61 0.30
C GLN A 39 4.52 1.37 1.18
N ILE A 40 4.77 1.53 2.48
CA ILE A 40 4.67 0.44 3.44
C ILE A 40 3.70 0.84 4.56
N PRO A 41 2.57 0.15 4.72
CA PRO A 41 1.62 0.39 5.79
C PRO A 41 2.19 -0.15 7.11
N LEU A 42 1.81 0.45 8.24
CA LEU A 42 2.42 0.13 9.52
C LEU A 42 1.38 -0.15 10.60
N ASP A 43 1.77 -0.96 11.59
CA ASP A 43 0.92 -1.27 12.73
C ASP A 43 0.68 -0.07 13.62
N TYR A 44 -0.51 0.05 14.21
CA TYR A 44 -0.79 1.12 15.15
C TYR A 44 -0.08 1.08 16.50
N GLU A 45 0.49 -0.07 16.88
CA GLU A 45 1.12 -0.22 18.18
C GLU A 45 2.65 -0.22 18.12
N THR A 46 3.23 -0.71 17.03
CA THR A 46 4.68 -0.84 16.91
C THR A 46 5.32 -0.14 15.71
N GLU A 47 4.51 0.49 14.85
CA GLU A 47 5.00 1.15 13.63
C GLU A 47 5.81 0.24 12.70
N LYS A 48 5.68 -1.08 12.84
CA LYS A 48 6.27 -2.04 11.92
C LYS A 48 5.19 -2.61 11.02
N HIS A 49 5.56 -3.10 9.84
CA HIS A 49 4.62 -3.80 8.96
C HIS A 49 4.63 -5.29 9.30
N ARG A 50 3.55 -5.99 8.94
CA ARG A 50 3.41 -7.42 9.23
C ARG A 50 4.23 -8.28 8.26
N GLY A 51 5.19 -7.68 7.55
CA GLY A 51 5.99 -8.41 6.57
C GLY A 51 5.34 -8.38 5.20
N PHE A 52 4.63 -7.31 4.87
CA PHE A 52 3.91 -7.18 3.61
C PHE A 52 3.97 -5.70 3.26
N ALA A 53 3.94 -5.40 1.97
CA ALA A 53 4.08 -4.04 1.45
C ALA A 53 3.56 -3.96 0.01
N PHE A 54 3.60 -2.76 -0.57
CA PHE A 54 3.16 -2.52 -1.94
C PHE A 54 4.18 -1.75 -2.80
N VAL A 55 4.22 -2.07 -4.10
CA VAL A 55 5.18 -1.47 -5.04
C VAL A 55 4.48 -1.20 -6.36
N GLU A 56 4.84 -0.11 -7.03
CA GLU A 56 4.22 0.27 -8.30
C GLU A 56 5.25 0.55 -9.38
N PHE A 57 5.14 -0.19 -10.48
CA PHE A 57 5.99 -0.06 -11.66
C PHE A 57 5.53 0.95 -12.70
N GLU A 58 6.45 1.41 -13.54
CA GLU A 58 6.14 2.29 -14.66
C GLU A 58 5.74 1.49 -15.90
N LEU A 59 6.01 0.17 -15.91
CA LEU A 59 5.73 -0.70 -17.05
C LEU A 59 5.09 -2.01 -16.58
N ALA A 60 4.24 -2.60 -17.43
CA ALA A 60 3.54 -3.84 -17.11
C ALA A 60 4.42 -5.07 -17.33
N GLU A 61 5.33 -5.00 -18.31
CA GLU A 61 6.17 -6.14 -18.64
C GLU A 61 7.20 -6.37 -17.54
N ASP A 62 7.65 -5.28 -16.94
CA ASP A 62 8.64 -5.32 -15.88
C ASP A 62 8.01 -5.71 -14.55
N ALA A 63 6.71 -5.38 -14.35
CA ALA A 63 5.98 -5.83 -13.18
C ALA A 63 5.67 -7.32 -13.30
N ALA A 64 5.55 -7.82 -14.54
CA ALA A 64 5.32 -9.23 -14.79
C ALA A 64 6.62 -10.02 -14.56
N ALA A 65 7.77 -9.37 -14.71
CA ALA A 65 9.05 -10.00 -14.43
C ALA A 65 9.29 -10.07 -12.93
N ALA A 66 8.70 -9.14 -12.16
CA ALA A 66 8.86 -9.14 -10.71
C ALA A 66 8.11 -10.32 -10.10
N ILE A 67 6.86 -10.55 -10.52
CA ILE A 67 6.08 -11.67 -10.00
C ILE A 67 6.65 -12.99 -10.49
N ASP A 68 7.35 -13.01 -11.63
CA ASP A 68 7.96 -14.22 -12.16
C ASP A 68 9.34 -14.59 -11.61
N ASN A 69 10.02 -13.65 -10.94
CA ASN A 69 11.36 -13.92 -10.41
C ASN A 69 11.51 -13.60 -8.92
N MET A 70 10.89 -12.53 -8.43
CA MET A 70 11.05 -12.15 -7.03
C MET A 70 10.19 -13.00 -6.10
N ASN A 71 9.27 -13.80 -6.64
CA ASN A 71 8.44 -14.69 -5.84
C ASN A 71 9.28 -15.84 -5.27
N GLU A 72 10.48 -16.04 -5.82
CA GLU A 72 11.42 -17.04 -5.34
C GLU A 72 12.61 -16.39 -4.63
N SER A 73 12.62 -15.06 -4.58
CA SER A 73 13.72 -14.30 -4.01
C SER A 73 13.71 -14.37 -2.47
N GLU A 74 14.75 -13.81 -1.86
CA GLU A 74 14.98 -13.85 -0.42
C GLU A 74 15.51 -12.50 0.07
N LEU A 75 15.06 -12.09 1.26
CA LEU A 75 15.48 -10.84 1.88
C LEU A 75 15.60 -11.06 3.39
N PHE A 76 16.59 -10.41 4.01
CA PHE A 76 16.82 -10.53 5.45
C PHE A 76 16.97 -11.95 6.01
N GLY A 77 17.23 -12.94 5.15
CA GLY A 77 17.42 -14.32 5.56
C GLY A 77 16.14 -15.15 5.45
N ARG A 78 15.10 -14.63 4.77
CA ARG A 78 13.85 -15.38 4.59
C ARG A 78 13.24 -15.13 3.21
N THR A 79 12.51 -16.13 2.72
CA THR A 79 11.83 -16.06 1.44
C THR A 79 10.72 -15.00 1.36
N ILE A 80 10.52 -14.43 0.17
CA ILE A 80 9.51 -13.40 -0.04
C ILE A 80 8.48 -13.91 -1.05
N ARG A 81 7.37 -13.18 -1.19
CA ARG A 81 6.30 -13.50 -2.12
C ARG A 81 5.90 -12.25 -2.90
N VAL A 82 5.57 -12.41 -4.18
CA VAL A 82 5.17 -11.32 -5.05
C VAL A 82 4.03 -11.74 -5.98
N ASN A 83 3.05 -10.85 -6.19
CA ASN A 83 1.87 -11.15 -6.99
C ASN A 83 1.21 -9.85 -7.43
N LEU A 84 0.27 -9.91 -8.38
CA LEU A 84 -0.44 -8.74 -8.86
C LEU A 84 -1.33 -8.18 -7.74
N ALA A 85 -1.73 -6.92 -7.88
CA ALA A 85 -2.63 -6.25 -6.95
C ALA A 85 -3.48 -5.21 -7.66
N LYS A 86 -3.69 -5.38 -8.97
CA LYS A 86 -4.50 -4.49 -9.79
C LYS A 86 -5.92 -5.03 -10.06
N PRO A 87 -6.13 -6.34 -10.23
CA PRO A 87 -7.46 -6.90 -10.48
C PRO A 87 -8.29 -6.99 -9.19
N MET A 88 -8.13 -6.03 -8.29
CA MET A 88 -8.76 -6.05 -6.98
C MET A 88 -9.14 -4.64 -6.52
N ARG A 89 -9.45 -3.74 -7.46
CA ARG A 89 -9.77 -2.36 -7.15
C ARG A 89 -11.03 -2.26 -6.28
N ILE A 90 -10.96 -1.42 -5.24
CA ILE A 90 -12.08 -1.21 -4.33
C ILE A 90 -13.11 -0.29 -4.98
N LYS A 91 -14.40 -0.58 -4.78
CA LYS A 91 -15.46 0.27 -5.29
C LYS A 91 -15.63 1.44 -4.34
N GLU A 92 -15.49 2.66 -4.86
CA GLU A 92 -15.55 3.86 -4.04
C GLU A 92 -16.98 4.11 -3.58
N GLY A 93 -17.13 4.36 -2.27
CA GLY A 93 -18.41 4.63 -1.64
C GLY A 93 -19.21 3.36 -1.36
N SER A 94 -18.71 2.20 -1.78
CA SER A 94 -19.35 0.91 -1.55
C SER A 94 -18.94 0.37 -0.17
N SER A 95 -19.39 -0.84 0.15
CA SER A 95 -19.04 -1.51 1.40
C SER A 95 -17.53 -1.79 1.45
N ARG A 96 -17.03 -2.16 2.63
CA ARG A 96 -15.62 -2.45 2.81
C ARG A 96 -15.21 -3.66 1.96
N PRO A 97 -13.91 -3.84 1.71
CA PRO A 97 -13.39 -4.91 0.87
C PRO A 97 -13.69 -6.29 1.46
N VAL A 98 -14.47 -7.11 0.74
CA VAL A 98 -14.86 -8.46 1.19
C VAL A 98 -15.15 -9.40 0.02
N TRP A 99 -14.61 -9.14 -1.18
CA TRP A 99 -14.99 -9.90 -2.37
C TRP A 99 -13.82 -10.21 -3.32
N SER A 100 -12.57 -10.00 -2.90
CA SER A 100 -11.43 -10.09 -3.78
C SER A 100 -10.16 -10.40 -2.98
N ASP A 101 -9.00 -10.26 -3.62
CA ASP A 101 -7.73 -10.37 -2.92
C ASP A 101 -7.65 -9.46 -1.69
N ASP A 102 -8.52 -8.45 -1.65
CA ASP A 102 -8.65 -7.56 -0.51
C ASP A 102 -9.36 -8.22 0.66
N ASP A 103 -10.17 -9.24 0.37
CA ASP A 103 -10.88 -10.00 1.38
C ASP A 103 -9.85 -10.89 2.08
N TRP A 104 -8.86 -11.45 1.36
CA TRP A 104 -7.87 -12.22 2.09
C TRP A 104 -6.94 -11.30 2.88
N LEU A 105 -6.82 -10.01 2.50
CA LEU A 105 -6.10 -9.08 3.35
C LEU A 105 -6.83 -8.94 4.69
N LYS A 106 -8.16 -9.06 4.71
CA LYS A 106 -8.90 -9.07 5.96
C LYS A 106 -8.61 -10.36 6.75
N LYS A 107 -8.57 -11.51 6.06
CA LYS A 107 -8.27 -12.78 6.70
C LYS A 107 -6.86 -12.73 7.29
N PHE A 108 -5.94 -12.06 6.59
CA PHE A 108 -4.58 -11.80 7.04
C PHE A 108 -4.47 -11.13 8.41
N SER A 109 -5.30 -10.11 8.66
CA SER A 109 -5.33 -9.48 9.97
C SER A 109 -5.94 -10.39 11.02
N GLY A 110 -6.71 -11.39 10.58
CA GLY A 110 -7.34 -12.36 11.47
C GLY A 110 -8.85 -12.21 11.38
N LYS A 111 -9.40 -12.47 10.19
CA LYS A 111 -10.79 -12.21 9.81
C LYS A 111 -11.12 -10.71 9.84
N THR A 112 -10.91 -10.06 10.98
CA THR A 112 -11.08 -8.63 11.22
C THR A 112 -12.43 -7.98 10.92
N LEU A 113 -13.32 -8.60 10.14
CA LEU A 113 -14.63 -8.05 9.83
C LEU A 113 -15.50 -8.00 11.08
N GLU A 114 -15.05 -8.66 12.15
CA GLU A 114 -15.75 -8.73 13.41
C GLU A 114 -15.63 -7.42 14.20
N GLU A 115 -14.82 -6.47 13.72
CA GLU A 115 -14.58 -5.21 14.40
C GLU A 115 -14.25 -4.07 13.43
N ASN A 116 -13.86 -4.39 12.20
CA ASN A 116 -13.50 -3.40 11.20
C ASN A 116 -14.71 -2.51 10.86
N LYS A 117 -14.45 -1.22 10.64
CA LYS A 117 -15.47 -0.24 10.31
C LYS A 117 -16.20 -0.61 9.02
N ALA B 1 4.76 20.33 14.91
CA ALA B 1 4.04 19.67 13.79
C ALA B 1 4.21 20.46 12.49
N LYS B 2 4.09 19.77 11.35
CA LYS B 2 4.22 20.38 10.04
C LYS B 2 3.02 21.26 9.70
N GLY B 3 1.89 21.04 10.38
CA GLY B 3 0.68 21.83 10.18
C GLY B 3 -0.56 21.08 10.63
N ASN B 4 -1.73 21.62 10.33
CA ASN B 4 -3.01 21.02 10.64
C ASN B 4 -3.79 20.74 9.35
N PHE B 5 -3.08 20.53 8.24
CA PHE B 5 -3.66 20.39 6.91
C PHE B 5 -2.66 19.57 6.11
N CYS B 6 -3.01 19.23 4.85
CA CYS B 6 -2.15 18.45 3.98
C CYS B 6 -0.76 19.11 3.91
N PRO B 7 0.28 18.43 4.38
CA PRO B 7 1.64 18.95 4.44
C PRO B 7 2.37 18.87 3.10
N LEU B 8 1.75 18.30 2.07
CA LEU B 8 2.41 18.07 0.79
C LEU B 8 2.05 19.10 -0.27
N CYS B 9 1.14 20.02 0.02
CA CYS B 9 0.86 21.14 -0.87
C CYS B 9 0.47 22.38 -0.08
N ASP B 10 0.61 23.56 -0.72
CA ASP B 10 0.35 24.84 -0.07
C ASP B 10 -1.12 25.25 -0.03
N LYS B 11 -1.99 24.43 -0.62
CA LYS B 11 -3.43 24.73 -0.66
C LYS B 11 -4.07 24.45 0.70
N CYS B 12 -4.83 25.41 1.20
CA CYS B 12 -5.57 25.25 2.44
C CYS B 12 -6.87 24.49 2.20
N TYR B 13 -7.62 24.23 3.27
CA TYR B 13 -8.90 23.56 3.18
C TYR B 13 -9.92 24.26 2.27
N ASP B 14 -10.79 23.48 1.62
CA ASP B 14 -11.80 24.01 0.72
C ASP B 14 -12.87 22.92 0.53
N ASP B 15 -14.05 23.31 0.05
CA ASP B 15 -15.16 22.39 -0.19
C ASP B 15 -14.86 21.32 -1.23
N ASP B 16 -13.86 21.56 -2.08
CA ASP B 16 -13.41 20.61 -3.09
C ASP B 16 -12.76 19.34 -2.56
N ASP B 17 -12.54 19.25 -1.24
CA ASP B 17 -11.83 18.13 -0.63
C ASP B 17 -12.41 16.75 -0.87
N TYR B 18 -13.66 16.67 -1.35
CA TYR B 18 -14.30 15.39 -1.61
C TYR B 18 -13.72 14.87 -2.93
N GLU B 19 -13.30 15.76 -3.83
CA GLU B 19 -12.70 15.38 -5.09
C GLU B 19 -11.20 15.15 -4.90
N SER B 20 -10.63 15.77 -3.86
CA SER B 20 -9.23 15.60 -3.51
C SER B 20 -8.99 14.30 -2.74
N LYS B 21 -10.06 13.50 -2.55
CA LYS B 21 -9.98 12.19 -1.92
C LYS B 21 -9.26 12.22 -0.58
N MET B 22 -9.67 13.13 0.33
CA MET B 22 -8.97 13.29 1.60
C MET B 22 -9.12 12.06 2.48
N MET B 23 -8.14 11.92 3.39
CA MET B 23 -8.03 10.82 4.34
C MET B 23 -7.47 11.36 5.65
N GLN B 24 -7.92 10.80 6.77
CA GLN B 24 -7.49 11.25 8.08
C GLN B 24 -6.43 10.29 8.63
N CYS B 25 -5.47 10.83 9.39
CA CYS B 25 -4.44 10.05 10.04
C CYS B 25 -5.06 9.26 11.20
N GLY B 26 -4.28 8.34 11.78
CA GLY B 26 -4.77 7.49 12.86
C GLY B 26 -4.42 8.04 14.23
N LYS B 27 -3.12 8.09 14.54
CA LYS B 27 -2.65 8.55 15.85
C LYS B 27 -2.62 10.07 15.97
N CYS B 28 -3.04 10.77 14.91
CA CYS B 28 -3.27 12.21 14.96
C CYS B 28 -4.50 12.54 14.11
N ASP B 29 -5.08 13.73 14.28
CA ASP B 29 -6.34 14.08 13.64
C ASP B 29 -6.23 14.91 12.36
N ARG B 30 -4.99 15.17 11.92
CA ARG B 30 -4.75 15.95 10.71
C ARG B 30 -5.25 15.20 9.47
N TRP B 31 -5.81 15.95 8.52
CA TRP B 31 -6.29 15.40 7.26
C TRP B 31 -5.28 15.67 6.15
N VAL B 32 -5.29 14.84 5.11
CA VAL B 32 -4.40 14.98 3.96
C VAL B 32 -5.09 14.63 2.65
N HIS B 33 -4.74 15.30 1.55
CA HIS B 33 -5.21 14.91 0.24
C HIS B 33 -4.44 13.64 -0.16
N SER B 34 -5.12 12.61 -0.66
CA SER B 34 -4.41 11.40 -1.07
C SER B 34 -3.72 11.61 -2.41
N LYS B 35 -4.09 12.66 -3.14
CA LYS B 35 -3.50 12.98 -4.43
C LYS B 35 -2.09 13.56 -4.29
N CYS B 36 -1.82 14.26 -3.19
CA CYS B 36 -0.50 14.83 -2.92
C CYS B 36 0.46 13.76 -2.41
N GLU B 37 -0.10 12.68 -1.83
CA GLU B 37 0.66 11.56 -1.32
C GLU B 37 1.21 10.70 -2.48
N ASN B 38 1.00 11.14 -3.72
CA ASN B 38 1.44 10.47 -4.93
C ASN B 38 0.81 9.07 -5.10
N LEU B 39 -0.21 8.75 -4.30
CA LEU B 39 -0.85 7.44 -4.33
C LEU B 39 -1.79 7.32 -5.53
N SER B 40 -1.85 6.11 -6.09
CA SER B 40 -2.83 5.79 -7.12
C SER B 40 -4.18 5.57 -6.45
N ASP B 41 -5.29 5.73 -7.19
CA ASP B 41 -6.62 5.58 -6.61
C ASP B 41 -6.89 4.23 -5.95
N GLU B 42 -6.50 3.14 -6.61
CA GLU B 42 -6.70 1.80 -6.07
C GLU B 42 -5.76 1.56 -4.89
N MET B 43 -4.49 1.95 -5.03
CA MET B 43 -3.51 1.76 -3.98
C MET B 43 -3.93 2.52 -2.73
N TYR B 44 -4.44 3.74 -2.93
CA TYR B 44 -5.00 4.55 -1.86
C TYR B 44 -6.20 3.92 -1.15
N GLU B 45 -7.17 3.43 -1.92
CA GLU B 45 -8.34 2.78 -1.34
C GLU B 45 -7.93 1.55 -0.53
N ILE B 46 -6.89 0.83 -0.95
CA ILE B 46 -6.46 -0.34 -0.20
C ILE B 46 -5.82 0.09 1.12
N LEU B 47 -4.81 0.97 1.07
CA LEU B 47 -4.11 1.38 2.27
C LEU B 47 -5.00 2.22 3.18
N SER B 48 -6.12 2.72 2.64
CA SER B 48 -7.12 3.43 3.45
C SER B 48 -8.10 2.46 4.10
N ASN B 49 -8.42 1.36 3.41
CA ASN B 49 -9.33 0.34 3.93
C ASN B 49 -8.63 -0.87 4.57
N LEU B 50 -7.29 -0.80 4.73
CA LEU B 50 -6.55 -1.80 5.51
C LEU B 50 -7.25 -2.08 6.86
N PRO B 51 -6.96 -3.25 7.44
CA PRO B 51 -7.48 -3.69 8.74
C PRO B 51 -7.27 -2.68 9.86
N GLU B 52 -7.93 -2.90 11.00
CA GLU B 52 -7.82 -2.00 12.14
C GLU B 52 -6.42 -2.07 12.77
N SER B 53 -5.65 -3.10 12.44
CA SER B 53 -4.30 -3.27 12.97
C SER B 53 -3.28 -2.45 12.18
N VAL B 54 -3.49 -2.34 10.86
CA VAL B 54 -2.53 -1.71 9.96
C VAL B 54 -3.10 -0.51 9.19
N ALA B 55 -2.30 0.54 9.02
CA ALA B 55 -2.74 1.72 8.30
C ALA B 55 -1.57 2.58 7.87
N TYR B 56 -1.83 3.53 6.98
CA TYR B 56 -0.84 4.51 6.55
C TYR B 56 -0.96 5.84 7.28
N THR B 57 0.06 6.21 8.07
CA THR B 57 0.08 7.46 8.81
C THR B 57 0.56 8.66 8.01
N CYS B 58 0.23 9.87 8.48
CA CYS B 58 0.63 11.10 7.82
C CYS B 58 2.15 11.29 7.84
N VAL B 59 2.63 12.26 7.07
CA VAL B 59 4.06 12.53 6.91
C VAL B 59 4.77 12.99 8.19
N ASN B 60 4.01 13.25 9.27
CA ASN B 60 4.60 13.68 10.51
C ASN B 60 4.65 12.51 11.51
N CYS B 61 3.69 11.58 11.42
CA CYS B 61 3.68 10.41 12.29
C CYS B 61 4.69 9.38 11.80
N THR B 62 5.04 9.44 10.52
CA THR B 62 6.09 8.61 9.93
C THR B 62 6.78 9.25 8.74
N GLU B 63 8.07 8.98 8.54
CA GLU B 63 8.80 9.52 7.42
C GLU B 63 8.48 8.74 6.15
N ARG B 64 8.31 9.47 5.03
CA ARG B 64 8.02 8.89 3.72
C ARG B 64 8.76 9.67 2.62
ZN ZN C . -2.56 18.55 -0.74
ZN ZN D . -0.44 11.78 11.81
N ALA A 1 -5.66 -19.76 -22.16
CA ALA A 1 -4.83 -18.77 -22.88
C ALA A 1 -4.76 -17.46 -22.10
N GLY A 2 -3.81 -16.60 -22.45
CA GLY A 2 -3.62 -15.31 -21.81
C GLY A 2 -3.01 -15.45 -20.42
N HIS A 3 -2.96 -14.34 -19.68
CA HIS A 3 -2.40 -14.30 -18.33
C HIS A 3 -3.03 -13.17 -17.53
N MET A 4 -2.86 -13.22 -16.21
CA MET A 4 -3.40 -12.22 -15.28
C MET A 4 -2.43 -11.07 -15.06
N ALA A 5 -1.24 -11.12 -15.68
CA ALA A 5 -0.19 -10.14 -15.47
C ALA A 5 -0.32 -8.94 -16.41
N THR A 6 0.70 -8.07 -16.41
CA THR A 6 0.72 -6.86 -17.22
C THR A 6 -0.42 -5.87 -16.95
N THR A 7 -0.91 -5.91 -15.70
CA THR A 7 -2.05 -5.12 -15.24
C THR A 7 -1.86 -3.61 -15.19
N LYS A 8 -0.65 -3.11 -15.51
CA LYS A 8 -0.31 -1.70 -15.51
C LYS A 8 -0.77 -0.97 -14.24
N ARG A 9 -0.81 -1.70 -13.12
CA ARG A 9 -1.25 -1.19 -11.83
C ARG A 9 -0.35 -1.71 -10.70
N VAL A 10 -0.69 -1.36 -9.46
CA VAL A 10 0.08 -1.73 -8.28
C VAL A 10 0.14 -3.23 -8.08
N LEU A 11 1.25 -3.75 -7.55
CA LEU A 11 1.42 -5.16 -7.29
C LEU A 11 1.76 -5.41 -5.83
N TYR A 12 1.40 -6.60 -5.36
CA TYR A 12 1.57 -7.04 -3.98
C TYR A 12 2.92 -7.69 -3.64
N VAL A 13 3.38 -7.47 -2.40
CA VAL A 13 4.61 -8.05 -1.88
C VAL A 13 4.40 -8.55 -0.45
N GLY A 14 4.99 -9.69 -0.10
CA GLY A 14 4.83 -10.26 1.24
C GLY A 14 6.01 -11.14 1.63
N GLY A 15 5.98 -11.65 2.87
CA GLY A 15 7.05 -12.49 3.42
C GLY A 15 8.21 -11.63 3.93
N LEU A 16 8.03 -10.31 3.98
CA LEU A 16 9.06 -9.36 4.35
C LEU A 16 9.33 -9.37 5.86
N ALA A 17 10.57 -9.05 6.26
CA ALA A 17 10.91 -8.86 7.65
C ALA A 17 10.53 -7.45 8.10
N GLU A 18 10.42 -7.22 9.40
CA GLU A 18 10.08 -5.91 9.95
C GLU A 18 11.16 -4.88 9.64
N GLU A 19 12.37 -5.34 9.29
CA GLU A 19 13.49 -4.47 8.95
C GLU A 19 13.35 -3.93 7.53
N VAL A 20 12.47 -4.52 6.71
CA VAL A 20 12.29 -4.09 5.33
C VAL A 20 11.57 -2.75 5.28
N ASP A 21 11.99 -1.91 4.33
CA ASP A 21 11.41 -0.60 4.08
C ASP A 21 11.46 -0.24 2.59
N ASP A 22 10.96 0.94 2.22
CA ASP A 22 10.88 1.32 0.82
C ASP A 22 12.21 1.36 0.08
N LYS A 23 13.32 1.58 0.80
CA LYS A 23 14.64 1.62 0.20
C LYS A 23 15.21 0.22 -0.01
N VAL A 24 14.75 -0.77 0.75
CA VAL A 24 15.16 -2.15 0.55
C VAL A 24 14.35 -2.69 -0.64
N LEU A 25 13.05 -2.37 -0.69
CA LEU A 25 12.21 -2.79 -1.80
C LEU A 25 12.61 -2.08 -3.08
N HIS A 26 13.02 -0.82 -3.01
CA HIS A 26 13.41 -0.09 -4.20
C HIS A 26 14.70 -0.65 -4.78
N ALA A 27 15.63 -1.09 -3.92
CA ALA A 27 16.89 -1.63 -4.38
C ALA A 27 16.72 -3.04 -4.95
N ALA A 28 15.74 -3.80 -4.46
CA ALA A 28 15.52 -5.17 -4.89
C ALA A 28 14.59 -5.28 -6.10
N PHE A 29 13.69 -4.29 -6.28
CA PHE A 29 12.73 -4.31 -7.37
C PHE A 29 13.09 -3.51 -8.62
N ILE A 30 14.21 -2.77 -8.57
CA ILE A 30 14.67 -1.94 -9.67
C ILE A 30 15.33 -2.69 -10.84
N PRO A 31 15.89 -3.90 -10.69
CA PRO A 31 16.67 -4.50 -11.77
C PRO A 31 15.78 -5.02 -12.91
N PHE A 32 14.46 -5.05 -12.71
CA PHE A 32 13.54 -5.55 -13.72
C PHE A 32 12.99 -4.36 -14.53
N GLY A 33 13.04 -3.14 -13.97
CA GLY A 33 12.51 -1.96 -14.64
C GLY A 33 12.33 -0.81 -13.66
N ASP A 34 11.92 0.35 -14.19
CA ASP A 34 11.74 1.54 -13.39
C ASP A 34 10.56 1.50 -12.41
N ILE A 35 10.84 1.86 -11.15
CA ILE A 35 9.82 1.95 -10.10
C ILE A 35 9.32 3.39 -10.03
N THR A 36 8.08 3.58 -9.60
CA THR A 36 7.49 4.92 -9.48
C THR A 36 6.89 5.25 -8.12
N ASP A 37 6.50 4.23 -7.35
CA ASP A 37 5.97 4.43 -6.01
C ASP A 37 6.08 3.16 -5.16
N ILE A 38 6.32 3.33 -3.85
CA ILE A 38 6.37 2.25 -2.88
C ILE A 38 5.83 2.77 -1.56
N GLN A 39 4.94 2.00 -0.92
CA GLN A 39 4.35 2.41 0.34
C GLN A 39 4.21 1.21 1.27
N ILE A 40 4.52 1.42 2.56
CA ILE A 40 4.46 0.38 3.57
C ILE A 40 3.55 0.83 4.71
N PRO A 41 2.41 0.17 4.92
CA PRO A 41 1.53 0.44 6.04
C PRO A 41 2.16 -0.09 7.33
N LEU A 42 1.78 0.47 8.49
CA LEU A 42 2.39 0.08 9.75
C LEU A 42 1.34 -0.29 10.80
N ASP A 43 1.71 -1.19 11.71
CA ASP A 43 0.89 -1.61 12.82
C ASP A 43 0.89 -0.54 13.91
N TYR A 44 -0.30 -0.09 14.35
CA TYR A 44 -0.40 1.05 15.25
C TYR A 44 0.27 0.96 16.62
N GLU A 45 0.66 -0.23 17.08
CA GLU A 45 1.26 -0.38 18.40
C GLU A 45 2.79 -0.50 18.34
N THR A 46 3.35 -0.92 17.21
CA THR A 46 4.79 -1.11 17.07
C THR A 46 5.43 -0.32 15.93
N GLU A 47 4.62 0.30 15.07
CA GLU A 47 5.10 1.03 13.91
C GLU A 47 5.94 0.16 12.98
N LYS A 48 5.60 -1.12 12.87
CA LYS A 48 6.24 -2.05 11.94
C LYS A 48 5.16 -2.66 11.04
N HIS A 49 5.55 -3.06 9.83
CA HIS A 49 4.61 -3.77 8.96
C HIS A 49 4.65 -5.25 9.33
N ARG A 50 3.56 -5.98 9.05
CA ARG A 50 3.43 -7.39 9.40
C ARG A 50 4.02 -8.29 8.32
N GLY A 51 4.90 -7.75 7.47
CA GLY A 51 5.56 -8.53 6.43
C GLY A 51 4.81 -8.46 5.10
N PHE A 52 4.25 -7.30 4.75
CA PHE A 52 3.47 -7.15 3.52
C PHE A 52 3.62 -5.67 3.12
N ALA A 53 3.60 -5.41 1.82
CA ALA A 53 3.80 -4.07 1.27
C ALA A 53 3.30 -3.97 -0.17
N PHE A 54 3.42 -2.78 -0.77
CA PHE A 54 3.01 -2.53 -2.14
C PHE A 54 4.05 -1.81 -3.01
N VAL A 55 4.07 -2.11 -4.31
CA VAL A 55 5.05 -1.55 -5.25
C VAL A 55 4.37 -1.20 -6.57
N GLU A 56 4.82 -0.11 -7.20
CA GLU A 56 4.24 0.35 -8.47
C GLU A 56 5.34 0.66 -9.50
N PHE A 57 5.16 0.10 -10.71
CA PHE A 57 6.07 0.25 -11.84
C PHE A 57 5.67 1.26 -12.91
N GLU A 58 6.65 1.76 -13.68
CA GLU A 58 6.38 2.64 -14.81
C GLU A 58 6.01 1.82 -16.05
N LEU A 59 6.29 0.52 -16.03
CA LEU A 59 6.04 -0.36 -17.16
C LEU A 59 5.34 -1.63 -16.69
N ALA A 60 4.38 -2.12 -17.49
CA ALA A 60 3.60 -3.30 -17.13
C ALA A 60 4.36 -4.60 -17.41
N GLU A 61 5.33 -4.56 -18.33
CA GLU A 61 6.11 -5.74 -18.69
C GLU A 61 7.13 -6.03 -17.59
N ASP A 62 7.67 -4.96 -17.00
CA ASP A 62 8.68 -5.09 -15.95
C ASP A 62 8.05 -5.55 -14.64
N ALA A 63 6.75 -5.27 -14.45
CA ALA A 63 6.03 -5.76 -13.29
C ALA A 63 5.74 -7.25 -13.43
N ALA A 64 5.66 -7.74 -14.68
CA ALA A 64 5.47 -9.16 -14.93
C ALA A 64 6.77 -9.93 -14.69
N ALA A 65 7.91 -9.24 -14.82
CA ALA A 65 9.20 -9.84 -14.52
C ALA A 65 9.41 -9.90 -13.01
N ALA A 66 8.80 -8.97 -12.25
CA ALA A 66 8.92 -8.96 -10.80
C ALA A 66 8.20 -10.16 -10.20
N ILE A 67 6.98 -10.44 -10.65
CA ILE A 67 6.22 -11.58 -10.15
C ILE A 67 6.84 -12.89 -10.64
N ASP A 68 7.56 -12.85 -11.77
CA ASP A 68 8.21 -14.05 -12.30
C ASP A 68 9.58 -14.38 -11.70
N ASN A 69 10.21 -13.44 -10.98
CA ASN A 69 11.53 -13.69 -10.40
C ASN A 69 11.60 -13.41 -8.90
N MET A 70 10.95 -12.34 -8.42
CA MET A 70 11.03 -11.98 -7.00
C MET A 70 10.20 -12.91 -6.12
N ASN A 71 9.30 -13.70 -6.71
CA ASN A 71 8.51 -14.65 -5.95
C ASN A 71 9.38 -15.79 -5.43
N GLU A 72 10.59 -15.93 -5.97
CA GLU A 72 11.55 -16.94 -5.52
C GLU A 72 12.72 -16.29 -4.76
N SER A 73 12.74 -14.96 -4.72
CA SER A 73 13.82 -14.21 -4.07
C SER A 73 13.72 -14.28 -2.55
N GLU A 74 14.79 -13.81 -1.89
CA GLU A 74 14.94 -13.86 -0.45
C GLU A 74 15.41 -12.51 0.08
N LEU A 75 14.93 -12.12 1.26
CA LEU A 75 15.29 -10.87 1.91
C LEU A 75 15.38 -11.10 3.42
N PHE A 76 16.37 -10.48 4.07
CA PHE A 76 16.55 -10.60 5.51
C PHE A 76 16.66 -12.02 6.09
N GLY A 77 16.95 -13.00 5.24
CA GLY A 77 17.11 -14.38 5.66
C GLY A 77 15.84 -15.22 5.50
N ARG A 78 14.83 -14.72 4.76
CA ARG A 78 13.59 -15.46 4.53
C ARG A 78 13.02 -15.19 3.15
N THR A 79 12.30 -16.17 2.61
CA THR A 79 11.64 -16.06 1.31
C THR A 79 10.53 -15.02 1.25
N ILE A 80 10.30 -14.46 0.07
CA ILE A 80 9.27 -13.44 -0.14
C ILE A 80 8.29 -13.93 -1.21
N ARG A 81 7.17 -13.21 -1.36
CA ARG A 81 6.15 -13.53 -2.34
C ARG A 81 5.73 -12.26 -3.07
N VAL A 82 5.46 -12.39 -4.38
CA VAL A 82 5.05 -11.27 -5.23
C VAL A 82 3.96 -11.69 -6.21
N ASN A 83 2.95 -10.83 -6.41
CA ASN A 83 1.83 -11.11 -7.28
C ASN A 83 1.10 -9.81 -7.64
N LEU A 84 0.23 -9.85 -8.65
CA LEU A 84 -0.55 -8.68 -9.06
C LEU A 84 -1.55 -8.31 -7.96
N ALA A 85 -2.07 -7.08 -8.00
CA ALA A 85 -3.05 -6.63 -7.02
C ALA A 85 -4.14 -5.76 -7.65
N LYS A 86 -4.27 -5.77 -9.00
CA LYS A 86 -5.34 -5.05 -9.68
C LYS A 86 -6.71 -5.69 -9.46
N PRO A 87 -6.83 -7.03 -9.38
CA PRO A 87 -8.11 -7.70 -9.15
C PRO A 87 -8.80 -7.27 -7.86
N MET A 88 -8.05 -6.60 -6.96
CA MET A 88 -8.55 -6.14 -5.68
C MET A 88 -8.66 -4.61 -5.65
N ARG A 89 -8.88 -3.98 -6.81
CA ARG A 89 -9.17 -2.55 -6.88
C ARG A 89 -10.52 -2.31 -6.22
N ILE A 90 -10.53 -1.52 -5.14
CA ILE A 90 -11.72 -1.26 -4.35
C ILE A 90 -12.73 -0.47 -5.19
N LYS A 91 -14.03 -0.64 -4.90
CA LYS A 91 -15.08 0.09 -5.60
C LYS A 91 -15.62 1.18 -4.69
N GLU A 92 -15.81 2.39 -5.24
CA GLU A 92 -16.33 3.51 -4.48
C GLU A 92 -17.86 3.45 -4.40
N GLY A 93 -18.48 2.62 -5.24
CA GLY A 93 -19.93 2.46 -5.32
C GLY A 93 -20.43 1.27 -4.51
N SER A 94 -19.59 0.71 -3.64
CA SER A 94 -19.93 -0.49 -2.88
C SER A 94 -19.38 -0.43 -1.46
N SER A 95 -19.69 -1.45 -0.66
CA SER A 95 -19.26 -1.56 0.73
C SER A 95 -17.74 -1.74 0.84
N ARG A 96 -17.24 -1.86 2.07
CA ARG A 96 -15.82 -2.04 2.34
C ARG A 96 -15.31 -3.31 1.66
N PRO A 97 -13.98 -3.48 1.55
CA PRO A 97 -13.37 -4.58 0.82
C PRO A 97 -13.66 -5.94 1.48
N VAL A 98 -14.44 -6.79 0.79
CA VAL A 98 -14.84 -8.10 1.30
C VAL A 98 -15.09 -9.11 0.17
N TRP A 99 -14.51 -8.91 -1.01
CA TRP A 99 -14.89 -9.72 -2.18
C TRP A 99 -13.71 -10.16 -3.06
N SER A 100 -12.48 -9.94 -2.61
CA SER A 100 -11.30 -10.17 -3.44
C SER A 100 -10.06 -10.39 -2.57
N ASP A 101 -8.87 -10.31 -3.15
CA ASP A 101 -7.65 -10.35 -2.37
C ASP A 101 -7.60 -9.28 -1.27
N ASP A 102 -8.47 -8.27 -1.38
CA ASP A 102 -8.64 -7.29 -0.31
C ASP A 102 -9.38 -7.87 0.90
N ASP A 103 -10.12 -8.97 0.68
CA ASP A 103 -10.82 -9.69 1.73
C ASP A 103 -9.77 -10.54 2.44
N TRP A 104 -8.70 -10.98 1.77
CA TRP A 104 -7.67 -11.67 2.54
C TRP A 104 -6.90 -10.65 3.37
N LEU A 105 -6.86 -9.37 2.98
CA LEU A 105 -6.29 -8.35 3.85
C LEU A 105 -7.14 -8.27 5.13
N LYS A 106 -8.46 -8.51 5.02
CA LYS A 106 -9.31 -8.58 6.21
C LYS A 106 -9.05 -9.88 6.97
N LYS A 107 -8.85 -11.00 6.27
CA LYS A 107 -8.48 -12.25 6.94
C LYS A 107 -7.26 -11.99 7.81
N PHE A 108 -6.27 -11.31 7.21
CA PHE A 108 -5.04 -10.89 7.85
C PHE A 108 -5.21 -10.05 9.12
N SER A 109 -6.25 -9.21 9.17
CA SER A 109 -6.59 -8.48 10.37
C SER A 109 -7.06 -9.45 11.45
N GLY A 110 -7.48 -10.64 11.03
CA GLY A 110 -8.00 -11.67 11.92
C GLY A 110 -9.51 -11.60 11.92
N LYS A 111 -10.08 -11.40 10.73
CA LYS A 111 -11.50 -11.08 10.58
C LYS A 111 -12.07 -11.70 9.31
N THR A 112 -13.30 -11.36 8.95
CA THR A 112 -14.03 -11.85 7.78
C THR A 112 -14.39 -13.33 7.76
N LEU A 113 -15.61 -13.62 7.28
CA LEU A 113 -16.18 -14.96 7.22
C LEU A 113 -16.19 -15.67 8.57
N GLU A 114 -15.97 -14.93 9.65
CA GLU A 114 -15.89 -15.49 11.00
C GLU A 114 -17.25 -15.46 11.70
N GLU A 115 -18.22 -14.71 11.16
CA GLU A 115 -19.56 -14.59 11.71
C GLU A 115 -20.63 -14.52 10.61
N ASN A 116 -20.22 -14.60 9.35
CA ASN A 116 -21.13 -14.53 8.22
C ASN A 116 -22.00 -15.78 8.14
N LYS A 117 -23.20 -15.64 7.56
CA LYS A 117 -24.14 -16.73 7.39
C LYS A 117 -23.67 -17.68 6.29
N ALA B 1 3.12 21.66 15.97
CA ALA B 1 2.96 20.56 15.01
C ALA B 1 3.02 21.09 13.57
N LYS B 2 3.19 20.18 12.61
CA LYS B 2 3.27 20.52 11.18
C LYS B 2 1.87 20.76 10.61
N GLY B 3 1.08 21.60 11.30
CA GLY B 3 -0.27 21.93 10.89
C GLY B 3 -1.23 20.77 11.05
N ASN B 4 -2.51 21.02 10.73
CA ASN B 4 -3.56 20.01 10.78
C ASN B 4 -4.03 19.65 9.36
N PHE B 5 -3.21 20.00 8.35
CA PHE B 5 -3.59 19.87 6.95
C PHE B 5 -2.35 19.40 6.18
N CYS B 6 -2.56 19.06 4.91
CA CYS B 6 -1.52 18.61 4.00
C CYS B 6 -0.40 19.66 3.90
N PRO B 7 0.81 19.33 4.37
CA PRO B 7 1.96 20.23 4.31
C PRO B 7 2.65 20.18 2.95
N LEU B 8 2.23 19.25 2.07
CA LEU B 8 2.87 19.06 0.77
C LEU B 8 2.39 20.08 -0.26
N CYS B 9 1.34 20.85 0.06
CA CYS B 9 0.87 21.90 -0.82
C CYS B 9 0.21 23.02 -0.01
N ASP B 10 -0.07 24.15 -0.65
CA ASP B 10 -0.67 25.31 0.01
C ASP B 10 -2.19 25.24 0.16
N LYS B 11 -2.82 24.20 -0.37
CA LYS B 11 -4.26 24.02 -0.31
C LYS B 11 -4.65 23.28 0.98
N CYS B 12 -5.92 23.39 1.37
CA CYS B 12 -6.46 22.70 2.53
C CYS B 12 -7.83 22.11 2.22
N TYR B 13 -8.40 21.38 3.18
CA TYR B 13 -9.72 20.80 3.05
C TYR B 13 -10.86 21.75 2.73
N ASP B 14 -11.80 21.28 1.91
CA ASP B 14 -12.98 22.04 1.49
C ASP B 14 -14.07 21.08 1.00
N ASP B 15 -15.19 21.62 0.53
CA ASP B 15 -16.30 20.81 0.03
C ASP B 15 -15.91 19.92 -1.16
N ASP B 16 -14.82 20.28 -1.83
CA ASP B 16 -14.27 19.54 -2.97
C ASP B 16 -13.48 18.28 -2.61
N ASP B 17 -13.26 18.03 -1.32
CA ASP B 17 -12.39 16.98 -0.82
C ASP B 17 -12.62 15.58 -1.39
N TYR B 18 -13.77 15.32 -2.02
CA TYR B 18 -14.07 14.02 -2.60
C TYR B 18 -13.30 13.80 -3.90
N GLU B 19 -12.97 14.89 -4.60
CA GLU B 19 -12.15 14.82 -5.81
C GLU B 19 -10.67 14.82 -5.42
N SER B 20 -10.35 15.35 -4.24
CA SER B 20 -8.99 15.35 -3.73
C SER B 20 -8.66 14.04 -3.03
N LYS B 21 -9.66 13.15 -2.88
CA LYS B 21 -9.47 11.81 -2.36
C LYS B 21 -8.69 11.82 -1.04
N MET B 22 -9.12 12.65 -0.09
CA MET B 22 -8.37 12.90 1.14
C MET B 22 -8.50 11.74 2.13
N MET B 23 -7.62 11.78 3.13
CA MET B 23 -7.48 10.76 4.15
C MET B 23 -7.05 11.41 5.46
N GLN B 24 -7.32 10.75 6.59
CA GLN B 24 -6.95 11.26 7.90
C GLN B 24 -5.96 10.31 8.58
N CYS B 25 -5.01 10.86 9.32
CA CYS B 25 -3.98 10.09 9.99
C CYS B 25 -4.58 9.32 11.17
N GLY B 26 -3.91 8.22 11.56
CA GLY B 26 -4.44 7.30 12.57
C GLY B 26 -3.95 7.58 14.00
N LYS B 27 -3.01 8.51 14.20
CA LYS B 27 -2.51 8.78 15.54
C LYS B 27 -2.18 10.25 15.79
N CYS B 28 -2.49 11.15 14.85
CA CYS B 28 -2.38 12.58 15.10
C CYS B 28 -3.57 13.36 14.51
N ASP B 29 -4.54 12.62 13.93
CA ASP B 29 -5.76 13.18 13.35
C ASP B 29 -5.59 14.23 12.25
N ARG B 30 -4.36 14.42 11.76
CA ARG B 30 -4.10 15.38 10.69
C ARG B 30 -4.71 14.90 9.37
N TRP B 31 -5.21 15.84 8.58
CA TRP B 31 -5.81 15.55 7.28
C TRP B 31 -4.80 15.78 6.15
N VAL B 32 -4.85 14.95 5.11
CA VAL B 32 -3.95 15.05 3.97
C VAL B 32 -4.63 14.71 2.65
N HIS B 33 -4.16 15.32 1.55
CA HIS B 33 -4.60 14.93 0.21
C HIS B 33 -3.78 13.72 -0.21
N SER B 34 -4.42 12.63 -0.64
CA SER B 34 -3.67 11.46 -1.07
C SER B 34 -3.01 11.72 -2.43
N LYS B 35 -3.47 12.76 -3.13
CA LYS B 35 -2.92 13.14 -4.42
C LYS B 35 -1.56 13.83 -4.28
N CYS B 36 -1.32 14.50 -3.15
CA CYS B 36 -0.02 15.11 -2.87
C CYS B 36 0.96 14.06 -2.38
N GLU B 37 0.44 12.97 -1.80
CA GLU B 37 1.23 11.83 -1.37
C GLU B 37 1.61 10.94 -2.56
N ASN B 38 1.39 11.44 -3.78
CA ASN B 38 1.66 10.77 -5.05
C ASN B 38 1.05 9.38 -5.16
N LEU B 39 0.05 9.05 -4.34
CA LEU B 39 -0.58 7.74 -4.39
C LEU B 39 -1.55 7.66 -5.57
N SER B 40 -1.60 6.50 -6.22
CA SER B 40 -2.62 6.25 -7.23
C SER B 40 -3.96 6.09 -6.53
N ASP B 41 -5.07 6.19 -7.27
CA ASP B 41 -6.39 6.03 -6.66
C ASP B 41 -6.58 4.62 -6.09
N GLU B 42 -5.94 3.64 -6.72
CA GLU B 42 -5.98 2.25 -6.28
C GLU B 42 -5.20 2.10 -4.97
N MET B 43 -3.98 2.65 -4.95
CA MET B 43 -3.17 2.61 -3.75
C MET B 43 -3.93 3.29 -2.62
N TYR B 44 -4.45 4.50 -2.90
CA TYR B 44 -5.23 5.23 -1.93
C TYR B 44 -6.40 4.48 -1.31
N GLU B 45 -7.25 3.88 -2.14
CA GLU B 45 -8.38 3.14 -1.63
C GLU B 45 -7.92 1.93 -0.82
N ILE B 46 -6.82 1.28 -1.21
CA ILE B 46 -6.37 0.12 -0.44
C ILE B 46 -5.83 0.56 0.92
N LEU B 47 -4.81 1.43 0.94
CA LEU B 47 -4.21 1.82 2.21
C LEU B 47 -5.14 2.66 3.06
N SER B 48 -6.23 3.20 2.48
CA SER B 48 -7.25 3.89 3.25
C SER B 48 -8.23 2.88 3.87
N ASN B 49 -8.56 1.79 3.16
CA ASN B 49 -9.47 0.77 3.66
C ASN B 49 -8.75 -0.41 4.34
N LEU B 50 -7.42 -0.36 4.49
CA LEU B 50 -6.70 -1.33 5.31
C LEU B 50 -7.35 -1.44 6.70
N PRO B 51 -7.13 -2.56 7.39
CA PRO B 51 -7.64 -2.82 8.73
C PRO B 51 -7.34 -1.72 9.75
N GLU B 52 -8.04 -1.77 10.88
CA GLU B 52 -7.83 -0.80 11.96
C GLU B 52 -6.53 -1.09 12.73
N SER B 53 -5.97 -2.30 12.58
CA SER B 53 -4.75 -2.67 13.27
C SER B 53 -3.52 -2.14 12.55
N VAL B 54 -3.57 -2.10 11.21
CA VAL B 54 -2.45 -1.66 10.38
C VAL B 54 -2.90 -0.73 9.26
N ALA B 55 -2.20 0.38 9.08
CA ALA B 55 -2.56 1.37 8.08
C ALA B 55 -1.43 2.38 7.87
N TYR B 56 -1.54 3.16 6.80
CA TYR B 56 -0.62 4.24 6.49
C TYR B 56 -0.77 5.50 7.35
N THR B 57 0.33 6.19 7.65
CA THR B 57 0.33 7.41 8.45
C THR B 57 0.98 8.61 7.76
N CYS B 58 0.68 9.81 8.26
CA CYS B 58 1.17 11.06 7.68
C CYS B 58 2.69 11.16 7.76
N VAL B 59 3.24 12.16 7.05
CA VAL B 59 4.68 12.37 6.95
C VAL B 59 5.37 12.74 8.27
N ASN B 60 4.61 12.91 9.35
CA ASN B 60 5.18 13.26 10.64
C ASN B 60 5.03 12.14 11.67
N CYS B 61 4.17 11.16 11.40
CA CYS B 61 4.08 9.96 12.22
C CYS B 61 5.03 8.89 11.65
N THR B 62 5.33 9.01 10.36
CA THR B 62 6.31 8.18 9.68
C THR B 62 6.95 8.87 8.49
N GLU B 63 8.20 8.54 8.18
CA GLU B 63 8.88 9.16 7.04
C GLU B 63 8.41 8.51 5.74
N ARG B 64 8.13 9.32 4.72
CA ARG B 64 7.68 8.87 3.41
C ARG B 64 8.32 9.71 2.32
ZN ZN C . -2.13 18.80 -0.67
ZN ZN D . 0.13 11.67 11.72
N ALA A 1 2.86 -22.44 -14.98
CA ALA A 1 3.97 -21.61 -14.50
C ALA A 1 3.77 -20.14 -14.88
N GLY A 2 4.48 -19.23 -14.21
CA GLY A 2 4.36 -17.80 -14.47
C GLY A 2 3.08 -17.22 -13.88
N HIS A 3 2.85 -15.93 -14.12
CA HIS A 3 1.67 -15.23 -13.63
C HIS A 3 0.40 -15.72 -14.31
N MET A 4 -0.76 -15.43 -13.69
CA MET A 4 -2.05 -15.78 -14.24
C MET A 4 -2.50 -14.76 -15.29
N ALA A 5 -2.00 -13.52 -15.20
CA ALA A 5 -2.34 -12.45 -16.11
C ALA A 5 -1.36 -11.28 -15.94
N THR A 6 -1.19 -10.49 -17.00
CA THR A 6 -0.35 -9.30 -16.94
C THR A 6 -1.22 -8.20 -16.34
N THR A 7 -0.62 -7.33 -15.54
CA THR A 7 -1.26 -6.17 -14.94
C THR A 7 -0.35 -4.95 -14.87
N LYS A 8 -0.94 -3.77 -14.74
CA LYS A 8 -0.18 -2.52 -14.74
C LYS A 8 -0.10 -1.93 -13.33
N ARG A 9 0.82 -0.97 -13.16
CA ARG A 9 1.02 -0.25 -11.90
C ARG A 9 1.28 -1.16 -10.70
N VAL A 10 0.30 -1.25 -9.78
CA VAL A 10 0.48 -1.89 -8.48
C VAL A 10 0.64 -3.41 -8.50
N LEU A 11 1.42 -3.91 -7.53
CA LEU A 11 1.56 -5.33 -7.25
C LEU A 11 1.84 -5.51 -5.76
N TYR A 12 1.58 -6.74 -5.26
CA TYR A 12 1.78 -7.08 -3.86
C TYR A 12 3.13 -7.68 -3.49
N VAL A 13 3.57 -7.44 -2.25
CA VAL A 13 4.81 -7.99 -1.71
C VAL A 13 4.61 -8.52 -0.29
N GLY A 14 5.25 -9.63 0.05
CA GLY A 14 5.10 -10.25 1.37
C GLY A 14 6.31 -11.07 1.77
N GLY A 15 6.27 -11.65 2.98
CA GLY A 15 7.38 -12.43 3.52
C GLY A 15 8.51 -11.54 4.02
N LEU A 16 8.29 -10.23 4.04
CA LEU A 16 9.29 -9.23 4.40
C LEU A 16 9.60 -9.26 5.90
N ALA A 17 10.83 -8.86 6.27
CA ALA A 17 11.20 -8.62 7.65
C ALA A 17 10.76 -7.22 8.07
N GLU A 18 10.64 -6.98 9.37
CA GLU A 18 10.22 -5.67 9.89
C GLU A 18 11.24 -4.58 9.55
N GLU A 19 12.47 -4.98 9.20
CA GLU A 19 13.54 -4.06 8.84
C GLU A 19 13.37 -3.53 7.41
N VAL A 20 12.51 -4.17 6.60
CA VAL A 20 12.33 -3.79 5.21
C VAL A 20 11.61 -2.44 5.13
N ASP A 21 12.08 -1.61 4.20
CA ASP A 21 11.59 -0.27 3.92
C ASP A 21 11.48 -0.02 2.41
N ASP A 22 10.92 1.12 2.01
CA ASP A 22 10.78 1.44 0.60
C ASP A 22 12.11 1.49 -0.16
N LYS A 23 13.21 1.77 0.55
CA LYS A 23 14.53 1.81 -0.04
C LYS A 23 15.05 0.40 -0.30
N VAL A 24 14.58 -0.59 0.46
CA VAL A 24 14.97 -1.98 0.26
C VAL A 24 14.13 -2.56 -0.87
N LEU A 25 12.83 -2.26 -0.88
CA LEU A 25 11.94 -2.70 -1.93
C LEU A 25 12.27 -2.02 -3.26
N HIS A 26 12.79 -0.79 -3.23
CA HIS A 26 13.13 -0.12 -4.48
C HIS A 26 14.38 -0.74 -5.11
N ALA A 27 15.43 -0.96 -4.31
CA ALA A 27 16.68 -1.48 -4.84
C ALA A 27 16.53 -2.93 -5.32
N ALA A 28 15.57 -3.68 -4.75
CA ALA A 28 15.35 -5.06 -5.13
C ALA A 28 14.36 -5.20 -6.29
N PHE A 29 13.55 -4.17 -6.56
CA PHE A 29 12.55 -4.22 -7.62
C PHE A 29 12.82 -3.38 -8.86
N ILE A 30 13.86 -2.55 -8.82
CA ILE A 30 14.19 -1.65 -9.91
C ILE A 30 14.94 -2.31 -11.09
N PRO A 31 15.58 -3.49 -10.96
CA PRO A 31 16.41 -4.01 -12.05
C PRO A 31 15.57 -4.56 -13.20
N PHE A 32 14.26 -4.76 -13.00
CA PHE A 32 13.39 -5.30 -14.03
C PHE A 32 12.79 -4.15 -14.82
N GLY A 33 12.77 -2.93 -14.25
CA GLY A 33 12.20 -1.77 -14.91
C GLY A 33 11.91 -0.66 -13.93
N ASP A 34 11.51 0.50 -14.46
CA ASP A 34 11.24 1.68 -13.67
C ASP A 34 10.10 1.55 -12.66
N ILE A 35 10.34 2.02 -11.44
CA ILE A 35 9.34 2.09 -10.38
C ILE A 35 8.87 3.54 -10.25
N THR A 36 7.62 3.74 -9.81
CA THR A 36 7.08 5.09 -9.66
C THR A 36 6.47 5.39 -8.29
N ASP A 37 6.21 4.36 -7.48
CA ASP A 37 5.73 4.57 -6.11
C ASP A 37 5.91 3.30 -5.28
N ILE A 38 6.13 3.46 -3.98
CA ILE A 38 6.23 2.36 -3.01
C ILE A 38 5.71 2.86 -1.67
N GLN A 39 4.87 2.08 -1.00
CA GLN A 39 4.28 2.47 0.27
C GLN A 39 4.17 1.27 1.20
N ILE A 40 4.45 1.48 2.49
CA ILE A 40 4.41 0.43 3.49
C ILE A 40 3.48 0.84 4.63
N PRO A 41 2.37 0.13 4.85
CA PRO A 41 1.46 0.38 5.95
C PRO A 41 2.09 -0.11 7.25
N LEU A 42 1.70 0.46 8.39
CA LEU A 42 2.33 0.13 9.66
C LEU A 42 1.31 -0.20 10.74
N ASP A 43 1.72 -1.05 11.69
CA ASP A 43 0.92 -1.42 12.85
C ASP A 43 0.86 -0.28 13.86
N TYR A 44 -0.34 0.09 14.31
CA TYR A 44 -0.54 1.25 15.17
C TYR A 44 0.16 1.26 16.54
N GLU A 45 0.61 0.11 17.04
CA GLU A 45 1.25 0.06 18.35
C GLU A 45 2.77 -0.07 18.27
N THR A 46 3.31 -0.55 17.15
CA THR A 46 4.74 -0.77 17.00
C THR A 46 5.39 -0.04 15.82
N GLU A 47 4.58 0.55 14.94
CA GLU A 47 5.04 1.26 13.75
C GLU A 47 5.89 0.39 12.84
N LYS A 48 5.68 -0.93 12.85
CA LYS A 48 6.31 -1.88 11.94
C LYS A 48 5.24 -2.53 11.08
N HIS A 49 5.60 -2.97 9.88
CA HIS A 49 4.68 -3.73 9.04
C HIS A 49 4.78 -5.20 9.41
N ARG A 50 3.70 -5.95 9.15
CA ARG A 50 3.63 -7.37 9.48
C ARG A 50 4.28 -8.25 8.41
N GLY A 51 5.20 -7.69 7.63
CA GLY A 51 5.91 -8.44 6.60
C GLY A 51 5.16 -8.42 5.26
N PHE A 52 4.50 -7.31 4.93
CA PHE A 52 3.71 -7.20 3.71
C PHE A 52 3.78 -5.72 3.33
N ALA A 53 3.74 -5.43 2.03
CA ALA A 53 3.86 -4.09 1.50
C ALA A 53 3.35 -4.03 0.05
N PHE A 54 3.39 -2.83 -0.55
CA PHE A 54 2.98 -2.61 -1.93
C PHE A 54 4.01 -1.88 -2.78
N VAL A 55 4.04 -2.17 -4.08
CA VAL A 55 4.98 -1.57 -5.02
C VAL A 55 4.23 -1.25 -6.31
N GLU A 56 4.60 -0.15 -6.97
CA GLU A 56 3.95 0.28 -8.19
C GLU A 56 4.96 0.62 -9.29
N PHE A 57 4.85 -0.10 -10.41
CA PHE A 57 5.70 0.09 -11.58
C PHE A 57 5.26 1.16 -12.58
N GLU A 58 6.20 1.69 -13.34
CA GLU A 58 5.92 2.63 -14.41
C GLU A 58 5.47 1.86 -15.67
N LEU A 59 5.70 0.55 -15.72
CA LEU A 59 5.36 -0.31 -16.85
C LEU A 59 4.67 -1.58 -16.38
N ALA A 60 3.77 -2.10 -17.21
CA ALA A 60 3.05 -3.33 -16.91
C ALA A 60 3.91 -4.56 -17.22
N GLU A 61 4.84 -4.41 -18.16
CA GLU A 61 5.71 -5.49 -18.61
C GLU A 61 6.74 -5.81 -17.53
N ASP A 62 7.25 -4.77 -16.87
CA ASP A 62 8.27 -4.92 -15.86
C ASP A 62 7.65 -5.33 -14.52
N ALA A 63 6.36 -5.07 -14.34
CA ALA A 63 5.63 -5.55 -13.17
C ALA A 63 5.39 -7.04 -13.31
N ALA A 64 5.25 -7.53 -14.54
CA ALA A 64 5.06 -8.95 -14.80
C ALA A 64 6.38 -9.71 -14.60
N ALA A 65 7.52 -9.04 -14.79
CA ALA A 65 8.82 -9.63 -14.52
C ALA A 65 9.07 -9.68 -13.01
N ALA A 66 8.50 -8.75 -12.24
CA ALA A 66 8.68 -8.74 -10.81
C ALA A 66 7.95 -9.92 -10.15
N ILE A 67 6.69 -10.16 -10.53
CA ILE A 67 5.93 -11.27 -9.99
C ILE A 67 6.51 -12.60 -10.49
N ASP A 68 7.18 -12.60 -11.63
CA ASP A 68 7.80 -13.81 -12.17
C ASP A 68 9.18 -14.17 -11.62
N ASN A 69 9.87 -13.22 -10.97
CA ASN A 69 11.22 -13.48 -10.46
C ASN A 69 11.39 -13.16 -8.97
N MET A 70 10.74 -12.10 -8.47
CA MET A 70 10.91 -11.74 -7.07
C MET A 70 10.10 -12.62 -6.13
N ASN A 71 9.16 -13.40 -6.67
CA ASN A 71 8.37 -14.33 -5.87
C ASN A 71 9.22 -15.47 -5.33
N GLU A 72 10.43 -15.65 -5.88
CA GLU A 72 11.38 -16.66 -5.42
C GLU A 72 12.57 -16.01 -4.72
N SER A 73 12.59 -14.67 -4.65
CA SER A 73 13.71 -13.92 -4.08
C SER A 73 13.72 -14.01 -2.55
N GLU A 74 14.78 -13.48 -1.95
CA GLU A 74 15.03 -13.52 -0.51
C GLU A 74 15.53 -12.17 -0.02
N LEU A 75 15.08 -11.76 1.17
CA LEU A 75 15.48 -10.50 1.79
C LEU A 75 15.58 -10.72 3.29
N PHE A 76 16.54 -10.05 3.95
CA PHE A 76 16.71 -10.16 5.39
C PHE A 76 16.87 -11.57 5.98
N GLY A 77 17.19 -12.56 5.13
CA GLY A 77 17.42 -13.92 5.57
C GLY A 77 16.19 -14.81 5.45
N ARG A 78 15.13 -14.35 4.74
CA ARG A 78 13.93 -15.15 4.54
C ARG A 78 13.34 -14.93 3.15
N THR A 79 12.66 -15.96 2.64
CA THR A 79 11.99 -15.89 1.35
C THR A 79 10.83 -14.90 1.30
N ILE A 80 10.65 -14.23 0.15
CA ILE A 80 9.60 -13.24 -0.03
C ILE A 80 8.57 -13.77 -1.02
N ARG A 81 7.41 -13.12 -1.08
CA ARG A 81 6.33 -13.46 -1.99
C ARG A 81 5.93 -12.22 -2.79
N VAL A 82 5.60 -12.42 -4.07
CA VAL A 82 5.17 -11.36 -4.96
C VAL A 82 4.07 -11.87 -5.90
N ASN A 83 3.00 -11.09 -6.05
CA ASN A 83 1.88 -11.46 -6.92
C ASN A 83 1.04 -10.24 -7.28
N LEU A 84 0.04 -10.43 -8.14
CA LEU A 84 -0.82 -9.35 -8.60
C LEU A 84 -1.60 -8.74 -7.44
N ALA A 85 -1.94 -7.45 -7.57
CA ALA A 85 -2.76 -6.74 -6.60
C ALA A 85 -3.58 -5.64 -7.27
N LYS A 86 -3.69 -5.68 -8.61
CA LYS A 86 -4.45 -4.69 -9.37
C LYS A 86 -5.85 -5.17 -9.77
N PRO A 87 -6.11 -6.48 -9.94
CA PRO A 87 -7.45 -6.99 -10.23
C PRO A 87 -8.44 -6.69 -9.12
N MET A 88 -7.94 -6.53 -7.89
CA MET A 88 -8.71 -6.30 -6.68
C MET A 88 -9.10 -4.82 -6.54
N ARG A 89 -9.55 -4.19 -7.64
CA ARG A 89 -9.94 -2.79 -7.67
C ARG A 89 -11.12 -2.57 -6.72
N ILE A 90 -10.91 -1.74 -5.69
CA ILE A 90 -11.87 -1.54 -4.62
C ILE A 90 -13.12 -0.79 -5.08
N LYS A 91 -14.24 -1.04 -4.41
CA LYS A 91 -15.51 -0.35 -4.66
C LYS A 91 -15.84 0.54 -3.47
N GLU A 92 -16.57 1.64 -3.71
CA GLU A 92 -16.98 2.57 -2.67
C GLU A 92 -18.49 2.79 -2.68
N GLY A 93 -19.19 2.17 -3.63
CA GLY A 93 -20.65 2.20 -3.72
C GLY A 93 -21.26 1.03 -2.94
N SER A 94 -20.43 0.33 -2.14
CA SER A 94 -20.84 -0.86 -1.43
C SER A 94 -20.01 -0.97 -0.13
N SER A 95 -20.10 -2.12 0.55
CA SER A 95 -19.38 -2.37 1.79
C SER A 95 -17.87 -2.30 1.58
N ARG A 96 -17.12 -2.25 2.69
CA ARG A 96 -15.66 -2.16 2.66
C ARG A 96 -15.08 -3.42 1.98
N PRO A 97 -13.79 -3.43 1.65
CA PRO A 97 -13.13 -4.53 0.98
C PRO A 97 -13.22 -5.86 1.75
N VAL A 98 -14.12 -6.75 1.32
CA VAL A 98 -14.33 -8.05 1.94
C VAL A 98 -14.74 -9.12 0.91
N TRP A 99 -14.40 -8.94 -0.37
CA TRP A 99 -14.91 -9.79 -1.43
C TRP A 99 -13.84 -10.26 -2.43
N SER A 100 -12.56 -10.02 -2.12
CA SER A 100 -11.46 -10.25 -3.04
C SER A 100 -10.17 -10.52 -2.28
N ASP A 101 -9.02 -10.43 -2.94
CA ASP A 101 -7.75 -10.49 -2.24
C ASP A 101 -7.66 -9.44 -1.12
N ASP A 102 -8.52 -8.43 -1.18
CA ASP A 102 -8.64 -7.46 -0.11
C ASP A 102 -9.26 -8.07 1.15
N ASP A 103 -10.03 -9.15 0.97
CA ASP A 103 -10.63 -9.88 2.07
C ASP A 103 -9.52 -10.68 2.73
N TRP A 104 -8.56 -11.23 1.98
CA TRP A 104 -7.51 -11.98 2.68
C TRP A 104 -6.71 -10.99 3.54
N LEU A 105 -6.63 -9.71 3.16
CA LEU A 105 -5.99 -8.72 4.02
C LEU A 105 -6.78 -8.61 5.33
N LYS A 106 -8.12 -8.73 5.28
CA LYS A 106 -8.94 -8.69 6.50
C LYS A 106 -8.78 -9.99 7.28
N LYS A 107 -8.56 -11.12 6.59
CA LYS A 107 -8.32 -12.39 7.26
C LYS A 107 -6.95 -12.37 7.92
N PHE A 108 -6.02 -11.63 7.33
CA PHE A 108 -4.73 -11.37 7.94
C PHE A 108 -4.79 -10.61 9.26
N SER A 109 -5.72 -9.66 9.36
CA SER A 109 -5.84 -8.83 10.55
C SER A 109 -6.77 -9.42 11.62
N GLY A 110 -7.56 -10.45 11.30
CA GLY A 110 -8.48 -10.96 12.31
C GLY A 110 -9.22 -12.26 11.96
N LYS A 111 -8.95 -12.87 10.80
CA LYS A 111 -9.64 -14.10 10.39
C LYS A 111 -11.17 -13.91 10.43
N THR A 112 -11.62 -12.66 10.34
CA THR A 112 -13.02 -12.29 10.46
C THR A 112 -13.94 -12.86 9.38
N LEU A 113 -15.25 -12.83 9.66
CA LEU A 113 -16.30 -13.37 8.79
C LEU A 113 -16.16 -14.88 8.51
N GLU A 114 -15.27 -15.55 9.25
CA GLU A 114 -15.08 -17.00 9.14
C GLU A 114 -14.94 -17.64 10.53
N GLU A 115 -15.33 -16.89 11.55
CA GLU A 115 -15.30 -17.33 12.95
C GLU A 115 -16.57 -16.89 13.67
N ASN A 116 -17.58 -16.46 12.91
CA ASN A 116 -18.85 -15.98 13.45
C ASN A 116 -19.96 -16.24 12.43
N LYS A 117 -21.22 -16.09 12.86
CA LYS A 117 -22.38 -16.32 12.02
C LYS A 117 -22.42 -15.32 10.87
N ALA B 1 4.07 19.75 15.77
CA ALA B 1 3.31 19.30 14.60
C ALA B 1 3.74 20.05 13.34
N LYS B 2 3.72 19.40 12.18
CA LYS B 2 4.11 20.00 10.91
C LYS B 2 3.07 21.01 10.44
N GLY B 3 1.82 20.87 10.89
CA GLY B 3 0.74 21.79 10.54
C GLY B 3 -0.61 21.08 10.55
N ASN B 4 -1.69 21.87 10.41
CA ASN B 4 -3.04 21.37 10.33
C ASN B 4 -3.43 21.10 8.88
N PHE B 5 -2.46 20.62 8.07
CA PHE B 5 -2.65 20.41 6.64
C PHE B 5 -1.71 19.37 6.02
N CYS B 6 -1.98 19.01 4.77
CA CYS B 6 -1.09 18.17 3.98
C CYS B 6 0.22 18.93 3.75
N PRO B 7 1.35 18.40 4.21
CA PRO B 7 2.65 19.05 4.11
C PRO B 7 3.26 18.92 2.71
N LEU B 8 2.62 18.17 1.81
CA LEU B 8 3.15 17.97 0.46
C LEU B 8 2.78 19.14 -0.46
N CYS B 9 1.86 20.00 -0.03
CA CYS B 9 1.49 21.18 -0.81
C CYS B 9 1.11 22.38 0.08
N ASP B 10 1.10 22.18 1.39
CA ASP B 10 0.78 23.21 2.38
C ASP B 10 -0.61 23.84 2.31
N LYS B 11 -1.47 23.39 1.38
CA LYS B 11 -2.82 23.92 1.26
C LYS B 11 -3.72 23.33 2.35
N CYS B 12 -4.63 24.14 2.88
CA CYS B 12 -5.59 23.71 3.88
C CYS B 12 -6.67 22.81 3.26
N TYR B 13 -7.54 22.26 4.10
CA TYR B 13 -8.62 21.40 3.63
C TYR B 13 -9.58 22.30 2.84
N ASP B 14 -10.19 21.74 1.80
CA ASP B 14 -11.10 22.43 0.89
C ASP B 14 -12.29 21.59 0.45
N ASP B 15 -13.33 22.25 -0.09
CA ASP B 15 -14.50 21.56 -0.63
C ASP B 15 -14.16 20.63 -1.80
N ASP B 16 -13.01 20.87 -2.43
CA ASP B 16 -12.48 20.10 -3.55
C ASP B 16 -12.28 18.61 -3.28
N ASP B 17 -12.46 18.19 -2.03
CA ASP B 17 -12.25 16.82 -1.57
C ASP B 17 -12.73 15.72 -2.53
N TYR B 18 -13.81 15.96 -3.27
CA TYR B 18 -14.33 14.94 -4.18
C TYR B 18 -13.36 14.53 -5.29
N GLU B 19 -12.49 15.46 -5.71
CA GLU B 19 -11.44 15.17 -6.67
C GLU B 19 -10.10 14.97 -5.97
N SER B 20 -9.95 15.52 -4.76
CA SER B 20 -8.70 15.44 -4.01
C SER B 20 -8.58 14.14 -3.22
N LYS B 21 -9.66 13.35 -3.17
CA LYS B 21 -9.65 12.00 -2.60
C LYS B 21 -8.96 11.97 -1.23
N MET B 22 -9.37 12.85 -0.32
CA MET B 22 -8.65 13.05 0.93
C MET B 22 -8.88 11.89 1.90
N MET B 23 -8.01 11.81 2.91
CA MET B 23 -7.96 10.73 3.88
C MET B 23 -7.52 11.26 5.25
N GLN B 24 -7.92 10.56 6.32
CA GLN B 24 -7.55 10.96 7.66
C GLN B 24 -6.51 10.00 8.22
N CYS B 25 -5.61 10.52 9.07
CA CYS B 25 -4.60 9.73 9.75
C CYS B 25 -5.25 8.87 10.83
N GLY B 26 -4.50 7.90 11.37
CA GLY B 26 -5.02 6.98 12.38
C GLY B 26 -4.75 7.47 13.79
N LYS B 27 -3.47 7.51 14.18
CA LYS B 27 -3.09 7.87 15.55
C LYS B 27 -3.13 9.37 15.78
N CYS B 28 -3.47 10.16 14.75
CA CYS B 28 -3.76 11.58 14.90
C CYS B 28 -4.91 11.95 13.97
N ASP B 29 -5.51 13.13 14.15
CA ASP B 29 -6.73 13.52 13.45
C ASP B 29 -6.54 14.39 12.22
N ARG B 30 -5.30 14.67 11.83
CA ARG B 30 -5.01 15.48 10.66
C ARG B 30 -5.44 14.77 9.38
N TRP B 31 -5.92 15.55 8.41
CA TRP B 31 -6.31 15.03 7.11
C TRP B 31 -5.22 15.34 6.08
N VAL B 32 -5.17 14.57 5.00
CA VAL B 32 -4.22 14.78 3.91
C VAL B 32 -4.84 14.50 2.54
N HIS B 33 -4.34 15.18 1.51
CA HIS B 33 -4.75 14.90 0.14
C HIS B 33 -3.96 13.68 -0.33
N SER B 34 -4.64 12.63 -0.80
CA SER B 34 -3.95 11.43 -1.27
C SER B 34 -3.27 11.70 -2.60
N LYS B 35 -3.64 12.79 -3.27
CA LYS B 35 -3.15 13.11 -4.60
C LYS B 35 -1.78 13.79 -4.56
N CYS B 36 -1.40 14.39 -3.42
CA CYS B 36 -0.08 14.97 -3.25
C CYS B 36 0.94 13.89 -2.87
N GLU B 37 0.43 12.76 -2.35
CA GLU B 37 1.24 11.63 -1.93
C GLU B 37 1.59 10.73 -3.11
N ASN B 38 1.36 11.22 -4.34
CA ASN B 38 1.60 10.50 -5.59
C ASN B 38 0.99 9.10 -5.63
N LEU B 39 -0.05 8.86 -4.82
CA LEU B 39 -0.68 7.54 -4.75
C LEU B 39 -1.60 7.32 -5.95
N SER B 40 -1.60 6.11 -6.51
CA SER B 40 -2.58 5.73 -7.50
C SER B 40 -3.91 5.54 -6.78
N ASP B 41 -5.03 5.72 -7.49
CA ASP B 41 -6.33 5.64 -6.86
C ASP B 41 -6.63 4.30 -6.19
N GLU B 42 -6.17 3.20 -6.78
CA GLU B 42 -6.46 1.88 -6.25
C GLU B 42 -5.61 1.60 -5.01
N MET B 43 -4.30 1.93 -5.03
CA MET B 43 -3.47 1.65 -3.87
C MET B 43 -3.87 2.59 -2.73
N TYR B 44 -4.35 3.80 -3.09
CA TYR B 44 -4.95 4.70 -2.12
C TYR B 44 -6.18 4.13 -1.42
N GLU B 45 -7.11 3.57 -2.20
CA GLU B 45 -8.29 2.92 -1.64
C GLU B 45 -7.89 1.74 -0.76
N ILE B 46 -6.84 1.00 -1.12
CA ILE B 46 -6.42 -0.13 -0.31
C ILE B 46 -5.87 0.37 1.02
N LEU B 47 -4.88 1.25 1.01
CA LEU B 47 -4.27 1.73 2.24
C LEU B 47 -5.23 2.59 3.05
N SER B 48 -6.30 3.10 2.43
CA SER B 48 -7.35 3.82 3.14
C SER B 48 -8.33 2.84 3.79
N ASN B 49 -8.54 1.68 3.16
CA ASN B 49 -9.46 0.66 3.66
C ASN B 49 -8.77 -0.52 4.35
N LEU B 50 -7.44 -0.48 4.52
CA LEU B 50 -6.72 -1.48 5.29
C LEU B 50 -7.35 -1.65 6.68
N PRO B 51 -7.06 -2.78 7.36
CA PRO B 51 -7.55 -3.10 8.69
C PRO B 51 -7.30 -1.99 9.72
N GLU B 52 -8.00 -2.08 10.86
CA GLU B 52 -7.88 -1.09 11.91
C GLU B 52 -6.59 -1.28 12.71
N SER B 53 -5.92 -2.43 12.55
CA SER B 53 -4.68 -2.73 13.25
C SER B 53 -3.46 -2.16 12.51
N VAL B 54 -3.49 -2.21 11.17
CA VAL B 54 -2.40 -1.77 10.33
C VAL B 54 -2.87 -0.90 9.19
N ALA B 55 -2.22 0.24 8.97
CA ALA B 55 -2.64 1.21 7.99
C ALA B 55 -1.56 2.29 7.78
N TYR B 56 -1.73 3.07 6.71
CA TYR B 56 -0.88 4.21 6.41
C TYR B 56 -1.11 5.44 7.31
N THR B 57 -0.06 6.19 7.60
CA THR B 57 -0.13 7.38 8.46
C THR B 57 0.47 8.64 7.87
N CYS B 58 0.11 9.79 8.43
CA CYS B 58 0.58 11.08 7.95
C CYS B 58 2.09 11.23 8.12
N VAL B 59 2.68 12.23 7.47
CA VAL B 59 4.12 12.44 7.47
C VAL B 59 4.71 12.74 8.86
N ASN B 60 3.86 13.02 9.85
CA ASN B 60 4.32 13.33 11.19
C ASN B 60 4.31 12.05 12.05
N CYS B 61 3.38 11.13 11.77
CA CYS B 61 3.31 9.87 12.50
C CYS B 61 4.32 8.88 11.92
N THR B 62 4.66 9.04 10.64
CA THR B 62 5.70 8.24 9.99
C THR B 62 6.34 8.95 8.79
N GLU B 63 7.63 8.71 8.56
CA GLU B 63 8.32 9.34 7.44
C GLU B 63 7.96 8.62 6.14
N ARG B 64 7.72 9.38 5.07
CA ARG B 64 7.40 8.86 3.75
C ARG B 64 8.05 9.71 2.67
ZN ZN C . -1.88 18.51 -0.59
ZN ZN D . -0.75 11.39 11.90
N ALA A 1 7.96 -16.78 -24.94
CA ALA A 1 6.80 -17.06 -24.07
C ALA A 1 6.34 -15.80 -23.36
N GLY A 2 5.12 -15.83 -22.80
CA GLY A 2 4.54 -14.70 -22.08
C GLY A 2 3.16 -15.04 -21.55
N HIS A 3 2.53 -14.07 -20.87
CA HIS A 3 1.20 -14.25 -20.28
C HIS A 3 0.48 -12.90 -20.19
N MET A 4 -0.85 -12.96 -20.04
CA MET A 4 -1.69 -11.78 -19.99
C MET A 4 -1.61 -11.06 -18.63
N ALA A 5 -0.91 -11.66 -17.66
CA ALA A 5 -0.83 -11.12 -16.31
C ALA A 5 0.12 -9.93 -16.20
N THR A 6 0.46 -9.32 -17.33
CA THR A 6 1.32 -8.13 -17.37
C THR A 6 0.43 -6.98 -16.89
N THR A 7 0.85 -6.29 -15.83
CA THR A 7 0.16 -5.12 -15.30
C THR A 7 1.12 -4.04 -14.82
N LYS A 8 0.94 -2.78 -15.25
CA LYS A 8 1.80 -1.69 -14.82
C LYS A 8 1.27 -1.06 -13.53
N ARG A 9 0.08 -1.46 -13.10
CA ARG A 9 -0.55 -0.97 -11.88
C ARG A 9 0.08 -1.63 -10.66
N VAL A 10 -0.52 -1.44 -9.48
CA VAL A 10 0.06 -1.90 -8.24
C VAL A 10 0.19 -3.42 -8.17
N LEU A 11 1.28 -3.91 -7.59
CA LEU A 11 1.48 -5.32 -7.36
C LEU A 11 1.81 -5.56 -5.89
N TYR A 12 1.45 -6.74 -5.41
CA TYR A 12 1.62 -7.15 -4.02
C TYR A 12 2.96 -7.76 -3.63
N VAL A 13 3.39 -7.53 -2.39
CA VAL A 13 4.63 -8.07 -1.84
C VAL A 13 4.40 -8.57 -0.41
N GLY A 14 5.04 -9.69 -0.05
CA GLY A 14 4.88 -10.28 1.27
C GLY A 14 6.10 -11.12 1.69
N GLY A 15 6.04 -11.68 2.90
CA GLY A 15 7.13 -12.47 3.45
C GLY A 15 8.28 -11.59 3.95
N LEU A 16 8.06 -10.27 3.99
CA LEU A 16 9.08 -9.31 4.37
C LEU A 16 9.36 -9.33 5.87
N ALA A 17 10.59 -8.97 6.25
CA ALA A 17 10.95 -8.76 7.64
C ALA A 17 10.56 -7.37 8.10
N GLU A 18 10.45 -7.15 9.41
CA GLU A 18 10.09 -5.87 9.97
C GLU A 18 11.16 -4.80 9.67
N GLU A 19 12.36 -5.24 9.30
CA GLU A 19 13.46 -4.35 8.97
C GLU A 19 13.32 -3.78 7.56
N VAL A 20 12.45 -4.38 6.73
CA VAL A 20 12.27 -3.95 5.35
C VAL A 20 11.58 -2.60 5.29
N ASP A 21 11.97 -1.79 4.31
CA ASP A 21 11.43 -0.46 4.05
C ASP A 21 11.44 -0.16 2.55
N ASP A 22 11.01 1.03 2.15
CA ASP A 22 10.87 1.37 0.75
C ASP A 22 12.17 1.32 -0.06
N LYS A 23 13.31 1.54 0.59
CA LYS A 23 14.60 1.53 -0.09
C LYS A 23 15.14 0.11 -0.24
N VAL A 24 14.76 -0.82 0.64
CA VAL A 24 15.15 -2.20 0.49
C VAL A 24 14.30 -2.80 -0.63
N LEU A 25 13.02 -2.44 -0.68
CA LEU A 25 12.14 -2.92 -1.74
C LEU A 25 12.57 -2.32 -3.07
N HIS A 26 12.94 -1.03 -3.09
CA HIS A 26 13.32 -0.41 -4.34
C HIS A 26 14.57 -1.06 -4.91
N ALA A 27 15.58 -1.32 -4.08
CA ALA A 27 16.82 -1.92 -4.55
C ALA A 27 16.61 -3.36 -5.02
N ALA A 28 15.58 -4.04 -4.51
CA ALA A 28 15.27 -5.40 -4.88
C ALA A 28 14.33 -5.48 -6.09
N PHE A 29 13.61 -4.39 -6.39
CA PHE A 29 12.64 -4.35 -7.48
C PHE A 29 13.03 -3.54 -8.71
N ILE A 30 14.09 -2.74 -8.62
CA ILE A 30 14.52 -1.87 -9.69
C ILE A 30 15.31 -2.56 -10.82
N PRO A 31 15.91 -3.76 -10.65
CA PRO A 31 16.77 -4.31 -11.69
C PRO A 31 15.97 -4.86 -12.86
N PHE A 32 14.65 -4.99 -12.71
CA PHE A 32 13.80 -5.53 -13.77
C PHE A 32 13.23 -4.39 -14.61
N GLY A 33 13.20 -3.16 -14.07
CA GLY A 33 12.65 -2.03 -14.79
C GLY A 33 12.37 -0.85 -13.85
N ASP A 34 11.97 0.28 -14.43
CA ASP A 34 11.74 1.50 -13.66
C ASP A 34 10.58 1.44 -12.67
N ILE A 35 10.84 1.93 -11.45
CA ILE A 35 9.85 2.04 -10.40
C ILE A 35 9.41 3.50 -10.28
N THR A 36 8.17 3.73 -9.84
CA THR A 36 7.66 5.09 -9.66
C THR A 36 6.99 5.32 -8.30
N ASP A 37 6.65 4.26 -7.59
CA ASP A 37 6.11 4.33 -6.22
C ASP A 37 6.29 3.08 -5.38
N ILE A 38 6.54 3.28 -4.08
CA ILE A 38 6.60 2.22 -3.08
C ILE A 38 6.16 2.81 -1.74
N GLN A 39 5.20 2.16 -1.09
CA GLN A 39 4.72 2.59 0.22
C GLN A 39 4.39 1.37 1.08
N ILE A 40 4.68 1.48 2.38
CA ILE A 40 4.46 0.39 3.33
C ILE A 40 3.57 0.86 4.47
N PRO A 41 2.43 0.18 4.72
CA PRO A 41 1.56 0.48 5.84
C PRO A 41 2.20 -0.02 7.13
N LEU A 42 1.89 0.60 8.27
CA LEU A 42 2.51 0.26 9.54
C LEU A 42 1.45 -0.03 10.60
N ASP A 43 1.82 -0.87 11.57
CA ASP A 43 0.99 -1.16 12.72
C ASP A 43 1.00 0.00 13.71
N TYR A 44 -0.18 0.50 14.11
CA TYR A 44 -0.25 1.70 14.93
C TYR A 44 0.42 1.71 16.30
N GLU A 45 0.77 0.54 16.85
CA GLU A 45 1.37 0.48 18.18
C GLU A 45 2.88 0.24 18.15
N THR A 46 3.41 -0.31 17.05
CA THR A 46 4.83 -0.64 16.94
C THR A 46 5.55 0.01 15.76
N GLU A 47 4.81 0.65 14.85
CA GLU A 47 5.35 1.29 13.65
C GLU A 47 6.12 0.32 12.74
N LYS A 48 5.82 -0.98 12.83
CA LYS A 48 6.38 -1.99 11.93
C LYS A 48 5.26 -2.56 11.07
N HIS A 49 5.61 -3.04 9.87
CA HIS A 49 4.64 -3.71 9.01
C HIS A 49 4.64 -5.20 9.34
N ARG A 50 3.53 -5.88 9.03
CA ARG A 50 3.36 -7.29 9.33
C ARG A 50 3.98 -8.19 8.25
N GLY A 51 4.94 -7.66 7.48
CA GLY A 51 5.61 -8.44 6.46
C GLY A 51 4.87 -8.41 5.13
N PHE A 52 4.26 -7.27 4.78
CA PHE A 52 3.47 -7.14 3.56
C PHE A 52 3.62 -5.66 3.16
N ALA A 53 3.60 -5.40 1.85
CA ALA A 53 3.81 -4.06 1.32
C ALA A 53 3.28 -3.95 -0.12
N PHE A 54 3.35 -2.75 -0.70
CA PHE A 54 2.91 -2.49 -2.06
C PHE A 54 3.92 -1.75 -2.95
N VAL A 55 3.94 -2.08 -4.24
CA VAL A 55 4.91 -1.56 -5.20
C VAL A 55 4.23 -1.18 -6.51
N GLU A 56 4.70 -0.10 -7.15
CA GLU A 56 4.14 0.43 -8.38
C GLU A 56 5.22 0.62 -9.43
N PHE A 57 5.02 -0.01 -10.59
CA PHE A 57 5.92 0.08 -11.74
C PHE A 57 5.55 1.10 -12.82
N GLU A 58 6.53 1.49 -13.63
CA GLU A 58 6.29 2.37 -14.77
C GLU A 58 5.95 1.56 -16.02
N LEU A 59 6.21 0.25 -16.01
CA LEU A 59 5.99 -0.63 -17.16
C LEU A 59 5.32 -1.93 -16.72
N ALA A 60 4.47 -2.49 -17.59
CA ALA A 60 3.74 -3.71 -17.30
C ALA A 60 4.58 -4.96 -17.52
N GLU A 61 5.57 -4.88 -18.42
CA GLU A 61 6.43 -6.02 -18.75
C GLU A 61 7.43 -6.26 -17.62
N ASP A 62 7.88 -5.17 -17.01
CA ASP A 62 8.87 -5.23 -15.94
C ASP A 62 8.25 -5.68 -14.62
N ALA A 63 6.96 -5.40 -14.42
CA ALA A 63 6.24 -5.88 -13.25
C ALA A 63 5.95 -7.36 -13.41
N ALA A 64 5.88 -7.85 -14.65
CA ALA A 64 5.68 -9.27 -14.91
C ALA A 64 6.98 -10.04 -14.66
N ALA A 65 8.12 -9.37 -14.81
CA ALA A 65 9.40 -9.98 -14.48
C ALA A 65 9.59 -10.04 -12.97
N ALA A 66 8.97 -9.12 -12.23
CA ALA A 66 9.07 -9.12 -10.78
C ALA A 66 8.33 -10.32 -10.19
N ILE A 67 7.10 -10.59 -10.64
CA ILE A 67 6.33 -11.73 -10.15
C ILE A 67 6.95 -13.04 -10.62
N ASP A 68 7.67 -13.03 -11.76
CA ASP A 68 8.30 -14.22 -12.29
C ASP A 68 9.67 -14.58 -11.71
N ASN A 69 10.31 -13.64 -10.99
CA ASN A 69 11.62 -13.90 -10.42
C ASN A 69 11.70 -13.61 -8.92
N MET A 70 10.98 -12.59 -8.42
CA MET A 70 11.08 -12.22 -7.00
C MET A 70 10.15 -13.03 -6.11
N ASN A 71 9.21 -13.79 -6.69
CA ASN A 71 8.28 -14.59 -5.91
C ASN A 71 9.00 -15.75 -5.21
N GLU A 72 10.24 -16.04 -5.62
CA GLU A 72 11.07 -17.08 -5.03
C GLU A 72 12.35 -16.48 -4.42
N SER A 73 12.45 -15.14 -4.41
CA SER A 73 13.61 -14.43 -3.89
C SER A 73 13.60 -14.43 -2.36
N GLU A 74 14.68 -13.90 -1.77
CA GLU A 74 14.91 -13.90 -0.34
C GLU A 74 15.43 -12.55 0.14
N LEU A 75 14.97 -12.12 1.32
CA LEU A 75 15.39 -10.86 1.93
C LEU A 75 15.49 -11.08 3.43
N PHE A 76 16.47 -10.43 4.09
CA PHE A 76 16.64 -10.54 5.53
C PHE A 76 16.78 -11.96 6.11
N GLY A 77 17.08 -12.94 5.26
CA GLY A 77 17.25 -14.33 5.70
C GLY A 77 15.97 -15.16 5.58
N ARG A 78 14.94 -14.66 4.88
CA ARG A 78 13.70 -15.39 4.68
C ARG A 78 13.12 -15.16 3.29
N THR A 79 12.39 -16.16 2.78
CA THR A 79 11.72 -16.08 1.48
C THR A 79 10.62 -15.03 1.39
N ILE A 80 10.44 -14.43 0.22
CA ILE A 80 9.43 -13.41 -0.01
C ILE A 80 8.41 -13.94 -1.02
N ARG A 81 7.33 -13.18 -1.22
CA ARG A 81 6.28 -13.52 -2.17
C ARG A 81 5.89 -12.27 -2.96
N VAL A 82 5.59 -12.46 -4.24
CA VAL A 82 5.20 -11.37 -5.14
C VAL A 82 4.10 -11.82 -6.11
N ASN A 83 3.11 -10.96 -6.35
CA ASN A 83 1.99 -11.27 -7.21
C ASN A 83 1.30 -9.97 -7.63
N LEU A 84 0.42 -10.02 -8.64
CA LEU A 84 -0.32 -8.85 -9.09
C LEU A 84 -1.31 -8.40 -8.01
N ALA A 85 -1.73 -7.14 -8.08
CA ALA A 85 -2.76 -6.62 -7.20
C ALA A 85 -3.76 -5.74 -7.97
N LYS A 86 -3.64 -5.70 -9.30
CA LYS A 86 -4.62 -5.03 -10.17
C LYS A 86 -5.98 -5.72 -10.13
N PRO A 87 -6.07 -7.06 -10.25
CA PRO A 87 -7.35 -7.76 -10.23
C PRO A 87 -8.06 -7.69 -8.86
N MET A 88 -7.50 -6.96 -7.90
CA MET A 88 -8.12 -6.75 -6.60
C MET A 88 -8.30 -5.26 -6.31
N ARG A 89 -8.26 -4.42 -7.36
CA ARG A 89 -8.48 -3.00 -7.24
C ARG A 89 -9.87 -2.73 -6.67
N ILE A 90 -9.96 -1.83 -5.69
CA ILE A 90 -11.20 -1.57 -4.97
C ILE A 90 -12.20 -0.83 -5.86
N LYS A 91 -13.49 -1.18 -5.72
CA LYS A 91 -14.57 -0.43 -6.35
C LYS A 91 -14.95 0.71 -5.41
N GLU A 92 -14.98 1.95 -5.91
CA GLU A 92 -15.27 3.11 -5.08
C GLU A 92 -16.74 3.15 -4.65
N GLY A 93 -17.60 2.40 -5.36
CA GLY A 93 -19.02 2.32 -5.03
C GLY A 93 -19.33 1.20 -4.05
N SER A 94 -18.35 0.34 -3.74
CA SER A 94 -18.54 -0.78 -2.83
C SER A 94 -18.59 -0.30 -1.37
N SER A 95 -19.14 -1.14 -0.48
CA SER A 95 -19.23 -0.83 0.93
C SER A 95 -17.83 -0.75 1.54
N ARG A 96 -17.03 -1.79 1.30
CA ARG A 96 -15.64 -1.88 1.75
C ARG A 96 -15.02 -3.11 1.07
N PRO A 97 -13.69 -3.26 1.15
CA PRO A 97 -12.97 -4.37 0.56
C PRO A 97 -13.26 -5.71 1.24
N VAL A 98 -14.26 -6.46 0.74
CA VAL A 98 -14.60 -7.78 1.26
C VAL A 98 -15.11 -8.68 0.14
N TRP A 99 -14.46 -8.66 -1.03
CA TRP A 99 -14.93 -9.44 -2.18
C TRP A 99 -13.80 -9.99 -3.06
N SER A 100 -12.55 -9.84 -2.61
CA SER A 100 -11.38 -10.15 -3.43
C SER A 100 -10.17 -10.46 -2.53
N ASP A 101 -8.98 -10.44 -3.12
CA ASP A 101 -7.76 -10.51 -2.34
C ASP A 101 -7.70 -9.46 -1.22
N ASP A 102 -8.51 -8.41 -1.34
CA ASP A 102 -8.65 -7.42 -0.29
C ASP A 102 -9.47 -7.94 0.89
N ASP A 103 -10.27 -8.98 0.65
CA ASP A 103 -11.03 -9.64 1.69
C ASP A 103 -10.02 -10.43 2.51
N TRP A 104 -8.99 -11.03 1.90
CA TRP A 104 -8.00 -11.69 2.75
C TRP A 104 -7.17 -10.65 3.50
N LEU A 105 -7.07 -9.40 3.03
CA LEU A 105 -6.43 -8.37 3.84
C LEU A 105 -7.23 -8.17 5.14
N LYS A 106 -8.56 -8.36 5.08
CA LYS A 106 -9.38 -8.30 6.30
C LYS A 106 -9.18 -9.56 7.14
N LYS A 107 -9.04 -10.73 6.50
CA LYS A 107 -8.74 -11.95 7.24
C LYS A 107 -7.39 -11.81 7.93
N PHE A 108 -6.47 -11.07 7.30
CA PHE A 108 -5.20 -10.69 7.88
C PHE A 108 -5.31 -9.82 9.13
N SER A 109 -6.34 -8.96 9.20
CA SER A 109 -6.60 -8.19 10.41
C SER A 109 -7.02 -9.12 11.54
N GLY A 110 -7.54 -10.30 11.18
CA GLY A 110 -7.92 -11.32 12.14
C GLY A 110 -9.43 -11.53 12.12
N LYS A 111 -9.96 -11.91 10.95
CA LYS A 111 -11.39 -12.14 10.72
C LYS A 111 -12.24 -11.02 11.32
N THR A 112 -11.78 -9.78 11.18
CA THR A 112 -12.44 -8.60 11.74
C THR A 112 -13.88 -8.38 11.27
N LEU A 113 -14.33 -9.16 10.28
CA LEU A 113 -15.71 -9.09 9.81
C LEU A 113 -16.68 -9.60 10.88
N GLU A 114 -16.17 -10.34 11.86
CA GLU A 114 -16.93 -10.85 12.98
C GLU A 114 -17.06 -9.80 14.09
N GLU A 115 -16.47 -8.62 13.89
CA GLU A 115 -16.47 -7.54 14.86
C GLU A 115 -17.01 -6.25 14.25
N ASN A 116 -17.63 -6.34 13.06
CA ASN A 116 -18.16 -5.20 12.34
C ASN A 116 -19.45 -5.57 11.61
N LYS A 117 -20.23 -4.56 11.23
CA LYS A 117 -21.50 -4.75 10.54
C LYS A 117 -21.28 -5.35 9.16
N ALA B 1 3.81 21.00 16.10
CA ALA B 1 3.48 19.93 15.15
C ALA B 1 3.31 20.48 13.74
N LYS B 2 3.40 19.61 12.73
CA LYS B 2 3.29 20.00 11.33
C LYS B 2 1.82 20.17 10.93
N GLY B 3 1.07 20.96 11.71
CA GLY B 3 -0.34 21.22 11.43
C GLY B 3 -1.19 19.98 11.63
N ASN B 4 -2.43 20.03 11.12
CA ASN B 4 -3.37 18.93 11.16
C ASN B 4 -4.04 18.76 9.80
N PHE B 5 -3.43 19.33 8.76
CA PHE B 5 -3.94 19.33 7.40
C PHE B 5 -2.76 18.89 6.53
N CYS B 6 -3.02 18.69 5.24
CA CYS B 6 -2.01 18.25 4.28
C CYS B 6 -0.85 19.24 4.24
N PRO B 7 0.35 18.83 4.66
CA PRO B 7 1.54 19.66 4.65
C PRO B 7 2.21 19.67 3.27
N LEU B 8 1.74 18.82 2.36
CA LEU B 8 2.35 18.68 1.04
C LEU B 8 1.88 19.75 0.06
N CYS B 9 0.86 20.52 0.43
CA CYS B 9 0.40 21.65 -0.38
C CYS B 9 -0.22 22.72 0.51
N ASP B 10 -0.49 23.90 -0.08
CA ASP B 10 -1.03 25.04 0.66
C ASP B 10 -2.56 25.12 0.70
N LYS B 11 -3.25 24.18 0.05
CA LYS B 11 -4.72 24.20 0.02
C LYS B 11 -5.28 23.70 1.35
N CYS B 12 -6.07 24.55 2.02
CA CYS B 12 -6.75 24.19 3.26
C CYS B 12 -7.97 23.32 2.93
N TYR B 13 -8.68 22.84 3.97
CA TYR B 13 -9.88 22.03 3.75
C TYR B 13 -10.80 22.93 2.92
N ASP B 14 -11.54 22.33 1.97
CA ASP B 14 -12.40 23.07 1.07
C ASP B 14 -13.50 22.12 0.57
N ASP B 15 -14.53 22.67 -0.07
CA ASP B 15 -15.65 21.89 -0.60
C ASP B 15 -15.26 20.91 -1.71
N ASP B 16 -14.13 21.13 -2.36
CA ASP B 16 -13.62 20.26 -3.42
C ASP B 16 -13.01 18.95 -2.91
N ASP B 17 -12.88 18.81 -1.58
CA ASP B 17 -12.17 17.69 -0.98
C ASP B 17 -12.73 16.30 -1.22
N TYR B 18 -13.95 16.19 -1.77
CA TYR B 18 -14.54 14.88 -2.07
C TYR B 18 -13.91 14.37 -3.37
N GLU B 19 -13.31 15.25 -4.17
CA GLU B 19 -12.55 14.86 -5.36
C GLU B 19 -11.07 14.73 -5.04
N SER B 20 -10.64 15.27 -3.90
CA SER B 20 -9.25 15.23 -3.47
C SER B 20 -8.91 13.91 -2.80
N LYS B 21 -9.89 13.00 -2.65
CA LYS B 21 -9.67 11.66 -2.13
C LYS B 21 -8.86 11.65 -0.83
N MET B 22 -9.32 12.38 0.18
CA MET B 22 -8.56 12.56 1.41
C MET B 22 -8.63 11.34 2.33
N MET B 23 -7.71 11.33 3.29
CA MET B 23 -7.53 10.29 4.29
C MET B 23 -7.06 10.91 5.60
N GLN B 24 -7.47 10.32 6.72
CA GLN B 24 -7.04 10.78 8.03
C GLN B 24 -6.07 9.77 8.63
N CYS B 25 -5.09 10.28 9.39
CA CYS B 25 -4.10 9.45 10.05
C CYS B 25 -4.73 8.69 11.23
N GLY B 26 -4.02 7.71 11.77
CA GLY B 26 -4.53 6.89 12.86
C GLY B 26 -4.10 7.39 14.24
N LYS B 27 -2.79 7.39 14.51
CA LYS B 27 -2.29 7.79 15.82
C LYS B 27 -2.25 9.31 15.98
N CYS B 28 -2.60 10.05 14.93
CA CYS B 28 -2.78 11.49 15.01
C CYS B 28 -3.99 11.87 14.14
N ASP B 29 -4.50 13.10 14.29
CA ASP B 29 -5.70 13.54 13.60
C ASP B 29 -5.45 14.25 12.27
N ARG B 30 -4.18 14.30 11.83
CA ARG B 30 -3.81 15.04 10.64
C ARG B 30 -4.46 14.46 9.40
N TRP B 31 -5.12 15.32 8.63
CA TRP B 31 -5.74 14.96 7.36
C TRP B 31 -4.76 15.17 6.21
N VAL B 32 -4.89 14.38 5.15
CA VAL B 32 -4.03 14.49 3.97
C VAL B 32 -4.79 14.26 2.67
N HIS B 33 -4.44 14.99 1.61
CA HIS B 33 -4.96 14.71 0.28
C HIS B 33 -4.13 13.57 -0.30
N SER B 34 -4.74 12.49 -0.75
CA SER B 34 -3.96 11.37 -1.27
C SER B 34 -3.35 11.72 -2.64
N LYS B 35 -3.85 12.79 -3.28
CA LYS B 35 -3.31 13.24 -4.55
C LYS B 35 -1.98 13.96 -4.36
N CYS B 36 -1.74 14.55 -3.18
CA CYS B 36 -0.47 15.18 -2.85
C CYS B 36 0.55 14.11 -2.44
N GLU B 37 0.05 12.97 -1.94
CA GLU B 37 0.86 11.79 -1.64
C GLU B 37 1.24 11.08 -2.95
N ASN B 38 0.85 11.67 -4.09
CA ASN B 38 1.06 11.16 -5.44
C ASN B 38 0.59 9.71 -5.62
N LEU B 39 -0.30 9.23 -4.75
CA LEU B 39 -0.82 7.87 -4.83
C LEU B 39 -1.88 7.78 -5.93
N SER B 40 -1.94 6.64 -6.62
CA SER B 40 -3.00 6.37 -7.58
C SER B 40 -4.29 6.12 -6.82
N ASP B 41 -5.45 6.21 -7.47
CA ASP B 41 -6.71 5.99 -6.78
C ASP B 41 -6.86 4.57 -6.22
N GLU B 42 -6.29 3.58 -6.90
CA GLU B 42 -6.31 2.20 -6.44
C GLU B 42 -5.42 2.05 -5.22
N MET B 43 -4.20 2.60 -5.29
CA MET B 43 -3.24 2.51 -4.21
C MET B 43 -3.82 3.18 -2.97
N TYR B 44 -4.38 4.38 -3.16
CA TYR B 44 -5.06 5.11 -2.11
C TYR B 44 -6.23 4.38 -1.46
N GLU B 45 -7.13 3.82 -2.26
CA GLU B 45 -8.29 3.13 -1.71
C GLU B 45 -7.85 1.91 -0.91
N ILE B 46 -6.78 1.22 -1.34
CA ILE B 46 -6.29 0.08 -0.57
C ILE B 46 -5.74 0.55 0.77
N LEU B 47 -4.73 1.43 0.77
CA LEU B 47 -4.09 1.82 2.03
C LEU B 47 -4.99 2.69 2.90
N SER B 48 -6.06 3.25 2.34
CA SER B 48 -7.04 4.00 3.12
C SER B 48 -8.08 3.04 3.73
N ASN B 49 -8.40 1.95 3.02
CA ASN B 49 -9.36 0.97 3.50
C ASN B 49 -8.70 -0.22 4.21
N LEU B 50 -7.36 -0.20 4.36
CA LEU B 50 -6.67 -1.18 5.20
C LEU B 50 -7.29 -1.22 6.60
N PRO B 51 -7.08 -2.31 7.35
CA PRO B 51 -7.59 -2.51 8.70
C PRO B 51 -7.25 -1.38 9.67
N GLU B 52 -7.91 -1.39 10.83
CA GLU B 52 -7.67 -0.38 11.86
C GLU B 52 -6.37 -0.65 12.63
N SER B 53 -5.85 -1.88 12.54
CA SER B 53 -4.62 -2.25 13.22
C SER B 53 -3.39 -1.73 12.46
N VAL B 54 -3.46 -1.82 11.13
CA VAL B 54 -2.36 -1.43 10.25
C VAL B 54 -2.83 -0.59 9.08
N ALA B 55 -2.11 0.51 8.81
CA ALA B 55 -2.45 1.44 7.75
C ALA B 55 -1.29 2.40 7.51
N TYR B 56 -1.34 3.14 6.41
CA TYR B 56 -0.30 4.12 6.10
C TYR B 56 -0.36 5.39 6.95
N THR B 57 0.72 5.67 7.67
CA THR B 57 0.80 6.78 8.61
C THR B 57 1.09 8.04 7.79
N CYS B 58 0.73 9.21 8.34
CA CYS B 58 1.00 10.48 7.70
C CYS B 58 2.50 10.78 7.65
N VAL B 59 2.86 11.89 6.98
CA VAL B 59 4.23 12.28 6.75
C VAL B 59 5.03 12.69 7.99
N ASN B 60 4.41 12.64 9.18
CA ASN B 60 5.09 13.04 10.40
C ASN B 60 5.02 11.96 11.49
N CYS B 61 4.16 10.95 11.31
CA CYS B 61 4.12 9.81 12.22
C CYS B 61 5.23 8.82 11.84
N THR B 62 5.86 9.01 10.68
CA THR B 62 6.98 8.21 10.21
C THR B 62 7.84 8.96 9.19
N GLU B 63 9.08 8.51 9.00
CA GLU B 63 9.96 9.11 8.00
C GLU B 63 9.50 8.71 6.60
N ARG B 64 9.63 9.63 5.63
CA ARG B 64 9.21 9.43 4.26
C ARG B 64 10.18 10.12 3.30
ZN ZN C . -2.63 18.65 -0.37
ZN ZN D . -0.03 11.05 11.78
N ALA A 1 7.57 -15.03 -18.61
CA ALA A 1 6.13 -14.71 -18.56
C ALA A 1 5.34 -15.83 -17.90
N GLY A 2 5.62 -16.08 -16.62
CA GLY A 2 4.91 -17.11 -15.85
C GLY A 2 3.66 -16.54 -15.18
N HIS A 3 3.49 -15.22 -15.27
CA HIS A 3 2.35 -14.52 -14.70
C HIS A 3 1.06 -14.84 -15.45
N MET A 4 -0.08 -14.54 -14.83
CA MET A 4 -1.38 -14.75 -15.46
C MET A 4 -1.72 -13.58 -16.38
N ALA A 5 -1.19 -12.39 -16.08
CA ALA A 5 -1.43 -11.18 -16.87
C ALA A 5 -0.52 -10.05 -16.43
N THR A 6 -0.27 -9.09 -17.32
CA THR A 6 0.42 -7.85 -16.97
C THR A 6 -0.53 -6.82 -16.37
N THR A 7 -0.02 -5.97 -15.47
CA THR A 7 -0.79 -4.89 -14.87
C THR A 7 -0.01 -3.58 -14.75
N LYS A 8 -0.71 -2.46 -14.95
CA LYS A 8 -0.12 -1.13 -14.93
C LYS A 8 -0.44 -0.42 -13.61
N ARG A 9 -0.67 -1.21 -12.56
CA ARG A 9 -1.06 -0.72 -11.24
C ARG A 9 -0.23 -1.39 -10.15
N VAL A 10 -0.63 -1.20 -8.89
CA VAL A 10 0.09 -1.71 -7.74
C VAL A 10 0.14 -3.23 -7.69
N LEU A 11 1.23 -3.78 -7.16
CA LEU A 11 1.39 -5.21 -6.98
C LEU A 11 1.76 -5.53 -5.53
N TYR A 12 1.39 -6.73 -5.10
CA TYR A 12 1.60 -7.20 -3.74
C TYR A 12 2.97 -7.81 -3.42
N VAL A 13 3.40 -7.63 -2.18
CA VAL A 13 4.65 -8.20 -1.67
C VAL A 13 4.42 -8.77 -0.27
N GLY A 14 5.06 -9.90 0.05
CA GLY A 14 4.89 -10.54 1.35
C GLY A 14 6.09 -11.38 1.74
N GLY A 15 6.05 -11.95 2.95
CA GLY A 15 7.14 -12.76 3.48
C GLY A 15 8.29 -11.89 4.00
N LEU A 16 8.07 -10.57 4.02
CA LEU A 16 9.07 -9.59 4.42
C LEU A 16 9.35 -9.63 5.92
N ALA A 17 10.57 -9.27 6.32
CA ALA A 17 10.91 -9.06 7.71
C ALA A 17 10.41 -7.68 8.13
N GLU A 18 10.15 -7.48 9.43
CA GLU A 18 9.66 -6.20 9.93
C GLU A 18 10.69 -5.10 9.71
N GLU A 19 11.96 -5.47 9.48
CA GLU A 19 13.03 -4.51 9.23
C GLU A 19 12.98 -3.95 7.81
N VAL A 20 12.22 -4.57 6.91
CA VAL A 20 12.11 -4.12 5.54
C VAL A 20 11.39 -2.78 5.49
N ASP A 21 11.89 -1.88 4.62
CA ASP A 21 11.39 -0.54 4.42
C ASP A 21 11.30 -0.18 2.94
N ASP A 22 10.72 0.98 2.61
CA ASP A 22 10.60 1.40 1.22
C ASP A 22 11.94 1.56 0.51
N LYS A 23 13.03 1.75 1.27
CA LYS A 23 14.37 1.86 0.72
C LYS A 23 14.94 0.48 0.40
N VAL A 24 14.51 -0.56 1.12
CA VAL A 24 14.98 -1.91 0.89
C VAL A 24 14.26 -2.48 -0.33
N LEU A 25 12.94 -2.27 -0.41
CA LEU A 25 12.17 -2.75 -1.54
C LEU A 25 12.52 -1.97 -2.81
N HIS A 26 12.92 -0.70 -2.69
CA HIS A 26 13.27 0.06 -3.88
C HIS A 26 14.55 -0.48 -4.50
N ALA A 27 15.55 -0.81 -3.68
CA ALA A 27 16.82 -1.31 -4.18
C ALA A 27 16.68 -2.73 -4.74
N ALA A 28 15.68 -3.49 -4.28
CA ALA A 28 15.46 -4.85 -4.72
C ALA A 28 14.56 -4.94 -5.95
N PHE A 29 13.63 -3.99 -6.11
CA PHE A 29 12.65 -4.00 -7.19
C PHE A 29 12.98 -3.15 -8.42
N ILE A 30 14.04 -2.34 -8.35
CA ILE A 30 14.40 -1.42 -9.41
C ILE A 30 15.15 -2.05 -10.60
N PRO A 31 15.78 -3.24 -10.50
CA PRO A 31 16.64 -3.72 -11.58
C PRO A 31 15.82 -4.23 -12.78
N PHE A 32 14.51 -4.39 -12.62
CA PHE A 32 13.66 -4.91 -13.70
C PHE A 32 13.10 -3.73 -14.51
N GLY A 33 13.13 -2.52 -13.94
CA GLY A 33 12.59 -1.35 -14.61
C GLY A 33 12.28 -0.23 -13.62
N ASP A 34 11.92 0.93 -14.14
CA ASP A 34 11.68 2.10 -13.31
C ASP A 34 10.51 1.97 -12.34
N ILE A 35 10.74 2.39 -11.09
CA ILE A 35 9.73 2.44 -10.05
C ILE A 35 9.32 3.89 -9.83
N THR A 36 8.08 4.11 -9.40
CA THR A 36 7.58 5.46 -9.14
C THR A 36 7.17 5.69 -7.68
N ASP A 37 6.83 4.63 -6.94
CA ASP A 37 6.57 4.76 -5.51
C ASP A 37 6.53 3.37 -4.87
N ILE A 38 6.71 3.36 -3.55
CA ILE A 38 6.60 2.18 -2.70
C ILE A 38 6.08 2.64 -1.35
N GLN A 39 5.13 1.90 -0.76
CA GLN A 39 4.57 2.26 0.53
C GLN A 39 4.35 1.02 1.39
N ILE A 40 4.60 1.17 2.70
CA ILE A 40 4.45 0.08 3.66
C ILE A 40 3.49 0.53 4.77
N PRO A 41 2.35 -0.14 4.95
CA PRO A 41 1.43 0.14 6.03
C PRO A 41 2.04 -0.35 7.34
N LEU A 42 1.80 0.38 8.44
CA LEU A 42 2.41 0.08 9.73
C LEU A 42 1.36 -0.21 10.80
N ASP A 43 1.74 -1.04 11.77
CA ASP A 43 0.90 -1.34 12.93
C ASP A 43 0.93 -0.18 13.91
N TYR A 44 -0.24 0.33 14.30
CA TYR A 44 -0.32 1.53 15.12
C TYR A 44 0.32 1.51 16.51
N GLU A 45 0.65 0.33 17.06
CA GLU A 45 1.24 0.26 18.38
C GLU A 45 2.75 -0.01 18.36
N THR A 46 3.28 -0.58 17.27
CA THR A 46 4.70 -0.93 17.18
C THR A 46 5.43 -0.31 15.99
N GLU A 47 4.71 0.35 15.08
CA GLU A 47 5.28 0.96 13.89
C GLU A 47 6.01 -0.03 12.99
N LYS A 48 5.59 -1.30 13.02
CA LYS A 48 6.14 -2.36 12.16
C LYS A 48 5.05 -2.91 11.26
N HIS A 49 5.44 -3.43 10.09
CA HIS A 49 4.51 -4.11 9.21
C HIS A 49 4.56 -5.60 9.50
N ARG A 50 3.47 -6.32 9.21
CA ARG A 50 3.36 -7.74 9.50
C ARG A 50 3.96 -8.62 8.41
N GLY A 51 4.89 -8.07 7.61
CA GLY A 51 5.55 -8.82 6.56
C GLY A 51 4.79 -8.78 5.25
N PHE A 52 4.22 -7.62 4.90
CA PHE A 52 3.41 -7.47 3.69
C PHE A 52 3.57 -6.00 3.32
N ALA A 53 3.54 -5.71 2.02
CA ALA A 53 3.76 -4.36 1.50
C ALA A 53 3.24 -4.23 0.07
N PHE A 54 3.35 -3.02 -0.49
CA PHE A 54 2.93 -2.72 -1.85
C PHE A 54 3.95 -1.94 -2.68
N VAL A 55 3.98 -2.15 -4.00
CA VAL A 55 4.94 -1.51 -4.88
C VAL A 55 4.24 -1.02 -6.14
N GLU A 56 4.61 0.18 -6.62
CA GLU A 56 4.00 0.79 -7.78
C GLU A 56 5.05 1.05 -8.87
N PHE A 57 4.91 0.35 -10.00
CA PHE A 57 5.79 0.50 -11.15
C PHE A 57 5.38 1.59 -12.15
N GLU A 58 6.36 2.12 -12.89
CA GLU A 58 6.11 3.09 -13.95
C GLU A 58 5.76 2.38 -15.27
N LEU A 59 6.04 1.08 -15.36
CA LEU A 59 5.78 0.29 -16.55
C LEU A 59 5.13 -1.05 -16.18
N ALA A 60 4.21 -1.53 -17.02
CA ALA A 60 3.49 -2.76 -16.75
C ALA A 60 4.31 -4.00 -17.10
N GLU A 61 5.25 -3.88 -18.03
CA GLU A 61 6.08 -5.00 -18.45
C GLU A 61 7.14 -5.29 -17.40
N ASP A 62 7.66 -4.24 -16.77
CA ASP A 62 8.66 -4.35 -15.74
C ASP A 62 8.04 -4.84 -14.43
N ALA A 63 6.75 -4.57 -14.23
CA ALA A 63 6.02 -5.10 -13.08
C ALA A 63 5.77 -6.60 -13.28
N ALA A 64 5.67 -7.04 -14.53
CA ALA A 64 5.47 -8.45 -14.85
C ALA A 64 6.78 -9.22 -14.65
N ALA A 65 7.92 -8.54 -14.76
CA ALA A 65 9.21 -9.14 -14.48
C ALA A 65 9.45 -9.23 -12.97
N ALA A 66 8.84 -8.33 -12.19
CA ALA A 66 8.98 -8.35 -10.75
C ALA A 66 8.26 -9.57 -10.17
N ILE A 67 7.04 -9.85 -10.62
CA ILE A 67 6.29 -11.00 -10.15
C ILE A 67 6.93 -12.30 -10.66
N ASP A 68 7.64 -12.24 -11.81
CA ASP A 68 8.33 -13.40 -12.34
C ASP A 68 9.69 -13.74 -11.73
N ASN A 69 10.31 -12.79 -11.01
CA ASN A 69 11.63 -13.02 -10.44
C ASN A 69 11.71 -12.76 -8.94
N MET A 70 11.02 -11.73 -8.43
CA MET A 70 11.11 -11.41 -7.01
C MET A 70 10.29 -12.37 -6.15
N ASN A 71 9.41 -13.15 -6.76
CA ASN A 71 8.61 -14.14 -6.04
C ASN A 71 9.51 -15.28 -5.53
N GLU A 72 10.74 -15.38 -6.05
CA GLU A 72 11.71 -16.37 -5.59
C GLU A 72 12.85 -15.69 -4.84
N SER A 73 12.80 -14.36 -4.69
CA SER A 73 13.85 -13.59 -4.05
C SER A 73 13.84 -13.79 -2.54
N GLU A 74 14.87 -13.26 -1.87
CA GLU A 74 15.09 -13.40 -0.44
C GLU A 74 15.52 -12.07 0.15
N LEU A 75 15.03 -11.76 1.36
CA LEU A 75 15.35 -10.52 2.06
C LEU A 75 15.46 -10.83 3.55
N PHE A 76 16.41 -10.19 4.22
CA PHE A 76 16.63 -10.38 5.65
C PHE A 76 16.85 -11.83 6.13
N GLY A 77 17.20 -12.72 5.20
CA GLY A 77 17.47 -14.12 5.52
C GLY A 77 16.27 -15.03 5.33
N ARG A 78 15.20 -14.55 4.68
CA ARG A 78 14.01 -15.36 4.42
C ARG A 78 13.40 -15.06 3.06
N THR A 79 12.73 -16.06 2.48
CA THR A 79 12.05 -15.94 1.20
C THR A 79 10.87 -14.97 1.19
N ILE A 80 10.62 -14.34 0.04
CA ILE A 80 9.53 -13.38 -0.11
C ILE A 80 8.57 -13.89 -1.18
N ARG A 81 7.38 -13.28 -1.25
CA ARG A 81 6.36 -13.59 -2.23
C ARG A 81 5.94 -12.31 -2.96
N VAL A 82 5.68 -12.43 -4.26
CA VAL A 82 5.24 -11.32 -5.10
C VAL A 82 4.21 -11.77 -6.12
N ASN A 83 3.13 -11.01 -6.29
CA ASN A 83 2.07 -11.34 -7.24
C ASN A 83 1.19 -10.11 -7.53
N LEU A 84 0.29 -10.22 -8.51
CA LEU A 84 -0.57 -9.12 -8.89
C LEU A 84 -1.49 -8.72 -7.72
N ALA A 85 -1.94 -7.46 -7.75
CA ALA A 85 -2.89 -6.94 -6.78
C ALA A 85 -3.83 -5.92 -7.45
N LYS A 86 -3.90 -5.94 -8.78
CA LYS A 86 -4.79 -5.06 -9.55
C LYS A 86 -6.22 -5.62 -9.67
N PRO A 87 -6.44 -6.94 -9.82
CA PRO A 87 -7.78 -7.51 -9.96
C PRO A 87 -8.54 -7.56 -8.63
N MET A 88 -8.27 -6.59 -7.74
CA MET A 88 -8.87 -6.55 -6.41
C MET A 88 -9.15 -5.11 -5.97
N ARG A 89 -9.48 -4.23 -6.92
CA ARG A 89 -9.81 -2.85 -6.61
C ARG A 89 -11.08 -2.78 -5.76
N ILE A 90 -11.10 -1.90 -4.77
CA ILE A 90 -12.24 -1.75 -3.87
C ILE A 90 -13.36 -0.97 -4.56
N LYS A 91 -14.61 -1.35 -4.29
CA LYS A 91 -15.76 -0.63 -4.83
C LYS A 91 -16.02 0.60 -3.99
N GLU A 92 -16.29 1.74 -4.64
CA GLU A 92 -16.51 3.01 -3.97
C GLU A 92 -17.97 3.17 -3.53
N GLY A 93 -18.78 2.11 -3.61
CA GLY A 93 -20.20 2.19 -3.29
C GLY A 93 -20.83 0.83 -3.02
N SER A 94 -20.03 -0.15 -2.56
CA SER A 94 -20.53 -1.49 -2.31
C SER A 94 -19.88 -2.07 -1.04
N SER A 95 -20.01 -1.33 0.06
CA SER A 95 -19.49 -1.71 1.37
C SER A 95 -17.97 -1.88 1.38
N ARG A 96 -17.42 -2.20 2.55
CA ARG A 96 -15.99 -2.40 2.75
C ARG A 96 -15.55 -3.69 2.04
N PRO A 97 -14.23 -3.93 1.90
CA PRO A 97 -13.69 -5.06 1.18
C PRO A 97 -14.04 -6.39 1.85
N VAL A 98 -14.85 -7.23 1.18
CA VAL A 98 -15.29 -8.52 1.71
C VAL A 98 -15.59 -9.52 0.60
N TRP A 99 -15.00 -9.38 -0.59
CA TRP A 99 -15.39 -10.19 -1.74
C TRP A 99 -14.22 -10.59 -2.65
N SER A 100 -12.98 -10.32 -2.26
CA SER A 100 -11.82 -10.50 -3.12
C SER A 100 -10.56 -10.70 -2.29
N ASP A 101 -9.39 -10.69 -2.93
CA ASP A 101 -8.14 -10.70 -2.21
C ASP A 101 -8.02 -9.58 -1.16
N ASP A 102 -8.87 -8.55 -1.28
CA ASP A 102 -8.96 -7.50 -0.29
C ASP A 102 -9.62 -8.01 1.00
N ASP A 103 -10.38 -9.09 0.89
CA ASP A 103 -11.00 -9.76 2.02
C ASP A 103 -9.93 -10.63 2.68
N TRP A 104 -8.95 -11.17 1.94
CA TRP A 104 -7.92 -11.92 2.65
C TRP A 104 -7.11 -10.92 3.50
N LEU A 105 -7.02 -9.66 3.10
CA LEU A 105 -6.39 -8.65 3.96
C LEU A 105 -7.21 -8.48 5.24
N LYS A 106 -8.55 -8.55 5.15
CA LYS A 106 -9.38 -8.53 6.35
C LYS A 106 -9.20 -9.80 7.18
N LYS A 107 -9.03 -10.95 6.54
CA LYS A 107 -8.78 -12.20 7.26
C LYS A 107 -7.41 -12.19 7.90
N PHE A 108 -6.46 -11.45 7.31
CA PHE A 108 -5.16 -11.21 7.90
C PHE A 108 -5.20 -10.56 9.29
N SER A 109 -5.98 -9.49 9.43
CA SER A 109 -6.14 -8.84 10.73
C SER A 109 -6.98 -9.68 11.68
N GLY A 110 -7.84 -10.56 11.15
CA GLY A 110 -8.68 -11.41 11.97
C GLY A 110 -7.92 -12.60 12.52
N LYS A 111 -6.96 -13.12 11.75
CA LYS A 111 -6.17 -14.29 12.12
C LYS A 111 -4.99 -13.93 13.02
N THR A 112 -4.48 -12.70 12.94
CA THR A 112 -3.32 -12.30 13.72
C THR A 112 -3.52 -12.25 15.23
N LEU A 113 -4.78 -12.32 15.70
CA LEU A 113 -5.10 -12.36 17.11
C LEU A 113 -5.28 -13.80 17.58
N GLU A 114 -5.45 -14.75 16.65
CA GLU A 114 -5.58 -16.16 17.00
C GLU A 114 -4.22 -16.78 17.29
N GLU A 115 -3.14 -16.13 16.82
CA GLU A 115 -1.78 -16.58 17.02
C GLU A 115 -1.20 -15.98 18.31
N ASN A 116 -2.06 -15.40 19.15
CA ASN A 116 -1.63 -14.74 20.38
C ASN A 116 -2.63 -15.00 21.51
N LYS A 117 -2.18 -14.81 22.75
CA LYS A 117 -2.95 -14.98 23.98
C LYS A 117 -3.71 -16.31 24.00
N ALA B 1 6.33 17.27 14.63
CA ALA B 1 5.09 17.30 13.83
C ALA B 1 5.31 18.07 12.53
N LYS B 2 4.29 18.12 11.69
CA LYS B 2 4.32 18.79 10.39
C LYS B 2 2.94 19.35 10.07
N GLY B 3 2.40 20.14 11.01
CA GLY B 3 1.07 20.72 10.88
C GLY B 3 -0.01 19.66 11.10
N ASN B 4 -1.25 19.98 10.72
CA ASN B 4 -2.39 19.09 10.87
C ASN B 4 -3.20 19.02 9.57
N PHE B 5 -2.53 19.29 8.43
CA PHE B 5 -3.15 19.35 7.12
C PHE B 5 -2.14 18.74 6.15
N CYS B 6 -2.56 18.52 4.90
CA CYS B 6 -1.71 17.93 3.87
C CYS B 6 -0.43 18.77 3.73
N PRO B 7 0.74 18.20 4.08
CA PRO B 7 2.01 18.90 4.01
C PRO B 7 2.59 18.86 2.59
N LEU B 8 1.96 18.08 1.70
CA LEU B 8 2.47 17.88 0.35
C LEU B 8 1.99 18.95 -0.63
N CYS B 9 1.07 19.83 -0.20
CA CYS B 9 0.68 20.98 -0.99
C CYS B 9 0.29 22.14 -0.08
N ASP B 10 0.46 23.37 -0.58
CA ASP B 10 0.24 24.57 0.22
C ASP B 10 -1.21 25.00 0.38
N LYS B 11 -2.14 24.38 -0.37
CA LYS B 11 -3.54 24.75 -0.32
C LYS B 11 -4.24 24.07 0.86
N CYS B 12 -5.08 24.81 1.57
CA CYS B 12 -5.84 24.32 2.71
C CYS B 12 -7.07 23.54 2.23
N TYR B 13 -7.88 23.03 3.16
CA TYR B 13 -9.12 22.35 2.81
C TYR B 13 -10.01 23.37 2.09
N ASP B 14 -10.87 22.88 1.20
CA ASP B 14 -11.72 23.71 0.36
C ASP B 14 -12.96 22.89 -0.04
N ASP B 15 -13.97 23.56 -0.58
CA ASP B 15 -15.20 22.91 -1.02
C ASP B 15 -15.00 21.95 -2.19
N ASP B 16 -13.90 22.12 -2.93
CA ASP B 16 -13.55 21.25 -4.04
C ASP B 16 -13.03 19.87 -3.63
N ASP B 17 -12.83 19.67 -2.32
CA ASP B 17 -12.23 18.47 -1.77
C ASP B 17 -12.94 17.15 -2.04
N TYR B 18 -14.14 17.17 -2.63
CA TYR B 18 -14.84 15.95 -2.96
C TYR B 18 -14.15 15.03 -3.98
N GLU B 19 -13.29 15.61 -4.83
CA GLU B 19 -12.46 14.85 -5.75
C GLU B 19 -11.03 14.68 -5.25
N SER B 20 -10.70 15.29 -4.11
CA SER B 20 -9.33 15.25 -3.58
C SER B 20 -9.02 13.93 -2.89
N LYS B 21 -10.03 13.07 -2.68
CA LYS B 21 -9.83 11.70 -2.22
C LYS B 21 -8.99 11.62 -0.95
N MET B 22 -9.38 12.36 0.08
CA MET B 22 -8.59 12.50 1.30
C MET B 22 -8.66 11.27 2.20
N MET B 23 -7.74 11.24 3.18
CA MET B 23 -7.58 10.18 4.15
C MET B 23 -7.02 10.79 5.44
N GLN B 24 -7.24 10.12 6.58
CA GLN B 24 -6.74 10.60 7.86
C GLN B 24 -5.79 9.58 8.48
N CYS B 25 -4.81 10.10 9.23
CA CYS B 25 -3.80 9.31 9.91
C CYS B 25 -4.41 8.59 11.12
N GLY B 26 -3.67 7.65 11.71
CA GLY B 26 -4.14 6.89 12.85
C GLY B 26 -3.36 7.14 14.14
N LYS B 27 -2.17 7.76 14.07
CA LYS B 27 -1.42 8.12 15.26
C LYS B 27 -1.44 9.62 15.49
N CYS B 28 -1.97 10.37 14.50
CA CYS B 28 -2.18 11.80 14.60
C CYS B 28 -3.45 12.17 13.82
N ASP B 29 -3.91 13.42 13.91
CA ASP B 29 -5.14 13.85 13.27
C ASP B 29 -4.94 14.49 11.90
N ARG B 30 -3.68 14.57 11.44
CA ARG B 30 -3.34 15.24 10.19
C ARG B 30 -3.97 14.52 9.00
N TRP B 31 -4.74 15.28 8.21
CA TRP B 31 -5.35 14.79 6.99
C TRP B 31 -4.41 14.95 5.81
N VAL B 32 -4.60 14.14 4.76
CA VAL B 32 -3.82 14.23 3.54
C VAL B 32 -4.68 13.98 2.30
N HIS B 33 -4.40 14.70 1.21
CA HIS B 33 -5.02 14.40 -0.07
C HIS B 33 -4.25 13.22 -0.66
N SER B 34 -4.93 12.15 -1.08
CA SER B 34 -4.21 11.00 -1.63
C SER B 34 -3.60 11.33 -2.98
N LYS B 35 -4.06 12.42 -3.62
CA LYS B 35 -3.52 12.84 -4.91
C LYS B 35 -2.15 13.49 -4.74
N CYS B 36 -1.86 14.09 -3.58
CA CYS B 36 -0.55 14.66 -3.28
C CYS B 36 0.39 13.53 -2.86
N GLU B 37 -0.17 12.47 -2.30
CA GLU B 37 0.55 11.26 -1.93
C GLU B 37 0.89 10.43 -3.18
N ASN B 38 0.64 11.00 -4.37
CA ASN B 38 0.87 10.39 -5.68
C ASN B 38 0.23 9.01 -5.84
N LEU B 39 -0.72 8.66 -4.96
CA LEU B 39 -1.36 7.36 -4.99
C LEU B 39 -2.40 7.26 -6.09
N SER B 40 -2.47 6.09 -6.74
CA SER B 40 -3.55 5.78 -7.66
C SER B 40 -4.80 5.52 -6.84
N ASP B 41 -5.99 5.75 -7.40
CA ASP B 41 -7.22 5.61 -6.66
C ASP B 41 -7.43 4.22 -6.08
N GLU B 42 -6.92 3.20 -6.79
CA GLU B 42 -7.05 1.82 -6.35
C GLU B 42 -6.14 1.55 -5.15
N MET B 43 -4.86 1.92 -5.25
CA MET B 43 -3.91 1.69 -4.18
C MET B 43 -4.34 2.49 -2.95
N TYR B 44 -4.87 3.69 -3.19
CA TYR B 44 -5.46 4.52 -2.15
C TYR B 44 -6.62 3.88 -1.41
N GLU B 45 -7.59 3.32 -2.15
CA GLU B 45 -8.71 2.64 -1.51
C GLU B 45 -8.23 1.43 -0.71
N ILE B 46 -7.20 0.72 -1.17
CA ILE B 46 -6.70 -0.41 -0.41
C ILE B 46 -6.08 0.05 0.92
N LEU B 47 -5.08 0.93 0.87
CA LEU B 47 -4.42 1.35 2.10
C LEU B 47 -5.32 2.22 2.97
N SER B 48 -6.42 2.76 2.42
CA SER B 48 -7.39 3.49 3.20
C SER B 48 -8.36 2.53 3.89
N ASN B 49 -8.67 1.40 3.24
CA ASN B 49 -9.56 0.39 3.82
C ASN B 49 -8.81 -0.75 4.53
N LEU B 50 -7.47 -0.68 4.60
CA LEU B 50 -6.72 -1.62 5.44
C LEU B 50 -7.30 -1.65 6.86
N PRO B 51 -7.05 -2.73 7.60
CA PRO B 51 -7.56 -2.95 8.95
C PRO B 51 -7.25 -1.82 9.92
N GLU B 52 -7.94 -1.83 11.07
CA GLU B 52 -7.75 -0.81 12.10
C GLU B 52 -6.42 -1.02 12.84
N SER B 53 -5.85 -2.23 12.77
CA SER B 53 -4.59 -2.53 13.44
C SER B 53 -3.40 -1.99 12.65
N VAL B 54 -3.45 -2.12 11.32
CA VAL B 54 -2.37 -1.72 10.43
C VAL B 54 -2.87 -0.90 9.25
N ALA B 55 -2.18 0.21 8.96
CA ALA B 55 -2.56 1.09 7.88
C ALA B 55 -1.42 2.06 7.55
N TYR B 56 -1.51 2.76 6.42
CA TYR B 56 -0.50 3.72 6.04
C TYR B 56 -0.54 5.04 6.82
N THR B 57 0.56 5.38 7.48
CA THR B 57 0.67 6.56 8.34
C THR B 57 0.94 7.74 7.41
N CYS B 58 0.55 8.95 7.86
CA CYS B 58 0.80 10.16 7.11
C CYS B 58 2.30 10.53 7.13
N VAL B 59 2.65 11.63 6.47
CA VAL B 59 4.03 12.13 6.46
C VAL B 59 4.50 12.47 7.87
N ASN B 60 5.81 12.39 8.10
CA ASN B 60 6.45 12.62 9.40
C ASN B 60 6.07 11.61 10.48
N CYS B 61 4.95 10.89 10.33
CA CYS B 61 4.63 9.77 11.21
C CYS B 61 5.45 8.56 10.82
N THR B 62 6.05 8.61 9.63
CA THR B 62 7.01 7.63 9.13
C THR B 62 7.89 8.22 8.03
N GLU B 63 9.03 7.59 7.72
CA GLU B 63 9.91 8.08 6.68
C GLU B 63 9.29 7.85 5.30
N ARG B 64 9.54 8.79 4.38
CA ARG B 64 9.01 8.76 3.02
C ARG B 64 9.99 9.43 2.06
ZN ZN C . -2.58 18.19 -0.77
ZN ZN D . 0.24 11.29 11.12
N ALA A 1 8.60 -19.80 -14.93
CA ALA A 1 7.73 -18.84 -14.21
C ALA A 1 6.48 -18.52 -15.03
N GLY A 2 5.49 -17.88 -14.40
CA GLY A 2 4.25 -17.51 -15.07
C GLY A 2 3.33 -16.76 -14.11
N HIS A 3 2.19 -16.29 -14.62
CA HIS A 3 1.22 -15.52 -13.84
C HIS A 3 -0.19 -15.73 -14.36
N MET A 4 -1.19 -15.36 -13.56
CA MET A 4 -2.60 -15.54 -13.92
C MET A 4 -3.05 -14.49 -14.93
N ALA A 5 -2.47 -13.29 -14.88
CA ALA A 5 -2.81 -12.20 -15.77
C ALA A 5 -1.79 -11.07 -15.67
N THR A 6 -1.65 -10.28 -16.73
CA THR A 6 -0.77 -9.11 -16.73
C THR A 6 -1.39 -7.85 -16.15
N THR A 7 -0.56 -7.02 -15.51
CA THR A 7 -0.96 -5.73 -14.95
C THR A 7 0.01 -4.61 -15.25
N LYS A 8 -0.38 -3.36 -14.99
CA LYS A 8 0.41 -2.22 -15.44
C LYS A 8 0.63 -1.13 -14.39
N ARG A 9 0.29 -1.36 -13.11
CA ARG A 9 0.52 -0.29 -12.13
C ARG A 9 0.66 -0.77 -10.69
N VAL A 10 0.15 -1.95 -10.32
CA VAL A 10 0.19 -2.40 -8.93
C VAL A 10 0.46 -3.90 -8.77
N LEU A 11 1.29 -4.25 -7.78
CA LEU A 11 1.56 -5.63 -7.43
C LEU A 11 1.80 -5.76 -5.93
N TYR A 12 1.53 -6.97 -5.41
CA TYR A 12 1.68 -7.31 -4.00
C TYR A 12 3.02 -7.92 -3.60
N VAL A 13 3.43 -7.70 -2.34
CA VAL A 13 4.66 -8.25 -1.79
C VAL A 13 4.42 -8.79 -0.39
N GLY A 14 5.07 -9.90 -0.03
CA GLY A 14 4.89 -10.53 1.26
C GLY A 14 6.12 -11.34 1.69
N GLY A 15 6.07 -11.89 2.91
CA GLY A 15 7.16 -12.67 3.47
C GLY A 15 8.28 -11.77 3.99
N LEU A 16 8.04 -10.46 4.03
CA LEU A 16 9.04 -9.48 4.43
C LEU A 16 9.32 -9.51 5.93
N ALA A 17 10.54 -9.15 6.33
CA ALA A 17 10.91 -8.98 7.72
C ALA A 17 10.52 -7.57 8.20
N GLU A 18 10.43 -7.38 9.52
CA GLU A 18 10.08 -6.09 10.09
C GLU A 18 11.13 -5.02 9.77
N GLU A 19 12.33 -5.45 9.37
CA GLU A 19 13.41 -4.55 9.00
C GLU A 19 13.23 -3.96 7.60
N VAL A 20 12.34 -4.56 6.79
CA VAL A 20 12.11 -4.10 5.43
C VAL A 20 11.34 -2.78 5.41
N ASP A 21 11.68 -1.93 4.45
CA ASP A 21 11.14 -0.60 4.22
C ASP A 21 11.09 -0.25 2.74
N ASP A 22 10.49 0.89 2.38
CA ASP A 22 10.41 1.28 0.98
C ASP A 22 11.78 1.46 0.32
N LYS A 23 12.81 1.72 1.13
CA LYS A 23 14.18 1.87 0.65
C LYS A 23 14.77 0.50 0.31
N VAL A 24 14.34 -0.55 1.01
CA VAL A 24 14.80 -1.92 0.75
C VAL A 24 14.07 -2.48 -0.46
N LEU A 25 12.75 -2.23 -0.55
CA LEU A 25 11.95 -2.70 -1.66
C LEU A 25 12.30 -1.94 -2.94
N HIS A 26 12.71 -0.67 -2.84
CA HIS A 26 13.09 0.07 -4.02
C HIS A 26 14.37 -0.49 -4.61
N ALA A 27 15.37 -0.77 -3.76
CA ALA A 27 16.65 -1.27 -4.24
C ALA A 27 16.52 -2.70 -4.78
N ALA A 28 15.53 -3.46 -4.29
CA ALA A 28 15.34 -4.85 -4.71
C ALA A 28 14.44 -4.98 -5.94
N PHE A 29 13.55 -4.00 -6.17
CA PHE A 29 12.59 -4.06 -7.26
C PHE A 29 12.90 -3.21 -8.49
N ILE A 30 13.92 -2.34 -8.39
CA ILE A 30 14.29 -1.43 -9.46
C ILE A 30 15.08 -2.07 -10.61
N PRO A 31 15.75 -3.23 -10.47
CA PRO A 31 16.63 -3.72 -11.52
C PRO A 31 15.87 -4.30 -12.71
N PHE A 32 14.55 -4.49 -12.58
CA PHE A 32 13.74 -5.06 -13.65
C PHE A 32 13.15 -3.92 -14.48
N GLY A 33 13.10 -2.70 -13.93
CA GLY A 33 12.55 -1.56 -14.64
C GLY A 33 12.19 -0.42 -13.68
N ASP A 34 11.77 0.71 -14.25
CA ASP A 34 11.47 1.90 -13.47
C ASP A 34 10.29 1.76 -12.50
N ILE A 35 10.50 2.23 -11.26
CA ILE A 35 9.49 2.28 -10.23
C ILE A 35 9.13 3.75 -9.97
N THR A 36 7.89 4.00 -9.54
CA THR A 36 7.43 5.35 -9.28
C THR A 36 6.78 5.55 -7.91
N ASP A 37 6.44 4.47 -7.21
CA ASP A 37 5.93 4.57 -5.85
C ASP A 37 6.05 3.23 -5.14
N ILE A 38 6.22 3.28 -3.81
CA ILE A 38 6.26 2.12 -2.93
C ILE A 38 5.70 2.56 -1.58
N GLN A 39 4.77 1.79 -1.01
CA GLN A 39 4.14 2.14 0.25
C GLN A 39 3.91 0.91 1.10
N ILE A 40 4.27 1.00 2.38
CA ILE A 40 4.08 -0.07 3.35
C ILE A 40 3.27 0.44 4.54
N PRO A 41 2.11 -0.16 4.84
CA PRO A 41 1.30 0.20 5.99
C PRO A 41 1.95 -0.31 7.27
N LEU A 42 1.62 0.26 8.42
CA LEU A 42 2.25 -0.11 9.69
C LEU A 42 1.21 -0.44 10.76
N ASP A 43 1.59 -1.36 11.65
CA ASP A 43 0.77 -1.76 12.78
C ASP A 43 0.83 -0.69 13.87
N TYR A 44 -0.33 -0.22 14.33
CA TYR A 44 -0.38 0.90 15.25
C TYR A 44 0.30 0.79 16.61
N GLU A 45 0.64 -0.42 17.06
CA GLU A 45 1.25 -0.60 18.37
C GLU A 45 2.77 -0.78 18.30
N THR A 46 3.31 -1.23 17.17
CA THR A 46 4.74 -1.47 17.02
C THR A 46 5.39 -0.71 15.86
N GLU A 47 4.58 -0.03 15.04
CA GLU A 47 5.06 0.69 13.87
C GLU A 47 5.84 -0.19 12.89
N LYS A 48 5.59 -1.50 12.91
CA LYS A 48 6.15 -2.44 11.94
C LYS A 48 5.05 -2.93 11.04
N HIS A 49 5.40 -3.35 9.82
CA HIS A 49 4.45 -4.03 8.95
C HIS A 49 4.47 -5.52 9.30
N ARG A 50 3.37 -6.22 9.01
CA ARG A 50 3.23 -7.62 9.36
C ARG A 50 3.86 -8.54 8.29
N GLY A 51 4.80 -8.02 7.52
CA GLY A 51 5.47 -8.80 6.49
C GLY A 51 4.73 -8.77 5.16
N PHE A 52 4.14 -7.62 4.80
CA PHE A 52 3.35 -7.50 3.58
C PHE A 52 3.49 -6.03 3.18
N ALA A 53 3.45 -5.76 1.87
CA ALA A 53 3.67 -4.42 1.33
C ALA A 53 3.14 -4.30 -0.10
N PHE A 54 3.23 -3.09 -0.66
CA PHE A 54 2.82 -2.80 -2.03
C PHE A 54 3.87 -2.06 -2.86
N VAL A 55 3.86 -2.28 -4.18
CA VAL A 55 4.82 -1.68 -5.10
C VAL A 55 4.09 -1.22 -6.36
N GLU A 56 4.52 -0.09 -6.93
CA GLU A 56 3.90 0.50 -8.11
C GLU A 56 4.92 0.83 -9.18
N PHE A 57 4.85 0.10 -10.31
CA PHE A 57 5.72 0.25 -11.46
C PHE A 57 5.30 1.29 -12.49
N GLU A 58 6.28 1.78 -13.27
CA GLU A 58 6.02 2.71 -14.36
C GLU A 58 5.72 1.97 -15.66
N LEU A 59 6.03 0.66 -15.72
CA LEU A 59 5.82 -0.15 -16.91
C LEU A 59 5.17 -1.49 -16.54
N ALA A 60 4.36 -2.03 -17.46
CA ALA A 60 3.65 -3.28 -17.25
C ALA A 60 4.54 -4.51 -17.45
N GLU A 61 5.52 -4.41 -18.34
CA GLU A 61 6.39 -5.54 -18.66
C GLU A 61 7.39 -5.78 -17.53
N ASP A 62 7.77 -4.72 -16.83
CA ASP A 62 8.74 -4.81 -15.75
C ASP A 62 8.06 -5.26 -14.46
N ALA A 63 6.75 -5.01 -14.34
CA ALA A 63 5.98 -5.50 -13.22
C ALA A 63 5.74 -7.00 -13.38
N ALA A 64 5.67 -7.48 -14.63
CA ALA A 64 5.52 -8.89 -14.90
C ALA A 64 6.84 -9.62 -14.64
N ALA A 65 7.97 -8.92 -14.77
CA ALA A 65 9.27 -9.50 -14.45
C ALA A 65 9.47 -9.59 -12.94
N ALA A 66 8.80 -8.73 -12.17
CA ALA A 66 8.91 -8.76 -10.72
C ALA A 66 8.19 -10.00 -10.16
N ILE A 67 6.95 -10.26 -10.57
CA ILE A 67 6.22 -11.43 -10.11
C ILE A 67 6.89 -12.71 -10.62
N ASP A 68 7.61 -12.63 -11.75
CA ASP A 68 8.30 -13.78 -12.31
C ASP A 68 9.66 -14.12 -11.70
N ASN A 69 10.30 -13.18 -11.00
CA ASN A 69 11.63 -13.43 -10.43
C ASN A 69 11.73 -13.15 -8.94
N MET A 70 11.04 -12.11 -8.44
CA MET A 70 11.14 -11.75 -7.03
C MET A 70 10.33 -12.68 -6.14
N ASN A 71 9.45 -13.50 -6.71
CA ASN A 71 8.67 -14.47 -5.95
C ASN A 71 9.57 -15.60 -5.43
N GLU A 72 10.79 -15.70 -5.98
CA GLU A 72 11.78 -16.67 -5.53
C GLU A 72 12.93 -15.97 -4.81
N SER A 73 12.88 -14.64 -4.71
CA SER A 73 13.95 -13.85 -4.11
C SER A 73 13.94 -13.98 -2.59
N GLU A 74 14.97 -13.40 -1.96
CA GLU A 74 15.20 -13.50 -0.52
C GLU A 74 15.66 -12.15 0.03
N LEU A 75 15.19 -11.80 1.24
CA LEU A 75 15.53 -10.56 1.90
C LEU A 75 15.68 -10.82 3.39
N PHE A 76 16.64 -10.15 4.03
CA PHE A 76 16.88 -10.32 5.46
C PHE A 76 17.12 -11.75 5.96
N GLY A 77 17.44 -12.67 5.05
CA GLY A 77 17.71 -14.05 5.41
C GLY A 77 16.47 -14.96 5.29
N ARG A 78 15.40 -14.49 4.63
CA ARG A 78 14.19 -15.27 4.44
C ARG A 78 13.54 -15.01 3.08
N THR A 79 12.84 -16.02 2.58
CA THR A 79 12.14 -15.94 1.31
C THR A 79 10.98 -14.96 1.28
N ILE A 80 10.70 -14.37 0.12
CA ILE A 80 9.63 -13.42 -0.06
C ILE A 80 8.64 -13.94 -1.10
N ARG A 81 7.47 -13.28 -1.21
CA ARG A 81 6.43 -13.64 -2.15
C ARG A 81 5.99 -12.40 -2.93
N VAL A 82 5.71 -12.57 -4.23
CA VAL A 82 5.26 -11.49 -5.10
C VAL A 82 4.18 -11.96 -6.05
N ASN A 83 3.17 -11.13 -6.28
CA ASN A 83 2.02 -11.46 -7.11
C ASN A 83 1.30 -10.19 -7.54
N LEU A 84 0.30 -10.30 -8.44
CA LEU A 84 -0.47 -9.16 -8.88
C LEU A 84 -1.33 -8.61 -7.75
N ALA A 85 -1.75 -7.34 -7.89
CA ALA A 85 -2.64 -6.70 -6.94
C ALA A 85 -3.47 -5.59 -7.63
N LYS A 86 -3.60 -5.66 -8.96
CA LYS A 86 -4.36 -4.69 -9.73
C LYS A 86 -5.83 -5.08 -9.96
N PRO A 87 -6.19 -6.37 -10.07
CA PRO A 87 -7.57 -6.78 -10.33
C PRO A 87 -8.42 -6.79 -9.05
N MET A 88 -8.20 -5.83 -8.14
CA MET A 88 -8.84 -5.82 -6.84
C MET A 88 -9.16 -4.41 -6.37
N ARG A 89 -9.44 -3.47 -7.29
CA ARG A 89 -9.74 -2.10 -6.89
C ARG A 89 -11.04 -2.02 -6.10
N ILE A 90 -11.07 -1.15 -5.08
CA ILE A 90 -12.21 -0.98 -4.21
C ILE A 90 -13.30 -0.15 -4.89
N LYS A 91 -14.57 -0.45 -4.61
CA LYS A 91 -15.69 0.29 -5.16
C LYS A 91 -15.97 1.52 -4.31
N GLU A 92 -16.36 2.63 -4.95
CA GLU A 92 -16.70 3.87 -4.24
C GLU A 92 -18.20 3.97 -3.98
N GLY A 93 -18.99 3.05 -4.53
CA GLY A 93 -20.45 3.08 -4.44
C GLY A 93 -21.04 1.83 -3.80
N SER A 94 -20.21 1.04 -3.10
CA SER A 94 -20.63 -0.21 -2.50
C SER A 94 -19.98 -0.42 -1.14
N SER A 95 -20.22 -1.59 -0.52
CA SER A 95 -19.73 -1.93 0.81
C SER A 95 -18.20 -1.94 0.86
N ARG A 96 -17.66 -2.00 2.08
CA ARG A 96 -16.23 -2.08 2.32
C ARG A 96 -15.67 -3.35 1.68
N PRO A 97 -14.35 -3.48 1.57
CA PRO A 97 -13.71 -4.59 0.89
C PRO A 97 -14.00 -5.93 1.56
N VAL A 98 -14.83 -6.76 0.94
CA VAL A 98 -15.22 -8.08 1.45
C VAL A 98 -15.48 -9.07 0.32
N TRP A 99 -14.88 -8.88 -0.86
CA TRP A 99 -15.21 -9.68 -2.03
C TRP A 99 -13.99 -10.04 -2.90
N SER A 100 -12.78 -9.79 -2.41
CA SER A 100 -11.57 -9.93 -3.23
C SER A 100 -10.35 -10.18 -2.36
N ASP A 101 -9.15 -10.12 -2.95
CA ASP A 101 -7.92 -10.19 -2.19
C ASP A 101 -7.86 -9.21 -1.03
N ASP A 102 -8.68 -8.16 -1.09
CA ASP A 102 -8.82 -7.20 -0.01
C ASP A 102 -9.62 -7.73 1.17
N ASP A 103 -10.45 -8.75 0.94
CA ASP A 103 -11.21 -9.42 1.96
C ASP A 103 -10.24 -10.27 2.77
N TRP A 104 -9.28 -10.92 2.12
CA TRP A 104 -8.33 -11.68 2.92
C TRP A 104 -7.39 -10.74 3.66
N LEU A 105 -7.21 -9.49 3.21
CA LEU A 105 -6.46 -8.52 4.00
C LEU A 105 -7.19 -8.29 5.33
N LYS A 106 -8.53 -8.35 5.33
CA LYS A 106 -9.28 -8.24 6.58
C LYS A 106 -9.11 -9.51 7.42
N LYS A 107 -9.09 -10.69 6.78
CA LYS A 107 -8.90 -11.94 7.51
C LYS A 107 -7.50 -11.97 8.12
N PHE A 108 -6.54 -11.36 7.42
CA PHE A 108 -5.18 -11.17 7.90
C PHE A 108 -5.07 -10.43 9.23
N SER A 109 -5.80 -9.31 9.38
CA SER A 109 -5.82 -8.58 10.63
C SER A 109 -6.53 -9.40 11.71
N GLY A 110 -7.30 -10.42 11.29
CA GLY A 110 -7.90 -11.38 12.20
C GLY A 110 -9.41 -11.33 12.18
N LYS A 111 -10.03 -11.94 11.16
CA LYS A 111 -11.48 -12.02 11.03
C LYS A 111 -12.12 -10.63 11.08
N THR A 112 -11.33 -9.60 10.73
CA THR A 112 -11.70 -8.20 10.86
C THR A 112 -12.81 -7.68 9.94
N LEU A 113 -13.46 -6.58 10.35
CA LEU A 113 -14.48 -5.85 9.62
C LEU A 113 -15.74 -6.69 9.28
N GLU A 114 -15.74 -8.00 9.54
CA GLU A 114 -16.93 -8.82 9.32
C GLU A 114 -17.88 -8.72 10.50
N GLU A 115 -17.42 -8.17 11.63
CA GLU A 115 -18.26 -7.95 12.79
C GLU A 115 -18.99 -6.61 12.69
N ASN A 116 -18.60 -5.77 11.72
CA ASN A 116 -19.22 -4.48 11.51
C ASN A 116 -20.55 -4.62 10.75
N LYS A 117 -21.39 -3.58 10.82
CA LYS A 117 -22.67 -3.54 10.12
C LYS A 117 -22.47 -3.55 8.61
N ALA B 1 4.07 21.97 15.56
CA ALA B 1 3.32 21.00 14.73
C ALA B 1 3.43 21.38 13.25
N LYS B 2 3.31 20.39 12.37
CA LYS B 2 3.40 20.58 10.92
C LYS B 2 2.06 21.06 10.35
N GLY B 3 1.06 21.25 11.21
CA GLY B 3 -0.28 21.67 10.81
C GLY B 3 -1.22 20.47 10.68
N ASN B 4 -2.54 20.73 10.75
CA ASN B 4 -3.54 19.68 10.69
C ASN B 4 -4.02 19.43 9.25
N PHE B 5 -3.32 19.98 8.27
CA PHE B 5 -3.72 19.93 6.87
C PHE B 5 -2.54 19.38 6.08
N CYS B 6 -2.79 19.05 4.80
CA CYS B 6 -1.80 18.50 3.89
C CYS B 6 -0.61 19.46 3.75
N PRO B 7 0.58 19.05 4.21
CA PRO B 7 1.79 19.84 4.10
C PRO B 7 2.46 19.65 2.74
N LEU B 8 1.95 18.74 1.90
CA LEU B 8 2.54 18.45 0.60
C LEU B 8 2.13 19.52 -0.43
N CYS B 9 1.15 20.36 -0.10
CA CYS B 9 0.73 21.44 -0.99
C CYS B 9 0.19 22.63 -0.19
N ASP B 10 0.03 23.76 -0.86
CA ASP B 10 -0.47 24.98 -0.22
C ASP B 10 -1.99 25.09 -0.12
N LYS B 11 -2.71 24.12 -0.67
CA LYS B 11 -4.17 24.12 -0.67
C LYS B 11 -4.71 23.71 0.71
N CYS B 12 -5.69 24.45 1.21
CA CYS B 12 -6.34 24.18 2.49
C CYS B 12 -7.59 23.32 2.25
N TYR B 13 -8.35 23.02 3.29
CA TYR B 13 -9.57 22.22 3.18
C TYR B 13 -10.51 23.05 2.30
N ASP B 14 -11.28 22.37 1.45
CA ASP B 14 -12.25 22.96 0.53
C ASP B 14 -13.45 22.05 0.26
N ASP B 15 -14.52 22.62 -0.31
CA ASP B 15 -15.70 21.82 -0.68
C ASP B 15 -15.38 20.80 -1.76
N ASP B 16 -14.30 21.02 -2.51
CA ASP B 16 -13.82 20.11 -3.55
C ASP B 16 -13.12 18.85 -3.04
N ASP B 17 -12.90 18.78 -1.71
CA ASP B 17 -12.13 17.71 -1.10
C ASP B 17 -12.60 16.28 -1.37
N TYR B 18 -13.83 16.12 -1.86
CA TYR B 18 -14.32 14.80 -2.24
C TYR B 18 -13.70 14.21 -3.51
N GLU B 19 -13.12 15.07 -4.34
CA GLU B 19 -12.40 14.66 -5.53
C GLU B 19 -10.89 14.61 -5.24
N SER B 20 -10.47 15.35 -4.21
CA SER B 20 -9.09 15.38 -3.77
C SER B 20 -8.73 14.15 -2.94
N LYS B 21 -9.70 13.22 -2.76
CA LYS B 21 -9.48 11.97 -2.08
C LYS B 21 -8.80 12.12 -0.72
N MET B 22 -9.40 12.94 0.16
CA MET B 22 -8.85 13.23 1.48
C MET B 22 -8.87 12.00 2.38
N MET B 23 -7.93 11.99 3.33
CA MET B 23 -7.75 10.90 4.27
C MET B 23 -7.11 11.46 5.54
N GLN B 24 -7.28 10.76 6.67
CA GLN B 24 -6.75 11.21 7.95
C GLN B 24 -5.73 10.23 8.49
N CYS B 25 -4.73 10.74 9.22
CA CYS B 25 -3.70 9.92 9.83
C CYS B 25 -4.28 9.15 11.02
N GLY B 26 -3.53 8.18 11.55
CA GLY B 26 -3.99 7.34 12.64
C GLY B 26 -3.56 7.85 14.01
N LYS B 27 -2.24 7.84 14.27
CA LYS B 27 -1.71 8.24 15.57
C LYS B 27 -1.66 9.76 15.74
N CYS B 28 -2.03 10.51 14.69
CA CYS B 28 -2.22 11.94 14.78
C CYS B 28 -3.44 12.33 13.95
N ASP B 29 -3.95 13.56 14.13
CA ASP B 29 -5.21 13.98 13.53
C ASP B 29 -5.12 14.79 12.24
N ARG B 30 -3.90 14.95 11.70
CA ARG B 30 -3.69 15.68 10.47
C ARG B 30 -4.37 14.99 9.29
N TRP B 31 -4.99 15.80 8.43
CA TRP B 31 -5.61 15.33 7.20
C TRP B 31 -4.65 15.56 6.04
N VAL B 32 -4.70 14.70 5.02
CA VAL B 32 -3.86 14.82 3.84
C VAL B 32 -4.61 14.45 2.56
N HIS B 33 -4.35 15.17 1.47
CA HIS B 33 -4.88 14.78 0.17
C HIS B 33 -4.04 13.61 -0.31
N SER B 34 -4.67 12.49 -0.65
CA SER B 34 -3.92 11.32 -1.12
C SER B 34 -3.28 11.59 -2.49
N LYS B 35 -3.72 12.65 -3.16
CA LYS B 35 -3.26 13.00 -4.49
C LYS B 35 -1.92 13.74 -4.44
N CYS B 36 -1.58 14.34 -3.30
CA CYS B 36 -0.29 15.00 -3.12
C CYS B 36 0.75 13.98 -2.66
N GLU B 37 0.30 12.83 -2.15
CA GLU B 37 1.16 11.74 -1.74
C GLU B 37 1.52 10.84 -2.92
N ASN B 38 1.26 11.33 -4.14
CA ASN B 38 1.52 10.64 -5.40
C ASN B 38 0.94 9.23 -5.47
N LEU B 39 -0.09 8.93 -4.66
CA LEU B 39 -0.70 7.62 -4.62
C LEU B 39 -1.62 7.41 -5.82
N SER B 40 -1.60 6.19 -6.37
CA SER B 40 -2.59 5.79 -7.38
C SER B 40 -3.92 5.58 -6.68
N ASP B 41 -5.04 5.80 -7.38
CA ASP B 41 -6.35 5.67 -6.74
C ASP B 41 -6.62 4.33 -6.07
N GLU B 42 -6.20 3.23 -6.72
CA GLU B 42 -6.46 1.91 -6.20
C GLU B 42 -5.66 1.62 -4.95
N MET B 43 -4.34 1.87 -4.99
CA MET B 43 -3.52 1.57 -3.84
C MET B 43 -3.89 2.49 -2.67
N TYR B 44 -4.32 3.72 -2.98
CA TYR B 44 -4.89 4.61 -1.98
C TYR B 44 -6.16 4.08 -1.31
N GLU B 45 -7.10 3.57 -2.12
CA GLU B 45 -8.35 3.03 -1.60
C GLU B 45 -8.07 1.80 -0.74
N ILE B 46 -7.02 1.04 -1.07
CA ILE B 46 -6.66 -0.12 -0.26
C ILE B 46 -6.10 0.34 1.08
N LEU B 47 -5.06 1.19 1.07
CA LEU B 47 -4.43 1.63 2.30
C LEU B 47 -5.38 2.51 3.13
N SER B 48 -6.44 3.03 2.51
CA SER B 48 -7.46 3.77 3.23
C SER B 48 -8.47 2.81 3.86
N ASN B 49 -8.80 1.71 3.19
CA ASN B 49 -9.74 0.72 3.71
C ASN B 49 -9.04 -0.48 4.38
N LEU B 50 -7.72 -0.43 4.59
CA LEU B 50 -7.00 -1.42 5.38
C LEU B 50 -7.63 -1.56 6.77
N PRO B 51 -7.33 -2.67 7.46
CA PRO B 51 -7.83 -2.99 8.80
C PRO B 51 -7.52 -1.90 9.84
N GLU B 52 -8.18 -1.99 11.00
CA GLU B 52 -7.96 -1.05 12.09
C GLU B 52 -6.63 -1.31 12.80
N SER B 53 -6.05 -2.50 12.63
CA SER B 53 -4.79 -2.85 13.27
C SER B 53 -3.60 -2.27 12.53
N VAL B 54 -3.66 -2.25 11.19
CA VAL B 54 -2.57 -1.79 10.34
C VAL B 54 -3.05 -0.85 9.24
N ALA B 55 -2.34 0.27 9.05
CA ALA B 55 -2.72 1.27 8.08
C ALA B 55 -1.58 2.27 7.82
N TYR B 56 -1.74 3.07 6.77
CA TYR B 56 -0.81 4.13 6.40
C TYR B 56 -0.87 5.38 7.27
N THR B 57 0.28 6.05 7.46
CA THR B 57 0.38 7.26 8.27
C THR B 57 1.02 8.44 7.54
N CYS B 58 0.81 9.66 8.06
CA CYS B 58 1.34 10.87 7.47
C CYS B 58 2.88 10.89 7.53
N VAL B 59 3.49 11.82 6.79
CA VAL B 59 4.94 11.92 6.65
C VAL B 59 5.69 12.23 7.96
N ASN B 60 4.97 12.59 9.03
CA ASN B 60 5.60 12.87 10.31
C ASN B 60 5.54 11.65 11.23
N CYS B 61 4.57 10.76 11.02
CA CYS B 61 4.43 9.55 11.81
C CYS B 61 5.27 8.41 11.22
N THR B 62 5.66 8.54 9.96
CA THR B 62 6.53 7.57 9.29
C THR B 62 7.31 8.13 8.12
N GLU B 63 8.40 7.46 7.74
CA GLU B 63 9.25 7.87 6.64
C GLU B 63 8.76 7.32 5.30
N ARG B 64 7.59 7.80 4.84
CA ARG B 64 6.96 7.33 3.62
C ARG B 64 6.23 8.46 2.92
ZN ZN C . -2.46 18.57 -0.76
ZN ZN D . 0.44 11.43 11.51
N ALA A 1 8.07 -17.56 -12.82
CA ALA A 1 7.74 -18.51 -13.90
C ALA A 1 6.42 -18.12 -14.56
N GLY A 2 6.38 -16.97 -15.24
CA GLY A 2 5.20 -16.49 -15.93
C GLY A 2 4.14 -15.98 -14.96
N HIS A 3 2.95 -15.67 -15.48
CA HIS A 3 1.82 -15.16 -14.70
C HIS A 3 0.51 -15.44 -15.41
N MET A 4 -0.61 -15.24 -14.71
CA MET A 4 -1.94 -15.44 -15.27
C MET A 4 -2.53 -14.12 -15.78
N ALA A 5 -1.91 -12.98 -15.42
CA ALA A 5 -2.36 -11.66 -15.85
C ALA A 5 -1.21 -10.66 -15.74
N THR A 6 -1.10 -9.77 -16.73
CA THR A 6 -0.05 -8.76 -16.75
C THR A 6 -0.22 -7.56 -15.83
N THR A 7 -1.42 -6.96 -15.86
CA THR A 7 -1.73 -5.73 -15.12
C THR A 7 -0.82 -4.54 -15.43
N LYS A 8 -1.13 -3.36 -14.89
CA LYS A 8 -0.34 -2.15 -15.12
C LYS A 8 -0.36 -1.21 -13.92
N ARG A 9 -0.68 -1.73 -12.73
CA ARG A 9 -0.77 -0.95 -11.51
C ARG A 9 -0.13 -1.67 -10.33
N VAL A 10 -0.56 -1.35 -9.11
CA VAL A 10 0.10 -1.80 -7.90
C VAL A 10 0.06 -3.32 -7.74
N LEU A 11 1.11 -3.88 -7.14
CA LEU A 11 1.26 -5.30 -6.95
C LEU A 11 1.66 -5.61 -5.51
N TYR A 12 1.29 -6.81 -5.06
CA TYR A 12 1.51 -7.27 -3.71
C TYR A 12 2.89 -7.84 -3.38
N VAL A 13 3.36 -7.62 -2.16
CA VAL A 13 4.62 -8.14 -1.66
C VAL A 13 4.46 -8.66 -0.24
N GLY A 14 5.14 -9.76 0.11
CA GLY A 14 5.02 -10.36 1.43
C GLY A 14 6.24 -11.20 1.80
N GLY A 15 6.22 -11.77 3.01
CA GLY A 15 7.32 -12.56 3.54
C GLY A 15 8.45 -11.67 4.04
N LEU A 16 8.22 -10.36 4.10
CA LEU A 16 9.20 -9.37 4.47
C LEU A 16 9.49 -9.39 5.98
N ALA A 17 10.72 -9.03 6.35
CA ALA A 17 11.10 -8.84 7.74
C ALA A 17 10.71 -7.44 8.20
N GLU A 18 10.61 -7.23 9.51
CA GLU A 18 10.25 -5.93 10.07
C GLU A 18 11.31 -4.87 9.75
N GLU A 19 12.52 -5.32 9.39
CA GLU A 19 13.62 -4.44 9.03
C GLU A 19 13.44 -3.88 7.61
N VAL A 20 12.55 -4.49 6.81
CA VAL A 20 12.32 -4.05 5.44
C VAL A 20 11.58 -2.71 5.43
N ASP A 21 11.95 -1.84 4.49
CA ASP A 21 11.39 -0.52 4.30
C ASP A 21 11.37 -0.11 2.82
N ASP A 22 10.85 1.08 2.54
CA ASP A 22 10.72 1.57 1.17
C ASP A 22 12.00 1.58 0.34
N LYS A 23 13.15 1.75 1.01
CA LYS A 23 14.45 1.81 0.36
C LYS A 23 15.02 0.42 0.09
N VAL A 24 14.61 -0.59 0.86
CA VAL A 24 15.04 -1.96 0.60
C VAL A 24 14.21 -2.50 -0.56
N LEU A 25 12.90 -2.22 -0.55
CA LEU A 25 12.02 -2.65 -1.63
C LEU A 25 12.36 -1.91 -2.93
N HIS A 26 12.90 -0.69 -2.85
CA HIS A 26 13.25 0.03 -4.07
C HIS A 26 14.50 -0.59 -4.71
N ALA A 27 15.51 -0.91 -3.91
CA ALA A 27 16.75 -1.45 -4.44
C ALA A 27 16.58 -2.88 -4.98
N ALA A 28 15.60 -3.61 -4.44
CA ALA A 28 15.36 -4.99 -4.86
C ALA A 28 14.39 -5.07 -6.05
N PHE A 29 13.60 -4.03 -6.30
CA PHE A 29 12.61 -4.04 -7.37
C PHE A 29 12.92 -3.17 -8.60
N ILE A 30 13.99 -2.38 -8.52
CA ILE A 30 14.37 -1.45 -9.59
C ILE A 30 15.10 -2.10 -10.78
N PRO A 31 15.71 -3.30 -10.68
CA PRO A 31 16.54 -3.81 -11.75
C PRO A 31 15.72 -4.34 -12.94
N PHE A 32 14.39 -4.48 -12.77
CA PHE A 32 13.52 -4.98 -13.82
C PHE A 32 12.95 -3.80 -14.61
N GLY A 33 12.96 -2.61 -14.03
CA GLY A 33 12.41 -1.43 -14.68
C GLY A 33 12.16 -0.31 -13.69
N ASP A 34 11.84 0.88 -14.19
CA ASP A 34 11.64 2.06 -13.36
C ASP A 34 10.45 1.97 -12.40
N ILE A 35 10.71 2.32 -11.14
CA ILE A 35 9.70 2.37 -10.09
C ILE A 35 9.18 3.79 -9.96
N THR A 36 7.92 3.95 -9.53
CA THR A 36 7.33 5.27 -9.36
C THR A 36 6.68 5.50 -7.99
N ASP A 37 6.40 4.44 -7.23
CA ASP A 37 5.90 4.59 -5.87
C ASP A 37 6.06 3.28 -5.08
N ILE A 38 6.27 3.40 -3.77
CA ILE A 38 6.37 2.29 -2.83
C ILE A 38 5.83 2.75 -1.49
N GLN A 39 4.96 1.97 -0.86
CA GLN A 39 4.37 2.33 0.42
C GLN A 39 4.20 1.10 1.30
N ILE A 40 4.45 1.28 2.60
CA ILE A 40 4.35 0.21 3.58
C ILE A 40 3.39 0.62 4.69
N PRO A 41 2.26 -0.09 4.87
CA PRO A 41 1.37 0.14 5.99
C PRO A 41 2.01 -0.37 7.28
N LEU A 42 1.64 0.20 8.43
CA LEU A 42 2.29 -0.14 9.69
C LEU A 42 1.27 -0.51 10.77
N ASP A 43 1.68 -1.38 11.69
CA ASP A 43 0.90 -1.77 12.85
C ASP A 43 0.89 -0.64 13.88
N TYR A 44 -0.30 -0.24 14.34
CA TYR A 44 -0.43 0.94 15.18
C TYR A 44 0.34 0.98 16.51
N GLU A 45 0.68 -0.18 17.08
CA GLU A 45 1.31 -0.22 18.39
C GLU A 45 2.83 -0.35 18.33
N THR A 46 3.38 -0.82 17.20
CA THR A 46 4.82 -1.01 17.06
C THR A 46 5.43 -0.26 15.87
N GLU A 47 4.59 0.30 14.99
CA GLU A 47 5.04 1.00 13.80
C GLU A 47 5.87 0.12 12.87
N LYS A 48 5.62 -1.20 12.89
CA LYS A 48 6.25 -2.16 11.99
C LYS A 48 5.18 -2.78 11.11
N HIS A 49 5.54 -3.20 9.89
CA HIS A 49 4.61 -3.93 9.06
C HIS A 49 4.65 -5.40 9.44
N ARG A 50 3.55 -6.12 9.17
CA ARG A 50 3.43 -7.53 9.53
C ARG A 50 4.03 -8.43 8.47
N GLY A 51 4.95 -7.90 7.64
CA GLY A 51 5.61 -8.68 6.60
C GLY A 51 4.83 -8.64 5.28
N PHE A 52 4.26 -7.49 4.93
CA PHE A 52 3.48 -7.34 3.71
C PHE A 52 3.62 -5.86 3.33
N ALA A 53 3.59 -5.59 2.02
CA ALA A 53 3.78 -4.24 1.47
C ALA A 53 3.26 -4.14 0.05
N PHE A 54 3.37 -2.94 -0.55
CA PHE A 54 2.94 -2.67 -1.91
C PHE A 54 3.96 -1.93 -2.77
N VAL A 55 3.96 -2.16 -4.09
CA VAL A 55 4.91 -1.56 -5.01
C VAL A 55 4.21 -1.18 -6.31
N GLU A 56 4.62 -0.06 -6.92
CA GLU A 56 4.03 0.44 -8.15
C GLU A 56 5.11 0.78 -9.19
N PHE A 57 4.94 0.26 -10.40
CA PHE A 57 5.86 0.48 -11.51
C PHE A 57 5.46 1.58 -12.49
N GLU A 58 6.45 2.13 -13.21
CA GLU A 58 6.19 3.10 -14.26
C GLU A 58 5.81 2.40 -15.57
N LEU A 59 6.06 1.08 -15.65
CA LEU A 59 5.76 0.29 -16.84
C LEU A 59 5.05 -1.01 -16.45
N ALA A 60 4.09 -1.45 -17.28
CA ALA A 60 3.32 -2.65 -17.03
C ALA A 60 4.14 -3.92 -17.26
N GLU A 61 5.13 -3.87 -18.15
CA GLU A 61 5.92 -5.05 -18.49
C GLU A 61 6.94 -5.36 -17.39
N ASP A 62 7.39 -4.32 -16.69
CA ASP A 62 8.41 -4.47 -15.66
C ASP A 62 7.79 -4.94 -14.34
N ALA A 63 6.50 -4.70 -14.16
CA ALA A 63 5.76 -5.23 -13.02
C ALA A 63 5.52 -6.72 -13.22
N ALA A 64 5.42 -7.17 -14.48
CA ALA A 64 5.24 -8.57 -14.80
C ALA A 64 6.57 -9.31 -14.60
N ALA A 65 7.70 -8.62 -14.75
CA ALA A 65 9.00 -9.21 -14.48
C ALA A 65 9.24 -9.33 -12.97
N ALA A 66 8.62 -8.46 -12.17
CA ALA A 66 8.76 -8.52 -10.72
C ALA A 66 8.09 -9.78 -10.18
N ILE A 67 6.84 -10.05 -10.56
CA ILE A 67 6.15 -11.25 -10.12
C ILE A 67 6.80 -12.50 -10.71
N ASP A 68 7.47 -12.37 -11.87
CA ASP A 68 8.09 -13.51 -12.52
C ASP A 68 9.41 -13.95 -11.86
N ASN A 69 10.07 -13.03 -11.14
CA ASN A 69 11.38 -13.35 -10.56
C ASN A 69 11.49 -13.07 -9.06
N MET A 70 10.83 -12.02 -8.55
CA MET A 70 10.94 -11.68 -7.13
C MET A 70 10.02 -12.52 -6.25
N ASN A 71 9.06 -13.24 -6.84
CA ASN A 71 8.10 -14.02 -6.08
C ASN A 71 8.77 -15.17 -5.32
N GLU A 72 10.01 -15.51 -5.67
CA GLU A 72 10.79 -16.56 -5.02
C GLU A 72 12.13 -16.04 -4.53
N SER A 73 12.30 -14.71 -4.51
CA SER A 73 13.52 -14.07 -4.05
C SER A 73 13.63 -14.12 -2.53
N GLU A 74 14.74 -13.61 -1.98
CA GLU A 74 15.04 -13.66 -0.56
C GLU A 74 15.55 -12.31 -0.08
N LEU A 75 15.16 -11.93 1.15
CA LEU A 75 15.58 -10.68 1.79
C LEU A 75 15.71 -10.93 3.29
N PHE A 76 16.68 -10.27 3.92
CA PHE A 76 16.91 -10.42 5.35
C PHE A 76 17.14 -11.84 5.88
N GLY A 77 17.42 -12.79 4.98
CA GLY A 77 17.65 -14.18 5.36
C GLY A 77 16.40 -15.03 5.27
N ARG A 78 15.33 -14.54 4.64
CA ARG A 78 14.09 -15.29 4.50
C ARG A 78 13.43 -15.04 3.14
N THR A 79 12.69 -16.03 2.66
CA THR A 79 11.99 -15.95 1.39
C THR A 79 10.86 -14.93 1.35
N ILE A 80 10.65 -14.31 0.18
CA ILE A 80 9.59 -13.32 -0.01
C ILE A 80 8.57 -13.87 -1.00
N ARG A 81 7.44 -13.17 -1.13
CA ARG A 81 6.38 -13.52 -2.07
C ARG A 81 5.95 -12.26 -2.81
N VAL A 82 5.61 -12.42 -4.10
CA VAL A 82 5.16 -11.32 -4.95
C VAL A 82 4.08 -11.80 -5.91
N ASN A 83 3.05 -10.99 -6.13
CA ASN A 83 1.94 -11.35 -6.98
C ASN A 83 1.14 -10.10 -7.38
N LEU A 84 0.25 -10.23 -8.35
CA LEU A 84 -0.60 -9.12 -8.79
C LEU A 84 -1.51 -8.67 -7.64
N ALA A 85 -1.99 -7.42 -7.73
CA ALA A 85 -2.95 -6.90 -6.78
C ALA A 85 -3.97 -5.98 -7.47
N LYS A 86 -3.98 -5.96 -8.80
CA LYS A 86 -4.93 -5.16 -9.57
C LYS A 86 -6.38 -5.64 -9.42
N PRO A 87 -6.65 -6.95 -9.24
CA PRO A 87 -7.99 -7.44 -8.96
C PRO A 87 -8.62 -6.83 -7.69
N MET A 88 -7.82 -6.13 -6.88
CA MET A 88 -8.27 -5.52 -5.64
C MET A 88 -8.84 -4.12 -5.85
N ARG A 89 -9.40 -3.84 -7.03
CA ARG A 89 -10.00 -2.53 -7.30
C ARG A 89 -11.29 -2.40 -6.50
N ILE A 90 -11.24 -1.63 -5.42
CA ILE A 90 -12.33 -1.51 -4.46
C ILE A 90 -13.52 -0.75 -5.07
N LYS A 91 -14.73 -1.06 -4.60
CA LYS A 91 -15.95 -0.43 -5.08
C LYS A 91 -16.49 0.52 -4.00
N GLU A 92 -17.17 1.58 -4.42
CA GLU A 92 -17.80 2.52 -3.50
C GLU A 92 -19.32 2.41 -3.56
N GLY A 93 -19.83 1.59 -4.48
CA GLY A 93 -21.25 1.32 -4.62
C GLY A 93 -21.67 0.08 -3.82
N SER A 94 -20.77 -0.44 -2.99
CA SER A 94 -20.99 -1.65 -2.22
C SER A 94 -20.26 -1.58 -0.88
N SER A 95 -20.36 -2.65 -0.08
CA SER A 95 -19.73 -2.75 1.23
C SER A 95 -18.20 -2.76 1.13
N ARG A 96 -17.53 -2.84 2.29
CA ARG A 96 -16.07 -2.86 2.40
C ARG A 96 -15.51 -4.07 1.63
N PRO A 97 -14.19 -4.12 1.43
CA PRO A 97 -13.53 -5.17 0.67
C PRO A 97 -13.75 -6.55 1.28
N VAL A 98 -14.50 -7.43 0.58
CA VAL A 98 -14.84 -8.76 1.05
C VAL A 98 -15.02 -9.75 -0.11
N TRP A 99 -14.40 -9.52 -1.27
CA TRP A 99 -14.64 -10.34 -2.46
C TRP A 99 -13.40 -10.61 -3.30
N SER A 100 -12.21 -10.30 -2.78
CA SER A 100 -10.97 -10.37 -3.54
C SER A 100 -9.77 -10.56 -2.60
N ASP A 101 -8.55 -10.44 -3.14
CA ASP A 101 -7.37 -10.47 -2.30
C ASP A 101 -7.40 -9.44 -1.16
N ASP A 102 -8.26 -8.43 -1.28
CA ASP A 102 -8.51 -7.47 -0.22
C ASP A 102 -9.33 -8.06 0.93
N ASP A 103 -10.07 -9.14 0.64
CA ASP A 103 -10.80 -9.89 1.64
C ASP A 103 -9.78 -10.67 2.46
N TRP A 104 -8.73 -11.23 1.84
CA TRP A 104 -7.77 -11.93 2.69
C TRP A 104 -7.00 -10.91 3.55
N LEU A 105 -6.91 -9.64 3.14
CA LEU A 105 -6.34 -8.63 4.03
C LEU A 105 -7.20 -8.51 5.29
N LYS A 106 -8.53 -8.63 5.15
CA LYS A 106 -9.41 -8.61 6.32
C LYS A 106 -9.17 -9.85 7.19
N LYS A 107 -8.95 -11.01 6.58
CA LYS A 107 -8.70 -12.24 7.32
C LYS A 107 -7.32 -12.20 7.97
N PHE A 108 -6.38 -11.46 7.37
CA PHE A 108 -5.07 -11.23 7.93
C PHE A 108 -5.07 -10.56 9.30
N SER A 109 -5.90 -9.52 9.48
CA SER A 109 -6.02 -8.85 10.77
C SER A 109 -7.05 -9.53 11.66
N GLY A 110 -8.04 -10.22 11.06
CA GLY A 110 -9.11 -10.86 11.81
C GLY A 110 -8.70 -12.20 12.43
N LYS A 111 -7.58 -12.78 11.96
CA LYS A 111 -7.10 -14.07 12.45
C LYS A 111 -5.89 -13.88 13.37
N THR A 112 -5.54 -12.63 13.67
CA THR A 112 -4.37 -12.30 14.50
C THR A 112 -4.42 -12.77 15.96
N LEU A 113 -5.57 -13.30 16.39
CA LEU A 113 -5.76 -13.80 17.74
C LEU A 113 -6.81 -14.91 17.74
N GLU A 114 -7.15 -15.42 16.55
CA GLU A 114 -8.13 -16.48 16.42
C GLU A 114 -7.64 -17.78 17.04
N GLU A 115 -8.51 -18.45 17.80
CA GLU A 115 -8.18 -19.67 18.53
C GLU A 115 -6.93 -19.47 19.42
N ASN A 116 -6.64 -18.22 19.81
CA ASN A 116 -5.46 -17.91 20.61
C ASN A 116 -5.78 -16.83 21.62
N LYS A 117 -4.86 -16.61 22.57
CA LYS A 117 -4.98 -15.57 23.60
C LYS A 117 -4.76 -14.18 23.00
N ALA B 1 4.99 22.19 14.95
CA ALA B 1 4.37 21.18 14.08
C ALA B 1 4.53 21.56 12.61
N LYS B 2 4.45 20.56 11.72
CA LYS B 2 4.57 20.78 10.28
C LYS B 2 3.30 21.39 9.70
N GLY B 3 2.20 21.33 10.46
CA GLY B 3 0.91 21.90 10.06
C GLY B 3 -0.17 20.83 10.10
N ASN B 4 -1.39 21.24 10.49
CA ASN B 4 -2.53 20.35 10.59
C ASN B 4 -3.20 20.11 9.24
N PHE B 5 -2.44 20.22 8.14
CA PHE B 5 -2.96 20.12 6.79
C PHE B 5 -1.85 19.50 5.96
N CYS B 6 -2.20 19.10 4.73
CA CYS B 6 -1.26 18.51 3.78
C CYS B 6 -0.12 19.48 3.52
N PRO B 7 1.11 19.13 3.94
CA PRO B 7 2.28 19.98 3.77
C PRO B 7 2.87 19.85 2.36
N LEU B 8 2.39 18.89 1.57
CA LEU B 8 2.96 18.60 0.26
C LEU B 8 2.41 19.52 -0.83
N CYS B 9 1.42 20.35 -0.52
CA CYS B 9 0.88 21.30 -1.48
C CYS B 9 0.29 22.53 -0.77
N ASP B 10 -0.04 23.56 -1.55
CA ASP B 10 -0.61 24.79 -1.02
C ASP B 10 -2.12 24.75 -0.77
N LYS B 11 -2.79 23.67 -1.15
CA LYS B 11 -4.23 23.53 -0.92
C LYS B 11 -4.50 23.17 0.54
N CYS B 12 -5.74 23.40 0.97
CA CYS B 12 -6.17 23.19 2.34
C CYS B 12 -7.50 22.43 2.37
N TYR B 13 -8.21 22.54 3.50
CA TYR B 13 -9.51 21.91 3.75
C TYR B 13 -10.67 22.39 2.86
N ASP B 14 -10.35 22.97 1.71
CA ASP B 14 -11.32 23.55 0.78
C ASP B 14 -12.30 22.56 0.15
N ASP B 15 -13.23 23.10 -0.64
CA ASP B 15 -14.25 22.32 -1.34
C ASP B 15 -13.74 21.16 -2.18
N ASP B 16 -12.45 21.20 -2.55
CA ASP B 16 -11.81 20.12 -3.28
C ASP B 16 -11.78 18.76 -2.58
N ASP B 17 -12.23 18.70 -1.31
CA ASP B 17 -12.16 17.49 -0.51
C ASP B 17 -12.73 16.22 -1.16
N TYR B 18 -13.62 16.37 -2.16
CA TYR B 18 -14.15 15.23 -2.89
C TYR B 18 -13.33 14.72 -4.08
N GLU B 19 -12.54 15.57 -4.71
CA GLU B 19 -11.67 15.19 -5.82
C GLU B 19 -10.22 15.00 -5.36
N SER B 20 -9.88 15.54 -4.19
CA SER B 20 -8.53 15.44 -3.65
C SER B 20 -8.31 14.11 -2.93
N LYS B 21 -9.34 13.26 -2.85
CA LYS B 21 -9.23 11.91 -2.31
C LYS B 21 -8.60 11.91 -0.91
N MET B 22 -9.16 12.70 0.01
CA MET B 22 -8.57 12.87 1.33
C MET B 22 -8.65 11.60 2.18
N MET B 23 -7.78 11.55 3.19
CA MET B 23 -7.68 10.46 4.15
C MET B 23 -7.20 11.02 5.47
N GLN B 24 -7.64 10.42 6.58
CA GLN B 24 -7.23 10.85 7.90
C GLN B 24 -6.14 9.94 8.45
N CYS B 25 -5.15 10.54 9.12
CA CYS B 25 -4.07 9.79 9.75
C CYS B 25 -4.60 9.03 10.97
N GLY B 26 -3.96 7.92 11.31
CA GLY B 26 -4.46 7.01 12.33
C GLY B 26 -4.00 7.32 13.76
N LYS B 27 -3.07 8.26 13.95
CA LYS B 27 -2.58 8.57 15.29
C LYS B 27 -2.25 10.04 15.52
N CYS B 28 -2.58 10.93 14.57
CA CYS B 28 -2.48 12.36 14.81
C CYS B 28 -3.71 13.10 14.26
N ASP B 29 -4.68 12.35 13.72
CA ASP B 29 -5.94 12.86 13.20
C ASP B 29 -5.86 13.89 12.06
N ARG B 30 -4.65 14.20 11.57
CA ARG B 30 -4.48 15.15 10.48
C ARG B 30 -5.02 14.57 9.19
N TRP B 31 -5.70 15.40 8.39
CA TRP B 31 -6.22 15.01 7.10
C TRP B 31 -5.22 15.40 6.00
N VAL B 32 -5.09 14.55 4.99
CA VAL B 32 -4.15 14.75 3.89
C VAL B 32 -4.75 14.31 2.56
N HIS B 33 -4.36 14.98 1.46
CA HIS B 33 -4.78 14.57 0.13
C HIS B 33 -3.90 13.38 -0.29
N SER B 34 -4.51 12.34 -0.86
CA SER B 34 -3.73 11.17 -1.28
C SER B 34 -3.04 11.42 -2.62
N LYS B 35 -3.48 12.45 -3.37
CA LYS B 35 -2.88 12.76 -4.66
C LYS B 35 -1.50 13.39 -4.50
N CYS B 36 -1.28 14.12 -3.40
CA CYS B 36 0.01 14.74 -3.12
C CYS B 36 0.99 13.67 -2.62
N GLU B 37 0.45 12.57 -2.09
CA GLU B 37 1.22 11.41 -1.67
C GLU B 37 1.50 10.51 -2.88
N ASN B 38 1.22 11.00 -4.10
CA ASN B 38 1.40 10.30 -5.36
C ASN B 38 0.75 8.92 -5.41
N LEU B 39 -0.27 8.69 -4.56
CA LEU B 39 -0.97 7.42 -4.52
C LEU B 39 -1.94 7.29 -5.69
N SER B 40 -2.03 6.10 -6.27
CA SER B 40 -3.05 5.79 -7.26
C SER B 40 -4.40 5.68 -6.55
N ASP B 41 -5.50 5.90 -7.26
CA ASP B 41 -6.82 5.87 -6.62
C ASP B 41 -7.14 4.51 -6.00
N GLU B 42 -6.78 3.42 -6.69
CA GLU B 42 -7.02 2.08 -6.19
C GLU B 42 -6.10 1.76 -5.01
N MET B 43 -4.83 2.19 -5.09
CA MET B 43 -3.87 1.94 -4.04
C MET B 43 -4.29 2.71 -2.78
N TYR B 44 -4.82 3.93 -2.98
CA TYR B 44 -5.44 4.71 -1.94
C TYR B 44 -6.62 4.05 -1.27
N GLU B 45 -7.53 3.48 -2.07
CA GLU B 45 -8.67 2.77 -1.52
C GLU B 45 -8.22 1.56 -0.69
N ILE B 46 -7.14 0.88 -1.10
CA ILE B 46 -6.69 -0.28 -0.33
C ILE B 46 -6.12 0.17 1.01
N LEU B 47 -5.13 1.08 1.00
CA LEU B 47 -4.49 1.50 2.24
C LEU B 47 -5.44 2.33 3.10
N SER B 48 -6.55 2.82 2.54
CA SER B 48 -7.58 3.49 3.31
C SER B 48 -8.53 2.47 3.96
N ASN B 49 -8.80 1.35 3.27
CA ASN B 49 -9.67 0.31 3.79
C ASN B 49 -8.93 -0.83 4.48
N LEU B 50 -7.59 -0.73 4.62
CA LEU B 50 -6.83 -1.68 5.44
C LEU B 50 -7.44 -1.79 6.84
N PRO B 51 -7.18 -2.90 7.55
CA PRO B 51 -7.69 -3.18 8.88
C PRO B 51 -7.40 -2.08 9.91
N GLU B 52 -8.09 -2.14 11.05
CA GLU B 52 -7.89 -1.18 12.13
C GLU B 52 -6.61 -1.45 12.90
N SER B 53 -5.98 -2.61 12.69
CA SER B 53 -4.73 -2.96 13.36
C SER B 53 -3.53 -2.39 12.62
N VAL B 54 -3.60 -2.37 11.29
CA VAL B 54 -2.49 -1.92 10.44
C VAL B 54 -2.97 -1.02 9.31
N ALA B 55 -2.26 0.10 9.08
CA ALA B 55 -2.66 1.07 8.09
C ALA B 55 -1.54 2.09 7.84
N TYR B 56 -1.69 2.86 6.76
CA TYR B 56 -0.77 3.94 6.41
C TYR B 56 -0.90 5.20 7.26
N THR B 57 0.23 5.89 7.49
CA THR B 57 0.26 7.12 8.29
C THR B 57 0.92 8.30 7.58
N CYS B 58 0.61 9.52 8.03
CA CYS B 58 1.11 10.75 7.42
C CYS B 58 2.63 10.86 7.50
N VAL B 59 3.19 11.83 6.77
CA VAL B 59 4.62 12.05 6.69
C VAL B 59 5.29 12.43 8.01
N ASN B 60 4.51 12.68 9.07
CA ASN B 60 5.06 13.04 10.37
C ASN B 60 4.92 11.90 11.38
N CYS B 61 4.07 10.90 11.11
CA CYS B 61 3.99 9.71 11.93
C CYS B 61 4.93 8.63 11.39
N THR B 62 5.29 8.74 10.11
CA THR B 62 6.30 7.90 9.48
C THR B 62 7.02 8.58 8.31
N GLU B 63 8.29 8.26 8.11
CA GLU B 63 9.07 8.86 7.04
C GLU B 63 8.76 8.20 5.70
N ARG B 64 8.58 9.02 4.66
CA ARG B 64 8.28 8.57 3.31
C ARG B 64 8.88 9.52 2.27
ZN ZN C . -2.20 18.32 -0.83
ZN ZN D . 0.03 11.43 11.42
N ALA A 1 6.52 -8.52 -24.25
CA ALA A 1 6.41 -9.56 -23.22
C ALA A 1 5.12 -9.41 -22.41
N GLY A 2 4.69 -10.47 -21.73
CA GLY A 2 3.48 -10.43 -20.93
C GLY A 2 3.17 -11.79 -20.28
N HIS A 3 1.98 -11.88 -19.68
CA HIS A 3 1.52 -13.08 -19.00
C HIS A 3 0.00 -13.19 -19.08
N MET A 4 -0.62 -13.99 -18.21
CA MET A 4 -2.05 -14.27 -18.26
C MET A 4 -2.93 -13.03 -18.04
N ALA A 5 -2.34 -11.88 -17.72
CA ALA A 5 -3.10 -10.64 -17.56
C ALA A 5 -2.28 -9.40 -17.92
N THR A 6 -0.95 -9.46 -17.85
CA THR A 6 -0.09 -8.33 -18.19
C THR A 6 -0.47 -6.99 -17.57
N THR A 7 -0.79 -6.99 -16.27
CA THR A 7 -1.17 -5.79 -15.55
C THR A 7 -0.14 -4.67 -15.64
N LYS A 8 -0.58 -3.43 -15.41
CA LYS A 8 0.24 -2.25 -15.62
C LYS A 8 0.07 -1.26 -14.47
N ARG A 9 -0.25 -1.80 -13.29
CA ARG A 9 -0.56 -1.03 -12.09
C ARG A 9 0.15 -1.64 -10.89
N VAL A 10 -0.34 -1.35 -9.68
CA VAL A 10 0.27 -1.82 -8.45
C VAL A 10 0.24 -3.35 -8.34
N LEU A 11 1.25 -3.91 -7.65
CA LEU A 11 1.36 -5.34 -7.42
C LEU A 11 1.72 -5.61 -5.96
N TYR A 12 1.34 -6.78 -5.47
CA TYR A 12 1.55 -7.20 -4.09
C TYR A 12 2.90 -7.80 -3.75
N VAL A 13 3.37 -7.54 -2.52
CA VAL A 13 4.62 -8.08 -2.00
C VAL A 13 4.42 -8.53 -0.55
N GLY A 14 5.06 -9.64 -0.15
CA GLY A 14 4.90 -10.18 1.19
C GLY A 14 6.06 -11.06 1.62
N GLY A 15 5.97 -11.63 2.82
CA GLY A 15 7.02 -12.44 3.41
C GLY A 15 8.14 -11.57 3.97
N LEU A 16 7.94 -10.25 3.98
CA LEU A 16 8.92 -9.27 4.40
C LEU A 16 9.13 -9.29 5.92
N ALA A 17 10.34 -8.93 6.35
CA ALA A 17 10.64 -8.76 7.76
C ALA A 17 10.31 -7.32 8.20
N GLU A 18 10.15 -7.09 9.50
CA GLU A 18 9.85 -5.77 10.03
C GLU A 18 10.96 -4.76 9.72
N GLU A 19 12.15 -5.25 9.37
CA GLU A 19 13.28 -4.40 9.02
C GLU A 19 13.14 -3.86 7.60
N VAL A 20 12.25 -4.43 6.79
CA VAL A 20 12.04 -4.01 5.42
C VAL A 20 11.28 -2.69 5.36
N ASP A 21 11.70 -1.83 4.44
CA ASP A 21 11.16 -0.49 4.21
C ASP A 21 11.09 -0.15 2.72
N ASP A 22 10.51 0.99 2.37
CA ASP A 22 10.43 1.42 0.98
C ASP A 22 11.79 1.53 0.29
N LYS A 23 12.84 1.75 1.07
CA LYS A 23 14.20 1.85 0.57
C LYS A 23 14.77 0.47 0.24
N VAL A 24 14.32 -0.57 0.96
CA VAL A 24 14.75 -1.94 0.71
C VAL A 24 14.00 -2.49 -0.50
N LEU A 25 12.69 -2.23 -0.56
CA LEU A 25 11.87 -2.69 -1.67
C LEU A 25 12.22 -1.95 -2.96
N HIS A 26 12.72 -0.72 -2.88
CA HIS A 26 13.11 -0.02 -4.09
C HIS A 26 14.38 -0.62 -4.67
N ALA A 27 15.39 -0.86 -3.83
CA ALA A 27 16.67 -1.37 -4.30
C ALA A 27 16.55 -2.81 -4.81
N ALA A 28 15.56 -3.57 -4.30
CA ALA A 28 15.37 -4.95 -4.70
C ALA A 28 14.44 -5.09 -5.91
N PHE A 29 13.64 -4.06 -6.22
CA PHE A 29 12.69 -4.12 -7.32
C PHE A 29 13.01 -3.26 -8.55
N ILE A 30 14.03 -2.40 -8.44
CA ILE A 30 14.40 -1.49 -9.51
C ILE A 30 15.23 -2.12 -10.64
N PRO A 31 15.90 -3.28 -10.48
CA PRO A 31 16.81 -3.76 -11.51
C PRO A 31 16.08 -4.33 -12.73
N PHE A 32 14.77 -4.57 -12.62
CA PHE A 32 13.99 -5.11 -13.73
C PHE A 32 13.44 -3.94 -14.56
N GLY A 33 13.35 -2.74 -13.96
CA GLY A 33 12.83 -1.57 -14.65
C GLY A 33 12.40 -0.49 -13.67
N ASP A 34 12.04 0.67 -14.19
CA ASP A 34 11.67 1.82 -13.38
C ASP A 34 10.44 1.63 -12.50
N ILE A 35 10.57 2.02 -11.23
CA ILE A 35 9.48 2.01 -10.26
C ILE A 35 8.90 3.43 -10.18
N THR A 36 7.61 3.54 -9.85
CA THR A 36 6.95 4.84 -9.74
C THR A 36 6.26 5.11 -8.40
N ASP A 37 6.07 4.08 -7.56
CA ASP A 37 5.54 4.29 -6.21
C ASP A 37 5.79 3.03 -5.37
N ILE A 38 5.97 3.22 -4.06
CA ILE A 38 6.12 2.16 -3.08
C ILE A 38 5.60 2.69 -1.74
N GLN A 39 4.70 1.95 -1.08
CA GLN A 39 4.14 2.38 0.19
C GLN A 39 3.95 1.18 1.11
N ILE A 40 4.23 1.37 2.40
CA ILE A 40 4.12 0.34 3.42
C ILE A 40 3.21 0.79 4.55
N PRO A 41 2.08 0.09 4.79
CA PRO A 41 1.21 0.35 5.92
C PRO A 41 1.87 -0.16 7.20
N LEU A 42 1.54 0.42 8.35
CA LEU A 42 2.21 0.09 9.60
C LEU A 42 1.21 -0.15 10.72
N ASP A 43 1.61 -0.98 11.70
CA ASP A 43 0.85 -1.25 12.90
C ASP A 43 0.89 -0.05 13.85
N TYR A 44 -0.27 0.40 14.32
CA TYR A 44 -0.34 1.62 15.10
C TYR A 44 0.43 1.69 16.44
N GLU A 45 0.86 0.55 16.98
CA GLU A 45 1.55 0.54 18.27
C GLU A 45 3.05 0.33 18.15
N THR A 46 3.53 -0.22 17.03
CA THR A 46 4.95 -0.49 16.84
C THR A 46 5.55 0.17 15.60
N GLU A 47 4.71 0.72 14.71
CA GLU A 47 5.17 1.33 13.47
C GLU A 47 5.93 0.34 12.58
N LYS A 48 5.48 -0.91 12.54
CA LYS A 48 6.05 -1.96 11.69
C LYS A 48 4.92 -2.61 10.89
N HIS A 49 5.24 -3.08 9.68
CA HIS A 49 4.29 -3.84 8.88
C HIS A 49 4.32 -5.30 9.34
N ARG A 50 3.37 -6.11 8.84
CA ARG A 50 3.26 -7.51 9.24
C ARG A 50 3.67 -8.46 8.12
N GLY A 51 4.58 -8.04 7.25
CA GLY A 51 5.10 -8.88 6.18
C GLY A 51 4.26 -8.76 4.90
N PHE A 52 3.78 -7.55 4.60
CA PHE A 52 2.96 -7.32 3.41
C PHE A 52 3.18 -5.85 3.06
N ALA A 53 3.20 -5.55 1.75
CA ALA A 53 3.48 -4.22 1.24
C ALA A 53 3.04 -4.09 -0.22
N PHE A 54 3.21 -2.89 -0.79
CA PHE A 54 2.85 -2.60 -2.17
C PHE A 54 3.93 -1.91 -3.01
N VAL A 55 3.98 -2.21 -4.30
CA VAL A 55 4.96 -1.65 -5.23
C VAL A 55 4.26 -1.40 -6.57
N GLU A 56 4.59 -0.31 -7.24
CA GLU A 56 4.02 -0.01 -8.55
C GLU A 56 5.10 0.37 -9.57
N PHE A 57 5.08 -0.28 -10.73
CA PHE A 57 6.00 -0.04 -11.82
C PHE A 57 5.61 1.02 -12.83
N GLU A 58 6.60 1.62 -13.49
CA GLU A 58 6.37 2.58 -14.56
C GLU A 58 6.06 1.86 -15.88
N LEU A 59 6.34 0.56 -15.95
CA LEU A 59 6.13 -0.25 -17.14
C LEU A 59 5.42 -1.55 -16.77
N ALA A 60 4.63 -2.07 -17.71
CA ALA A 60 3.86 -3.30 -17.49
C ALA A 60 4.73 -4.55 -17.63
N GLU A 61 5.76 -4.49 -18.47
CA GLU A 61 6.63 -5.64 -18.69
C GLU A 61 7.57 -5.85 -17.50
N ASP A 62 7.87 -4.77 -16.77
CA ASP A 62 8.79 -4.82 -15.66
C ASP A 62 8.09 -5.30 -14.39
N ALA A 63 6.76 -5.10 -14.32
CA ALA A 63 5.97 -5.66 -13.24
C ALA A 63 5.80 -7.16 -13.46
N ALA A 64 5.80 -7.60 -14.73
CA ALA A 64 5.74 -9.01 -15.08
C ALA A 64 7.07 -9.69 -14.74
N ALA A 65 8.17 -8.93 -14.77
CA ALA A 65 9.47 -9.45 -14.40
C ALA A 65 9.62 -9.55 -12.89
N ALA A 66 8.89 -8.72 -12.13
CA ALA A 66 8.94 -8.76 -10.68
C ALA A 66 8.28 -10.03 -10.15
N ILE A 67 7.10 -10.38 -10.68
CA ILE A 67 6.42 -11.60 -10.26
C ILE A 67 7.17 -12.83 -10.78
N ASP A 68 7.92 -12.69 -11.88
CA ASP A 68 8.70 -13.79 -12.42
C ASP A 68 10.05 -14.06 -11.76
N ASN A 69 10.59 -13.10 -10.98
CA ASN A 69 11.90 -13.27 -10.35
C ASN A 69 11.88 -13.03 -8.84
N MET A 70 11.09 -12.08 -8.35
CA MET A 70 11.10 -11.73 -6.93
C MET A 70 10.19 -12.61 -6.10
N ASN A 71 9.31 -13.40 -6.74
CA ASN A 71 8.37 -14.25 -6.02
C ASN A 71 9.11 -15.39 -5.30
N GLU A 72 10.38 -15.63 -5.67
CA GLU A 72 11.20 -16.66 -5.06
C GLU A 72 12.46 -16.05 -4.44
N SER A 73 12.54 -14.71 -4.38
CA SER A 73 13.68 -14.01 -3.84
C SER A 73 13.71 -14.08 -2.32
N GLU A 74 14.77 -13.53 -1.72
CA GLU A 74 15.01 -13.58 -0.29
C GLU A 74 15.49 -12.23 0.22
N LEU A 75 15.03 -11.83 1.42
CA LEU A 75 15.41 -10.58 2.06
C LEU A 75 15.53 -10.82 3.56
N PHE A 76 16.49 -10.15 4.20
CA PHE A 76 16.70 -10.29 5.64
C PHE A 76 16.89 -11.72 6.18
N GLY A 77 17.19 -12.68 5.30
CA GLY A 77 17.40 -14.06 5.69
C GLY A 77 16.15 -14.92 5.58
N ARG A 78 15.10 -14.42 4.90
CA ARG A 78 13.85 -15.17 4.72
C ARG A 78 13.26 -14.95 3.34
N THR A 79 12.53 -15.94 2.84
CA THR A 79 11.87 -15.88 1.53
C THR A 79 10.73 -14.86 1.44
N ILE A 80 10.53 -14.29 0.25
CA ILE A 80 9.48 -13.30 0.02
C ILE A 80 8.51 -13.85 -1.04
N ARG A 81 7.39 -13.15 -1.23
CA ARG A 81 6.38 -13.51 -2.22
C ARG A 81 5.95 -12.26 -3.00
N VAL A 82 5.66 -12.44 -4.28
CA VAL A 82 5.22 -11.36 -5.17
C VAL A 82 4.15 -11.85 -6.14
N ASN A 83 3.13 -11.02 -6.38
CA ASN A 83 2.03 -11.38 -7.26
C ASN A 83 1.27 -10.12 -7.68
N LEU A 84 0.43 -10.21 -8.70
CA LEU A 84 -0.37 -9.08 -9.18
C LEU A 84 -1.34 -8.63 -8.10
N ALA A 85 -1.78 -7.37 -8.17
CA ALA A 85 -2.76 -6.82 -7.24
C ALA A 85 -3.72 -5.85 -7.94
N LYS A 86 -3.63 -5.74 -9.27
CA LYS A 86 -4.48 -4.84 -10.04
C LYS A 86 -5.98 -5.14 -9.91
N PRO A 87 -6.40 -6.41 -9.80
CA PRO A 87 -7.79 -6.77 -9.55
C PRO A 87 -8.38 -6.20 -8.25
N MET A 88 -7.55 -5.62 -7.38
CA MET A 88 -7.98 -5.08 -6.10
C MET A 88 -8.59 -3.68 -6.22
N ARG A 89 -9.09 -3.29 -7.40
CA ARG A 89 -9.74 -2.00 -7.57
C ARG A 89 -11.06 -2.01 -6.81
N ILE A 90 -11.10 -1.28 -5.69
CA ILE A 90 -12.23 -1.31 -4.76
C ILE A 90 -13.44 -0.60 -5.37
N LYS A 91 -14.64 -1.10 -5.09
CA LYS A 91 -15.88 -0.49 -5.53
C LYS A 91 -16.40 0.42 -4.42
N GLU A 92 -16.51 1.73 -4.70
CA GLU A 92 -17.01 2.68 -3.73
C GLU A 92 -18.53 2.62 -3.63
N GLY A 93 -19.18 2.12 -4.69
CA GLY A 93 -20.63 1.99 -4.76
C GLY A 93 -21.13 0.72 -4.08
N SER A 94 -20.29 0.07 -3.29
CA SER A 94 -20.63 -1.20 -2.64
C SER A 94 -19.98 -1.29 -1.26
N SER A 95 -20.19 -2.42 -0.57
CA SER A 95 -19.65 -2.66 0.76
C SER A 95 -18.12 -2.69 0.75
N ARG A 96 -17.51 -2.79 1.93
CA ARG A 96 -16.06 -2.83 2.09
C ARG A 96 -15.48 -4.01 1.32
N PRO A 97 -14.15 -4.03 1.12
CA PRO A 97 -13.47 -5.06 0.36
C PRO A 97 -13.67 -6.46 0.97
N VAL A 98 -14.36 -7.34 0.24
CA VAL A 98 -14.67 -8.69 0.70
C VAL A 98 -14.80 -9.68 -0.46
N TRP A 99 -14.14 -9.42 -1.60
CA TRP A 99 -14.32 -10.24 -2.80
C TRP A 99 -13.04 -10.47 -3.59
N SER A 100 -11.87 -10.16 -3.01
CA SER A 100 -10.60 -10.21 -3.73
C SER A 100 -9.45 -10.38 -2.75
N ASP A 101 -8.22 -10.23 -3.24
CA ASP A 101 -7.05 -10.22 -2.36
C ASP A 101 -7.17 -9.21 -1.22
N ASP A 102 -8.06 -8.23 -1.37
CA ASP A 102 -8.38 -7.27 -0.32
C ASP A 102 -9.23 -7.89 0.79
N ASP A 103 -9.93 -8.98 0.49
CA ASP A 103 -10.69 -9.73 1.46
C ASP A 103 -9.70 -10.48 2.34
N TRP A 104 -8.63 -11.05 1.76
CA TRP A 104 -7.70 -11.74 2.66
C TRP A 104 -6.96 -10.72 3.52
N LEU A 105 -6.87 -9.45 3.10
CA LEU A 105 -6.34 -8.42 4.00
C LEU A 105 -7.25 -8.28 5.23
N LYS A 106 -8.57 -8.47 5.06
CA LYS A 106 -9.47 -8.46 6.21
C LYS A 106 -9.34 -9.75 7.02
N LYS A 107 -9.10 -10.88 6.35
CA LYS A 107 -8.87 -12.14 7.06
C LYS A 107 -7.60 -12.01 7.88
N PHE A 108 -6.62 -11.25 7.35
CA PHE A 108 -5.41 -10.88 8.06
C PHE A 108 -5.62 -10.02 9.30
N SER A 109 -6.69 -9.20 9.31
CA SER A 109 -7.05 -8.44 10.49
C SER A 109 -7.52 -9.38 11.60
N GLY A 110 -8.06 -10.54 11.20
CA GLY A 110 -8.46 -11.57 12.15
C GLY A 110 -9.94 -11.93 12.01
N LYS A 111 -10.37 -12.30 10.79
CA LYS A 111 -11.77 -12.65 10.53
C LYS A 111 -12.69 -11.52 11.00
N THR A 112 -12.25 -10.28 10.79
CA THR A 112 -12.90 -9.07 11.30
C THR A 112 -14.29 -8.73 10.74
N LEU A 113 -14.89 -9.57 9.90
CA LEU A 113 -16.19 -9.26 9.31
C LEU A 113 -17.03 -10.49 9.00
N GLU A 114 -16.50 -11.71 9.18
CA GLU A 114 -17.27 -12.92 8.90
C GLU A 114 -18.10 -13.36 10.10
N GLU A 115 -17.86 -12.76 11.27
CA GLU A 115 -18.58 -13.09 12.49
C GLU A 115 -18.65 -11.89 13.43
N ASN A 116 -18.08 -10.75 13.03
CA ASN A 116 -18.06 -9.53 13.81
C ASN A 116 -19.45 -8.88 13.78
N LYS A 117 -19.69 -7.94 14.71
CA LYS A 117 -20.95 -7.24 14.81
C LYS A 117 -21.20 -6.37 13.58
N ALA B 1 4.89 19.92 14.68
CA ALA B 1 3.96 19.61 13.58
C ALA B 1 4.32 20.42 12.33
N LYS B 2 4.22 19.79 11.15
CA LYS B 2 4.51 20.48 9.89
C LYS B 2 3.34 21.42 9.58
N GLY B 3 2.13 20.94 9.81
CA GLY B 3 0.91 21.70 9.59
C GLY B 3 -0.30 20.77 9.69
N ASN B 4 -1.50 21.32 9.86
CA ASN B 4 -2.70 20.51 9.95
C ASN B 4 -3.08 19.96 8.57
N PHE B 5 -2.60 20.62 7.51
CA PHE B 5 -2.78 20.22 6.13
C PHE B 5 -1.80 19.15 5.65
N CYS B 6 -1.96 18.67 4.41
CA CYS B 6 -0.97 17.79 3.81
C CYS B 6 0.34 18.58 3.69
N PRO B 7 1.47 18.03 4.14
CA PRO B 7 2.74 18.74 4.18
C PRO B 7 3.38 18.86 2.80
N LEU B 8 2.83 18.18 1.79
CA LEU B 8 3.43 18.15 0.46
C LEU B 8 2.98 19.31 -0.42
N CYS B 9 2.01 20.11 0.03
CA CYS B 9 1.56 21.29 -0.71
C CYS B 9 1.03 22.37 0.23
N ASP B 10 0.81 23.57 -0.31
CA ASP B 10 0.32 24.71 0.47
C ASP B 10 -1.21 24.79 0.62
N LYS B 11 -1.93 23.86 -0.01
CA LYS B 11 -3.39 23.83 0.02
C LYS B 11 -3.90 23.19 1.31
N CYS B 12 -5.21 23.24 1.51
CA CYS B 12 -5.85 22.65 2.68
C CYS B 12 -7.26 22.15 2.37
N TYR B 13 -7.87 21.51 3.37
CA TYR B 13 -9.22 21.00 3.29
C TYR B 13 -10.33 22.02 2.99
N ASP B 14 -11.38 21.55 2.30
CA ASP B 14 -12.53 22.36 1.94
C ASP B 14 -13.63 21.37 1.55
N ASP B 15 -14.83 21.87 1.25
CA ASP B 15 -15.95 21.02 0.84
C ASP B 15 -15.66 20.19 -0.41
N ASP B 16 -14.67 20.60 -1.19
CA ASP B 16 -14.21 19.88 -2.37
C ASP B 16 -13.46 18.57 -2.09
N ASP B 17 -13.18 18.28 -0.82
CA ASP B 17 -12.35 17.15 -0.41
C ASP B 17 -12.73 15.80 -1.00
N TYR B 18 -13.98 15.63 -1.44
CA TYR B 18 -14.41 14.41 -2.08
C TYR B 18 -13.84 14.13 -3.47
N GLU B 19 -13.29 15.15 -4.13
CA GLU B 19 -12.63 15.00 -5.43
C GLU B 19 -11.11 14.95 -5.25
N SER B 20 -10.61 15.32 -4.06
CA SER B 20 -9.19 15.33 -3.76
C SER B 20 -8.76 14.04 -3.06
N LYS B 21 -9.66 13.06 -2.94
CA LYS B 21 -9.34 11.77 -2.33
C LYS B 21 -8.63 11.93 -0.99
N MET B 22 -9.18 12.74 -0.09
CA MET B 22 -8.50 13.05 1.16
C MET B 22 -8.65 11.93 2.19
N MET B 23 -7.77 11.97 3.18
CA MET B 23 -7.66 10.95 4.21
C MET B 23 -7.09 11.59 5.49
N GLN B 24 -7.22 10.89 6.62
CA GLN B 24 -6.72 11.38 7.89
C GLN B 24 -5.89 10.30 8.57
N CYS B 25 -4.88 10.72 9.34
CA CYS B 25 -3.98 9.83 10.04
C CYS B 25 -4.70 9.13 11.20
N GLY B 26 -4.13 8.04 11.72
CA GLY B 26 -4.78 7.25 12.77
C GLY B 26 -4.15 7.39 14.15
N LYS B 27 -2.93 7.92 14.25
CA LYS B 27 -2.30 8.15 15.55
C LYS B 27 -2.08 9.65 15.80
N CYS B 28 -2.41 10.47 14.80
CA CYS B 28 -2.45 11.91 14.93
C CYS B 28 -3.61 12.43 14.07
N ASP B 29 -3.96 13.71 14.19
CA ASP B 29 -5.10 14.28 13.48
C ASP B 29 -4.77 14.85 12.11
N ARG B 30 -3.57 14.57 11.60
CA ARG B 30 -3.09 15.11 10.34
C ARG B 30 -4.02 14.73 9.20
N TRP B 31 -4.51 15.74 8.48
CA TRP B 31 -5.27 15.54 7.26
C TRP B 31 -4.33 15.60 6.05
N VAL B 32 -4.55 14.76 5.06
CA VAL B 32 -3.69 14.71 3.89
C VAL B 32 -4.45 14.48 2.58
N HIS B 33 -3.96 15.07 1.50
CA HIS B 33 -4.46 14.80 0.17
C HIS B 33 -3.72 13.57 -0.34
N SER B 34 -4.42 12.48 -0.63
CA SER B 34 -3.75 11.27 -1.13
C SER B 34 -3.20 11.51 -2.53
N LYS B 35 -3.61 12.61 -3.18
CA LYS B 35 -3.19 12.93 -4.53
C LYS B 35 -1.82 13.62 -4.54
N CYS B 36 -1.44 14.29 -3.43
CA CYS B 36 -0.10 14.84 -3.30
C CYS B 36 0.88 13.72 -2.95
N GLU B 37 0.37 12.65 -2.33
CA GLU B 37 1.14 11.47 -1.96
C GLU B 37 1.42 10.58 -3.17
N ASN B 38 1.16 11.08 -4.38
CA ASN B 38 1.32 10.38 -5.65
C ASN B 38 0.62 9.01 -5.67
N LEU B 39 -0.37 8.81 -4.81
CA LEU B 39 -1.09 7.55 -4.75
C LEU B 39 -2.09 7.46 -5.88
N SER B 40 -2.26 6.26 -6.46
CA SER B 40 -3.34 6.01 -7.39
C SER B 40 -4.61 5.78 -6.59
N ASP B 41 -5.79 6.03 -7.16
CA ASP B 41 -7.04 5.86 -6.45
C ASP B 41 -7.24 4.44 -5.90
N GLU B 42 -6.64 3.45 -6.56
CA GLU B 42 -6.77 2.06 -6.17
C GLU B 42 -6.00 1.78 -4.87
N MET B 43 -4.70 2.08 -4.86
CA MET B 43 -3.89 1.77 -3.69
C MET B 43 -4.31 2.68 -2.53
N TYR B 44 -4.80 3.88 -2.85
CA TYR B 44 -5.44 4.75 -1.86
C TYR B 44 -6.66 4.14 -1.19
N GLU B 45 -7.59 3.61 -1.99
CA GLU B 45 -8.76 2.94 -1.46
C GLU B 45 -8.34 1.74 -0.61
N ILE B 46 -7.28 1.03 -0.99
CA ILE B 46 -6.84 -0.11 -0.20
C ILE B 46 -6.27 0.36 1.14
N LEU B 47 -5.30 1.26 1.12
CA LEU B 47 -4.63 1.69 2.35
C LEU B 47 -5.55 2.50 3.25
N SER B 48 -6.65 3.05 2.70
CA SER B 48 -7.65 3.73 3.53
C SER B 48 -8.66 2.72 4.08
N ASN B 49 -8.92 1.63 3.36
CA ASN B 49 -9.81 0.57 3.86
C ASN B 49 -9.07 -0.56 4.57
N LEU B 50 -7.74 -0.46 4.73
CA LEU B 50 -6.98 -1.38 5.57
C LEU B 50 -7.58 -1.42 6.99
N PRO B 51 -7.30 -2.48 7.75
CA PRO B 51 -7.78 -2.70 9.12
C PRO B 51 -7.46 -1.54 10.07
N GLU B 52 -8.09 -1.56 11.25
CA GLU B 52 -7.86 -0.55 12.27
C GLU B 52 -6.55 -0.81 13.03
N SER B 53 -5.97 -2.01 12.90
CA SER B 53 -4.71 -2.34 13.56
C SER B 53 -3.51 -1.85 12.76
N VAL B 54 -3.61 -1.95 11.42
CA VAL B 54 -2.55 -1.55 10.51
C VAL B 54 -3.07 -0.70 9.37
N ALA B 55 -2.39 0.41 9.09
CA ALA B 55 -2.82 1.36 8.08
C ALA B 55 -1.70 2.36 7.78
N TYR B 56 -1.85 3.13 6.69
CA TYR B 56 -0.86 4.11 6.30
C TYR B 56 -0.82 5.36 7.15
N THR B 57 0.34 5.62 7.79
CA THR B 57 0.53 6.74 8.69
C THR B 57 0.95 7.93 7.82
N CYS B 58 0.69 9.14 8.32
CA CYS B 58 1.02 10.37 7.62
C CYS B 58 2.54 10.58 7.55
N VAL B 59 2.96 11.55 6.74
CA VAL B 59 4.37 11.89 6.57
C VAL B 59 5.00 12.50 7.82
N ASN B 60 4.18 12.85 8.82
CA ASN B 60 4.68 13.44 10.06
C ASN B 60 4.90 12.32 11.09
N CYS B 61 4.16 11.22 11.00
CA CYS B 61 4.34 10.07 11.88
C CYS B 61 5.44 9.15 11.35
N THR B 62 5.69 9.17 10.04
CA THR B 62 6.72 8.35 9.41
C THR B 62 7.27 8.93 8.10
N GLU B 63 8.48 8.51 7.71
CA GLU B 63 9.06 8.98 6.45
C GLU B 63 8.35 8.32 5.26
N ARG B 64 8.24 9.05 4.15
CA ARG B 64 7.58 8.60 2.94
C ARG B 64 8.29 9.17 1.71
ZN ZN C . -1.71 18.49 -0.67
ZN ZN D . 0.22 11.18 11.71
N ALA A 1 8.63 -18.08 -16.28
CA ALA A 1 8.87 -17.11 -17.36
C ALA A 1 7.64 -16.98 -18.26
N GLY A 2 7.56 -15.89 -19.02
CA GLY A 2 6.45 -15.62 -19.92
C GLY A 2 5.22 -15.10 -19.19
N HIS A 3 5.31 -14.99 -17.86
CA HIS A 3 4.26 -14.51 -16.96
C HIS A 3 2.89 -15.13 -17.24
N MET A 4 1.84 -14.50 -16.72
CA MET A 4 0.46 -14.93 -16.91
C MET A 4 -0.47 -13.71 -17.04
N ALA A 5 0.04 -12.53 -16.67
CA ALA A 5 -0.71 -11.28 -16.75
C ALA A 5 0.26 -10.11 -16.58
N THR A 6 -0.17 -8.91 -17.01
CA THR A 6 0.59 -7.69 -16.86
C THR A 6 -0.22 -6.52 -16.29
N THR A 7 0.41 -5.72 -15.43
CA THR A 7 -0.20 -4.55 -14.84
C THR A 7 0.75 -3.36 -14.68
N LYS A 8 0.31 -2.18 -15.10
CA LYS A 8 1.10 -0.96 -14.99
C LYS A 8 0.74 -0.20 -13.70
N ARG A 9 0.09 -0.88 -12.77
CA ARG A 9 -0.38 -0.31 -11.52
C ARG A 9 0.32 -1.05 -10.37
N VAL A 10 -0.21 -0.94 -9.15
CA VAL A 10 0.38 -1.57 -7.97
C VAL A 10 0.41 -3.09 -8.02
N LEU A 11 1.45 -3.69 -7.44
CA LEU A 11 1.57 -5.13 -7.27
C LEU A 11 1.93 -5.43 -5.81
N TYR A 12 1.58 -6.64 -5.37
CA TYR A 12 1.76 -7.08 -4.00
C TYR A 12 3.11 -7.69 -3.63
N VAL A 13 3.54 -7.49 -2.37
CA VAL A 13 4.76 -8.05 -1.83
C VAL A 13 4.54 -8.54 -0.40
N GLY A 14 5.16 -9.68 -0.03
CA GLY A 14 4.99 -10.26 1.29
C GLY A 14 6.18 -11.12 1.70
N GLY A 15 6.16 -11.62 2.94
CA GLY A 15 7.23 -12.44 3.50
C GLY A 15 8.40 -11.57 4.00
N LEU A 16 8.18 -10.26 4.07
CA LEU A 16 9.19 -9.29 4.43
C LEU A 16 9.49 -9.29 5.94
N ALA A 17 10.71 -8.87 6.30
CA ALA A 17 11.10 -8.66 7.69
C ALA A 17 10.71 -7.25 8.14
N GLU A 18 10.65 -7.02 9.45
CA GLU A 18 10.33 -5.71 9.99
C GLU A 18 11.39 -4.67 9.63
N GLU A 19 12.58 -5.13 9.23
CA GLU A 19 13.68 -4.25 8.84
C GLU A 19 13.49 -3.71 7.43
N VAL A 20 12.57 -4.30 6.65
CA VAL A 20 12.34 -3.87 5.27
C VAL A 20 11.61 -2.54 5.24
N ASP A 21 11.98 -1.70 4.27
CA ASP A 21 11.39 -0.40 4.02
C ASP A 21 11.40 -0.07 2.53
N ASP A 22 10.93 1.13 2.15
CA ASP A 22 10.80 1.48 0.75
C ASP A 22 12.12 1.48 -0.04
N LYS A 23 13.25 1.73 0.63
CA LYS A 23 14.54 1.76 -0.04
C LYS A 23 15.11 0.35 -0.21
N VAL A 24 14.70 -0.61 0.62
CA VAL A 24 15.11 -1.99 0.46
C VAL A 24 14.27 -2.57 -0.67
N LEU A 25 12.98 -2.24 -0.71
CA LEU A 25 12.12 -2.72 -1.77
C LEU A 25 12.53 -2.09 -3.10
N HIS A 26 12.85 -0.79 -3.11
CA HIS A 26 13.21 -0.14 -4.36
C HIS A 26 14.48 -0.73 -4.93
N ALA A 27 15.50 -0.98 -4.10
CA ALA A 27 16.77 -1.51 -4.59
C ALA A 27 16.62 -2.94 -5.10
N ALA A 28 15.62 -3.68 -4.60
CA ALA A 28 15.39 -5.05 -5.03
C ALA A 28 14.45 -5.13 -6.23
N PHE A 29 13.59 -4.12 -6.42
CA PHE A 29 12.61 -4.11 -7.50
C PHE A 29 12.99 -3.29 -8.75
N ILE A 30 14.03 -2.47 -8.66
CA ILE A 30 14.41 -1.57 -9.73
C ILE A 30 15.17 -2.25 -10.90
N PRO A 31 15.81 -3.43 -10.76
CA PRO A 31 16.64 -3.96 -11.83
C PRO A 31 15.82 -4.52 -12.98
N PHE A 32 14.51 -4.72 -12.79
CA PHE A 32 13.65 -5.28 -13.83
C PHE A 32 13.05 -4.13 -14.64
N GLY A 33 13.01 -2.92 -14.08
CA GLY A 33 12.44 -1.77 -14.76
C GLY A 33 12.18 -0.63 -13.77
N ASP A 34 11.80 0.54 -14.30
CA ASP A 34 11.56 1.72 -13.49
C ASP A 34 10.37 1.59 -12.53
N ILE A 35 10.58 2.00 -11.29
CA ILE A 35 9.56 2.06 -10.26
C ILE A 35 9.04 3.48 -10.17
N THR A 36 7.78 3.66 -9.78
CA THR A 36 7.18 4.99 -9.66
C THR A 36 6.51 5.28 -8.32
N ASP A 37 6.25 4.25 -7.50
CA ASP A 37 5.75 4.45 -6.14
C ASP A 37 5.96 3.22 -5.27
N ILE A 38 6.15 3.43 -3.95
CA ILE A 38 6.27 2.39 -2.96
C ILE A 38 5.73 2.92 -1.63
N GLN A 39 4.88 2.15 -0.96
CA GLN A 39 4.30 2.55 0.33
C GLN A 39 4.14 1.32 1.22
N ILE A 40 4.43 1.50 2.51
CA ILE A 40 4.33 0.42 3.49
C ILE A 40 3.41 0.84 4.64
N PRO A 41 2.23 0.22 4.80
CA PRO A 41 1.37 0.43 5.95
C PRO A 41 2.03 -0.12 7.20
N LEU A 42 1.65 0.38 8.38
CA LEU A 42 2.30 -0.01 9.63
C LEU A 42 1.29 -0.38 10.72
N ASP A 43 1.75 -1.23 11.65
CA ASP A 43 0.98 -1.64 12.82
C ASP A 43 1.01 -0.51 13.86
N TYR A 44 -0.16 -0.12 14.36
CA TYR A 44 -0.27 1.04 15.24
C TYR A 44 0.40 0.99 16.61
N GLU A 45 0.78 -0.20 17.10
CA GLU A 45 1.40 -0.30 18.41
C GLU A 45 2.93 -0.42 18.33
N THR A 46 3.48 -0.86 17.21
CA THR A 46 4.93 -1.03 17.04
C THR A 46 5.52 -0.25 15.86
N GLU A 47 4.66 0.31 15.00
CA GLU A 47 5.07 1.03 13.81
C GLU A 47 5.93 0.20 12.87
N LYS A 48 5.76 -1.13 12.91
CA LYS A 48 6.38 -2.07 11.99
C LYS A 48 5.29 -2.64 11.09
N HIS A 49 5.66 -3.13 9.91
CA HIS A 49 4.71 -3.85 9.06
C HIS A 49 4.81 -5.34 9.38
N ARG A 50 3.71 -6.07 9.16
CA ARG A 50 3.63 -7.49 9.46
C ARG A 50 4.27 -8.36 8.37
N GLY A 51 5.15 -7.78 7.56
CA GLY A 51 5.83 -8.51 6.51
C GLY A 51 5.06 -8.46 5.18
N PHE A 52 4.43 -7.33 4.88
CA PHE A 52 3.63 -7.20 3.67
C PHE A 52 3.77 -5.72 3.29
N ALA A 53 3.77 -5.43 1.98
CA ALA A 53 3.97 -4.10 1.46
C ALA A 53 3.47 -4.00 0.02
N PHE A 54 3.55 -2.81 -0.57
CA PHE A 54 3.13 -2.55 -1.94
C PHE A 54 4.13 -1.79 -2.79
N VAL A 55 4.17 -2.09 -4.10
CA VAL A 55 5.14 -1.52 -5.04
C VAL A 55 4.43 -1.24 -6.36
N GLU A 56 4.79 -0.17 -7.05
CA GLU A 56 4.19 0.18 -8.33
C GLU A 56 5.24 0.50 -9.40
N PHE A 57 5.12 -0.16 -10.55
CA PHE A 57 5.99 0.03 -11.70
C PHE A 57 5.54 1.08 -12.71
N GLU A 58 6.49 1.63 -13.46
CA GLU A 58 6.20 2.56 -14.55
C GLU A 58 5.83 1.80 -15.83
N LEU A 59 6.11 0.49 -15.88
CA LEU A 59 5.83 -0.35 -17.03
C LEU A 59 5.19 -1.66 -16.60
N ALA A 60 4.29 -2.20 -17.42
CA ALA A 60 3.58 -3.43 -17.10
C ALA A 60 4.42 -4.68 -17.37
N GLU A 61 5.34 -4.60 -18.34
CA GLU A 61 6.17 -5.74 -18.70
C GLU A 61 7.21 -6.00 -17.61
N ASP A 62 7.66 -4.93 -16.97
CA ASP A 62 8.66 -5.00 -15.92
C ASP A 62 8.05 -5.49 -14.60
N ALA A 63 6.74 -5.25 -14.41
CA ALA A 63 6.03 -5.79 -13.26
C ALA A 63 5.78 -7.28 -13.46
N ALA A 64 5.72 -7.72 -14.73
CA ALA A 64 5.55 -9.13 -15.04
C ALA A 64 6.87 -9.88 -14.83
N ALA A 65 8.00 -9.18 -14.95
CA ALA A 65 9.30 -9.77 -14.66
C ALA A 65 9.51 -9.85 -13.15
N ALA A 66 8.88 -8.96 -12.39
CA ALA A 66 8.98 -8.98 -10.94
C ALA A 66 8.28 -10.21 -10.37
N ILE A 67 7.07 -10.52 -10.84
CA ILE A 67 6.35 -11.69 -10.37
C ILE A 67 7.02 -12.98 -10.85
N ASP A 68 7.73 -12.93 -11.97
CA ASP A 68 8.45 -14.10 -12.48
C ASP A 68 9.81 -14.40 -11.83
N ASN A 69 10.41 -13.43 -11.13
CA ASN A 69 11.73 -13.64 -10.55
C ASN A 69 11.79 -13.31 -9.06
N MET A 70 11.07 -12.30 -8.59
CA MET A 70 11.12 -11.92 -7.19
C MET A 70 10.27 -12.83 -6.30
N ASN A 71 9.43 -13.68 -6.88
CA ASN A 71 8.63 -14.62 -6.11
C ASN A 71 9.53 -15.71 -5.52
N GLU A 72 10.76 -15.83 -6.02
CA GLU A 72 11.75 -16.78 -5.51
C GLU A 72 12.89 -16.04 -4.80
N SER A 73 12.83 -14.69 -4.77
CA SER A 73 13.88 -13.88 -4.17
C SER A 73 13.84 -13.95 -2.65
N GLU A 74 14.88 -13.38 -2.02
CA GLU A 74 15.08 -13.45 -0.58
C GLU A 74 15.56 -12.10 -0.05
N LEU A 75 15.11 -11.74 1.15
CA LEU A 75 15.48 -10.50 1.81
C LEU A 75 15.62 -10.75 3.31
N PHE A 76 16.60 -10.11 3.94
CA PHE A 76 16.85 -10.27 5.37
C PHE A 76 17.04 -11.69 5.89
N GLY A 77 17.35 -12.64 5.00
CA GLY A 77 17.57 -14.03 5.37
C GLY A 77 16.31 -14.90 5.24
N ARG A 78 15.26 -14.38 4.60
CA ARG A 78 14.02 -15.14 4.40
C ARG A 78 13.41 -14.87 3.03
N THR A 79 12.71 -15.86 2.48
CA THR A 79 12.02 -15.74 1.20
C THR A 79 10.89 -14.73 1.17
N ILE A 80 10.64 -14.12 0.01
CA ILE A 80 9.56 -13.14 -0.15
C ILE A 80 8.70 -13.48 -1.36
N ARG A 81 7.43 -13.08 -1.31
CA ARG A 81 6.44 -13.41 -2.34
C ARG A 81 6.03 -12.16 -3.12
N VAL A 82 5.74 -12.33 -4.41
CA VAL A 82 5.30 -11.24 -5.28
C VAL A 82 4.18 -11.69 -6.23
N ASN A 83 3.19 -10.82 -6.45
CA ASN A 83 2.05 -11.11 -7.30
C ASN A 83 1.37 -9.80 -7.70
N LEU A 84 0.48 -9.84 -8.70
CA LEU A 84 -0.26 -8.66 -9.14
C LEU A 84 -1.22 -8.20 -8.05
N ALA A 85 -1.67 -6.95 -8.12
CA ALA A 85 -2.64 -6.42 -7.18
C ALA A 85 -3.53 -5.34 -7.81
N LYS A 86 -3.44 -5.13 -9.13
CA LYS A 86 -4.25 -4.12 -9.82
C LYS A 86 -5.77 -4.36 -9.73
N PRO A 87 -6.27 -5.59 -9.88
CA PRO A 87 -7.71 -5.85 -9.90
C PRO A 87 -8.37 -5.65 -8.54
N MET A 88 -7.61 -5.24 -7.53
CA MET A 88 -8.11 -4.97 -6.19
C MET A 88 -8.86 -3.63 -6.09
N ARG A 89 -9.44 -3.15 -7.20
CA ARG A 89 -10.23 -1.93 -7.20
C ARG A 89 -11.41 -2.12 -6.26
N ILE A 90 -11.48 -1.29 -5.21
CA ILE A 90 -12.48 -1.45 -4.16
C ILE A 90 -13.82 -0.84 -4.58
N LYS A 91 -14.91 -1.46 -4.15
CA LYS A 91 -16.26 -0.94 -4.37
C LYS A 91 -16.62 0.02 -3.25
N GLU A 92 -15.73 0.99 -2.98
CA GLU A 92 -15.87 1.93 -1.88
C GLU A 92 -17.21 2.67 -1.91
N GLY A 93 -17.83 2.76 -3.10
CA GLY A 93 -19.12 3.41 -3.28
C GLY A 93 -20.30 2.51 -2.90
N SER A 94 -20.04 1.31 -2.36
CA SER A 94 -21.10 0.37 -2.01
C SER A 94 -20.78 -0.47 -0.78
N SER A 95 -19.54 -0.95 -0.63
CA SER A 95 -19.18 -1.80 0.50
C SER A 95 -17.67 -1.88 0.69
N ARG A 96 -17.27 -2.34 1.89
CA ARG A 96 -15.87 -2.56 2.24
C ARG A 96 -15.35 -3.82 1.53
N PRO A 97 -14.02 -4.02 1.48
CA PRO A 97 -13.40 -5.12 0.78
C PRO A 97 -13.72 -6.47 1.42
N VAL A 98 -14.40 -7.36 0.69
CA VAL A 98 -14.79 -8.68 1.18
C VAL A 98 -14.97 -9.70 0.05
N TRP A 99 -14.34 -9.49 -1.11
CA TRP A 99 -14.58 -10.33 -2.28
C TRP A 99 -13.34 -10.61 -3.14
N SER A 100 -12.15 -10.29 -2.65
CA SER A 100 -10.93 -10.36 -3.43
C SER A 100 -9.71 -10.56 -2.53
N ASP A 101 -8.51 -10.41 -3.10
CA ASP A 101 -7.29 -10.43 -2.30
C ASP A 101 -7.33 -9.47 -1.10
N ASP A 102 -8.23 -8.49 -1.16
CA ASP A 102 -8.46 -7.58 -0.07
C ASP A 102 -9.28 -8.19 1.08
N ASP A 103 -10.02 -9.25 0.77
CA ASP A 103 -10.77 -10.00 1.76
C ASP A 103 -9.76 -10.83 2.55
N TRP A 104 -8.68 -11.32 1.91
CA TRP A 104 -7.69 -12.01 2.74
C TRP A 104 -6.88 -11.00 3.54
N LEU A 105 -6.81 -9.72 3.14
CA LEU A 105 -6.19 -8.72 4.00
C LEU A 105 -6.99 -8.59 5.29
N LYS A 106 -8.32 -8.76 5.22
CA LYS A 106 -9.14 -8.74 6.43
C LYS A 106 -8.82 -9.93 7.33
N LYS A 107 -8.62 -11.11 6.73
CA LYS A 107 -8.26 -12.32 7.48
C LYS A 107 -6.81 -12.25 7.97
N PHE A 108 -5.97 -11.48 7.29
CA PHE A 108 -4.61 -11.23 7.74
C PHE A 108 -4.53 -10.59 9.12
N SER A 109 -5.33 -9.55 9.37
CA SER A 109 -5.38 -8.93 10.67
C SER A 109 -6.24 -9.73 11.65
N GLY A 110 -7.13 -10.57 11.12
CA GLY A 110 -7.99 -11.39 11.96
C GLY A 110 -7.27 -12.61 12.51
N LYS A 111 -6.33 -13.16 11.75
CA LYS A 111 -5.64 -14.38 12.13
C LYS A 111 -4.67 -14.14 13.30
N THR A 112 -4.27 -12.89 13.54
CA THR A 112 -3.38 -12.56 14.64
C THR A 112 -4.02 -12.70 16.04
N LEU A 113 -5.34 -12.91 16.06
CA LEU A 113 -6.11 -13.12 17.29
C LEU A 113 -6.75 -14.50 17.32
N GLU A 114 -6.79 -15.17 16.16
CA GLU A 114 -7.33 -16.51 16.03
C GLU A 114 -6.27 -17.58 16.26
N GLU A 115 -5.01 -17.17 16.41
CA GLU A 115 -3.89 -18.08 16.61
C GLU A 115 -3.03 -17.65 17.79
N ASN A 116 -3.25 -16.45 18.33
CA ASN A 116 -2.44 -15.89 19.41
C ASN A 116 -3.27 -14.96 20.30
N LYS A 117 -2.75 -14.68 21.50
CA LYS A 117 -3.38 -13.76 22.42
C LYS A 117 -3.25 -12.31 21.92
N ALA B 1 1.62 21.06 14.97
CA ALA B 1 1.22 20.27 13.79
C ALA B 1 2.00 20.68 12.56
N LYS B 2 2.06 19.82 11.54
CA LYS B 2 2.81 20.08 10.32
C LYS B 2 2.12 21.15 9.46
N GLY B 3 0.82 21.37 9.68
CA GLY B 3 0.06 22.40 8.99
C GLY B 3 -1.39 21.97 8.74
N ASN B 4 -2.23 22.93 8.37
CA ASN B 4 -3.63 22.68 8.04
C ASN B 4 -3.76 22.21 6.59
N PHE B 5 -2.81 21.38 6.16
CA PHE B 5 -2.73 20.82 4.83
C PHE B 5 -1.87 19.56 4.77
N CYS B 6 -1.87 18.86 3.63
CA CYS B 6 -0.92 17.77 3.46
C CYS B 6 0.46 18.41 3.25
N PRO B 7 1.52 17.86 3.83
CA PRO B 7 2.86 18.42 3.72
C PRO B 7 3.44 18.30 2.32
N LEU B 8 2.69 17.75 1.36
CA LEU B 8 3.14 17.58 0.00
C LEU B 8 2.66 18.69 -0.92
N CYS B 9 1.77 19.58 -0.43
CA CYS B 9 1.35 20.75 -1.19
C CYS B 9 0.97 21.91 -0.28
N ASP B 10 1.00 23.13 -0.81
CA ASP B 10 0.68 24.33 -0.04
C ASP B 10 -0.81 24.68 0.02
N LYS B 11 -1.65 23.88 -0.66
CA LYS B 11 -3.07 24.17 -0.77
C LYS B 11 -3.77 23.75 0.53
N CYS B 12 -4.35 24.72 1.24
CA CYS B 12 -5.08 24.46 2.47
C CYS B 12 -6.37 23.69 2.18
N TYR B 13 -7.05 23.20 3.22
CA TYR B 13 -8.33 22.53 3.03
C TYR B 13 -9.27 23.56 2.41
N ASP B 14 -10.08 23.12 1.45
CA ASP B 14 -11.01 23.99 0.74
C ASP B 14 -12.06 23.07 0.09
N ASP B 15 -13.11 23.67 -0.46
CA ASP B 15 -14.18 22.91 -1.11
C ASP B 15 -13.72 22.08 -2.31
N ASP B 16 -12.57 22.43 -2.89
CA ASP B 16 -11.99 21.68 -4.01
C ASP B 16 -11.46 20.31 -3.62
N ASP B 17 -11.31 20.06 -2.31
CA ASP B 17 -10.78 18.81 -1.82
C ASP B 17 -11.73 17.61 -1.88
N TYR B 18 -12.96 17.82 -2.35
CA TYR B 18 -13.97 16.78 -2.42
C TYR B 18 -13.47 15.74 -3.43
N GLU B 19 -12.66 16.15 -4.42
CA GLU B 19 -12.09 15.24 -5.39
C GLU B 19 -10.64 14.89 -5.04
N SER B 20 -10.11 15.47 -3.96
CA SER B 20 -8.76 15.19 -3.50
C SER B 20 -8.71 13.89 -2.70
N LYS B 21 -9.88 13.26 -2.48
CA LYS B 21 -9.97 11.94 -1.87
C LYS B 21 -9.20 11.86 -0.56
N MET B 22 -9.53 12.74 0.39
CA MET B 22 -8.78 12.89 1.62
C MET B 22 -8.97 11.70 2.55
N MET B 23 -8.09 11.60 3.55
CA MET B 23 -8.09 10.53 4.54
C MET B 23 -7.56 11.07 5.86
N GLN B 24 -8.10 10.56 6.97
CA GLN B 24 -7.67 10.97 8.30
C GLN B 24 -6.72 9.94 8.88
N CYS B 25 -5.80 10.40 9.73
CA CYS B 25 -4.83 9.54 10.40
C CYS B 25 -5.52 8.73 11.50
N GLY B 26 -4.83 7.72 12.04
CA GLY B 26 -5.41 6.81 13.02
C GLY B 26 -4.82 6.95 14.42
N LYS B 27 -3.77 7.76 14.60
CA LYS B 27 -3.22 8.03 15.93
C LYS B 27 -3.05 9.52 16.18
N CYS B 28 -3.43 10.33 15.18
CA CYS B 28 -3.56 11.77 15.32
C CYS B 28 -4.76 12.18 14.46
N ASP B 29 -5.26 13.41 14.63
CA ASP B 29 -6.46 13.83 13.92
C ASP B 29 -6.23 14.59 12.62
N ARG B 30 -4.97 14.69 12.21
CA ARG B 30 -4.61 15.43 11.01
C ARG B 30 -5.21 14.79 9.77
N TRP B 31 -5.84 15.61 8.93
CA TRP B 31 -6.36 15.18 7.64
C TRP B 31 -5.31 15.44 6.57
N VAL B 32 -5.23 14.58 5.55
CA VAL B 32 -4.26 14.71 4.49
C VAL B 32 -4.87 14.26 3.16
N HIS B 33 -4.33 14.80 2.07
CA HIS B 33 -4.74 14.47 0.71
C HIS B 33 -4.13 13.13 0.30
N SER B 34 -4.75 12.41 -0.63
CA SER B 34 -4.19 11.17 -1.14
C SER B 34 -3.65 11.34 -2.56
N LYS B 35 -4.11 12.38 -3.28
CA LYS B 35 -3.64 12.62 -4.64
C LYS B 35 -2.23 13.20 -4.65
N CYS B 36 -1.87 14.01 -3.65
CA CYS B 36 -0.53 14.56 -3.52
C CYS B 36 0.44 13.45 -3.14
N GLU B 37 -0.06 12.41 -2.47
CA GLU B 37 0.70 11.24 -2.06
C GLU B 37 0.91 10.28 -3.23
N ASN B 38 0.58 10.74 -4.45
CA ASN B 38 0.70 9.99 -5.70
C ASN B 38 0.04 8.62 -5.64
N LEU B 39 -0.90 8.42 -4.71
CA LEU B 39 -1.64 7.17 -4.60
C LEU B 39 -2.70 7.10 -5.69
N SER B 40 -2.83 5.94 -6.35
CA SER B 40 -3.93 5.71 -7.28
C SER B 40 -5.20 5.60 -6.46
N ASP B 41 -6.37 5.73 -7.10
CA ASP B 41 -7.63 5.64 -6.37
C ASP B 41 -7.84 4.27 -5.73
N GLU B 42 -7.41 3.22 -6.42
CA GLU B 42 -7.50 1.85 -5.92
C GLU B 42 -6.54 1.65 -4.75
N MET B 43 -5.32 2.17 -4.86
CA MET B 43 -4.33 2.02 -3.81
C MET B 43 -4.78 2.78 -2.58
N TYR B 44 -5.25 4.02 -2.78
CA TYR B 44 -5.85 4.80 -1.71
C TYR B 44 -6.98 4.11 -0.98
N GLU B 45 -7.90 3.51 -1.73
CA GLU B 45 -8.99 2.75 -1.15
C GLU B 45 -8.46 1.56 -0.33
N ILE B 46 -7.38 0.93 -0.77
CA ILE B 46 -6.81 -0.16 0.01
C ILE B 46 -6.25 0.36 1.34
N LEU B 47 -5.34 1.34 1.33
CA LEU B 47 -4.76 1.77 2.60
C LEU B 47 -5.84 2.33 3.52
N SER B 48 -6.89 2.91 2.93
CA SER B 48 -7.96 3.49 3.71
C SER B 48 -8.84 2.40 4.33
N ASN B 49 -9.00 1.26 3.62
CA ASN B 49 -9.80 0.14 4.10
C ASN B 49 -8.96 -0.97 4.75
N LEU B 50 -7.64 -0.78 4.89
CA LEU B 50 -6.81 -1.72 5.65
C LEU B 50 -7.40 -1.90 7.05
N PRO B 51 -7.06 -3.02 7.73
CA PRO B 51 -7.53 -3.36 9.06
C PRO B 51 -7.31 -2.27 10.11
N GLU B 52 -7.87 -2.48 11.31
CA GLU B 52 -7.76 -1.52 12.40
C GLU B 52 -6.42 -1.65 13.11
N SER B 53 -5.74 -2.80 12.94
CA SER B 53 -4.45 -3.03 13.57
C SER B 53 -3.31 -2.40 12.75
N VAL B 54 -3.46 -2.41 11.42
CA VAL B 54 -2.44 -1.89 10.52
C VAL B 54 -3.03 -1.03 9.41
N ALA B 55 -2.39 0.11 9.14
CA ALA B 55 -2.87 1.06 8.15
C ALA B 55 -1.78 2.09 7.83
N TYR B 56 -1.98 2.86 6.77
CA TYR B 56 -1.07 3.94 6.41
C TYR B 56 -1.18 5.17 7.31
N THR B 57 -0.15 5.45 8.10
CA THR B 57 -0.13 6.56 9.04
C THR B 57 0.20 7.81 8.22
N CYS B 58 -0.17 8.99 8.75
CA CYS B 58 0.11 10.25 8.08
C CYS B 58 1.61 10.54 8.06
N VAL B 59 2.00 11.52 7.24
CA VAL B 59 3.41 11.91 7.10
C VAL B 59 4.01 12.55 8.35
N ASN B 60 3.16 12.84 9.36
CA ASN B 60 3.64 13.41 10.61
C ASN B 60 3.91 12.31 11.65
N CYS B 61 3.17 11.19 11.56
CA CYS B 61 3.37 10.06 12.44
C CYS B 61 4.49 9.15 11.92
N THR B 62 4.78 9.23 10.62
CA THR B 62 5.88 8.49 10.00
C THR B 62 6.44 9.18 8.76
N GLU B 63 7.74 9.00 8.49
CA GLU B 63 8.35 9.60 7.33
C GLU B 63 7.97 8.84 6.07
N ARG B 64 7.74 9.56 4.97
CA ARG B 64 7.39 8.98 3.68
C ARG B 64 8.05 9.76 2.55
ZN ZN C . -2.02 18.16 -0.78
ZN ZN D . -0.79 11.11 12.18
N ALA A 1 6.78 -19.59 -21.66
CA ALA A 1 7.99 -18.75 -21.65
C ALA A 1 7.69 -17.35 -21.10
N GLY A 2 6.87 -16.58 -21.82
CA GLY A 2 6.48 -15.24 -21.39
C GLY A 2 5.46 -15.28 -20.25
N HIS A 3 5.12 -14.11 -19.71
CA HIS A 3 4.15 -13.98 -18.65
C HIS A 3 2.74 -14.28 -19.15
N MET A 4 1.78 -14.39 -18.23
CA MET A 4 0.38 -14.68 -18.56
C MET A 4 -0.46 -13.41 -18.55
N ALA A 5 0.02 -12.32 -17.93
CA ALA A 5 -0.75 -11.09 -17.82
C ALA A 5 0.13 -9.92 -17.41
N THR A 6 -0.40 -8.70 -17.57
CA THR A 6 0.24 -7.47 -17.14
C THR A 6 -0.67 -6.49 -16.42
N THR A 7 -0.10 -5.68 -15.54
CA THR A 7 -0.80 -4.63 -14.81
C THR A 7 0.02 -3.37 -14.64
N LYS A 8 -0.65 -2.21 -14.59
CA LYS A 8 0.02 -0.93 -14.49
C LYS A 8 -0.19 -0.28 -13.11
N ARG A 9 -1.07 -0.86 -12.29
CA ARG A 9 -1.26 -0.42 -10.91
C ARG A 9 -0.23 -1.09 -10.01
N VAL A 10 -0.38 -0.95 -8.69
CA VAL A 10 0.51 -1.57 -7.73
C VAL A 10 0.48 -3.09 -7.77
N LEU A 11 1.54 -3.73 -7.27
CA LEU A 11 1.60 -5.18 -7.12
C LEU A 11 1.98 -5.52 -5.68
N TYR A 12 1.54 -6.69 -5.23
CA TYR A 12 1.71 -7.15 -3.87
C TYR A 12 3.05 -7.79 -3.51
N VAL A 13 3.51 -7.55 -2.27
CA VAL A 13 4.74 -8.14 -1.75
C VAL A 13 4.54 -8.60 -0.31
N GLY A 14 5.10 -9.76 0.05
CA GLY A 14 4.94 -10.32 1.38
C GLY A 14 6.11 -11.22 1.78
N GLY A 15 6.07 -11.73 3.02
CA GLY A 15 7.13 -12.56 3.57
C GLY A 15 8.31 -11.72 4.06
N LEU A 16 8.14 -10.39 4.08
CA LEU A 16 9.19 -9.45 4.43
C LEU A 16 9.48 -9.46 5.93
N ALA A 17 10.72 -9.11 6.30
CA ALA A 17 11.08 -8.87 7.69
C ALA A 17 10.74 -7.43 8.07
N GLU A 18 10.65 -7.14 9.37
CA GLU A 18 10.32 -5.81 9.85
C GLU A 18 11.43 -4.81 9.50
N GLU A 19 12.62 -5.31 9.17
CA GLU A 19 13.76 -4.48 8.81
C GLU A 19 13.64 -3.95 7.39
N VAL A 20 12.73 -4.53 6.59
CA VAL A 20 12.54 -4.13 5.20
C VAL A 20 11.91 -2.74 5.12
N ASP A 21 12.40 -1.95 4.17
CA ASP A 21 11.99 -0.57 3.89
C ASP A 21 11.86 -0.33 2.39
N ASP A 22 11.39 0.86 2.00
CA ASP A 22 11.25 1.17 0.57
C ASP A 22 12.56 1.13 -0.19
N LYS A 23 13.69 1.34 0.51
CA LYS A 23 15.01 1.30 -0.11
C LYS A 23 15.45 -0.14 -0.35
N VAL A 24 14.92 -1.10 0.43
CA VAL A 24 15.21 -2.51 0.24
C VAL A 24 14.35 -3.04 -0.90
N LEU A 25 13.07 -2.68 -0.90
CA LEU A 25 12.14 -3.09 -1.94
C LEU A 25 12.51 -2.43 -3.27
N HIS A 26 13.11 -1.23 -3.24
CA HIS A 26 13.49 -0.60 -4.49
C HIS A 26 14.73 -1.27 -5.07
N ALA A 27 15.75 -1.52 -4.26
CA ALA A 27 16.99 -2.10 -4.75
C ALA A 27 16.80 -3.53 -5.24
N ALA A 28 15.80 -4.25 -4.70
CA ALA A 28 15.54 -5.62 -5.08
C ALA A 28 14.57 -5.72 -6.27
N PHE A 29 13.77 -4.68 -6.52
CA PHE A 29 12.78 -4.69 -7.60
C PHE A 29 13.12 -3.88 -8.84
N ILE A 30 14.19 -3.11 -8.80
CA ILE A 30 14.58 -2.23 -9.89
C ILE A 30 15.29 -2.92 -11.07
N PRO A 31 15.85 -4.14 -10.96
CA PRO A 31 16.67 -4.70 -12.03
C PRO A 31 15.82 -5.20 -13.20
N PHE A 32 14.50 -5.32 -13.03
CA PHE A 32 13.61 -5.81 -14.08
C PHE A 32 13.10 -4.60 -14.87
N GLY A 33 13.13 -3.40 -14.26
CA GLY A 33 12.63 -2.20 -14.90
C GLY A 33 12.42 -1.08 -13.89
N ASP A 34 12.17 0.13 -14.39
CA ASP A 34 12.00 1.30 -13.54
C ASP A 34 10.80 1.24 -12.59
N ILE A 35 11.03 1.60 -11.33
CA ILE A 35 10.00 1.73 -10.32
C ILE A 35 9.57 3.20 -10.22
N THR A 36 8.33 3.45 -9.84
CA THR A 36 7.83 4.83 -9.74
C THR A 36 7.18 5.19 -8.40
N ASP A 37 6.87 4.20 -7.55
CA ASP A 37 6.37 4.48 -6.21
C ASP A 37 6.47 3.22 -5.35
N ILE A 38 6.66 3.41 -4.05
CA ILE A 38 6.70 2.33 -3.05
C ILE A 38 6.21 2.89 -1.72
N GLN A 39 5.33 2.14 -1.03
CA GLN A 39 4.82 2.54 0.28
C GLN A 39 4.63 1.34 1.19
N ILE A 40 4.91 1.54 2.48
CA ILE A 40 4.81 0.49 3.48
C ILE A 40 3.86 0.94 4.61
N PRO A 41 2.67 0.35 4.73
CA PRO A 41 1.76 0.62 5.84
C PRO A 41 2.37 0.06 7.13
N LEU A 42 1.99 0.63 8.28
CA LEU A 42 2.60 0.27 9.56
C LEU A 42 1.55 -0.13 10.59
N ASP A 43 1.94 -1.01 11.51
CA ASP A 43 1.13 -1.43 12.63
C ASP A 43 1.07 -0.36 13.72
N TYR A 44 -0.15 0.04 14.12
CA TYR A 44 -0.32 1.17 15.04
C TYR A 44 0.33 1.13 16.42
N GLU A 45 0.76 -0.05 16.89
CA GLU A 45 1.36 -0.15 18.21
C GLU A 45 2.89 -0.27 18.17
N THR A 46 3.45 -0.70 17.04
CA THR A 46 4.90 -0.91 16.93
C THR A 46 5.57 -0.13 15.79
N GLU A 47 4.77 0.49 14.91
CA GLU A 47 5.26 1.24 13.76
C GLU A 47 6.14 0.41 12.82
N LYS A 48 5.90 -0.91 12.79
CA LYS A 48 6.54 -1.83 11.85
C LYS A 48 5.47 -2.46 10.97
N HIS A 49 5.81 -2.85 9.75
CA HIS A 49 4.88 -3.60 8.91
C HIS A 49 4.95 -5.07 9.31
N ARG A 50 3.85 -5.80 9.13
CA ARG A 50 3.76 -7.20 9.53
C ARG A 50 4.38 -8.13 8.49
N GLY A 51 5.24 -7.60 7.62
CA GLY A 51 5.92 -8.41 6.60
C GLY A 51 5.20 -8.37 5.26
N PHE A 52 4.59 -7.23 4.90
CA PHE A 52 3.84 -7.10 3.66
C PHE A 52 3.99 -5.63 3.26
N ALA A 53 3.96 -5.36 1.95
CA ALA A 53 4.15 -4.02 1.41
C ALA A 53 3.65 -3.94 -0.03
N PHE A 54 3.72 -2.74 -0.62
CA PHE A 54 3.31 -2.49 -2.00
C PHE A 54 4.33 -1.78 -2.88
N VAL A 55 4.34 -2.10 -4.17
CA VAL A 55 5.32 -1.57 -5.12
C VAL A 55 4.61 -1.24 -6.43
N GLU A 56 5.03 -0.16 -7.11
CA GLU A 56 4.46 0.22 -8.39
C GLU A 56 5.54 0.50 -9.44
N PHE A 57 5.42 -0.16 -10.58
CA PHE A 57 6.32 0.01 -11.71
C PHE A 57 5.97 1.12 -12.69
N GLU A 58 6.97 1.63 -13.41
CA GLU A 58 6.77 2.61 -14.45
C GLU A 58 6.31 1.92 -15.75
N LEU A 59 6.47 0.60 -15.83
CA LEU A 59 6.08 -0.19 -16.99
C LEU A 59 5.32 -1.44 -16.53
N ALA A 60 4.31 -1.86 -17.29
CA ALA A 60 3.49 -3.01 -16.93
C ALA A 60 4.17 -4.34 -17.25
N GLU A 61 5.10 -4.34 -18.21
CA GLU A 61 5.80 -5.56 -18.60
C GLU A 61 6.82 -5.94 -17.53
N ASP A 62 7.45 -4.93 -16.92
CA ASP A 62 8.46 -5.13 -15.90
C ASP A 62 7.83 -5.56 -14.58
N ALA A 63 6.55 -5.25 -14.38
CA ALA A 63 5.82 -5.71 -13.21
C ALA A 63 5.50 -7.20 -13.36
N ALA A 64 5.39 -7.67 -14.60
CA ALA A 64 5.15 -9.09 -14.86
C ALA A 64 6.44 -9.88 -14.65
N ALA A 65 7.59 -9.23 -14.84
CA ALA A 65 8.87 -9.86 -14.57
C ALA A 65 9.12 -9.94 -13.06
N ALA A 66 8.53 -9.02 -12.28
CA ALA A 66 8.69 -9.03 -10.84
C ALA A 66 7.96 -10.22 -10.23
N ILE A 67 6.71 -10.46 -10.64
CA ILE A 67 5.94 -11.60 -10.13
C ILE A 67 6.55 -12.90 -10.63
N ASP A 68 7.25 -12.88 -11.77
CA ASP A 68 7.87 -14.08 -12.33
C ASP A 68 9.23 -14.46 -11.74
N ASN A 69 9.91 -13.53 -11.06
CA ASN A 69 11.24 -13.81 -10.52
C ASN A 69 11.36 -13.51 -9.02
N MET A 70 10.71 -12.46 -8.52
CA MET A 70 10.85 -12.09 -7.12
C MET A 70 10.01 -12.98 -6.20
N ASN A 71 9.07 -13.75 -6.76
CA ASN A 71 8.26 -14.66 -5.96
C ASN A 71 9.11 -15.83 -5.43
N GLU A 72 10.32 -16.03 -5.99
CA GLU A 72 11.25 -17.05 -5.54
C GLU A 72 12.45 -16.42 -4.82
N SER A 73 12.47 -15.09 -4.74
CA SER A 73 13.56 -14.35 -4.12
C SER A 73 13.52 -14.45 -2.59
N GLU A 74 14.57 -13.93 -1.96
CA GLU A 74 14.77 -14.00 -0.51
C GLU A 74 15.30 -12.66 0.01
N LEU A 75 14.83 -12.24 1.19
CA LEU A 75 15.25 -11.00 1.82
C LEU A 75 15.34 -11.23 3.32
N PHE A 76 16.33 -10.62 3.96
CA PHE A 76 16.52 -10.74 5.41
C PHE A 76 16.61 -12.16 5.99
N GLY A 77 16.89 -13.15 5.14
CA GLY A 77 17.06 -14.53 5.56
C GLY A 77 15.77 -15.35 5.44
N ARG A 78 14.75 -14.83 4.75
CA ARG A 78 13.51 -15.58 4.54
C ARG A 78 12.95 -15.33 3.15
N THR A 79 12.22 -16.32 2.63
CA THR A 79 11.56 -16.23 1.33
C THR A 79 10.46 -15.18 1.26
N ILE A 80 10.27 -14.57 0.09
CA ILE A 80 9.26 -13.53 -0.11
C ILE A 80 8.23 -14.02 -1.12
N ARG A 81 7.10 -13.31 -1.21
CA ARG A 81 6.01 -13.62 -2.13
C ARG A 81 5.66 -12.38 -2.93
N VAL A 82 5.34 -12.56 -4.21
CA VAL A 82 4.97 -11.46 -5.11
C VAL A 82 3.84 -11.87 -6.05
N ASN A 83 2.88 -10.97 -6.27
CA ASN A 83 1.72 -11.25 -7.11
C ASN A 83 1.04 -9.94 -7.51
N LEU A 84 0.11 -10.01 -8.49
CA LEU A 84 -0.63 -8.84 -8.94
C LEU A 84 -1.54 -8.32 -7.82
N ALA A 85 -1.92 -7.05 -7.91
CA ALA A 85 -2.86 -6.43 -6.98
C ALA A 85 -3.70 -5.36 -7.67
N LYS A 86 -3.76 -5.39 -9.00
CA LYS A 86 -4.51 -4.43 -9.80
C LYS A 86 -6.02 -4.66 -9.81
N PRO A 87 -6.52 -5.90 -9.95
CA PRO A 87 -7.96 -6.17 -10.08
C PRO A 87 -8.71 -6.04 -8.76
N MET A 88 -8.00 -5.98 -7.62
CA MET A 88 -8.60 -5.85 -6.30
C MET A 88 -8.87 -4.38 -5.96
N ARG A 89 -9.22 -3.56 -6.95
CA ARG A 89 -9.52 -2.16 -6.75
C ARG A 89 -10.81 -2.00 -5.95
N ILE A 90 -10.80 -1.14 -4.93
CA ILE A 90 -11.91 -0.99 -3.99
C ILE A 90 -13.04 -0.14 -4.58
N LYS A 91 -14.29 -0.48 -4.27
CA LYS A 91 -15.44 0.30 -4.71
C LYS A 91 -15.85 1.27 -3.61
N GLU A 92 -16.15 2.51 -3.97
CA GLU A 92 -16.63 3.50 -3.00
C GLU A 92 -18.15 3.42 -2.84
N GLY A 93 -18.82 2.69 -3.74
CA GLY A 93 -20.27 2.54 -3.73
C GLY A 93 -20.74 1.31 -2.94
N SER A 94 -19.86 0.73 -2.12
CA SER A 94 -20.15 -0.50 -1.40
C SER A 94 -19.45 -0.51 -0.04
N SER A 95 -19.61 -1.61 0.71
CA SER A 95 -19.01 -1.80 2.03
C SER A 95 -17.49 -1.81 1.96
N ARG A 96 -16.84 -1.92 3.13
CA ARG A 96 -15.40 -2.04 3.20
C ARG A 96 -14.97 -3.29 2.44
N PRO A 97 -13.67 -3.43 2.13
CA PRO A 97 -13.15 -4.49 1.28
C PRO A 97 -13.38 -5.88 1.92
N VAL A 98 -14.30 -6.67 1.36
CA VAL A 98 -14.62 -8.01 1.85
C VAL A 98 -14.99 -8.97 0.71
N TRP A 99 -14.50 -8.73 -0.51
CA TRP A 99 -14.93 -9.50 -1.68
C TRP A 99 -13.79 -9.88 -2.63
N SER A 100 -12.53 -9.66 -2.23
CA SER A 100 -11.38 -9.82 -3.11
C SER A 100 -10.12 -10.10 -2.29
N ASP A 101 -8.96 -10.04 -2.94
CA ASP A 101 -7.69 -10.12 -2.23
C ASP A 101 -7.57 -9.09 -1.11
N ASP A 102 -8.42 -8.05 -1.15
CA ASP A 102 -8.50 -7.07 -0.09
C ASP A 102 -9.18 -7.64 1.16
N ASP A 103 -9.97 -8.70 0.98
CA ASP A 103 -10.62 -9.39 2.07
C ASP A 103 -9.56 -10.26 2.74
N TRP A 104 -8.59 -10.82 2.00
CA TRP A 104 -7.57 -11.58 2.71
C TRP A 104 -6.71 -10.61 3.52
N LEU A 105 -6.60 -9.33 3.13
CA LEU A 105 -5.92 -8.35 3.97
C LEU A 105 -6.66 -8.22 5.30
N LYS A 106 -7.99 -8.35 5.30
CA LYS A 106 -8.77 -8.34 6.55
C LYS A 106 -8.53 -9.62 7.33
N LYS A 107 -8.45 -10.77 6.65
CA LYS A 107 -8.16 -12.04 7.31
C LYS A 107 -6.80 -11.96 7.98
N PHE A 108 -5.84 -11.33 7.29
CA PHE A 108 -4.52 -11.06 7.80
C PHE A 108 -4.48 -10.30 9.14
N SER A 109 -5.36 -9.31 9.29
CA SER A 109 -5.44 -8.56 10.54
C SER A 109 -6.03 -9.41 11.66
N GLY A 110 -6.79 -10.46 11.31
CA GLY A 110 -7.36 -11.36 12.29
C GLY A 110 -8.85 -11.61 12.04
N LYS A 111 -9.29 -11.49 10.78
CA LYS A 111 -10.71 -11.59 10.41
C LYS A 111 -11.53 -10.63 11.27
N THR A 112 -11.25 -9.33 11.13
CA THR A 112 -11.95 -8.28 11.87
C THR A 112 -13.46 -8.23 11.60
N LEU A 113 -13.93 -8.98 10.61
CA LEU A 113 -15.33 -8.99 10.20
C LEU A 113 -16.23 -9.60 11.29
N GLU A 114 -15.65 -10.20 12.33
CA GLU A 114 -16.42 -10.81 13.41
C GLU A 114 -17.12 -9.76 14.28
N GLU A 115 -16.68 -8.50 14.21
CA GLU A 115 -17.27 -7.42 15.01
C GLU A 115 -17.27 -6.09 14.26
N ASN A 116 -16.30 -5.89 13.36
CA ASN A 116 -16.16 -4.65 12.62
C ASN A 116 -17.18 -4.60 11.48
N LYS A 117 -17.44 -3.39 10.95
CA LYS A 117 -18.39 -3.18 9.89
C LYS A 117 -18.01 -1.95 9.06
N ALA B 1 4.69 20.49 15.61
CA ALA B 1 3.72 19.87 14.69
C ALA B 1 4.00 20.28 13.25
N LYS B 2 3.72 19.38 12.29
CA LYS B 2 3.93 19.63 10.87
C LYS B 2 2.72 20.33 10.26
N GLY B 3 1.90 20.97 11.09
CA GLY B 3 0.70 21.67 10.66
C GLY B 3 -0.50 20.72 10.62
N ASN B 4 -1.68 21.23 10.97
CA ASN B 4 -2.91 20.46 11.02
C ASN B 4 -3.57 20.28 9.64
N PHE B 5 -2.76 20.21 8.59
CA PHE B 5 -3.25 20.13 7.22
C PHE B 5 -2.16 19.43 6.41
N CYS B 6 -2.49 19.05 5.16
CA CYS B 6 -1.57 18.43 4.23
C CYS B 6 -0.35 19.33 4.02
N PRO B 7 0.85 18.87 4.43
CA PRO B 7 2.07 19.64 4.32
C PRO B 7 2.70 19.54 2.92
N LEU B 8 2.18 18.65 2.06
CA LEU B 8 2.75 18.43 0.74
C LEU B 8 2.28 19.50 -0.25
N CYS B 9 1.30 20.34 0.13
CA CYS B 9 0.84 21.44 -0.70
C CYS B 9 0.32 22.58 0.15
N ASP B 10 0.09 23.74 -0.48
CA ASP B 10 -0.42 24.93 0.20
C ASP B 10 -1.94 25.03 0.27
N LYS B 11 -2.65 24.05 -0.29
CA LYS B 11 -4.10 24.04 -0.35
C LYS B 11 -4.71 23.64 1.01
N CYS B 12 -5.85 24.23 1.34
CA CYS B 12 -6.59 23.94 2.56
C CYS B 12 -7.86 23.13 2.25
N TYR B 13 -8.54 22.65 3.29
CA TYR B 13 -9.76 21.87 3.11
C TYR B 13 -10.84 22.80 2.54
N ASP B 14 -11.70 22.23 1.70
CA ASP B 14 -12.83 22.93 1.08
C ASP B 14 -13.90 21.94 0.60
N ASP B 15 -15.03 22.46 0.09
CA ASP B 15 -16.11 21.64 -0.42
C ASP B 15 -15.72 20.71 -1.57
N ASP B 16 -14.60 21.02 -2.24
CA ASP B 16 -14.03 20.23 -3.31
C ASP B 16 -13.42 18.90 -2.88
N ASP B 17 -13.34 18.65 -1.57
CA ASP B 17 -12.65 17.49 -1.00
C ASP B 17 -13.06 16.12 -1.55
N TYR B 18 -14.18 16.04 -2.27
CA TYR B 18 -14.60 14.79 -2.90
C TYR B 18 -13.78 14.32 -4.10
N GLU B 19 -13.05 15.25 -4.75
CA GLU B 19 -12.18 14.92 -5.87
C GLU B 19 -10.71 14.81 -5.46
N SER B 20 -10.37 15.27 -4.24
CA SER B 20 -8.99 15.29 -3.78
C SER B 20 -8.59 13.99 -3.07
N LYS B 21 -9.50 13.01 -3.02
CA LYS B 21 -9.19 11.67 -2.52
C LYS B 21 -8.55 11.71 -1.13
N MET B 22 -9.17 12.42 -0.18
CA MET B 22 -8.57 12.63 1.14
C MET B 22 -8.73 11.44 2.07
N MET B 23 -7.88 11.41 3.11
CA MET B 23 -7.81 10.36 4.11
C MET B 23 -7.42 10.95 5.45
N GLN B 24 -7.94 10.37 6.54
CA GLN B 24 -7.59 10.79 7.88
C GLN B 24 -6.52 9.85 8.43
N CYS B 25 -5.63 10.38 9.28
CA CYS B 25 -4.59 9.60 9.91
C CYS B 25 -5.19 8.66 10.96
N GLY B 26 -4.43 7.66 11.42
CA GLY B 26 -4.96 6.64 12.31
C GLY B 26 -4.47 6.73 13.75
N LYS B 27 -3.47 7.58 14.04
CA LYS B 27 -3.04 7.81 15.42
C LYS B 27 -3.04 9.29 15.76
N CYS B 28 -3.50 10.12 14.82
CA CYS B 28 -3.79 11.53 15.03
C CYS B 28 -4.98 11.87 14.14
N ASP B 29 -5.60 13.04 14.33
CA ASP B 29 -6.81 13.40 13.61
C ASP B 29 -6.62 14.25 12.36
N ARG B 30 -5.37 14.49 11.98
CA ARG B 30 -5.07 15.32 10.81
C ARG B 30 -5.54 14.65 9.53
N TRP B 31 -6.05 15.44 8.59
CA TRP B 31 -6.48 14.98 7.28
C TRP B 31 -5.43 15.35 6.23
N VAL B 32 -5.34 14.55 5.16
CA VAL B 32 -4.40 14.79 4.07
C VAL B 32 -4.99 14.43 2.72
N HIS B 33 -4.53 15.12 1.66
CA HIS B 33 -4.90 14.75 0.30
C HIS B 33 -3.95 13.63 -0.13
N SER B 34 -4.45 12.60 -0.82
CA SER B 34 -3.58 11.52 -1.27
C SER B 34 -2.93 11.86 -2.61
N LYS B 35 -3.44 12.87 -3.33
CA LYS B 35 -2.90 13.27 -4.61
C LYS B 35 -1.55 13.97 -4.45
N CYS B 36 -1.30 14.56 -3.28
CA CYS B 36 -0.03 15.21 -3.00
C CYS B 36 1.02 14.17 -2.59
N GLU B 37 0.54 13.01 -2.16
CA GLU B 37 1.39 11.88 -1.77
C GLU B 37 1.70 11.00 -2.98
N ASN B 38 1.40 11.50 -4.18
CA ASN B 38 1.59 10.83 -5.46
C ASN B 38 0.97 9.43 -5.52
N LEU B 39 -0.01 9.15 -4.65
CA LEU B 39 -0.67 7.86 -4.62
C LEU B 39 -1.68 7.75 -5.77
N SER B 40 -1.75 6.58 -6.41
CA SER B 40 -2.77 6.30 -7.40
C SER B 40 -4.12 6.17 -6.68
N ASP B 41 -5.23 6.35 -7.38
CA ASP B 41 -6.54 6.29 -6.74
C ASP B 41 -6.83 4.92 -6.11
N GLU B 42 -6.47 3.84 -6.81
CA GLU B 42 -6.67 2.49 -6.31
C GLU B 42 -5.73 2.22 -5.13
N MET B 43 -4.50 2.72 -5.23
CA MET B 43 -3.52 2.52 -4.17
C MET B 43 -4.00 3.24 -2.92
N TYR B 44 -4.46 4.48 -3.08
CA TYR B 44 -5.07 5.25 -2.02
C TYR B 44 -6.24 4.55 -1.35
N GLU B 45 -7.13 3.96 -2.15
CA GLU B 45 -8.26 3.23 -1.60
C GLU B 45 -7.79 2.05 -0.78
N ILE B 46 -6.71 1.37 -1.19
CA ILE B 46 -6.21 0.27 -0.37
C ILE B 46 -5.67 0.78 0.96
N LEU B 47 -4.71 1.74 0.96
CA LEU B 47 -4.15 2.15 2.25
C LEU B 47 -5.22 2.75 3.15
N SER B 48 -6.24 3.37 2.55
CA SER B 48 -7.31 3.98 3.31
C SER B 48 -8.25 2.92 3.89
N ASN B 49 -8.41 1.79 3.19
CA ASN B 49 -9.28 0.72 3.65
C ASN B 49 -8.51 -0.48 4.21
N LEU B 50 -7.20 -0.36 4.42
CA LEU B 50 -6.44 -1.37 5.16
C LEU B 50 -7.08 -1.60 6.54
N PRO B 51 -6.78 -2.73 7.18
CA PRO B 51 -7.32 -3.10 8.49
C PRO B 51 -7.12 -2.03 9.57
N GLU B 52 -7.83 -2.18 10.69
CA GLU B 52 -7.75 -1.24 11.80
C GLU B 52 -6.42 -1.38 12.53
N SER B 53 -5.73 -2.53 12.37
CA SER B 53 -4.48 -2.79 13.07
C SER B 53 -3.28 -2.16 12.34
N VAL B 54 -3.33 -2.13 11.01
CA VAL B 54 -2.22 -1.65 10.18
C VAL B 54 -2.70 -0.77 9.04
N ALA B 55 -2.01 0.35 8.81
CA ALA B 55 -2.39 1.32 7.80
C ALA B 55 -1.31 2.39 7.62
N TYR B 56 -1.44 3.17 6.55
CA TYR B 56 -0.58 4.31 6.29
C TYR B 56 -0.85 5.52 7.17
N THR B 57 0.20 6.29 7.53
CA THR B 57 0.09 7.43 8.43
C THR B 57 0.67 8.73 7.89
N CYS B 58 0.25 9.85 8.49
CA CYS B 58 0.68 11.17 8.06
C CYS B 58 2.16 11.43 8.36
N VAL B 59 2.68 12.53 7.81
CA VAL B 59 4.08 12.93 7.97
C VAL B 59 4.51 13.21 9.42
N ASN B 60 3.54 13.27 10.34
CA ASN B 60 3.83 13.55 11.74
C ASN B 60 3.82 12.24 12.54
N CYS B 61 3.33 11.15 11.96
CA CYS B 61 3.26 9.85 12.62
C CYS B 61 4.23 8.85 11.99
N THR B 62 4.76 9.18 10.81
CA THR B 62 5.79 8.38 10.15
C THR B 62 6.69 9.20 9.23
N GLU B 63 7.87 8.66 8.92
CA GLU B 63 8.87 9.37 8.14
C GLU B 63 8.66 9.21 6.64
N ARG B 64 7.56 9.76 6.12
CA ARG B 64 7.17 9.60 4.72
C ARG B 64 6.31 10.78 4.29
ZN ZN C . -2.34 18.53 -0.43
ZN ZN D . -0.78 11.44 12.00
N ALA A 1 7.82 -21.45 -15.22
CA ALA A 1 6.62 -20.91 -14.53
C ALA A 1 6.52 -19.40 -14.74
N GLY A 2 5.35 -18.83 -14.44
CA GLY A 2 5.12 -17.40 -14.60
C GLY A 2 3.71 -17.02 -14.18
N HIS A 3 3.37 -15.75 -14.32
CA HIS A 3 2.05 -15.23 -13.97
C HIS A 3 0.96 -15.80 -14.87
N MET A 4 -0.29 -15.73 -14.40
CA MET A 4 -1.43 -16.21 -15.15
C MET A 4 -2.00 -15.09 -16.03
N ALA A 5 -1.64 -13.84 -15.76
CA ALA A 5 -2.14 -12.69 -16.51
C ALA A 5 -1.23 -11.48 -16.32
N THR A 6 -1.03 -10.71 -17.38
CA THR A 6 -0.27 -9.46 -17.33
C THR A 6 -1.04 -8.27 -16.78
N THR A 7 -0.34 -7.35 -16.10
CA THR A 7 -0.94 -6.12 -15.58
C THR A 7 -0.06 -4.89 -15.74
N LYS A 8 -0.66 -3.71 -15.53
CA LYS A 8 -0.01 -2.42 -15.71
C LYS A 8 -0.37 -1.49 -14.55
N ARG A 9 -0.53 -2.06 -13.36
CA ARG A 9 -0.98 -1.38 -12.16
C ARG A 9 -0.22 -1.90 -10.95
N VAL A 10 -0.58 -1.46 -9.74
CA VAL A 10 0.15 -1.79 -8.53
C VAL A 10 0.10 -3.30 -8.22
N LEU A 11 1.20 -3.82 -7.67
CA LEU A 11 1.32 -5.24 -7.36
C LEU A 11 1.70 -5.44 -5.90
N TYR A 12 1.39 -6.64 -5.39
CA TYR A 12 1.62 -7.01 -3.99
C TYR A 12 2.97 -7.64 -3.65
N VAL A 13 3.43 -7.45 -2.41
CA VAL A 13 4.66 -8.03 -1.90
C VAL A 13 4.44 -8.54 -0.48
N GLY A 14 5.09 -9.65 -0.12
CA GLY A 14 4.94 -10.25 1.20
C GLY A 14 6.15 -11.08 1.61
N GLY A 15 6.09 -11.67 2.81
CA GLY A 15 7.17 -12.48 3.35
C GLY A 15 8.32 -11.63 3.89
N LEU A 16 8.13 -10.31 3.93
CA LEU A 16 9.15 -9.36 4.32
C LEU A 16 9.42 -9.40 5.83
N ALA A 17 10.64 -9.04 6.23
CA ALA A 17 10.98 -8.84 7.64
C ALA A 17 10.58 -7.43 8.06
N GLU A 18 10.48 -7.20 9.38
CA GLU A 18 10.12 -5.89 9.92
C GLU A 18 11.19 -4.85 9.62
N GLU A 19 12.40 -5.30 9.27
CA GLU A 19 13.52 -4.41 8.95
C GLU A 19 13.38 -3.83 7.54
N VAL A 20 12.49 -4.41 6.72
CA VAL A 20 12.30 -3.97 5.34
C VAL A 20 11.61 -2.62 5.30
N ASP A 21 12.02 -1.80 4.33
CA ASP A 21 11.54 -0.45 4.08
C ASP A 21 11.46 -0.15 2.58
N ASP A 22 10.92 1.01 2.19
CA ASP A 22 10.81 1.36 0.78
C ASP A 22 12.17 1.43 0.07
N LYS A 23 13.25 1.63 0.83
CA LYS A 23 14.60 1.69 0.28
C LYS A 23 15.13 0.28 0.02
N VAL A 24 14.64 -0.72 0.78
CA VAL A 24 15.05 -2.11 0.58
C VAL A 24 14.26 -2.67 -0.60
N LEU A 25 12.96 -2.37 -0.67
CA LEU A 25 12.13 -2.83 -1.77
C LEU A 25 12.52 -2.11 -3.06
N HIS A 26 13.06 -0.90 -3.00
CA HIS A 26 13.48 -0.22 -4.21
C HIS A 26 14.74 -0.87 -4.78
N ALA A 27 15.72 -1.17 -3.94
CA ALA A 27 16.98 -1.74 -4.40
C ALA A 27 16.79 -3.17 -4.92
N ALA A 28 15.78 -3.88 -4.41
CA ALA A 28 15.52 -5.26 -4.81
C ALA A 28 14.61 -5.35 -6.03
N PHE A 29 13.84 -4.29 -6.33
CA PHE A 29 12.88 -4.30 -7.44
C PHE A 29 13.27 -3.46 -8.66
N ILE A 30 14.36 -2.71 -8.57
CA ILE A 30 14.80 -1.82 -9.64
C ILE A 30 15.55 -2.51 -10.79
N PRO A 31 16.11 -3.73 -10.65
CA PRO A 31 16.97 -4.28 -11.69
C PRO A 31 16.17 -4.80 -12.89
N PHE A 32 14.84 -4.93 -12.75
CA PHE A 32 13.99 -5.41 -13.82
C PHE A 32 13.51 -4.21 -14.65
N GLY A 33 13.52 -3.01 -14.06
CA GLY A 33 13.05 -1.81 -14.75
C GLY A 33 12.75 -0.68 -13.78
N ASP A 34 12.40 0.49 -14.32
CA ASP A 34 12.14 1.67 -13.52
C ASP A 34 10.97 1.55 -12.54
N ILE A 35 11.20 1.97 -11.30
CA ILE A 35 10.19 2.03 -10.26
C ILE A 35 9.62 3.45 -10.21
N THR A 36 8.36 3.59 -9.79
CA THR A 36 7.72 4.88 -9.67
C THR A 36 6.98 5.10 -8.34
N ASP A 37 6.67 4.01 -7.63
CA ASP A 37 6.04 4.08 -6.30
C ASP A 37 6.25 2.85 -5.42
N ILE A 38 6.45 3.09 -4.13
CA ILE A 38 6.52 2.07 -3.09
C ILE A 38 6.00 2.68 -1.80
N GLN A 39 5.07 1.99 -1.14
CA GLN A 39 4.49 2.44 0.12
C GLN A 39 4.22 1.25 1.02
N ILE A 40 4.52 1.41 2.32
CA ILE A 40 4.35 0.34 3.30
C ILE A 40 3.46 0.81 4.45
N PRO A 41 2.33 0.12 4.71
CA PRO A 41 1.46 0.41 5.84
C PRO A 41 2.12 -0.07 7.13
N LEU A 42 1.76 0.51 8.28
CA LEU A 42 2.42 0.17 9.54
C LEU A 42 1.41 -0.18 10.63
N ASP A 43 1.86 -1.02 11.57
CA ASP A 43 1.08 -1.39 12.75
C ASP A 43 1.05 -0.25 13.76
N TYR A 44 -0.14 0.09 14.26
CA TYR A 44 -0.28 1.25 15.13
C TYR A 44 0.45 1.26 16.48
N GLU A 45 0.88 0.10 16.97
CA GLU A 45 1.53 0.03 18.28
C GLU A 45 3.06 -0.11 18.17
N THR A 46 3.57 -0.61 17.04
CA THR A 46 5.00 -0.84 16.88
C THR A 46 5.64 -0.12 15.69
N GLU A 47 4.82 0.49 14.82
CA GLU A 47 5.28 1.19 13.63
C GLU A 47 6.09 0.29 12.69
N LYS A 48 5.83 -1.02 12.71
CA LYS A 48 6.41 -1.99 11.79
C LYS A 48 5.31 -2.60 10.96
N HIS A 49 5.62 -3.06 9.75
CA HIS A 49 4.67 -3.80 8.93
C HIS A 49 4.75 -5.28 9.27
N ARG A 50 3.66 -6.01 9.03
CA ARG A 50 3.57 -7.43 9.33
C ARG A 50 4.21 -8.30 8.24
N GLY A 51 5.09 -7.73 7.42
CA GLY A 51 5.77 -8.46 6.37
C GLY A 51 5.01 -8.43 5.05
N PHE A 52 4.38 -7.29 4.71
CA PHE A 52 3.59 -7.17 3.49
C PHE A 52 3.69 -5.70 3.08
N ALA A 53 3.63 -5.44 1.77
CA ALA A 53 3.80 -4.10 1.22
C ALA A 53 3.28 -4.03 -0.22
N PHE A 54 3.34 -2.83 -0.82
CA PHE A 54 2.93 -2.61 -2.20
C PHE A 54 3.98 -1.91 -3.07
N VAL A 55 4.04 -2.24 -4.36
CA VAL A 55 5.04 -1.72 -5.28
C VAL A 55 4.40 -1.41 -6.63
N GLU A 56 4.85 -0.33 -7.28
CA GLU A 56 4.36 0.10 -8.59
C GLU A 56 5.51 0.38 -9.55
N PHE A 57 5.37 -0.08 -10.79
CA PHE A 57 6.36 0.11 -11.84
C PHE A 57 6.05 1.21 -12.85
N GLU A 58 7.09 1.73 -13.50
CA GLU A 58 6.94 2.70 -14.56
C GLU A 58 6.55 2.00 -15.87
N LEU A 59 6.72 0.68 -15.93
CA LEU A 59 6.41 -0.12 -17.10
C LEU A 59 5.65 -1.39 -16.71
N ALA A 60 4.72 -1.82 -17.56
CA ALA A 60 3.92 -3.01 -17.35
C ALA A 60 4.75 -4.28 -17.60
N GLU A 61 5.76 -4.16 -18.47
CA GLU A 61 6.60 -5.28 -18.85
C GLU A 61 7.54 -5.66 -17.71
N ASP A 62 8.03 -4.64 -17.00
CA ASP A 62 8.97 -4.84 -15.91
C ASP A 62 8.26 -5.25 -14.63
N ALA A 63 6.96 -4.96 -14.52
CA ALA A 63 6.15 -5.43 -13.40
C ALA A 63 5.87 -6.92 -13.58
N ALA A 64 5.82 -7.39 -14.83
CA ALA A 64 5.62 -8.80 -15.11
C ALA A 64 6.90 -9.59 -14.82
N ALA A 65 8.06 -8.93 -14.94
CA ALA A 65 9.32 -9.57 -14.60
C ALA A 65 9.49 -9.64 -13.08
N ALA A 66 8.88 -8.73 -12.34
CA ALA A 66 8.97 -8.74 -10.88
C ALA A 66 8.21 -9.93 -10.30
N ILE A 67 6.97 -10.15 -10.73
CA ILE A 67 6.19 -11.29 -10.26
C ILE A 67 6.78 -12.61 -10.75
N ASP A 68 7.51 -12.59 -11.88
CA ASP A 68 8.14 -13.78 -12.41
C ASP A 68 9.49 -14.16 -11.79
N ASN A 69 10.14 -13.23 -11.08
CA ASN A 69 11.45 -13.52 -10.49
C ASN A 69 11.53 -13.23 -8.99
N MET A 70 10.86 -12.18 -8.50
CA MET A 70 10.95 -11.83 -7.09
C MET A 70 10.05 -12.69 -6.21
N ASN A 71 9.09 -13.42 -6.81
CA ASN A 71 8.19 -14.29 -6.07
C ASN A 71 8.96 -15.46 -5.44
N GLU A 72 10.19 -15.69 -5.88
CA GLU A 72 11.05 -16.74 -5.34
C GLU A 72 12.32 -16.16 -4.70
N SER A 73 12.41 -14.82 -4.62
CA SER A 73 13.56 -14.13 -4.06
C SER A 73 13.58 -14.22 -2.54
N GLU A 74 14.66 -13.74 -1.93
CA GLU A 74 14.86 -13.80 -0.49
C GLU A 74 15.40 -12.46 0.02
N LEU A 75 14.94 -12.04 1.21
CA LEU A 75 15.36 -10.80 1.85
C LEU A 75 15.42 -11.04 3.35
N PHE A 76 16.37 -10.41 4.04
CA PHE A 76 16.51 -10.54 5.48
C PHE A 76 16.61 -11.95 6.07
N GLY A 77 16.92 -12.95 5.22
CA GLY A 77 17.07 -14.32 5.67
C GLY A 77 15.81 -15.17 5.51
N ARG A 78 14.80 -14.67 4.78
CA ARG A 78 13.58 -15.43 4.53
C ARG A 78 13.05 -15.19 3.13
N THR A 79 12.34 -16.18 2.59
CA THR A 79 11.70 -16.08 1.29
C THR A 79 10.58 -15.07 1.21
N ILE A 80 10.47 -14.36 0.08
CA ILE A 80 9.44 -13.34 -0.12
C ILE A 80 8.42 -13.86 -1.13
N ARG A 81 7.30 -13.14 -1.24
CA ARG A 81 6.23 -13.44 -2.18
C ARG A 81 5.87 -12.19 -2.97
N VAL A 82 5.55 -12.35 -4.26
CA VAL A 82 5.16 -11.26 -5.13
C VAL A 82 4.10 -11.72 -6.12
N ASN A 83 3.02 -10.95 -6.28
CA ASN A 83 1.95 -11.31 -7.20
C ASN A 83 1.08 -10.10 -7.54
N LEU A 84 0.15 -10.28 -8.50
CA LEU A 84 -0.71 -9.20 -8.97
C LEU A 84 -1.62 -8.69 -7.86
N ALA A 85 -2.07 -7.44 -8.00
CA ALA A 85 -3.02 -6.82 -7.08
C ALA A 85 -3.92 -5.81 -7.81
N LYS A 86 -4.01 -5.93 -9.14
CA LYS A 86 -4.84 -5.05 -9.95
C LYS A 86 -6.34 -5.40 -9.92
N PRO A 87 -6.74 -6.68 -10.05
CA PRO A 87 -8.13 -7.05 -10.17
C PRO A 87 -8.89 -6.91 -8.84
N MET A 88 -8.17 -6.73 -7.74
CA MET A 88 -8.77 -6.56 -6.42
C MET A 88 -9.15 -5.10 -6.15
N ARG A 89 -9.36 -4.31 -7.20
CA ARG A 89 -9.73 -2.91 -7.07
C ARG A 89 -11.04 -2.78 -6.28
N ILE A 90 -11.07 -1.84 -5.34
CA ILE A 90 -12.19 -1.66 -4.42
C ILE A 90 -13.42 -1.12 -5.15
N LYS A 91 -14.60 -1.36 -4.57
CA LYS A 91 -15.88 -0.91 -5.12
C LYS A 91 -16.69 -0.25 -4.01
N GLU A 92 -17.42 0.83 -4.34
CA GLU A 92 -18.30 1.48 -3.38
C GLU A 92 -19.68 0.82 -3.36
N GLY A 93 -19.99 0.02 -4.39
CA GLY A 93 -21.27 -0.66 -4.51
C GLY A 93 -21.25 -2.04 -3.86
N SER A 94 -20.16 -2.38 -3.15
CA SER A 94 -19.97 -3.69 -2.56
C SER A 94 -19.48 -3.61 -1.12
N SER A 95 -19.87 -2.53 -0.41
CA SER A 95 -19.44 -2.28 0.96
C SER A 95 -17.92 -2.23 1.08
N ARG A 96 -17.40 -2.37 2.31
CA ARG A 96 -15.98 -2.38 2.57
C ARG A 96 -15.32 -3.52 1.80
N PRO A 97 -13.99 -3.50 1.66
CA PRO A 97 -13.24 -4.55 0.98
C PRO A 97 -13.50 -5.89 1.67
N VAL A 98 -14.23 -6.79 1.01
CA VAL A 98 -14.70 -8.02 1.64
C VAL A 98 -15.08 -9.14 0.66
N TRP A 99 -14.62 -9.06 -0.59
CA TRP A 99 -15.08 -9.94 -1.66
C TRP A 99 -13.95 -10.38 -2.60
N SER A 100 -12.69 -10.10 -2.24
CA SER A 100 -11.56 -10.28 -3.14
C SER A 100 -10.28 -10.50 -2.32
N ASP A 101 -9.11 -10.41 -2.96
CA ASP A 101 -7.86 -10.45 -2.24
C ASP A 101 -7.77 -9.40 -1.12
N ASP A 102 -8.65 -8.40 -1.18
CA ASP A 102 -8.77 -7.43 -0.12
C ASP A 102 -9.45 -8.01 1.12
N ASP A 103 -10.21 -9.10 0.94
CA ASP A 103 -10.85 -9.81 2.01
C ASP A 103 -9.78 -10.64 2.71
N TRP A 104 -8.77 -11.16 1.97
CA TRP A 104 -7.74 -11.89 2.72
C TRP A 104 -6.93 -10.88 3.54
N LEU A 105 -6.85 -9.61 3.13
CA LEU A 105 -6.22 -8.60 3.97
C LEU A 105 -7.02 -8.44 5.27
N LYS A 106 -8.35 -8.58 5.21
CA LYS A 106 -9.16 -8.53 6.42
C LYS A 106 -8.91 -9.74 7.31
N LYS A 107 -8.72 -10.93 6.72
CA LYS A 107 -8.41 -12.13 7.48
C LYS A 107 -6.99 -12.06 8.04
N PHE A 108 -6.10 -11.36 7.34
CA PHE A 108 -4.75 -11.09 7.80
C PHE A 108 -4.68 -10.44 9.18
N SER A 109 -5.41 -9.34 9.38
CA SER A 109 -5.48 -8.73 10.71
C SER A 109 -6.54 -9.40 11.58
N GLY A 110 -7.47 -10.12 10.96
CA GLY A 110 -8.52 -10.83 11.67
C GLY A 110 -8.01 -12.09 12.37
N LYS A 111 -6.76 -12.47 12.07
CA LYS A 111 -6.10 -13.59 12.73
C LYS A 111 -6.09 -13.41 14.25
N THR A 112 -6.15 -12.17 14.74
CA THR A 112 -6.18 -11.90 16.16
C THR A 112 -7.39 -12.47 16.89
N LEU A 113 -8.47 -12.74 16.14
CA LEU A 113 -9.70 -13.29 16.69
C LEU A 113 -9.59 -14.80 16.89
N GLU A 114 -8.63 -15.43 16.21
CA GLU A 114 -8.41 -16.86 16.28
C GLU A 114 -7.57 -17.24 17.50
N GLU A 115 -7.14 -16.23 18.27
CA GLU A 115 -6.32 -16.43 19.46
C GLU A 115 -6.85 -15.59 20.63
N ASN A 116 -8.06 -15.04 20.48
CA ASN A 116 -8.71 -14.25 21.51
C ASN A 116 -9.13 -15.15 22.68
N LYS A 117 -9.50 -14.54 23.82
CA LYS A 117 -9.91 -15.27 25.02
C LYS A 117 -11.14 -16.13 24.73
N ALA B 1 5.51 19.72 15.20
CA ALA B 1 4.34 19.17 14.52
C ALA B 1 4.25 19.72 13.10
N LYS B 2 3.98 18.84 12.12
CA LYS B 2 3.88 19.22 10.72
C LYS B 2 2.48 19.75 10.39
N GLY B 3 2.04 20.76 11.15
CA GLY B 3 0.74 21.37 10.95
C GLY B 3 -0.39 20.41 11.29
N ASN B 4 -1.57 20.64 10.70
CA ASN B 4 -2.75 19.80 10.86
C ASN B 4 -3.41 19.56 9.50
N PHE B 5 -2.61 19.62 8.43
CA PHE B 5 -3.11 19.57 7.06
C PHE B 5 -2.01 18.95 6.19
N CYS B 6 -2.35 18.66 4.94
CA CYS B 6 -1.43 18.15 3.93
C CYS B 6 -0.28 19.14 3.73
N PRO B 7 0.95 18.76 4.08
CA PRO B 7 2.11 19.63 3.97
C PRO B 7 2.63 19.72 2.54
N LEU B 8 2.02 18.96 1.61
CA LEU B 8 2.49 18.90 0.24
C LEU B 8 1.85 19.96 -0.66
N CYS B 9 0.79 20.63 -0.19
CA CYS B 9 0.17 21.70 -0.95
C CYS B 9 -0.52 22.71 -0.03
N ASP B 10 -0.87 23.89 -0.58
CA ASP B 10 -1.47 24.97 0.18
C ASP B 10 -2.99 25.11 0.03
N LYS B 11 -3.60 24.34 -0.88
CA LYS B 11 -5.03 24.42 -1.15
C LYS B 11 -5.84 23.58 -0.16
N CYS B 12 -5.28 23.28 1.01
CA CYS B 12 -5.91 22.40 1.98
C CYS B 12 -7.24 22.94 2.50
N TYR B 13 -8.07 22.03 3.00
CA TYR B 13 -9.38 22.34 3.56
C TYR B 13 -10.43 22.96 2.64
N ASP B 14 -10.10 23.07 1.34
CA ASP B 14 -11.02 23.61 0.35
C ASP B 14 -12.19 22.68 -0.01
N ASP B 15 -13.24 23.24 -0.60
CA ASP B 15 -14.44 22.49 -0.96
C ASP B 15 -14.24 21.42 -2.03
N ASP B 16 -13.17 21.54 -2.83
CA ASP B 16 -12.86 20.57 -3.87
C ASP B 16 -12.17 19.30 -3.38
N ASP B 17 -11.80 19.24 -2.10
CA ASP B 17 -11.05 18.12 -1.55
C ASP B 17 -11.74 16.75 -1.59
N TYR B 18 -13.02 16.70 -1.98
CA TYR B 18 -13.71 15.41 -2.09
C TYR B 18 -13.22 14.75 -3.37
N GLU B 19 -12.68 15.53 -4.31
CA GLU B 19 -12.03 15.00 -5.50
C GLU B 19 -10.53 14.78 -5.24
N SER B 20 -10.04 15.26 -4.09
CA SER B 20 -8.65 15.09 -3.70
C SER B 20 -8.46 13.80 -2.92
N LYS B 21 -9.55 13.05 -2.69
CA LYS B 21 -9.48 11.75 -2.03
C LYS B 21 -8.77 11.83 -0.68
N MET B 22 -9.19 12.77 0.17
CA MET B 22 -8.49 13.00 1.43
C MET B 22 -8.82 11.93 2.46
N MET B 23 -7.97 11.85 3.48
CA MET B 23 -8.01 10.83 4.51
C MET B 23 -7.42 11.36 5.81
N GLN B 24 -7.88 10.83 6.93
CA GLN B 24 -7.37 11.23 8.24
C GLN B 24 -6.38 10.18 8.76
N CYS B 25 -5.38 10.63 9.50
CA CYS B 25 -4.39 9.77 10.11
C CYS B 25 -5.03 8.92 11.22
N GLY B 26 -4.32 7.90 11.70
CA GLY B 26 -4.85 6.99 12.69
C GLY B 26 -4.45 7.36 14.11
N LYS B 27 -3.14 7.36 14.40
CA LYS B 27 -2.66 7.64 15.75
C LYS B 27 -2.60 9.14 16.04
N CYS B 28 -2.97 9.97 15.06
CA CYS B 28 -3.15 11.39 15.26
C CYS B 28 -4.31 11.87 14.38
N ASP B 29 -4.78 13.10 14.60
CA ASP B 29 -5.96 13.62 13.91
C ASP B 29 -5.69 14.45 12.66
N ARG B 30 -4.43 14.48 12.21
CA ARG B 30 -4.05 15.27 11.05
C ARG B 30 -4.71 14.74 9.78
N TRP B 31 -5.21 15.64 8.93
CA TRP B 31 -5.81 15.31 7.66
C TRP B 31 -4.82 15.46 6.52
N VAL B 32 -4.91 14.60 5.51
CA VAL B 32 -4.02 14.62 4.36
C VAL B 32 -4.74 14.25 3.06
N HIS B 33 -4.24 14.76 1.93
CA HIS B 33 -4.71 14.38 0.61
C HIS B 33 -3.96 13.13 0.14
N SER B 34 -4.54 12.38 -0.80
CA SER B 34 -3.86 11.21 -1.36
C SER B 34 -3.33 11.50 -2.75
N LYS B 35 -3.85 12.53 -3.42
CA LYS B 35 -3.37 12.92 -4.75
C LYS B 35 -2.03 13.64 -4.65
N CYS B 36 -1.79 14.35 -3.54
CA CYS B 36 -0.50 14.98 -3.31
C CYS B 36 0.54 13.90 -2.96
N GLU B 37 0.08 12.79 -2.38
CA GLU B 37 0.91 11.62 -2.12
C GLU B 37 1.06 10.76 -3.37
N ASN B 38 0.57 11.27 -4.51
CA ASN B 38 0.64 10.66 -5.84
C ASN B 38 0.14 9.21 -5.85
N LEU B 39 -0.73 8.83 -4.92
CA LEU B 39 -1.23 7.47 -4.83
C LEU B 39 -2.31 7.23 -5.89
N SER B 40 -2.37 6.00 -6.42
CA SER B 40 -3.43 5.61 -7.33
C SER B 40 -4.74 5.53 -6.55
N ASP B 41 -5.89 5.71 -7.22
CA ASP B 41 -7.16 5.75 -6.52
C ASP B 41 -7.51 4.48 -5.76
N GLU B 42 -7.31 3.31 -6.37
CA GLU B 42 -7.63 2.05 -5.71
C GLU B 42 -6.54 1.73 -4.66
N MET B 43 -5.31 2.17 -4.90
CA MET B 43 -4.25 1.94 -3.93
C MET B 43 -4.54 2.73 -2.67
N TYR B 44 -5.01 3.98 -2.85
CA TYR B 44 -5.52 4.79 -1.76
C TYR B 44 -6.71 4.16 -1.02
N GLU B 45 -7.66 3.60 -1.77
CA GLU B 45 -8.80 2.93 -1.17
C GLU B 45 -8.34 1.72 -0.37
N ILE B 46 -7.27 1.04 -0.78
CA ILE B 46 -6.80 -0.11 -0.03
C ILE B 46 -6.16 0.35 1.28
N LEU B 47 -5.13 1.20 1.19
CA LEU B 47 -4.41 1.63 2.39
C LEU B 47 -5.28 2.52 3.28
N SER B 48 -6.41 3.03 2.77
CA SER B 48 -7.38 3.75 3.58
C SER B 48 -8.34 2.78 4.26
N ASN B 49 -8.73 1.69 3.58
CA ASN B 49 -9.63 0.70 4.14
C ASN B 49 -8.90 -0.49 4.77
N LEU B 50 -7.57 -0.45 4.87
CA LEU B 50 -6.81 -1.45 5.61
C LEU B 50 -7.38 -1.61 7.02
N PRO B 51 -7.10 -2.75 7.68
CA PRO B 51 -7.56 -3.06 9.02
C PRO B 51 -7.23 -2.00 10.08
N GLU B 52 -7.88 -2.10 11.24
CA GLU B 52 -7.65 -1.17 12.33
C GLU B 52 -6.31 -1.41 13.03
N SER B 53 -5.69 -2.57 12.79
CA SER B 53 -4.40 -2.89 13.40
C SER B 53 -3.25 -2.27 12.62
N VAL B 54 -3.35 -2.27 11.28
CA VAL B 54 -2.31 -1.77 10.40
C VAL B 54 -2.86 -0.89 9.30
N ALA B 55 -2.20 0.25 9.04
CA ALA B 55 -2.68 1.24 8.09
C ALA B 55 -1.60 2.29 7.82
N TYR B 56 -1.83 3.10 6.78
CA TYR B 56 -0.96 4.22 6.43
C TYR B 56 -1.08 5.42 7.37
N THR B 57 0.02 6.14 7.61
CA THR B 57 0.05 7.30 8.49
C THR B 57 0.64 8.57 7.89
N CYS B 58 0.33 9.71 8.52
CA CYS B 58 0.77 11.01 8.05
C CYS B 58 2.29 11.17 8.16
N VAL B 59 2.81 12.25 7.55
CA VAL B 59 4.24 12.54 7.51
C VAL B 59 4.86 12.81 8.89
N ASN B 60 4.03 12.96 9.92
CA ASN B 60 4.52 13.21 11.27
C ASN B 60 4.59 11.90 12.06
N CYS B 61 3.72 10.94 11.76
CA CYS B 61 3.71 9.66 12.43
C CYS B 61 4.71 8.70 11.78
N THR B 62 5.09 8.98 10.53
CA THR B 62 6.11 8.21 9.83
C THR B 62 6.89 9.02 8.80
N GLU B 63 8.16 8.66 8.58
CA GLU B 63 8.99 9.34 7.59
C GLU B 63 8.58 8.89 6.19
N ARG B 64 8.66 9.81 5.22
CA ARG B 64 8.30 9.58 3.83
C ARG B 64 9.23 10.34 2.91
ZN ZN C . -2.56 18.41 -0.66
ZN ZN D . -0.34 11.18 12.10
N ALA A 1 5.19 -16.65 -19.74
CA ALA A 1 5.20 -16.08 -18.39
C ALA A 1 4.48 -16.99 -17.40
N GLY A 2 4.77 -16.84 -16.10
CA GLY A 2 4.19 -17.67 -15.06
C GLY A 2 2.95 -17.04 -14.43
N HIS A 3 2.68 -15.76 -14.71
CA HIS A 3 1.53 -15.06 -14.15
C HIS A 3 0.22 -15.45 -14.84
N MET A 4 -0.90 -15.19 -14.17
CA MET A 4 -2.22 -15.43 -14.72
C MET A 4 -2.66 -14.26 -15.61
N ALA A 5 -2.04 -13.09 -15.42
CA ALA A 5 -2.32 -11.89 -16.19
C ALA A 5 -1.17 -10.90 -16.03
N THR A 6 -0.91 -10.11 -17.08
CA THR A 6 0.19 -9.14 -17.06
C THR A 6 -0.01 -7.93 -16.14
N THR A 7 -1.22 -7.39 -16.14
CA THR A 7 -1.58 -6.19 -15.38
C THR A 7 -0.74 -4.93 -15.67
N LYS A 8 -1.21 -3.78 -15.19
CA LYS A 8 -0.52 -2.50 -15.38
C LYS A 8 -0.80 -1.56 -14.22
N ARG A 9 -1.01 -2.13 -13.02
CA ARG A 9 -1.32 -1.41 -11.81
C ARG A 9 -0.46 -1.92 -10.66
N VAL A 10 -0.78 -1.52 -9.42
CA VAL A 10 0.01 -1.87 -8.25
C VAL A 10 0.04 -3.38 -8.00
N LEU A 11 1.14 -3.87 -7.44
CA LEU A 11 1.30 -5.28 -7.16
C LEU A 11 1.72 -5.49 -5.71
N TYR A 12 1.39 -6.66 -5.18
CA TYR A 12 1.61 -7.02 -3.79
C TYR A 12 2.97 -7.63 -3.45
N VAL A 13 3.46 -7.38 -2.23
CA VAL A 13 4.71 -7.92 -1.73
C VAL A 13 4.52 -8.40 -0.28
N GLY A 14 5.16 -9.50 0.09
CA GLY A 14 5.03 -10.07 1.43
C GLY A 14 6.25 -10.91 1.83
N GLY A 15 6.22 -11.45 3.05
CA GLY A 15 7.30 -12.23 3.60
C GLY A 15 8.46 -11.35 4.07
N LEU A 16 8.24 -10.04 4.10
CA LEU A 16 9.26 -9.06 4.46
C LEU A 16 9.54 -9.05 5.96
N ALA A 17 10.78 -8.71 6.34
CA ALA A 17 11.13 -8.47 7.74
C ALA A 17 10.70 -7.06 8.16
N GLU A 18 10.62 -6.80 9.46
CA GLU A 18 10.25 -5.49 9.98
C GLU A 18 11.32 -4.45 9.63
N GLU A 19 12.52 -4.91 9.28
CA GLU A 19 13.63 -4.03 8.90
C GLU A 19 13.48 -3.53 7.46
N VAL A 20 12.61 -4.16 6.67
CA VAL A 20 12.41 -3.77 5.27
C VAL A 20 11.70 -2.43 5.18
N ASP A 21 12.11 -1.62 4.20
CA ASP A 21 11.55 -0.31 3.92
C ASP A 21 11.59 0.00 2.43
N ASP A 22 11.10 1.17 2.02
CA ASP A 22 11.00 1.52 0.61
C ASP A 22 12.32 1.52 -0.14
N LYS A 23 13.44 1.72 0.55
CA LYS A 23 14.76 1.73 -0.09
C LYS A 23 15.28 0.31 -0.30
N VAL A 24 14.85 -0.65 0.53
CA VAL A 24 15.23 -2.05 0.35
C VAL A 24 14.36 -2.61 -0.78
N LEU A 25 13.08 -2.26 -0.79
CA LEU A 25 12.17 -2.71 -1.84
C LEU A 25 12.52 -2.04 -3.17
N HIS A 26 13.06 -0.81 -3.15
CA HIS A 26 13.43 -0.17 -4.40
C HIS A 26 14.67 -0.82 -5.00
N ALA A 27 15.68 -1.11 -4.17
CA ALA A 27 16.92 -1.67 -4.67
C ALA A 27 16.74 -3.10 -5.16
N ALA A 28 15.76 -3.82 -4.63
CA ALA A 28 15.50 -5.20 -5.03
C ALA A 28 14.54 -5.31 -6.22
N PHE A 29 13.75 -4.26 -6.49
CA PHE A 29 12.76 -4.27 -7.56
C PHE A 29 13.09 -3.47 -8.81
N ILE A 30 14.20 -2.72 -8.78
CA ILE A 30 14.59 -1.83 -9.87
C ILE A 30 15.31 -2.54 -11.04
N PRO A 31 15.88 -3.76 -10.90
CA PRO A 31 16.69 -4.33 -11.97
C PRO A 31 15.84 -4.84 -13.14
N PHE A 32 14.52 -4.97 -12.95
CA PHE A 32 13.64 -5.47 -14.00
C PHE A 32 13.11 -4.30 -14.82
N GLY A 33 13.13 -3.08 -14.25
CA GLY A 33 12.61 -1.90 -14.92
C GLY A 33 12.39 -0.76 -13.94
N ASP A 34 12.05 0.42 -14.46
CA ASP A 34 11.87 1.61 -13.64
C ASP A 34 10.72 1.53 -12.64
N ILE A 35 11.00 1.90 -11.40
CA ILE A 35 10.01 2.01 -10.33
C ILE A 35 9.48 3.43 -10.29
N THR A 36 8.22 3.60 -9.85
CA THR A 36 7.62 4.92 -9.76
C THR A 36 6.95 5.23 -8.42
N ASP A 37 6.62 4.20 -7.63
CA ASP A 37 6.06 4.42 -6.30
C ASP A 37 6.18 3.17 -5.41
N ILE A 38 6.42 3.38 -4.11
CA ILE A 38 6.48 2.32 -3.11
C ILE A 38 5.97 2.87 -1.78
N GLN A 39 5.10 2.12 -1.11
CA GLN A 39 4.55 2.52 0.18
C GLN A 39 4.41 1.32 1.09
N ILE A 40 4.66 1.51 2.39
CA ILE A 40 4.57 0.44 3.38
C ILE A 40 3.60 0.87 4.48
N PRO A 41 2.46 0.19 4.65
CA PRO A 41 1.52 0.45 5.74
C PRO A 41 2.15 0.02 7.05
N LEU A 42 1.81 0.70 8.15
CA LEU A 42 2.43 0.44 9.44
C LEU A 42 1.40 0.06 10.49
N ASP A 43 1.86 -0.71 11.49
CA ASP A 43 1.05 -1.13 12.63
C ASP A 43 0.92 0.09 13.53
N TYR A 44 -0.29 0.33 14.05
CA TYR A 44 -0.51 1.49 14.91
C TYR A 44 0.17 1.46 16.29
N GLU A 45 0.63 0.29 16.72
CA GLU A 45 1.19 0.12 18.06
C GLU A 45 2.71 0.20 18.07
N THR A 46 3.37 -0.28 17.01
CA THR A 46 4.83 -0.33 16.94
C THR A 46 5.47 0.37 15.75
N GLU A 47 4.67 0.92 14.84
CA GLU A 47 5.13 1.59 13.63
C GLU A 47 6.01 0.72 12.73
N LYS A 48 5.99 -0.59 12.93
CA LYS A 48 6.60 -1.56 12.03
C LYS A 48 5.51 -2.08 11.10
N HIS A 49 5.82 -3.06 10.25
CA HIS A 49 4.81 -3.67 9.40
C HIS A 49 4.84 -5.19 9.59
N ARG A 50 3.71 -5.85 9.32
CA ARG A 50 3.56 -7.29 9.51
C ARG A 50 4.29 -8.10 8.45
N GLY A 51 5.13 -7.45 7.62
CA GLY A 51 5.86 -8.14 6.57
C GLY A 51 5.11 -8.15 5.25
N PHE A 52 4.46 -7.04 4.90
CA PHE A 52 3.65 -6.95 3.69
C PHE A 52 3.74 -5.48 3.25
N ALA A 53 3.68 -5.25 1.93
CA ALA A 53 3.83 -3.93 1.35
C ALA A 53 3.32 -3.89 -0.10
N PHE A 54 3.38 -2.72 -0.73
CA PHE A 54 2.98 -2.53 -2.12
C PHE A 54 4.00 -1.82 -3.00
N VAL A 55 4.04 -2.14 -4.29
CA VAL A 55 5.01 -1.60 -5.23
C VAL A 55 4.32 -1.27 -6.56
N GLU A 56 4.75 -0.19 -7.21
CA GLU A 56 4.20 0.24 -8.48
C GLU A 56 5.33 0.53 -9.49
N PHE A 57 5.17 -0.01 -10.71
CA PHE A 57 6.12 0.16 -11.79
C PHE A 57 5.78 1.24 -12.82
N GLU A 58 6.79 1.76 -13.50
CA GLU A 58 6.60 2.71 -14.58
C GLU A 58 6.17 2.00 -15.87
N LEU A 59 6.36 0.67 -15.93
CA LEU A 59 6.01 -0.14 -17.09
C LEU A 59 5.28 -1.41 -16.66
N ALA A 60 4.30 -1.84 -17.46
CA ALA A 60 3.50 -3.02 -17.18
C ALA A 60 4.28 -4.32 -17.40
N GLU A 61 5.24 -4.31 -18.33
CA GLU A 61 6.00 -5.51 -18.66
C GLU A 61 7.03 -5.82 -17.58
N ASP A 62 7.55 -4.76 -16.94
CA ASP A 62 8.58 -4.91 -15.92
C ASP A 62 7.97 -5.35 -14.59
N ALA A 63 6.67 -5.08 -14.40
CA ALA A 63 5.95 -5.57 -13.23
C ALA A 63 5.67 -7.07 -13.38
N ALA A 64 5.55 -7.54 -14.62
CA ALA A 64 5.35 -8.96 -14.89
C ALA A 64 6.64 -9.73 -14.63
N ALA A 65 7.79 -9.08 -14.81
CA ALA A 65 9.07 -9.69 -14.48
C ALA A 65 9.27 -9.72 -12.96
N ALA A 66 8.69 -8.77 -12.24
CA ALA A 66 8.83 -8.73 -10.78
C ALA A 66 8.07 -9.88 -10.14
N ILE A 67 6.82 -10.11 -10.54
CA ILE A 67 6.02 -11.20 -9.98
C ILE A 67 6.57 -12.55 -10.41
N ASP A 68 7.27 -12.62 -11.55
CA ASP A 68 7.87 -13.86 -12.02
C ASP A 68 9.27 -14.19 -11.49
N ASN A 69 9.95 -13.23 -10.85
CA ASN A 69 11.29 -13.48 -10.32
C ASN A 69 11.44 -13.14 -8.84
N MET A 70 10.79 -12.08 -8.36
CA MET A 70 10.94 -11.69 -6.95
C MET A 70 10.11 -12.56 -6.02
N ASN A 71 9.16 -13.33 -6.56
CA ASN A 71 8.35 -14.25 -5.77
C ASN A 71 9.21 -15.40 -5.23
N GLU A 72 10.42 -15.58 -5.79
CA GLU A 72 11.36 -16.59 -5.32
C GLU A 72 12.55 -15.94 -4.62
N SER A 73 12.55 -14.61 -4.52
CA SER A 73 13.66 -13.85 -3.93
C SER A 73 13.67 -13.99 -2.41
N GLU A 74 14.73 -13.45 -1.79
CA GLU A 74 14.97 -13.53 -0.36
C GLU A 74 15.48 -12.18 0.15
N LEU A 75 15.02 -11.78 1.35
CA LEU A 75 15.43 -10.53 1.98
C LEU A 75 15.55 -10.76 3.48
N PHE A 76 16.54 -10.12 4.11
CA PHE A 76 16.78 -10.25 5.54
C PHE A 76 16.94 -11.67 6.10
N GLY A 77 17.22 -12.65 5.23
CA GLY A 77 17.41 -14.03 5.64
C GLY A 77 16.14 -14.87 5.54
N ARG A 78 15.09 -14.38 4.87
CA ARG A 78 13.86 -15.12 4.69
C ARG A 78 13.26 -14.91 3.30
N THR A 79 12.54 -15.90 2.80
CA THR A 79 11.86 -15.83 1.51
C THR A 79 10.74 -14.81 1.44
N ILE A 80 10.53 -14.20 0.27
CA ILE A 80 9.50 -13.19 0.08
C ILE A 80 8.48 -13.70 -0.92
N ARG A 81 7.34 -13.01 -1.02
CA ARG A 81 6.26 -13.35 -1.94
C ARG A 81 5.88 -12.13 -2.75
N VAL A 82 5.57 -12.32 -4.03
CA VAL A 82 5.14 -11.26 -4.93
C VAL A 82 4.08 -11.76 -5.90
N ASN A 83 3.00 -11.00 -6.08
CA ASN A 83 1.92 -11.39 -6.99
C ASN A 83 1.05 -10.18 -7.35
N LEU A 84 0.11 -10.40 -8.27
CA LEU A 84 -0.78 -9.35 -8.76
C LEU A 84 -1.66 -8.82 -7.64
N ALA A 85 -2.12 -7.58 -7.78
CA ALA A 85 -3.05 -6.97 -6.85
C ALA A 85 -4.06 -6.06 -7.57
N LYS A 86 -4.06 -6.06 -8.90
CA LYS A 86 -4.96 -5.21 -9.68
C LYS A 86 -6.45 -5.57 -9.46
N PRO A 87 -6.81 -6.86 -9.34
CA PRO A 87 -8.18 -7.27 -9.05
C PRO A 87 -8.77 -6.64 -7.79
N MET A 88 -7.91 -6.08 -6.91
CA MET A 88 -8.33 -5.49 -5.65
C MET A 88 -8.87 -4.07 -5.84
N ARG A 89 -9.51 -3.78 -6.98
CA ARG A 89 -10.06 -2.45 -7.22
C ARG A 89 -11.34 -2.30 -6.41
N ILE A 90 -11.22 -1.64 -5.26
CA ILE A 90 -12.31 -1.50 -4.29
C ILE A 90 -13.49 -0.75 -4.92
N LYS A 91 -14.71 -1.07 -4.46
CA LYS A 91 -15.93 -0.48 -4.97
C LYS A 91 -16.19 0.92 -4.41
N GLU A 92 -15.15 1.51 -3.80
CA GLU A 92 -15.12 2.88 -3.26
C GLU A 92 -16.11 3.18 -2.13
N GLY A 93 -17.19 2.41 -1.99
CA GLY A 93 -18.14 2.67 -0.92
C GLY A 93 -19.39 1.79 -0.98
N SER A 94 -19.58 1.00 -2.04
CA SER A 94 -20.72 0.10 -2.13
C SER A 94 -20.67 -0.94 -1.02
N SER A 95 -19.45 -1.38 -0.68
CA SER A 95 -19.19 -2.28 0.44
C SER A 95 -17.69 -2.29 0.70
N ARG A 96 -17.27 -2.82 1.85
CA ARG A 96 -15.87 -2.94 2.20
C ARG A 96 -15.27 -4.14 1.46
N PRO A 97 -13.94 -4.27 1.45
CA PRO A 97 -13.24 -5.32 0.72
C PRO A 97 -13.55 -6.71 1.29
N VAL A 98 -14.23 -7.56 0.52
CA VAL A 98 -14.65 -8.90 0.95
C VAL A 98 -14.78 -9.88 -0.22
N TRP A 99 -14.16 -9.59 -1.37
CA TRP A 99 -14.40 -10.35 -2.59
C TRP A 99 -13.15 -10.59 -3.45
N SER A 100 -11.96 -10.31 -2.91
CA SER A 100 -10.71 -10.36 -3.66
C SER A 100 -9.53 -10.60 -2.72
N ASP A 101 -8.30 -10.48 -3.24
CA ASP A 101 -7.14 -10.52 -2.39
C ASP A 101 -7.19 -9.52 -1.22
N ASP A 102 -8.09 -8.53 -1.32
CA ASP A 102 -8.34 -7.60 -0.24
C ASP A 102 -9.21 -8.22 0.87
N ASP A 103 -9.94 -9.28 0.52
CA ASP A 103 -10.69 -10.05 1.50
C ASP A 103 -9.67 -10.79 2.35
N TRP A 104 -8.60 -11.34 1.75
CA TRP A 104 -7.63 -12.00 2.61
C TRP A 104 -6.86 -10.97 3.43
N LEU A 105 -6.81 -9.69 3.01
CA LEU A 105 -6.23 -8.67 3.90
C LEU A 105 -7.07 -8.58 5.17
N LYS A 106 -8.39 -8.78 5.09
CA LYS A 106 -9.21 -8.82 6.29
C LYS A 106 -8.95 -10.08 7.11
N LYS A 107 -8.76 -11.23 6.43
CA LYS A 107 -8.45 -12.48 7.13
C LYS A 107 -7.10 -12.32 7.84
N PHE A 108 -6.19 -11.58 7.22
CA PHE A 108 -4.90 -11.19 7.77
C PHE A 108 -4.98 -10.39 9.07
N SER A 109 -5.99 -9.54 9.20
CA SER A 109 -6.22 -8.82 10.44
C SER A 109 -6.68 -9.76 11.55
N GLY A 110 -7.36 -10.84 11.18
CA GLY A 110 -7.81 -11.85 12.13
C GLY A 110 -9.31 -12.11 11.96
N LYS A 111 -9.74 -12.37 10.73
CA LYS A 111 -11.14 -12.61 10.40
C LYS A 111 -12.01 -11.41 10.83
N THR A 112 -11.43 -10.21 10.78
CA THR A 112 -12.12 -8.99 11.18
C THR A 112 -13.34 -8.65 10.31
N LEU A 113 -14.32 -7.95 10.89
CA LEU A 113 -15.55 -7.55 10.21
C LEU A 113 -16.30 -8.73 9.58
N GLU A 114 -16.02 -9.95 10.04
CA GLU A 114 -16.66 -11.16 9.55
C GLU A 114 -17.13 -12.06 10.70
N GLU A 115 -17.03 -11.57 11.94
CA GLU A 115 -17.49 -12.25 13.13
C GLU A 115 -18.26 -11.30 14.05
N ASN A 116 -18.39 -10.04 13.62
CA ASN A 116 -19.08 -9.01 14.37
C ASN A 116 -20.59 -9.23 14.31
N LYS A 117 -21.31 -8.65 15.29
CA LYS A 117 -22.75 -8.76 15.36
C LYS A 117 -23.41 -7.98 14.21
N ALA B 1 6.24 18.97 14.69
CA ALA B 1 5.09 18.58 13.85
C ALA B 1 5.30 18.98 12.40
N LYS B 2 4.81 18.17 11.46
CA LYS B 2 4.96 18.44 10.04
C LYS B 2 3.96 19.50 9.57
N GLY B 3 2.88 19.68 10.33
CA GLY B 3 1.86 20.67 10.04
C GLY B 3 0.47 20.06 10.08
N ASN B 4 -0.54 20.89 10.38
CA ASN B 4 -1.92 20.47 10.49
C ASN B 4 -2.61 20.41 9.12
N PHE B 5 -1.87 20.06 8.07
CA PHE B 5 -2.40 20.07 6.71
C PHE B 5 -1.50 19.14 5.89
N CYS B 6 -1.96 18.78 4.69
CA CYS B 6 -1.20 17.99 3.73
C CYS B 6 0.08 18.77 3.34
N PRO B 7 1.26 18.24 3.69
CA PRO B 7 2.52 18.91 3.42
C PRO B 7 2.99 18.70 1.99
N LEU B 8 2.34 17.83 1.22
CA LEU B 8 2.76 17.52 -0.15
C LEU B 8 2.23 18.56 -1.14
N CYS B 9 1.37 19.49 -0.70
CA CYS B 9 0.93 20.60 -1.54
C CYS B 9 0.72 21.86 -0.70
N ASP B 10 0.72 23.02 -1.36
CA ASP B 10 0.64 24.31 -0.68
C ASP B 10 -0.77 24.73 -0.20
N LYS B 11 -1.80 23.93 -0.53
CA LYS B 11 -3.16 24.26 -0.13
C LYS B 11 -3.49 23.77 1.26
N CYS B 12 -4.16 24.61 2.04
CA CYS B 12 -4.74 24.24 3.33
C CYS B 12 -6.07 23.52 3.07
N TYR B 13 -6.81 23.20 4.13
CA TYR B 13 -8.13 22.61 3.96
C TYR B 13 -9.01 23.56 3.14
N ASP B 14 -9.85 23.01 2.25
CA ASP B 14 -10.61 23.82 1.32
C ASP B 14 -11.81 23.00 0.84
N ASP B 15 -12.77 23.66 0.17
CA ASP B 15 -13.95 22.99 -0.35
C ASP B 15 -13.63 21.94 -1.42
N ASP B 16 -12.46 22.04 -2.05
CA ASP B 16 -11.99 21.10 -3.05
C ASP B 16 -11.57 19.74 -2.48
N ASP B 17 -11.54 19.62 -1.15
CA ASP B 17 -11.11 18.39 -0.49
C ASP B 17 -11.96 17.16 -0.76
N TYR B 18 -13.15 17.32 -1.35
CA TYR B 18 -14.06 16.20 -1.58
C TYR B 18 -13.53 15.44 -2.79
N GLU B 19 -12.86 16.11 -3.73
CA GLU B 19 -12.31 15.44 -4.90
C GLU B 19 -10.81 15.20 -4.73
N SER B 20 -10.25 15.60 -3.59
CA SER B 20 -8.84 15.41 -3.30
C SER B 20 -8.56 14.05 -2.64
N LYS B 21 -9.58 13.17 -2.59
CA LYS B 21 -9.43 11.83 -2.04
C LYS B 21 -8.92 11.85 -0.60
N MET B 22 -9.58 12.63 0.26
CA MET B 22 -9.14 12.82 1.63
C MET B 22 -9.24 11.53 2.45
N MET B 23 -8.39 11.44 3.46
CA MET B 23 -8.28 10.29 4.36
C MET B 23 -7.78 10.77 5.71
N GLN B 24 -8.09 10.04 6.78
CA GLN B 24 -7.69 10.44 8.13
C GLN B 24 -6.74 9.40 8.73
N CYS B 25 -5.83 9.88 9.58
CA CYS B 25 -4.87 9.07 10.28
C CYS B 25 -5.55 8.25 11.38
N GLY B 26 -4.86 7.24 11.93
CA GLY B 26 -5.46 6.35 12.92
C GLY B 26 -4.92 6.54 14.33
N LYS B 27 -3.75 7.16 14.48
CA LYS B 27 -3.20 7.44 15.82
C LYS B 27 -3.17 8.95 16.09
N CYS B 28 -3.57 9.75 15.12
CA CYS B 28 -3.81 11.17 15.29
C CYS B 28 -4.97 11.58 14.38
N ASP B 29 -5.47 12.81 14.52
CA ASP B 29 -6.62 13.25 13.76
C ASP B 29 -6.29 13.98 12.45
N ARG B 30 -5.02 13.92 12.03
CA ARG B 30 -4.56 14.61 10.83
C ARG B 30 -5.30 14.09 9.60
N TRP B 31 -5.78 15.03 8.77
CA TRP B 31 -6.38 14.71 7.49
C TRP B 31 -5.39 14.98 6.38
N VAL B 32 -5.35 14.12 5.35
CA VAL B 32 -4.41 14.25 4.25
C VAL B 32 -5.01 13.86 2.90
N HIS B 33 -4.58 14.56 1.84
CA HIS B 33 -4.93 14.19 0.47
C HIS B 33 -4.15 12.93 0.10
N SER B 34 -4.60 12.20 -0.93
CA SER B 34 -3.86 11.04 -1.41
C SER B 34 -3.27 11.29 -2.80
N LYS B 35 -3.76 12.29 -3.52
CA LYS B 35 -3.27 12.61 -4.85
C LYS B 35 -1.88 13.25 -4.80
N CYS B 36 -1.58 13.98 -3.72
CA CYS B 36 -0.27 14.61 -3.52
C CYS B 36 0.76 13.56 -3.13
N GLU B 37 0.30 12.42 -2.60
CA GLU B 37 1.13 11.30 -2.21
C GLU B 37 1.39 10.38 -3.41
N ASN B 38 1.07 10.86 -4.61
CA ASN B 38 1.19 10.15 -5.88
C ASN B 38 0.52 8.78 -5.87
N LEU B 39 -0.44 8.57 -4.97
CA LEU B 39 -1.18 7.31 -4.88
C LEU B 39 -2.22 7.24 -5.99
N SER B 40 -2.39 6.07 -6.60
CA SER B 40 -3.48 5.86 -7.54
C SER B 40 -4.77 5.69 -6.74
N ASP B 41 -5.93 5.90 -7.37
CA ASP B 41 -7.19 5.76 -6.65
C ASP B 41 -7.40 4.36 -6.07
N GLU B 42 -6.93 3.32 -6.79
CA GLU B 42 -7.05 1.95 -6.34
C GLU B 42 -6.15 1.71 -5.13
N MET B 43 -4.89 2.11 -5.23
CA MET B 43 -3.93 1.89 -4.15
C MET B 43 -4.36 2.67 -2.91
N TYR B 44 -4.88 3.88 -3.13
CA TYR B 44 -5.49 4.68 -2.08
C TYR B 44 -6.64 4.02 -1.36
N GLU B 45 -7.59 3.44 -2.12
CA GLU B 45 -8.71 2.74 -1.53
C GLU B 45 -8.24 1.51 -0.74
N ILE B 46 -7.18 0.83 -1.17
CA ILE B 46 -6.69 -0.31 -0.41
C ILE B 46 -6.11 0.15 0.92
N LEU B 47 -5.14 1.06 0.89
CA LEU B 47 -4.49 1.51 2.12
C LEU B 47 -5.45 2.34 2.98
N SER B 48 -6.56 2.81 2.41
CA SER B 48 -7.60 3.49 3.18
C SER B 48 -8.53 2.48 3.87
N ASN B 49 -8.82 1.35 3.21
CA ASN B 49 -9.68 0.33 3.78
C ASN B 49 -8.91 -0.81 4.46
N LEU B 50 -7.57 -0.71 4.56
CA LEU B 50 -6.79 -1.63 5.39
C LEU B 50 -7.37 -1.72 6.80
N PRO B 51 -7.07 -2.81 7.52
CA PRO B 51 -7.53 -3.06 8.88
C PRO B 51 -7.24 -1.94 9.88
N GLU B 52 -7.83 -2.03 11.07
CA GLU B 52 -7.62 -1.07 12.14
C GLU B 52 -6.30 -1.30 12.86
N SER B 53 -5.68 -2.47 12.68
CA SER B 53 -4.41 -2.78 13.32
C SER B 53 -3.25 -2.18 12.53
N VAL B 54 -3.39 -2.13 11.20
CA VAL B 54 -2.35 -1.70 10.28
C VAL B 54 -2.90 -0.86 9.14
N ALA B 55 -2.24 0.26 8.83
CA ALA B 55 -2.71 1.20 7.82
C ALA B 55 -1.64 2.24 7.52
N TYR B 56 -1.82 3.01 6.45
CA TYR B 56 -0.90 4.07 6.09
C TYR B 56 -1.03 5.31 6.98
N THR B 57 0.01 5.59 7.77
CA THR B 57 0.02 6.66 8.76
C THR B 57 0.27 7.97 7.99
N CYS B 58 -0.15 9.09 8.61
CA CYS B 58 0.04 10.41 8.02
C CYS B 58 1.51 10.81 8.03
N VAL B 59 1.83 11.91 7.34
CA VAL B 59 3.19 12.43 7.27
C VAL B 59 3.69 13.01 8.59
N ASN B 60 2.80 13.15 9.58
CA ASN B 60 3.17 13.67 10.89
C ASN B 60 3.54 12.51 11.83
N CYS B 61 2.95 11.33 11.62
CA CYS B 61 3.25 10.16 12.43
C CYS B 61 4.46 9.40 11.86
N THR B 62 4.73 9.56 10.55
CA THR B 62 5.87 8.95 9.92
C THR B 62 6.40 9.68 8.69
N GLU B 63 7.68 9.52 8.38
CA GLU B 63 8.27 10.13 7.19
C GLU B 63 7.96 9.27 5.96
N ARG B 64 7.75 9.92 4.82
CA ARG B 64 7.48 9.25 3.55
C ARG B 64 8.14 10.02 2.40
ZN ZN C . -2.38 17.98 -0.83
ZN ZN D . -0.94 10.84 12.18
N ALA A 1 6.34 -21.02 -14.50
CA ALA A 1 5.38 -20.58 -15.54
C ALA A 1 5.41 -19.07 -15.70
N GLY A 2 4.89 -18.59 -16.83
CA GLY A 2 4.83 -17.16 -17.12
C GLY A 2 3.72 -16.46 -16.30
N HIS A 3 3.66 -15.14 -16.42
CA HIS A 3 2.67 -14.34 -15.73
C HIS A 3 1.26 -14.63 -16.25
N MET A 4 0.24 -14.35 -15.42
CA MET A 4 -1.14 -14.53 -15.83
C MET A 4 -1.59 -13.34 -16.68
N ALA A 5 -1.05 -12.16 -16.41
CA ALA A 5 -1.36 -10.94 -17.14
C ALA A 5 -0.41 -9.82 -16.72
N THR A 6 -0.22 -8.82 -17.58
CA THR A 6 0.51 -7.60 -17.25
C THR A 6 -0.36 -6.52 -16.63
N THR A 7 0.22 -5.70 -15.76
CA THR A 7 -0.46 -4.57 -15.14
C THR A 7 0.39 -3.31 -15.05
N LYS A 8 -0.24 -2.16 -15.32
CA LYS A 8 0.44 -0.86 -15.34
C LYS A 8 0.19 -0.09 -14.04
N ARG A 9 -0.04 -0.82 -12.94
CA ARG A 9 -0.42 -0.22 -11.67
C ARG A 9 0.34 -0.93 -10.54
N VAL A 10 -0.06 -0.69 -9.28
CA VAL A 10 0.57 -1.28 -8.12
C VAL A 10 0.45 -2.80 -8.06
N LEU A 11 1.43 -3.47 -7.46
CA LEU A 11 1.44 -4.90 -7.26
C LEU A 11 1.82 -5.23 -5.81
N TYR A 12 1.41 -6.41 -5.35
CA TYR A 12 1.60 -6.85 -3.98
C TYR A 12 2.95 -7.48 -3.63
N VAL A 13 3.40 -7.28 -2.38
CA VAL A 13 4.64 -7.86 -1.86
C VAL A 13 4.45 -8.37 -0.44
N GLY A 14 5.06 -9.51 -0.09
CA GLY A 14 4.91 -10.10 1.23
C GLY A 14 6.08 -10.99 1.61
N GLY A 15 6.03 -11.55 2.83
CA GLY A 15 7.08 -12.39 3.38
C GLY A 15 8.26 -11.56 3.91
N LEU A 16 8.09 -10.24 3.95
CA LEU A 16 9.13 -9.31 4.34
C LEU A 16 9.41 -9.35 5.85
N ALA A 17 10.64 -9.01 6.24
CA ALA A 17 10.99 -8.81 7.64
C ALA A 17 10.62 -7.38 8.07
N GLU A 18 10.52 -7.14 9.37
CA GLU A 18 10.18 -5.82 9.89
C GLU A 18 11.28 -4.80 9.59
N GLU A 19 12.48 -5.27 9.26
CA GLU A 19 13.60 -4.42 8.93
C GLU A 19 13.48 -3.86 7.51
N VAL A 20 12.60 -4.44 6.68
CA VAL A 20 12.42 -4.02 5.30
C VAL A 20 11.73 -2.66 5.24
N ASP A 21 12.16 -1.84 4.28
CA ASP A 21 11.63 -0.50 4.01
C ASP A 21 11.68 -0.18 2.52
N ASP A 22 11.22 1.02 2.13
CA ASP A 22 11.14 1.38 0.73
C ASP A 22 12.45 1.34 -0.03
N LYS A 23 13.58 1.52 0.66
CA LYS A 23 14.89 1.50 0.02
C LYS A 23 15.40 0.06 -0.16
N VAL A 24 14.93 -0.87 0.66
CA VAL A 24 15.27 -2.28 0.48
C VAL A 24 14.40 -2.81 -0.65
N LEU A 25 13.12 -2.43 -0.69
CA LEU A 25 12.23 -2.86 -1.75
C LEU A 25 12.66 -2.26 -3.09
N HIS A 26 13.05 -0.98 -3.11
CA HIS A 26 13.43 -0.35 -4.36
C HIS A 26 14.66 -1.02 -4.95
N ALA A 27 15.66 -1.32 -4.12
CA ALA A 27 16.90 -1.93 -4.61
C ALA A 27 16.66 -3.36 -5.11
N ALA A 28 15.65 -4.04 -4.58
CA ALA A 28 15.33 -5.40 -4.97
C ALA A 28 14.37 -5.45 -6.17
N PHE A 29 13.65 -4.36 -6.43
CA PHE A 29 12.67 -4.29 -7.51
C PHE A 29 13.06 -3.49 -8.74
N ILE A 30 14.15 -2.73 -8.68
CA ILE A 30 14.58 -1.85 -9.75
C ILE A 30 15.32 -2.55 -10.91
N PRO A 31 15.89 -3.76 -10.76
CA PRO A 31 16.73 -4.32 -11.81
C PRO A 31 15.92 -4.85 -12.99
N PHE A 32 14.59 -4.96 -12.83
CA PHE A 32 13.73 -5.47 -13.90
C PHE A 32 13.20 -4.28 -14.70
N GLY A 33 13.23 -3.08 -14.13
CA GLY A 33 12.72 -1.88 -14.79
C GLY A 33 12.45 -0.77 -13.79
N ASP A 34 12.17 0.43 -14.31
CA ASP A 34 11.95 1.61 -13.48
C ASP A 34 10.74 1.53 -12.55
N ILE A 35 10.96 1.88 -11.28
CA ILE A 35 9.90 1.96 -10.28
C ILE A 35 9.41 3.41 -10.21
N THR A 36 8.14 3.59 -9.85
CA THR A 36 7.55 4.92 -9.74
C THR A 36 6.91 5.25 -8.40
N ASP A 37 6.64 4.25 -7.56
CA ASP A 37 6.12 4.49 -6.22
C ASP A 37 6.28 3.25 -5.33
N ILE A 38 6.53 3.47 -4.04
CA ILE A 38 6.62 2.42 -3.02
C ILE A 38 6.10 2.98 -1.70
N GLN A 39 5.23 2.22 -1.02
CA GLN A 39 4.65 2.64 0.25
C GLN A 39 4.48 1.43 1.15
N ILE A 40 4.73 1.60 2.45
CA ILE A 40 4.62 0.53 3.43
C ILE A 40 3.67 0.94 4.56
N PRO A 41 2.55 0.24 4.76
CA PRO A 41 1.62 0.49 5.86
C PRO A 41 2.25 0.02 7.17
N LEU A 42 1.83 0.59 8.30
CA LEU A 42 2.46 0.28 9.59
C LEU A 42 1.42 -0.06 10.65
N ASP A 43 1.84 -0.85 11.64
CA ASP A 43 1.02 -1.21 12.79
C ASP A 43 0.93 -0.05 13.79
N TYR A 44 -0.28 0.31 14.21
CA TYR A 44 -0.48 1.48 15.06
C TYR A 44 0.18 1.51 16.44
N GLU A 45 0.64 0.37 16.95
CA GLU A 45 1.25 0.33 18.28
C GLU A 45 2.77 0.20 18.23
N THR A 46 3.33 -0.32 17.14
CA THR A 46 4.77 -0.56 17.02
C THR A 46 5.44 0.14 15.82
N GLU A 47 4.64 0.71 14.93
CA GLU A 47 5.14 1.38 13.72
C GLU A 47 6.00 0.47 12.84
N LYS A 48 5.74 -0.84 12.88
CA LYS A 48 6.37 -1.81 11.99
C LYS A 48 5.31 -2.43 11.10
N HIS A 49 5.69 -2.90 9.92
CA HIS A 49 4.77 -3.63 9.05
C HIS A 49 4.84 -5.11 9.38
N ARG A 50 3.75 -5.84 9.13
CA ARG A 50 3.65 -7.26 9.44
C ARG A 50 4.26 -8.15 8.35
N GLY A 51 5.14 -7.60 7.52
CA GLY A 51 5.80 -8.36 6.48
C GLY A 51 5.03 -8.32 5.16
N PHE A 52 4.40 -7.19 4.84
CA PHE A 52 3.58 -7.06 3.64
C PHE A 52 3.70 -5.58 3.25
N ALA A 53 3.69 -5.31 1.94
CA ALA A 53 3.88 -3.97 1.41
C ALA A 53 3.41 -3.87 -0.05
N PHE A 54 3.53 -2.69 -0.64
CA PHE A 54 3.15 -2.43 -2.02
C PHE A 54 4.20 -1.72 -2.87
N VAL A 55 4.25 -2.03 -4.16
CA VAL A 55 5.25 -1.46 -5.08
C VAL A 55 4.57 -1.21 -6.43
N GLU A 56 4.94 -0.11 -7.11
CA GLU A 56 4.36 0.21 -8.41
C GLU A 56 5.43 0.55 -9.44
N PHE A 57 5.31 -0.05 -10.63
CA PHE A 57 6.22 0.15 -11.74
C PHE A 57 5.83 1.22 -12.75
N GLU A 58 6.82 1.77 -13.46
CA GLU A 58 6.58 2.73 -14.52
C GLU A 58 6.20 2.01 -15.82
N LEU A 59 6.46 0.69 -15.89
CA LEU A 59 6.15 -0.12 -17.06
C LEU A 59 5.44 -1.41 -16.64
N ALA A 60 4.50 -1.87 -17.47
CA ALA A 60 3.72 -3.05 -17.16
C ALA A 60 4.49 -4.35 -17.43
N GLU A 61 5.46 -4.31 -18.35
CA GLU A 61 6.23 -5.49 -18.71
C GLU A 61 7.24 -5.80 -17.61
N ASP A 62 7.72 -4.76 -16.91
CA ASP A 62 8.71 -4.90 -15.86
C ASP A 62 8.04 -5.33 -14.56
N ALA A 63 6.75 -5.03 -14.40
CA ALA A 63 5.98 -5.50 -13.25
C ALA A 63 5.69 -6.98 -13.42
N ALA A 64 5.60 -7.46 -14.67
CA ALA A 64 5.39 -8.86 -14.97
C ALA A 64 6.66 -9.66 -14.73
N ALA A 65 7.83 -9.02 -14.88
CA ALA A 65 9.10 -9.67 -14.58
C ALA A 65 9.32 -9.77 -13.08
N ALA A 66 8.75 -8.84 -12.30
CA ALA A 66 8.88 -8.87 -10.86
C ALA A 66 8.12 -10.06 -10.27
N ILE A 67 6.87 -10.27 -10.68
CA ILE A 67 6.08 -11.40 -10.20
C ILE A 67 6.66 -12.72 -10.70
N ASP A 68 7.36 -12.71 -11.84
CA ASP A 68 7.96 -13.91 -12.40
C ASP A 68 9.30 -14.33 -11.81
N ASN A 69 10.00 -13.42 -11.10
CA ASN A 69 11.31 -13.75 -10.54
C ASN A 69 11.42 -13.47 -9.04
N MET A 70 10.79 -12.39 -8.55
CA MET A 70 10.91 -12.04 -7.14
C MET A 70 10.03 -12.90 -6.23
N ASN A 71 9.09 -13.65 -6.81
CA ASN A 71 8.25 -14.55 -6.02
C ASN A 71 9.07 -15.72 -5.48
N GLU A 72 10.28 -15.93 -6.01
CA GLU A 72 11.19 -16.96 -5.53
C GLU A 72 12.38 -16.34 -4.81
N SER A 73 12.43 -15.00 -4.75
CA SER A 73 13.53 -14.28 -4.14
C SER A 73 13.48 -14.36 -2.61
N GLU A 74 14.53 -13.84 -1.96
CA GLU A 74 14.70 -13.89 -0.52
C GLU A 74 15.25 -12.56 -0.01
N LEU A 75 14.79 -12.15 1.18
CA LEU A 75 15.21 -10.91 1.83
C LEU A 75 15.25 -11.15 3.33
N PHE A 76 16.24 -10.56 4.01
CA PHE A 76 16.38 -10.70 5.45
C PHE A 76 16.44 -12.12 6.03
N GLY A 77 16.73 -13.11 5.19
CA GLY A 77 16.86 -14.49 5.62
C GLY A 77 15.56 -15.28 5.47
N ARG A 78 14.57 -14.76 4.73
CA ARG A 78 13.34 -15.49 4.49
C ARG A 78 12.79 -15.23 3.09
N THR A 79 12.05 -16.19 2.56
CA THR A 79 11.41 -16.08 1.26
C THR A 79 10.34 -15.01 1.17
N ILE A 80 10.18 -14.39 -0.01
CA ILE A 80 9.20 -13.35 -0.22
C ILE A 80 8.16 -13.81 -1.25
N ARG A 81 7.07 -13.06 -1.37
CA ARG A 81 5.98 -13.34 -2.29
C ARG A 81 5.63 -12.08 -3.06
N VAL A 82 5.39 -12.24 -4.37
CA VAL A 82 5.05 -11.14 -5.25
C VAL A 82 3.96 -11.53 -6.23
N ASN A 83 2.97 -10.65 -6.44
CA ASN A 83 1.81 -10.97 -7.26
C ASN A 83 1.07 -9.68 -7.66
N LEU A 84 0.19 -9.77 -8.66
CA LEU A 84 -0.59 -8.63 -9.11
C LEU A 84 -1.57 -8.19 -8.01
N ALA A 85 -1.99 -6.92 -8.07
CA ALA A 85 -2.97 -6.37 -7.16
C ALA A 85 -3.75 -5.24 -7.82
N LYS A 86 -3.77 -5.20 -9.16
CA LYS A 86 -4.41 -4.13 -9.92
C LYS A 86 -5.92 -4.28 -10.09
N PRO A 87 -6.45 -5.47 -10.46
CA PRO A 87 -7.85 -5.63 -10.80
C PRO A 87 -8.76 -5.65 -9.57
N MET A 88 -8.18 -5.75 -8.37
CA MET A 88 -8.93 -5.83 -7.12
C MET A 88 -9.38 -4.44 -6.63
N ARG A 89 -9.82 -3.56 -7.54
CA ARG A 89 -10.25 -2.22 -7.16
C ARG A 89 -11.45 -2.30 -6.21
N ILE A 90 -11.41 -1.51 -5.15
CA ILE A 90 -12.39 -1.61 -4.06
C ILE A 90 -13.77 -1.12 -4.48
N LYS A 91 -14.80 -1.80 -3.94
CA LYS A 91 -16.21 -1.47 -4.17
C LYS A 91 -16.73 -0.62 -3.02
N GLU A 92 -15.95 0.37 -2.59
CA GLU A 92 -16.26 1.22 -1.44
C GLU A 92 -17.60 1.93 -1.62
N GLY A 93 -18.10 2.03 -2.86
CA GLY A 93 -19.39 2.63 -3.15
C GLY A 93 -20.55 1.75 -2.70
N SER A 94 -20.28 0.60 -2.08
CA SER A 94 -21.31 -0.32 -1.62
C SER A 94 -20.93 -1.03 -0.34
N SER A 95 -19.66 -1.42 -0.16
CA SER A 95 -19.21 -2.08 1.05
C SER A 95 -17.67 -2.09 1.12
N ARG A 96 -17.14 -2.43 2.29
CA ARG A 96 -15.70 -2.53 2.50
C ARG A 96 -15.18 -3.78 1.78
N PRO A 97 -13.84 -3.94 1.65
CA PRO A 97 -13.23 -5.05 0.94
C PRO A 97 -13.50 -6.38 1.65
N VAL A 98 -14.20 -7.31 0.98
CA VAL A 98 -14.58 -8.61 1.54
C VAL A 98 -14.77 -9.68 0.45
N TRP A 99 -14.15 -9.51 -0.72
CA TRP A 99 -14.44 -10.36 -1.87
C TRP A 99 -13.23 -10.74 -2.72
N SER A 100 -12.01 -10.42 -2.27
CA SER A 100 -10.80 -10.58 -3.09
C SER A 100 -9.56 -10.71 -2.20
N ASP A 101 -8.37 -10.56 -2.79
CA ASP A 101 -7.14 -10.51 -2.01
C ASP A 101 -7.19 -9.49 -0.87
N ASP A 102 -8.10 -8.52 -0.98
CA ASP A 102 -8.34 -7.54 0.07
C ASP A 102 -9.15 -8.13 1.24
N ASP A 103 -9.85 -9.23 0.99
CA ASP A 103 -10.59 -9.94 2.01
C ASP A 103 -9.57 -10.70 2.86
N TRP A 104 -8.52 -11.27 2.25
CA TRP A 104 -7.52 -11.92 3.11
C TRP A 104 -6.73 -10.86 3.87
N LEU A 105 -6.68 -9.60 3.39
CA LEU A 105 -6.10 -8.54 4.20
C LEU A 105 -6.96 -8.37 5.46
N LYS A 106 -8.27 -8.61 5.38
CA LYS A 106 -9.12 -8.59 6.58
C LYS A 106 -8.95 -9.85 7.42
N LYS A 107 -8.71 -11.01 6.78
CA LYS A 107 -8.40 -12.21 7.54
C LYS A 107 -7.10 -11.96 8.31
N PHE A 108 -6.18 -11.22 7.68
CA PHE A 108 -4.97 -10.73 8.29
C PHE A 108 -5.17 -9.75 9.46
N SER A 109 -6.28 -9.01 9.44
CA SER A 109 -6.66 -8.14 10.53
C SER A 109 -6.99 -8.98 11.77
N GLY A 110 -7.45 -10.22 11.53
CA GLY A 110 -7.80 -11.15 12.59
C GLY A 110 -9.25 -11.61 12.49
N LYS A 111 -9.72 -11.89 11.27
CA LYS A 111 -11.11 -12.25 11.02
C LYS A 111 -12.04 -11.16 11.56
N THR A 112 -11.67 -9.90 11.30
CA THR A 112 -12.40 -8.73 11.80
C THR A 112 -13.84 -8.59 11.31
N LEU A 113 -14.29 -9.46 10.41
CA LEU A 113 -15.65 -9.44 9.91
C LEU A 113 -16.63 -9.79 11.02
N GLU A 114 -16.13 -10.39 12.12
CA GLU A 114 -16.96 -10.71 13.27
C GLU A 114 -17.32 -9.46 14.07
N GLU A 115 -16.72 -8.32 13.71
CA GLU A 115 -16.93 -7.05 14.40
C GLU A 115 -17.28 -5.93 13.43
N ASN A 116 -17.48 -6.27 12.15
CA ASN A 116 -17.82 -5.30 11.11
C ASN A 116 -19.26 -4.79 11.33
N LYS A 117 -19.51 -3.53 10.96
CA LYS A 117 -20.81 -2.90 11.10
C LYS A 117 -21.71 -3.23 9.91
N ALA B 1 4.88 19.86 15.14
CA ALA B 1 4.06 19.32 14.04
C ALA B 1 4.49 19.89 12.70
N LYS B 2 4.32 19.11 11.63
CA LYS B 2 4.69 19.51 10.27
C LYS B 2 3.67 20.51 9.71
N GLY B 3 2.46 20.53 10.26
CA GLY B 3 1.42 21.47 9.90
C GLY B 3 0.04 20.87 10.12
N ASN B 4 -0.97 21.73 10.20
CA ASN B 4 -2.36 21.33 10.36
C ASN B 4 -3.02 21.08 9.01
N PHE B 5 -2.23 20.68 7.99
CA PHE B 5 -2.70 20.56 6.63
C PHE B 5 -1.72 19.65 5.89
N CYS B 6 -2.11 19.23 4.68
CA CYS B 6 -1.26 18.45 3.78
C CYS B 6 0.01 19.25 3.48
N PRO B 7 1.18 18.72 3.85
CA PRO B 7 2.45 19.41 3.68
C PRO B 7 2.98 19.33 2.26
N LEU B 8 2.35 18.53 1.39
CA LEU B 8 2.86 18.29 0.05
C LEU B 8 2.29 19.25 -0.98
N CYS B 9 1.33 20.10 -0.60
CA CYS B 9 0.84 21.15 -1.48
C CYS B 9 0.39 22.37 -0.68
N ASP B 10 0.32 23.52 -1.36
CA ASP B 10 -0.04 24.78 -0.72
C ASP B 10 -1.52 24.97 -0.46
N LYS B 11 -2.36 24.05 -0.96
CA LYS B 11 -3.81 24.18 -0.81
C LYS B 11 -4.28 23.65 0.54
N CYS B 12 -5.06 24.44 1.26
CA CYS B 12 -5.64 24.07 2.55
C CYS B 12 -6.94 23.29 2.32
N TYR B 13 -7.59 22.87 3.42
CA TYR B 13 -8.86 22.16 3.31
C TYR B 13 -9.87 23.09 2.62
N ASP B 14 -10.77 22.51 1.84
CA ASP B 14 -11.71 23.27 1.02
C ASP B 14 -12.85 22.32 0.63
N ASP B 15 -13.89 22.87 0.01
CA ASP B 15 -15.06 22.12 -0.44
C ASP B 15 -14.64 21.07 -1.48
N ASP B 16 -13.48 21.26 -2.10
CA ASP B 16 -12.90 20.34 -3.06
C ASP B 16 -12.51 18.97 -2.50
N ASP B 17 -12.60 18.80 -1.17
CA ASP B 17 -12.16 17.58 -0.50
C ASP B 17 -12.83 16.28 -0.96
N TYR B 18 -13.89 16.37 -1.75
CA TYR B 18 -14.62 15.19 -2.22
C TYR B 18 -13.83 14.63 -3.42
N GLU B 19 -13.06 15.46 -4.13
CA GLU B 19 -12.32 15.02 -5.30
C GLU B 19 -10.85 14.76 -4.99
N SER B 20 -10.34 15.34 -3.91
CA SER B 20 -8.94 15.17 -3.52
C SER B 20 -8.71 13.84 -2.80
N LYS B 21 -9.77 13.01 -2.67
CA LYS B 21 -9.65 11.65 -2.16
C LYS B 21 -8.94 11.60 -0.81
N MET B 22 -9.40 12.39 0.16
CA MET B 22 -8.70 12.54 1.42
C MET B 22 -8.86 11.34 2.35
N MET B 23 -8.02 11.33 3.39
CA MET B 23 -7.93 10.26 4.37
C MET B 23 -7.46 10.85 5.71
N GLN B 24 -7.85 10.20 6.81
CA GLN B 24 -7.46 10.66 8.14
C GLN B 24 -6.50 9.65 8.77
N CYS B 25 -5.57 10.16 9.59
CA CYS B 25 -4.59 9.35 10.28
C CYS B 25 -5.26 8.53 11.39
N GLY B 26 -4.59 7.48 11.88
CA GLY B 26 -5.18 6.57 12.86
C GLY B 26 -4.60 6.70 14.27
N LYS B 27 -3.54 7.49 14.45
CA LYS B 27 -3.00 7.75 15.78
C LYS B 27 -2.92 9.24 16.07
N CYS B 28 -3.30 10.06 15.08
CA CYS B 28 -3.50 11.49 15.24
C CYS B 28 -4.68 11.89 14.35
N ASP B 29 -5.20 13.09 14.53
CA ASP B 29 -6.39 13.52 13.80
C ASP B 29 -6.14 14.26 12.49
N ARG B 30 -4.88 14.27 12.04
CA ARG B 30 -4.48 14.99 10.84
C ARG B 30 -5.17 14.41 9.60
N TRP B 31 -5.84 15.29 8.84
CA TRP B 31 -6.42 14.94 7.56
C TRP B 31 -5.43 15.26 6.45
N VAL B 32 -5.37 14.42 5.41
CA VAL B 32 -4.44 14.59 4.31
C VAL B 32 -5.04 14.24 2.95
N HIS B 33 -4.57 14.90 1.90
CA HIS B 33 -4.92 14.54 0.53
C HIS B 33 -4.16 13.26 0.15
N SER B 34 -4.69 12.45 -0.76
CA SER B 34 -3.97 11.26 -1.21
C SER B 34 -3.32 11.48 -2.57
N LYS B 35 -3.74 12.52 -3.31
CA LYS B 35 -3.19 12.80 -4.63
C LYS B 35 -1.80 13.42 -4.55
N CYS B 36 -1.52 14.16 -3.48
CA CYS B 36 -0.22 14.78 -3.27
C CYS B 36 0.79 13.74 -2.80
N GLU B 37 0.28 12.66 -2.21
CA GLU B 37 1.07 11.53 -1.73
C GLU B 37 1.51 10.63 -2.89
N ASN B 38 1.26 11.08 -4.13
CA ASN B 38 1.58 10.35 -5.36
C ASN B 38 0.89 8.98 -5.43
N LEU B 39 -0.11 8.74 -4.59
CA LEU B 39 -0.83 7.48 -4.56
C LEU B 39 -1.81 7.37 -5.73
N SER B 40 -1.91 6.18 -6.32
CA SER B 40 -2.94 5.89 -7.31
C SER B 40 -4.28 5.78 -6.58
N ASP B 41 -5.39 5.97 -7.29
CA ASP B 41 -6.70 5.93 -6.66
C ASP B 41 -7.02 4.58 -6.03
N GLU B 42 -6.68 3.48 -6.72
CA GLU B 42 -6.97 2.15 -6.22
C GLU B 42 -6.01 1.78 -5.09
N MET B 43 -4.75 2.23 -5.19
CA MET B 43 -3.77 1.99 -4.15
C MET B 43 -4.19 2.74 -2.89
N TYR B 44 -4.69 3.96 -3.06
CA TYR B 44 -5.30 4.72 -1.99
C TYR B 44 -6.48 4.03 -1.32
N GLU B 45 -7.38 3.46 -2.13
CA GLU B 45 -8.50 2.71 -1.59
C GLU B 45 -8.03 1.51 -0.76
N ILE B 46 -6.97 0.82 -1.18
CA ILE B 46 -6.49 -0.30 -0.38
C ILE B 46 -5.92 0.19 0.95
N LEU B 47 -4.94 1.10 0.91
CA LEU B 47 -4.29 1.53 2.15
C LEU B 47 -5.23 2.35 3.02
N SER B 48 -6.37 2.83 2.48
CA SER B 48 -7.38 3.48 3.28
C SER B 48 -8.30 2.43 3.93
N ASN B 49 -8.57 1.32 3.23
CA ASN B 49 -9.43 0.25 3.75
C ASN B 49 -8.65 -0.91 4.37
N LEU B 50 -7.32 -0.78 4.52
CA LEU B 50 -6.52 -1.72 5.28
C LEU B 50 -7.10 -1.92 6.70
N PRO B 51 -6.68 -3.00 7.39
CA PRO B 51 -7.11 -3.33 8.74
C PRO B 51 -7.11 -2.18 9.74
N GLU B 52 -7.84 -2.37 10.83
CA GLU B 52 -7.92 -1.37 11.89
C GLU B 52 -6.63 -1.37 12.72
N SER B 53 -5.85 -2.45 12.62
CA SER B 53 -4.60 -2.60 13.36
C SER B 53 -3.42 -2.02 12.59
N VAL B 54 -3.46 -2.09 11.26
CA VAL B 54 -2.38 -1.63 10.40
C VAL B 54 -2.88 -0.82 9.21
N ALA B 55 -2.22 0.31 8.95
CA ALA B 55 -2.62 1.22 7.89
C ALA B 55 -1.52 2.26 7.64
N TYR B 56 -1.64 2.99 6.54
CA TYR B 56 -0.69 4.04 6.21
C TYR B 56 -0.86 5.31 7.07
N THR B 57 0.17 5.65 7.84
CA THR B 57 0.14 6.77 8.79
C THR B 57 0.46 8.04 8.01
N CYS B 58 0.10 9.18 8.59
CA CYS B 58 0.36 10.49 7.98
C CYS B 58 1.87 10.81 7.98
N VAL B 59 2.23 11.88 7.27
CA VAL B 59 3.61 12.32 7.15
C VAL B 59 4.21 12.84 8.46
N ASN B 60 3.37 13.05 9.49
CA ASN B 60 3.84 13.55 10.77
C ASN B 60 4.10 12.36 11.71
N CYS B 61 3.33 11.28 11.56
CA CYS B 61 3.55 10.08 12.38
C CYS B 61 4.67 9.22 11.81
N THR B 62 4.97 9.37 10.51
CA THR B 62 6.07 8.68 9.87
C THR B 62 6.66 9.41 8.67
N GLU B 63 7.96 9.25 8.42
CA GLU B 63 8.60 9.86 7.27
C GLU B 63 8.30 9.06 6.01
N ARG B 64 8.12 9.76 4.88
CA ARG B 64 7.84 9.16 3.59
C ARG B 64 8.55 9.93 2.48
ZN ZN C . -2.32 18.33 -0.81
ZN ZN D . -0.63 11.06 12.11
N ALA A 1 3.40 -22.45 -17.83
CA ALA A 1 2.61 -21.68 -16.84
C ALA A 1 3.08 -20.23 -16.80
N GLY A 2 2.25 -19.35 -16.24
CA GLY A 2 2.57 -17.94 -16.15
C GLY A 2 1.43 -17.16 -15.47
N HIS A 3 1.60 -15.84 -15.36
CA HIS A 3 0.61 -14.96 -14.75
C HIS A 3 -0.64 -14.84 -15.63
N MET A 4 -1.75 -14.40 -15.04
CA MET A 4 -2.99 -14.20 -15.76
C MET A 4 -3.06 -12.80 -16.37
N ALA A 5 -2.21 -11.88 -15.90
CA ALA A 5 -2.18 -10.51 -16.38
C ALA A 5 -0.86 -9.83 -15.99
N THR A 6 -0.40 -8.89 -16.81
CA THR A 6 0.82 -8.13 -16.54
C THR A 6 0.46 -6.98 -15.61
N THR A 7 -0.76 -6.45 -15.72
CA THR A 7 -1.23 -5.29 -14.97
C THR A 7 -0.42 -4.01 -15.17
N LYS A 8 -0.98 -2.87 -14.74
CA LYS A 8 -0.34 -1.57 -14.90
C LYS A 8 -0.55 -0.70 -13.65
N ARG A 9 -0.74 -1.35 -12.51
CA ARG A 9 -0.98 -0.69 -11.23
C ARG A 9 -0.13 -1.36 -10.14
N VAL A 10 -0.49 -1.12 -8.88
CA VAL A 10 0.24 -1.68 -7.75
C VAL A 10 0.18 -3.21 -7.70
N LEU A 11 1.22 -3.82 -7.13
CA LEU A 11 1.30 -5.26 -6.96
C LEU A 11 1.73 -5.60 -5.53
N TYR A 12 1.35 -6.80 -5.08
CA TYR A 12 1.58 -7.27 -3.73
C TYR A 12 2.95 -7.88 -3.43
N VAL A 13 3.44 -7.67 -2.20
CA VAL A 13 4.70 -8.23 -1.72
C VAL A 13 4.52 -8.75 -0.30
N GLY A 14 5.17 -9.87 0.03
CA GLY A 14 5.04 -10.48 1.35
C GLY A 14 6.25 -11.32 1.72
N GLY A 15 6.23 -11.89 2.92
CA GLY A 15 7.32 -12.68 3.46
C GLY A 15 8.47 -11.81 3.97
N LEU A 16 8.24 -10.49 4.01
CA LEU A 16 9.25 -9.51 4.39
C LEU A 16 9.54 -9.55 5.89
N ALA A 17 10.77 -9.18 6.27
CA ALA A 17 11.14 -9.00 7.66
C ALA A 17 10.68 -7.63 8.15
N GLU A 18 10.60 -7.45 9.47
CA GLU A 18 10.19 -6.19 10.07
C GLU A 18 11.22 -5.09 9.79
N GLU A 19 12.44 -5.49 9.41
CA GLU A 19 13.52 -4.57 9.10
C GLU A 19 13.36 -3.97 7.69
N VAL A 20 12.49 -4.57 6.85
CA VAL A 20 12.30 -4.10 5.49
C VAL A 20 11.55 -2.76 5.48
N ASP A 21 11.95 -1.90 4.55
CA ASP A 21 11.44 -0.55 4.34
C ASP A 21 11.31 -0.20 2.86
N ASP A 22 10.71 0.94 2.54
CA ASP A 22 10.57 1.38 1.16
C ASP A 22 11.89 1.56 0.42
N LYS A 23 12.99 1.74 1.17
CA LYS A 23 14.31 1.88 0.61
C LYS A 23 14.89 0.51 0.25
N VAL A 24 14.52 -0.54 0.99
CA VAL A 24 15.00 -1.90 0.72
C VAL A 24 14.24 -2.46 -0.48
N LEU A 25 12.92 -2.25 -0.51
CA LEU A 25 12.10 -2.73 -1.62
C LEU A 25 12.41 -1.96 -2.91
N HIS A 26 12.92 -0.73 -2.81
CA HIS A 26 13.26 0.01 -4.02
C HIS A 26 14.51 -0.60 -4.67
N ALA A 27 15.55 -0.84 -3.87
CA ALA A 27 16.79 -1.36 -4.41
C ALA A 27 16.63 -2.79 -4.94
N ALA A 28 15.67 -3.55 -4.41
CA ALA A 28 15.44 -4.92 -4.81
C ALA A 28 14.47 -5.03 -5.99
N PHE A 29 13.65 -4.01 -6.25
CA PHE A 29 12.65 -4.04 -7.31
C PHE A 29 12.94 -3.18 -8.53
N ILE A 30 13.94 -2.31 -8.45
CA ILE A 30 14.26 -1.37 -9.52
C ILE A 30 15.04 -1.98 -10.71
N PRO A 31 15.71 -3.15 -10.61
CA PRO A 31 16.58 -3.60 -11.68
C PRO A 31 15.80 -4.12 -12.89
N PHE A 32 14.49 -4.36 -12.74
CA PHE A 32 13.67 -4.89 -13.83
C PHE A 32 13.10 -3.71 -14.62
N GLY A 33 13.07 -2.51 -14.03
CA GLY A 33 12.53 -1.34 -14.68
C GLY A 33 12.16 -0.25 -13.67
N ASP A 34 11.79 0.92 -14.18
CA ASP A 34 11.49 2.08 -13.35
C ASP A 34 10.27 1.89 -12.43
N ILE A 35 10.43 2.30 -11.17
CA ILE A 35 9.38 2.28 -10.17
C ILE A 35 8.83 3.68 -9.98
N THR A 36 7.55 3.80 -9.60
CA THR A 36 6.91 5.09 -9.37
C THR A 36 6.28 5.22 -7.98
N ASP A 37 6.09 4.10 -7.27
CA ASP A 37 5.57 4.08 -5.91
C ASP A 37 5.95 2.85 -5.09
N ILE A 38 6.23 3.08 -3.80
CA ILE A 38 6.44 2.04 -2.80
C ILE A 38 5.98 2.60 -1.46
N GLN A 39 5.06 1.88 -0.80
CA GLN A 39 4.57 2.28 0.51
C GLN A 39 4.32 1.04 1.36
N ILE A 40 4.61 1.15 2.66
CA ILE A 40 4.42 0.06 3.60
C ILE A 40 3.51 0.51 4.74
N PRO A 41 2.35 -0.13 4.93
CA PRO A 41 1.47 0.15 6.05
C PRO A 41 2.11 -0.36 7.33
N LEU A 42 1.85 0.32 8.46
CA LEU A 42 2.51 0.00 9.72
C LEU A 42 1.50 -0.31 10.82
N ASP A 43 1.93 -1.11 11.79
CA ASP A 43 1.14 -1.46 12.96
C ASP A 43 1.10 -0.21 13.84
N TYR A 44 -0.10 0.14 14.34
CA TYR A 44 -0.24 1.33 15.17
C TYR A 44 0.47 1.36 16.52
N GLU A 45 0.91 0.20 17.02
CA GLU A 45 1.51 0.13 18.35
C GLU A 45 3.03 -0.02 18.31
N THR A 46 3.57 -0.60 17.24
CA THR A 46 5.02 -0.84 17.13
C THR A 46 5.67 -0.22 15.90
N GLU A 47 4.87 0.38 15.01
CA GLU A 47 5.34 1.01 13.77
C GLU A 47 6.13 0.06 12.87
N LYS A 48 6.05 -1.26 13.12
CA LYS A 48 6.59 -2.27 12.23
C LYS A 48 5.50 -2.66 11.23
N HIS A 49 5.76 -3.66 10.38
CA HIS A 49 4.74 -4.23 9.51
C HIS A 49 4.76 -5.74 9.64
N ARG A 50 3.65 -6.40 9.30
CA ARG A 50 3.50 -7.83 9.49
C ARG A 50 4.17 -8.65 8.40
N GLY A 51 5.10 -8.05 7.64
CA GLY A 51 5.80 -8.75 6.58
C GLY A 51 5.03 -8.73 5.26
N PHE A 52 4.40 -7.59 4.94
CA PHE A 52 3.59 -7.45 3.74
C PHE A 52 3.74 -5.98 3.34
N ALA A 53 3.69 -5.70 2.04
CA ALA A 53 3.93 -4.37 1.50
C ALA A 53 3.38 -4.24 0.08
N PHE A 54 3.49 -3.04 -0.49
CA PHE A 54 3.04 -2.74 -1.84
C PHE A 54 4.06 -1.99 -2.71
N VAL A 55 4.08 -2.29 -4.01
CA VAL A 55 5.01 -1.70 -4.97
C VAL A 55 4.29 -1.42 -6.28
N GLU A 56 4.56 -0.28 -6.92
CA GLU A 56 3.96 0.07 -8.20
C GLU A 56 5.00 0.52 -9.23
N PHE A 57 4.96 -0.10 -10.41
CA PHE A 57 5.86 0.19 -11.50
C PHE A 57 5.42 1.31 -12.46
N GLU A 58 6.38 1.93 -13.14
CA GLU A 58 6.09 2.94 -14.15
C GLU A 58 5.73 2.27 -15.48
N LEU A 59 6.03 0.97 -15.62
CA LEU A 59 5.75 0.21 -16.82
C LEU A 59 5.04 -1.10 -16.47
N ALA A 60 4.13 -1.55 -17.34
CA ALA A 60 3.35 -2.75 -17.13
C ALA A 60 4.18 -4.02 -17.34
N GLU A 61 5.21 -3.95 -18.20
CA GLU A 61 6.03 -5.11 -18.51
C GLU A 61 7.01 -5.40 -17.38
N ASP A 62 7.42 -4.37 -16.65
CA ASP A 62 8.40 -4.50 -15.58
C ASP A 62 7.75 -5.00 -14.29
N ALA A 63 6.43 -4.78 -14.14
CA ALA A 63 5.70 -5.34 -13.02
C ALA A 63 5.52 -6.84 -13.23
N ALA A 64 5.45 -7.27 -14.50
CA ALA A 64 5.35 -8.68 -14.84
C ALA A 64 6.69 -9.37 -14.60
N ALA A 65 7.80 -8.62 -14.72
CA ALA A 65 9.12 -9.16 -14.41
C ALA A 65 9.33 -9.29 -12.90
N ALA A 66 8.64 -8.46 -12.10
CA ALA A 66 8.76 -8.54 -10.65
C ALA A 66 8.13 -9.82 -10.13
N ILE A 67 6.92 -10.15 -10.60
CA ILE A 67 6.26 -11.38 -10.19
C ILE A 67 6.98 -12.60 -10.77
N ASP A 68 7.70 -12.43 -11.90
CA ASP A 68 8.45 -13.53 -12.50
C ASP A 68 9.82 -13.81 -11.88
N ASN A 69 10.37 -12.88 -11.10
CA ASN A 69 11.69 -13.07 -10.51
C ASN A 69 11.72 -12.88 -8.99
N MET A 70 10.99 -11.89 -8.46
CA MET A 70 11.05 -11.59 -7.04
C MET A 70 10.13 -12.48 -6.20
N ASN A 71 9.21 -13.21 -6.84
CA ASN A 71 8.25 -14.04 -6.13
C ASN A 71 8.93 -15.19 -5.39
N GLU A 72 10.19 -15.48 -5.71
CA GLU A 72 10.96 -16.55 -5.08
C GLU A 72 12.29 -16.02 -4.55
N SER A 73 12.44 -14.68 -4.52
CA SER A 73 13.66 -14.03 -4.05
C SER A 73 13.75 -14.11 -2.52
N GLU A 74 14.84 -13.59 -1.95
CA GLU A 74 15.13 -13.65 -0.53
C GLU A 74 15.61 -12.29 -0.02
N LEU A 75 15.18 -11.94 1.20
CA LEU A 75 15.55 -10.69 1.86
C LEU A 75 15.69 -10.95 3.35
N PHE A 76 16.66 -10.27 3.99
CA PHE A 76 16.89 -10.43 5.42
C PHE A 76 17.11 -11.85 5.95
N GLY A 77 17.40 -12.80 5.04
CA GLY A 77 17.65 -14.18 5.42
C GLY A 77 16.42 -15.07 5.30
N ARG A 78 15.35 -14.59 4.64
CA ARG A 78 14.14 -15.38 4.44
C ARG A 78 13.49 -15.11 3.09
N THR A 79 12.77 -16.11 2.57
CA THR A 79 12.07 -16.02 1.30
C THR A 79 10.92 -15.01 1.27
N ILE A 80 10.67 -14.41 0.11
CA ILE A 80 9.61 -13.44 -0.08
C ILE A 80 8.61 -13.98 -1.11
N ARG A 81 7.47 -13.30 -1.25
CA ARG A 81 6.44 -13.64 -2.20
C ARG A 81 5.96 -12.37 -2.92
N VAL A 82 5.64 -12.50 -4.20
CA VAL A 82 5.20 -11.39 -5.03
C VAL A 82 4.10 -11.83 -6.00
N ASN A 83 3.08 -11.00 -6.19
CA ASN A 83 1.96 -11.31 -7.04
C ASN A 83 1.19 -10.04 -7.40
N LEU A 84 0.30 -10.11 -8.39
CA LEU A 84 -0.49 -8.96 -8.81
C LEU A 84 -1.43 -8.52 -7.68
N ALA A 85 -1.90 -7.28 -7.74
CA ALA A 85 -2.87 -6.76 -6.79
C ALA A 85 -3.86 -5.80 -7.45
N LYS A 86 -3.93 -5.80 -8.79
CA LYS A 86 -4.92 -5.05 -9.54
C LYS A 86 -6.31 -5.72 -9.55
N PRO A 87 -6.40 -7.07 -9.58
CA PRO A 87 -7.67 -7.79 -9.52
C PRO A 87 -8.46 -7.62 -8.22
N MET A 88 -8.10 -6.65 -7.38
CA MET A 88 -8.67 -6.52 -6.05
C MET A 88 -8.92 -5.07 -5.64
N ARG A 89 -9.37 -4.23 -6.59
CA ARG A 89 -9.77 -2.86 -6.26
C ARG A 89 -10.99 -2.89 -5.35
N ILE A 90 -11.08 -1.95 -4.41
CA ILE A 90 -12.11 -1.96 -3.38
C ILE A 90 -13.46 -1.47 -3.91
N LYS A 91 -14.53 -1.79 -3.18
CA LYS A 91 -15.91 -1.40 -3.49
C LYS A 91 -16.47 -0.53 -2.37
N GLU A 92 -15.67 0.40 -1.85
CA GLU A 92 -16.05 1.23 -0.71
C GLU A 92 -17.29 2.07 -0.99
N GLY A 93 -17.72 2.16 -2.26
CA GLY A 93 -18.93 2.84 -2.65
C GLY A 93 -20.17 2.00 -2.31
N SER A 94 -19.98 0.82 -1.69
CA SER A 94 -21.08 -0.06 -1.32
C SER A 94 -20.79 -0.78 -0.01
N SER A 95 -19.55 -1.27 0.19
CA SER A 95 -19.17 -1.98 1.40
C SER A 95 -17.65 -2.11 1.49
N ARG A 96 -17.15 -2.57 2.64
CA ARG A 96 -15.73 -2.81 2.85
C ARG A 96 -15.29 -4.03 2.02
N PRO A 97 -13.98 -4.30 1.93
CA PRO A 97 -13.45 -5.40 1.14
C PRO A 97 -13.80 -6.75 1.74
N VAL A 98 -14.54 -7.59 1.00
CA VAL A 98 -15.00 -8.90 1.50
C VAL A 98 -15.25 -9.91 0.38
N TRP A 99 -14.63 -9.75 -0.80
CA TRP A 99 -15.00 -10.58 -1.95
C TRP A 99 -13.83 -10.93 -2.87
N SER A 100 -12.59 -10.61 -2.48
CA SER A 100 -11.43 -10.75 -3.35
C SER A 100 -10.16 -10.90 -2.52
N ASP A 101 -8.97 -10.81 -3.14
CA ASP A 101 -7.74 -10.79 -2.39
C ASP A 101 -7.69 -9.72 -1.30
N ASP A 102 -8.57 -8.72 -1.39
CA ASP A 102 -8.71 -7.72 -0.34
C ASP A 102 -9.41 -8.30 0.88
N ASP A 103 -10.14 -9.40 0.70
CA ASP A 103 -10.79 -10.11 1.78
C ASP A 103 -9.71 -10.93 2.49
N TRP A 104 -8.68 -11.43 1.78
CA TRP A 104 -7.64 -12.13 2.53
C TRP A 104 -6.89 -11.10 3.37
N LEU A 105 -6.85 -9.82 2.97
CA LEU A 105 -6.26 -8.81 3.84
C LEU A 105 -7.11 -8.67 5.12
N LYS A 106 -8.43 -8.88 5.03
CA LYS A 106 -9.28 -8.91 6.21
C LYS A 106 -9.10 -10.20 7.00
N LYS A 107 -8.86 -11.33 6.32
CA LYS A 107 -8.54 -12.57 7.01
C LYS A 107 -7.23 -12.39 7.77
N PHE A 108 -6.32 -11.62 7.18
CA PHE A 108 -5.08 -11.21 7.82
C PHE A 108 -5.26 -10.37 9.08
N SER A 109 -6.33 -9.58 9.15
CA SER A 109 -6.66 -8.84 10.36
C SER A 109 -7.06 -9.81 11.48
N GLY A 110 -7.66 -10.95 11.11
CA GLY A 110 -8.06 -11.96 12.08
C GLY A 110 -9.47 -12.48 11.83
N LYS A 111 -9.89 -12.54 10.56
CA LYS A 111 -11.24 -12.96 10.18
C LYS A 111 -12.28 -12.10 10.90
N THR A 112 -12.10 -10.77 10.81
CA THR A 112 -12.98 -9.79 11.44
C THR A 112 -14.44 -9.85 11.00
N LEU A 113 -14.71 -10.59 9.92
CA LEU A 113 -16.04 -10.70 9.34
C LEU A 113 -16.98 -11.54 10.22
N GLU A 114 -16.47 -12.09 11.33
CA GLU A 114 -17.26 -12.86 12.27
C GLU A 114 -18.26 -11.95 13.00
N GLU A 115 -18.03 -10.63 12.95
CA GLU A 115 -18.94 -9.64 13.49
C GLU A 115 -19.05 -8.42 12.57
N ASN A 116 -18.24 -8.39 11.50
CA ASN A 116 -18.21 -7.33 10.51
C ASN A 116 -18.01 -5.95 11.17
N LYS A 117 -17.35 -5.93 12.33
CA LYS A 117 -17.07 -4.71 13.07
C LYS A 117 -16.09 -3.83 12.32
N ALA B 1 4.46 19.20 16.25
CA ALA B 1 4.01 18.44 15.06
C ALA B 1 3.75 19.39 13.90
N LYS B 2 3.70 18.84 12.68
CA LYS B 2 3.35 19.58 11.47
C LYS B 2 1.88 19.96 11.53
N GLY B 3 1.44 20.90 10.70
CA GLY B 3 0.05 21.36 10.71
C GLY B 3 -0.90 20.20 10.46
N ASN B 4 -2.14 20.31 10.97
CA ASN B 4 -3.13 19.24 10.91
C ASN B 4 -3.76 19.09 9.51
N PHE B 5 -3.00 19.36 8.45
CA PHE B 5 -3.51 19.36 7.09
C PHE B 5 -2.39 18.82 6.20
N CYS B 6 -2.72 18.57 4.92
CA CYS B 6 -1.79 18.07 3.91
C CYS B 6 -0.59 19.01 3.79
N PRO B 7 0.61 18.54 4.19
CA PRO B 7 1.82 19.33 4.11
C PRO B 7 2.44 19.27 2.71
N LEU B 8 1.87 18.50 1.79
CA LEU B 8 2.41 18.34 0.45
C LEU B 8 1.98 19.49 -0.46
N CYS B 9 0.97 20.28 -0.07
CA CYS B 9 0.50 21.38 -0.90
C CYS B 9 -0.11 22.51 -0.06
N ASP B 10 -0.28 23.68 -0.69
CA ASP B 10 -0.86 24.84 -0.04
C ASP B 10 -2.39 24.93 -0.14
N LYS B 11 -3.01 23.93 -0.77
CA LYS B 11 -4.46 23.90 -0.99
C LYS B 11 -5.20 23.43 0.26
N CYS B 12 -4.74 23.85 1.45
CA CYS B 12 -5.32 23.45 2.72
C CYS B 12 -6.81 23.80 2.75
N TYR B 13 -7.65 22.77 2.90
CA TYR B 13 -9.09 22.93 2.98
C TYR B 13 -9.79 23.68 1.85
N ASP B 14 -9.16 23.69 0.66
CA ASP B 14 -9.70 24.37 -0.50
C ASP B 14 -10.96 23.66 -0.97
N ASP B 15 -11.78 24.32 -1.80
CA ASP B 15 -13.04 23.80 -2.29
C ASP B 15 -12.94 22.46 -3.04
N ASP B 16 -11.75 22.12 -3.52
CA ASP B 16 -11.48 20.87 -4.22
C ASP B 16 -11.54 19.62 -3.34
N ASP B 17 -11.70 19.78 -2.03
CA ASP B 17 -11.60 18.69 -1.07
C ASP B 17 -12.50 17.48 -1.31
N TYR B 18 -13.63 17.64 -2.02
CA TYR B 18 -14.55 16.54 -2.24
C TYR B 18 -14.06 15.66 -3.39
N GLU B 19 -13.19 16.21 -4.25
CA GLU B 19 -12.56 15.45 -5.34
C GLU B 19 -11.14 15.03 -4.97
N SER B 20 -10.64 15.53 -3.84
CA SER B 20 -9.26 15.28 -3.42
C SER B 20 -9.05 13.88 -2.83
N LYS B 21 -10.11 13.07 -2.72
CA LYS B 21 -9.99 11.69 -2.26
C LYS B 21 -9.20 11.60 -0.96
N MET B 22 -9.59 12.41 0.03
CA MET B 22 -8.82 12.61 1.25
C MET B 22 -8.93 11.44 2.22
N MET B 23 -8.00 11.45 3.19
CA MET B 23 -7.84 10.41 4.18
C MET B 23 -7.32 11.03 5.48
N GLN B 24 -7.58 10.39 6.62
CA GLN B 24 -7.11 10.88 7.91
C GLN B 24 -6.10 9.89 8.49
N CYS B 25 -5.14 10.41 9.26
CA CYS B 25 -4.12 9.59 9.90
C CYS B 25 -4.74 8.78 11.03
N GLY B 26 -4.08 7.72 11.48
CA GLY B 26 -4.67 6.82 12.47
C GLY B 26 -4.04 6.90 13.86
N LYS B 27 -2.99 7.73 14.04
CA LYS B 27 -2.43 7.97 15.36
C LYS B 27 -2.28 9.47 15.64
N CYS B 28 -2.72 10.29 14.68
CA CYS B 28 -2.86 11.72 14.84
C CYS B 28 -4.07 12.16 14.01
N ASP B 29 -4.57 13.38 14.20
CA ASP B 29 -5.80 13.81 13.57
C ASP B 29 -5.67 14.56 12.25
N ARG B 30 -4.44 14.65 11.72
CA ARG B 30 -4.17 15.35 10.48
C ARG B 30 -4.89 14.68 9.31
N TRP B 31 -5.50 15.51 8.47
CA TRP B 31 -6.13 15.08 7.22
C TRP B 31 -5.18 15.36 6.06
N VAL B 32 -5.21 14.51 5.03
CA VAL B 32 -4.35 14.65 3.87
C VAL B 32 -5.06 14.33 2.56
N HIS B 33 -4.69 15.03 1.48
CA HIS B 33 -5.18 14.69 0.15
C HIS B 33 -4.37 13.50 -0.34
N SER B 34 -5.02 12.44 -0.81
CA SER B 34 -4.28 11.27 -1.28
C SER B 34 -3.65 11.52 -2.65
N LYS B 35 -4.07 12.57 -3.35
CA LYS B 35 -3.53 12.90 -4.67
C LYS B 35 -2.16 13.58 -4.55
N CYS B 36 -1.91 14.28 -3.44
CA CYS B 36 -0.61 14.92 -3.21
C CYS B 36 0.42 13.87 -2.82
N GLU B 37 -0.05 12.73 -2.29
CA GLU B 37 0.79 11.58 -2.00
C GLU B 37 1.04 10.78 -3.28
N ASN B 38 0.57 11.31 -4.42
CA ASN B 38 0.70 10.74 -5.75
C ASN B 38 0.23 9.28 -5.84
N LEU B 39 -0.64 8.85 -4.93
CA LEU B 39 -1.11 7.48 -4.90
C LEU B 39 -2.16 7.25 -5.98
N SER B 40 -2.14 6.06 -6.59
CA SER B 40 -3.19 5.66 -7.52
C SER B 40 -4.49 5.49 -6.73
N ASP B 41 -5.63 5.66 -7.38
CA ASP B 41 -6.90 5.55 -6.68
C ASP B 41 -7.13 4.18 -6.04
N GLU B 42 -6.66 3.12 -6.69
CA GLU B 42 -6.81 1.77 -6.16
C GLU B 42 -5.86 1.55 -4.98
N MET B 43 -4.62 2.04 -5.11
CA MET B 43 -3.64 1.93 -4.04
C MET B 43 -4.15 2.66 -2.81
N TYR B 44 -4.68 3.87 -3.01
CA TYR B 44 -5.33 4.64 -1.98
C TYR B 44 -6.48 3.92 -1.29
N GLU B 45 -7.39 3.34 -2.08
CA GLU B 45 -8.52 2.62 -1.53
C GLU B 45 -8.07 1.41 -0.69
N ILE B 46 -7.00 0.74 -1.09
CA ILE B 46 -6.54 -0.42 -0.34
C ILE B 46 -5.96 0.03 0.99
N LEU B 47 -4.98 0.94 0.98
CA LEU B 47 -4.34 1.36 2.22
C LEU B 47 -5.31 2.19 3.09
N SER B 48 -6.40 2.69 2.51
CA SER B 48 -7.44 3.36 3.28
C SER B 48 -8.38 2.36 3.93
N ASN B 49 -8.65 1.22 3.28
CA ASN B 49 -9.51 0.18 3.85
C ASN B 49 -8.74 -0.94 4.54
N LEU B 50 -7.41 -0.86 4.64
CA LEU B 50 -6.63 -1.78 5.47
C LEU B 50 -7.22 -1.83 6.89
N PRO B 51 -6.94 -2.92 7.63
CA PRO B 51 -7.42 -3.13 8.99
C PRO B 51 -7.11 -1.98 9.96
N GLU B 52 -7.75 -2.00 11.12
CA GLU B 52 -7.55 -0.99 12.15
C GLU B 52 -6.23 -1.22 12.90
N SER B 53 -5.65 -2.41 12.80
CA SER B 53 -4.39 -2.72 13.48
C SER B 53 -3.19 -2.19 12.68
N VAL B 54 -3.30 -2.25 11.35
CA VAL B 54 -2.22 -1.87 10.45
C VAL B 54 -2.72 -1.01 9.29
N ALA B 55 -2.04 0.11 9.03
CA ALA B 55 -2.48 1.05 8.02
C ALA B 55 -1.41 2.10 7.73
N TYR B 56 -1.61 2.85 6.65
CA TYR B 56 -0.74 3.95 6.26
C TYR B 56 -0.88 5.22 7.11
N THR B 57 0.21 5.95 7.33
CA THR B 57 0.23 7.15 8.17
C THR B 57 0.81 8.39 7.51
N CYS B 58 0.51 9.57 8.09
CA CYS B 58 0.97 10.83 7.56
C CYS B 58 2.50 10.96 7.63
N VAL B 59 3.04 11.96 6.94
CA VAL B 59 4.47 12.17 6.85
C VAL B 59 5.15 12.49 8.18
N ASN B 60 4.38 12.77 9.23
CA ASN B 60 4.95 13.08 10.54
C ASN B 60 5.04 11.80 11.37
N CYS B 61 4.07 10.88 11.20
CA CYS B 61 4.04 9.64 11.94
C CYS B 61 4.97 8.60 11.30
N THR B 62 5.34 8.80 10.04
CA THR B 62 6.30 7.96 9.32
C THR B 62 7.00 8.66 8.17
N GLU B 63 8.22 8.23 7.83
CA GLU B 63 8.96 8.83 6.73
C GLU B 63 8.39 8.37 5.39
N ARG B 64 8.43 9.25 4.38
CA ARG B 64 7.94 9.01 3.04
C ARG B 64 8.75 9.79 2.02
ZN ZN C . -2.65 18.46 -0.73
ZN ZN D . -0.04 11.22 11.64
N ALA A 1 5.85 -16.83 -28.06
CA ALA A 1 5.79 -16.84 -26.59
C ALA A 1 5.69 -15.43 -26.03
N GLY A 2 5.30 -15.32 -24.76
CA GLY A 2 5.16 -14.04 -24.08
C GLY A 2 4.69 -14.22 -22.65
N HIS A 3 4.51 -13.10 -21.94
CA HIS A 3 4.05 -13.12 -20.56
C HIS A 3 2.60 -13.58 -20.47
N MET A 4 2.18 -14.00 -19.28
CA MET A 4 0.81 -14.44 -19.03
C MET A 4 -0.06 -13.26 -18.61
N ALA A 5 0.55 -12.19 -18.09
CA ALA A 5 -0.16 -11.00 -17.63
C ALA A 5 0.80 -9.83 -17.42
N THR A 6 0.24 -8.62 -17.39
CA THR A 6 0.99 -7.39 -17.14
C THR A 6 -0.03 -6.45 -16.51
N THR A 7 0.43 -5.55 -15.64
CA THR A 7 -0.42 -4.57 -14.97
C THR A 7 0.20 -3.18 -14.87
N LYS A 8 -0.61 -2.14 -15.09
CA LYS A 8 -0.14 -0.76 -15.10
C LYS A 8 -0.39 -0.06 -13.77
N ARG A 9 -0.71 -0.80 -12.71
CA ARG A 9 -0.98 -0.25 -11.39
C ARG A 9 -0.18 -1.02 -10.33
N VAL A 10 -0.57 -0.87 -9.07
CA VAL A 10 0.12 -1.48 -7.94
C VAL A 10 0.08 -3.01 -7.95
N LEU A 11 1.11 -3.63 -7.37
CA LEU A 11 1.20 -5.08 -7.22
C LEU A 11 1.57 -5.42 -5.77
N TYR A 12 1.18 -6.63 -5.34
CA TYR A 12 1.38 -7.11 -3.98
C TYR A 12 2.74 -7.70 -3.63
N VAL A 13 3.17 -7.51 -2.38
CA VAL A 13 4.43 -8.04 -1.86
C VAL A 13 4.24 -8.59 -0.45
N GLY A 14 4.96 -9.66 -0.10
CA GLY A 14 4.83 -10.27 1.22
C GLY A 14 6.06 -11.09 1.60
N GLY A 15 6.03 -11.68 2.81
CA GLY A 15 7.13 -12.48 3.34
C GLY A 15 8.26 -11.61 3.88
N LEU A 16 8.04 -10.29 3.93
CA LEU A 16 9.05 -9.32 4.34
C LEU A 16 9.32 -9.37 5.84
N ALA A 17 10.55 -9.02 6.24
CA ALA A 17 10.94 -8.89 7.64
C ALA A 17 10.60 -7.49 8.16
N GLU A 18 10.54 -7.33 9.48
CA GLU A 18 10.25 -6.05 10.09
C GLU A 18 11.32 -5.00 9.77
N GLU A 19 12.50 -5.44 9.33
CA GLU A 19 13.59 -4.55 8.97
C GLU A 19 13.39 -3.95 7.57
N VAL A 20 12.47 -4.51 6.78
CA VAL A 20 12.22 -4.03 5.43
C VAL A 20 11.42 -2.73 5.47
N ASP A 21 11.76 -1.80 4.57
CA ASP A 21 11.09 -0.51 4.44
C ASP A 21 11.16 -0.15 2.96
N ASP A 22 10.58 1.00 2.58
CA ASP A 22 10.54 1.42 1.18
C ASP A 22 11.90 1.54 0.51
N LYS A 23 12.95 1.80 1.29
CA LYS A 23 14.30 1.93 0.76
C LYS A 23 14.88 0.55 0.42
N VAL A 24 14.45 -0.50 1.13
CA VAL A 24 14.90 -1.86 0.86
C VAL A 24 14.17 -2.41 -0.34
N LEU A 25 12.87 -2.11 -0.47
CA LEU A 25 12.08 -2.58 -1.59
C LEU A 25 12.46 -1.81 -2.85
N HIS A 26 12.86 -0.54 -2.74
CA HIS A 26 13.21 0.23 -3.91
C HIS A 26 14.51 -0.30 -4.52
N ALA A 27 15.49 -0.65 -3.68
CA ALA A 27 16.76 -1.14 -4.19
C ALA A 27 16.65 -2.56 -4.72
N ALA A 28 15.67 -3.34 -4.25
CA ALA A 28 15.49 -4.72 -4.68
C ALA A 28 14.58 -4.84 -5.92
N PHE A 29 13.65 -3.92 -6.09
CA PHE A 29 12.68 -3.97 -7.19
C PHE A 29 13.00 -3.14 -8.43
N ILE A 30 14.04 -2.32 -8.37
CA ILE A 30 14.40 -1.40 -9.44
C ILE A 30 15.18 -2.02 -10.62
N PRO A 31 15.82 -3.20 -10.51
CA PRO A 31 16.71 -3.67 -11.57
C PRO A 31 15.95 -4.18 -12.80
N PHE A 32 14.62 -4.40 -12.68
CA PHE A 32 13.83 -4.89 -13.79
C PHE A 32 13.30 -3.70 -14.59
N GLY A 33 13.26 -2.51 -13.99
CA GLY A 33 12.73 -1.33 -14.64
C GLY A 33 12.35 -0.26 -13.62
N ASP A 34 12.02 0.94 -14.11
CA ASP A 34 11.71 2.07 -13.25
C ASP A 34 10.50 1.87 -12.35
N ILE A 35 10.66 2.25 -11.07
CA ILE A 35 9.58 2.25 -10.09
C ILE A 35 9.02 3.67 -9.97
N THR A 36 7.74 3.80 -9.63
CA THR A 36 7.11 5.10 -9.48
C THR A 36 6.46 5.36 -8.13
N ASP A 37 6.24 4.30 -7.31
CA ASP A 37 5.71 4.47 -5.97
C ASP A 37 5.92 3.20 -5.14
N ILE A 38 6.16 3.38 -3.84
CA ILE A 38 6.28 2.28 -2.86
C ILE A 38 5.77 2.78 -1.52
N GLN A 39 4.88 2.00 -0.89
CA GLN A 39 4.32 2.37 0.41
C GLN A 39 4.13 1.11 1.26
N ILE A 40 4.41 1.23 2.56
CA ILE A 40 4.24 0.13 3.49
C ILE A 40 3.32 0.55 4.64
N PRO A 41 2.19 -0.15 4.86
CA PRO A 41 1.32 0.11 5.99
C PRO A 41 1.98 -0.40 7.27
N LEU A 42 1.74 0.27 8.40
CA LEU A 42 2.40 -0.07 9.65
C LEU A 42 1.40 -0.33 10.77
N ASP A 43 1.80 -1.15 11.74
CA ASP A 43 1.03 -1.45 12.93
C ASP A 43 1.09 -0.26 13.89
N TYR A 44 -0.07 0.21 14.36
CA TYR A 44 -0.13 1.43 15.17
C TYR A 44 0.61 1.45 16.51
N GLU A 45 0.99 0.30 17.06
CA GLU A 45 1.65 0.25 18.36
C GLU A 45 3.16 0.00 18.27
N THR A 46 3.63 -0.59 17.17
CA THR A 46 5.05 -0.91 17.01
C THR A 46 5.69 -0.30 15.76
N GLU A 47 4.88 0.31 14.89
CA GLU A 47 5.35 0.91 13.63
C GLU A 47 6.05 -0.08 12.71
N LYS A 48 5.80 -1.39 12.90
CA LYS A 48 6.32 -2.44 12.02
C LYS A 48 5.19 -2.93 11.13
N HIS A 49 5.52 -3.49 9.97
CA HIS A 49 4.54 -4.15 9.12
C HIS A 49 4.55 -5.64 9.41
N ARG A 50 3.45 -6.32 9.09
CA ARG A 50 3.29 -7.75 9.37
C ARG A 50 3.87 -8.62 8.25
N GLY A 51 4.80 -8.08 7.45
CA GLY A 51 5.41 -8.82 6.37
C GLY A 51 4.58 -8.77 5.09
N PHE A 52 4.03 -7.60 4.77
CA PHE A 52 3.19 -7.42 3.59
C PHE A 52 3.34 -5.94 3.23
N ALA A 53 3.34 -5.64 1.93
CA ALA A 53 3.57 -4.29 1.42
C ALA A 53 3.08 -4.15 -0.02
N PHE A 54 3.23 -2.94 -0.58
CA PHE A 54 2.85 -2.63 -1.95
C PHE A 54 3.89 -1.88 -2.78
N VAL A 55 3.94 -2.15 -4.09
CA VAL A 55 4.92 -1.55 -5.00
C VAL A 55 4.23 -1.27 -6.33
N GLU A 56 4.58 -0.15 -6.97
CA GLU A 56 4.03 0.19 -8.28
C GLU A 56 5.11 0.60 -9.28
N PHE A 57 5.06 0.01 -10.47
CA PHE A 57 6.02 0.27 -11.54
C PHE A 57 5.65 1.39 -12.50
N GLU A 58 6.65 2.01 -13.14
CA GLU A 58 6.43 3.03 -14.14
C GLU A 58 6.07 2.38 -15.49
N LEU A 59 6.30 1.07 -15.61
CA LEU A 59 6.01 0.31 -16.81
C LEU A 59 5.27 -0.98 -16.44
N ALA A 60 4.31 -1.40 -17.25
CA ALA A 60 3.51 -2.58 -16.97
C ALA A 60 4.26 -3.88 -17.26
N GLU A 61 5.28 -3.83 -18.13
CA GLU A 61 6.06 -5.01 -18.47
C GLU A 61 7.07 -5.34 -17.37
N ASP A 62 7.56 -4.32 -16.67
CA ASP A 62 8.55 -4.50 -15.63
C ASP A 62 7.91 -5.00 -14.34
N ALA A 63 6.59 -4.81 -14.21
CA ALA A 63 5.83 -5.36 -13.10
C ALA A 63 5.66 -6.87 -13.29
N ALA A 64 5.64 -7.33 -14.54
CA ALA A 64 5.55 -8.75 -14.85
C ALA A 64 6.91 -9.41 -14.62
N ALA A 65 8.00 -8.64 -14.73
CA ALA A 65 9.33 -9.15 -14.43
C ALA A 65 9.52 -9.26 -12.92
N ALA A 66 8.82 -8.44 -12.14
CA ALA A 66 8.92 -8.48 -10.69
C ALA A 66 8.27 -9.74 -10.14
N ILE A 67 7.06 -10.07 -10.58
CA ILE A 67 6.39 -11.29 -10.15
C ILE A 67 7.12 -12.52 -10.68
N ASP A 68 7.83 -12.38 -11.80
CA ASP A 68 8.55 -13.49 -12.42
C ASP A 68 9.87 -13.85 -11.72
N ASN A 69 10.49 -12.89 -11.01
CA ASN A 69 11.79 -13.13 -10.39
C ASN A 69 11.85 -12.85 -8.90
N MET A 70 11.12 -11.84 -8.41
CA MET A 70 11.19 -11.49 -7.00
C MET A 70 10.40 -12.45 -6.12
N ASN A 71 9.53 -13.28 -6.72
CA ASN A 71 8.77 -14.27 -5.96
C ASN A 71 9.69 -15.40 -5.48
N GLU A 72 10.90 -15.49 -6.04
CA GLU A 72 11.89 -16.47 -5.62
C GLU A 72 13.05 -15.77 -4.88
N SER A 73 12.99 -14.44 -4.78
CA SER A 73 14.04 -13.66 -4.16
C SER A 73 14.02 -13.80 -2.63
N GLU A 74 15.03 -13.24 -1.98
CA GLU A 74 15.24 -13.36 -0.54
C GLU A 74 15.70 -12.03 0.04
N LEU A 75 15.21 -11.69 1.24
CA LEU A 75 15.56 -10.46 1.93
C LEU A 75 15.71 -10.75 3.41
N PHE A 76 16.70 -10.11 4.05
CA PHE A 76 16.93 -10.29 5.47
C PHE A 76 17.14 -11.73 5.97
N GLY A 77 17.43 -12.66 5.06
CA GLY A 77 17.66 -14.05 5.40
C GLY A 77 16.41 -14.92 5.27
N ARG A 78 15.35 -14.42 4.61
CA ARG A 78 14.12 -15.18 4.41
C ARG A 78 13.50 -14.90 3.04
N THR A 79 12.78 -15.89 2.51
CA THR A 79 12.09 -15.77 1.23
C THR A 79 10.94 -14.77 1.22
N ILE A 80 10.64 -14.18 0.05
CA ILE A 80 9.57 -13.21 -0.12
C ILE A 80 8.60 -13.71 -1.19
N ARG A 81 7.45 -13.05 -1.31
CA ARG A 81 6.42 -13.39 -2.29
C ARG A 81 5.95 -12.14 -3.01
N VAL A 82 5.65 -12.27 -4.31
CA VAL A 82 5.19 -11.17 -5.14
C VAL A 82 4.12 -11.64 -6.12
N ASN A 83 3.09 -10.83 -6.34
CA ASN A 83 1.97 -11.18 -7.21
C ASN A 83 1.18 -9.93 -7.59
N LEU A 84 0.32 -10.02 -8.61
CA LEU A 84 -0.49 -8.90 -9.04
C LEU A 84 -1.57 -8.58 -7.99
N ALA A 85 -2.08 -7.35 -8.03
CA ALA A 85 -3.21 -6.93 -7.23
C ALA A 85 -4.20 -6.06 -8.04
N LYS A 86 -3.79 -5.65 -9.25
CA LYS A 86 -4.59 -4.81 -10.14
C LYS A 86 -5.86 -5.47 -10.69
N PRO A 87 -5.99 -6.81 -10.75
CA PRO A 87 -7.20 -7.49 -11.22
C PRO A 87 -8.48 -7.12 -10.47
N MET A 88 -8.41 -6.21 -9.50
CA MET A 88 -9.54 -5.81 -8.69
C MET A 88 -9.51 -4.30 -8.42
N ARG A 89 -10.65 -3.75 -7.99
CA ARG A 89 -10.80 -2.36 -7.64
C ARG A 89 -11.97 -2.22 -6.67
N ILE A 90 -11.70 -1.62 -5.50
CA ILE A 90 -12.69 -1.52 -4.44
C ILE A 90 -13.87 -0.65 -4.88
N LYS A 91 -15.09 -1.08 -4.56
CA LYS A 91 -16.31 -0.32 -4.86
C LYS A 91 -16.76 0.35 -3.56
N GLU A 92 -17.24 1.59 -3.64
CA GLU A 92 -17.69 2.29 -2.46
C GLU A 92 -19.14 1.94 -2.12
N GLY A 93 -19.93 1.53 -3.11
CA GLY A 93 -21.34 1.19 -2.93
C GLY A 93 -21.54 -0.25 -2.48
N SER A 94 -20.51 -1.10 -2.62
CA SER A 94 -20.58 -2.51 -2.23
C SER A 94 -20.11 -2.69 -0.79
N SER A 95 -20.26 -1.66 0.04
CA SER A 95 -19.76 -1.65 1.41
C SER A 95 -18.24 -1.82 1.43
N ARG A 96 -17.65 -1.99 2.62
CA ARG A 96 -16.21 -2.18 2.79
C ARG A 96 -15.78 -3.46 2.07
N PRO A 97 -14.47 -3.64 1.82
CA PRO A 97 -13.93 -4.78 1.09
C PRO A 97 -14.23 -6.10 1.79
N VAL A 98 -15.06 -6.93 1.15
CA VAL A 98 -15.44 -8.25 1.66
C VAL A 98 -15.70 -9.22 0.50
N TRP A 99 -15.08 -8.98 -0.67
CA TRP A 99 -15.33 -9.77 -1.86
C TRP A 99 -14.08 -9.96 -2.74
N SER A 100 -12.90 -9.59 -2.25
CA SER A 100 -11.69 -9.55 -3.07
C SER A 100 -10.44 -9.89 -2.27
N ASP A 101 -9.26 -9.73 -2.89
CA ASP A 101 -8.03 -9.92 -2.15
C ASP A 101 -7.87 -8.97 -0.96
N ASP A 102 -8.64 -7.87 -0.97
CA ASP A 102 -8.64 -6.94 0.14
C ASP A 102 -9.51 -7.54 1.26
N ASP A 103 -10.38 -8.51 0.93
CA ASP A 103 -11.12 -9.21 1.96
C ASP A 103 -10.19 -10.14 2.72
N TRP A 104 -9.25 -10.81 2.06
CA TRP A 104 -8.32 -11.63 2.83
C TRP A 104 -7.40 -10.73 3.66
N LEU A 105 -7.21 -9.45 3.27
CA LEU A 105 -6.49 -8.53 4.16
C LEU A 105 -7.30 -8.36 5.46
N LYS A 106 -8.63 -8.44 5.41
CA LYS A 106 -9.44 -8.40 6.63
C LYS A 106 -9.25 -9.70 7.42
N LYS A 107 -9.22 -10.84 6.71
CA LYS A 107 -9.00 -12.12 7.35
C LYS A 107 -7.61 -12.15 7.99
N PHE A 108 -6.68 -11.42 7.40
CA PHE A 108 -5.36 -11.19 7.98
C PHE A 108 -5.37 -10.44 9.31
N SER A 109 -6.30 -9.48 9.48
CA SER A 109 -6.39 -8.75 10.72
C SER A 109 -6.93 -9.65 11.84
N GLY A 110 -7.72 -10.67 11.50
CA GLY A 110 -8.18 -11.64 12.49
C GLY A 110 -9.58 -12.18 12.24
N LYS A 111 -9.84 -12.70 11.03
CA LYS A 111 -11.10 -13.35 10.69
C LYS A 111 -12.32 -12.43 10.91
N THR A 112 -12.08 -11.11 11.00
CA THR A 112 -13.13 -10.12 11.20
C THR A 112 -14.11 -10.05 10.02
N LEU A 113 -15.20 -9.29 10.18
CA LEU A 113 -16.26 -9.13 9.21
C LEU A 113 -16.95 -10.45 8.85
N GLU A 114 -16.96 -11.39 9.78
CA GLU A 114 -17.64 -12.67 9.62
C GLU A 114 -18.56 -12.95 10.80
N GLU A 115 -18.58 -12.06 11.78
CA GLU A 115 -19.46 -12.16 12.95
C GLU A 115 -19.70 -10.75 13.53
N ASN A 116 -19.52 -9.72 12.70
CA ASN A 116 -19.62 -8.33 13.12
C ASN A 116 -20.34 -7.51 12.05
N LYS A 117 -20.82 -6.32 12.44
CA LYS A 117 -21.46 -5.39 11.52
C LYS A 117 -20.44 -4.79 10.57
N ALA B 1 1.44 18.97 14.70
CA ALA B 1 1.76 18.31 13.41
C ALA B 1 2.27 19.33 12.39
N LYS B 2 2.79 18.84 11.27
CA LYS B 2 3.33 19.67 10.20
C LYS B 2 2.20 20.45 9.53
N GLY B 3 2.00 21.70 9.97
CA GLY B 3 1.03 22.62 9.42
C GLY B 3 -0.42 22.19 9.60
N ASN B 4 -0.66 21.03 10.26
CA ASN B 4 -1.98 20.49 10.49
C ASN B 4 -2.80 20.33 9.21
N PHE B 5 -2.13 20.07 8.07
CA PHE B 5 -2.80 19.89 6.79
C PHE B 5 -1.83 19.07 5.94
N CYS B 6 -2.25 18.70 4.72
CA CYS B 6 -1.44 17.98 3.76
C CYS B 6 -0.17 18.78 3.46
N PRO B 7 1.02 18.25 3.82
CA PRO B 7 2.29 18.93 3.62
C PRO B 7 2.83 18.74 2.20
N LEU B 8 2.19 17.88 1.39
CA LEU B 8 2.67 17.60 0.04
C LEU B 8 2.19 18.66 -0.95
N CYS B 9 1.29 19.56 -0.55
CA CYS B 9 0.88 20.67 -1.38
C CYS B 9 0.58 21.90 -0.53
N ASP B 10 0.54 23.08 -1.16
CA ASP B 10 0.36 24.34 -0.46
C ASP B 10 -1.10 24.76 -0.22
N LYS B 11 -2.06 24.01 -0.76
CA LYS B 11 -3.47 24.36 -0.60
C LYS B 11 -4.00 23.79 0.71
N CYS B 12 -4.78 24.60 1.45
CA CYS B 12 -5.45 24.14 2.65
C CYS B 12 -6.69 23.35 2.22
N TYR B 13 -7.52 22.92 3.17
CA TYR B 13 -8.74 22.20 2.87
C TYR B 13 -9.62 23.11 2.01
N ASP B 14 -10.33 22.52 1.05
CA ASP B 14 -11.09 23.26 0.05
C ASP B 14 -12.34 22.52 -0.43
N ASP B 15 -13.31 23.25 -1.00
CA ASP B 15 -14.57 22.66 -1.44
C ASP B 15 -14.43 21.59 -2.52
N ASP B 16 -13.31 21.58 -3.24
CA ASP B 16 -13.03 20.56 -4.25
C ASP B 16 -12.49 19.25 -3.69
N ASP B 17 -12.13 19.25 -2.40
CA ASP B 17 -11.42 18.13 -1.80
C ASP B 17 -12.17 16.81 -1.67
N TYR B 18 -13.47 16.80 -2.01
CA TYR B 18 -14.25 15.58 -1.98
C TYR B 18 -13.82 14.74 -3.19
N GLU B 19 -13.16 15.37 -4.18
CA GLU B 19 -12.55 14.66 -5.30
C GLU B 19 -11.05 14.49 -5.10
N SER B 20 -10.48 15.16 -4.08
CA SER B 20 -9.05 15.10 -3.80
C SER B 20 -8.69 13.87 -2.96
N LYS B 21 -9.64 12.94 -2.81
CA LYS B 21 -9.39 11.64 -2.19
C LYS B 21 -8.80 11.75 -0.78
N MET B 22 -9.43 12.55 0.10
CA MET B 22 -8.87 12.77 1.43
C MET B 22 -8.93 11.53 2.30
N MET B 23 -8.07 11.50 3.31
CA MET B 23 -7.89 10.41 4.25
C MET B 23 -7.36 10.96 5.56
N GLN B 24 -7.50 10.21 6.65
CA GLN B 24 -7.03 10.64 7.96
C GLN B 24 -6.06 9.63 8.54
N CYS B 25 -5.09 10.12 9.32
CA CYS B 25 -4.11 9.29 9.98
C CYS B 25 -4.72 8.56 11.18
N GLY B 26 -3.99 7.60 11.75
CA GLY B 26 -4.50 6.80 12.86
C GLY B 26 -4.02 7.33 14.20
N LYS B 27 -2.70 7.36 14.44
CA LYS B 27 -2.16 7.79 15.73
C LYS B 27 -2.08 9.31 15.84
N CYS B 28 -2.44 10.03 14.77
CA CYS B 28 -2.61 11.47 14.83
C CYS B 28 -3.86 11.84 14.02
N ASP B 29 -4.38 13.07 14.19
CA ASP B 29 -5.65 13.46 13.60
C ASP B 29 -5.56 14.31 12.33
N ARG B 30 -4.35 14.54 11.83
CA ARG B 30 -4.16 15.36 10.65
C ARG B 30 -4.75 14.68 9.43
N TRP B 31 -5.38 15.48 8.56
CA TRP B 31 -5.96 14.99 7.32
C TRP B 31 -5.00 15.23 6.16
N VAL B 32 -5.02 14.36 5.15
CA VAL B 32 -4.13 14.44 4.00
C VAL B 32 -4.85 14.06 2.72
N HIS B 33 -4.46 14.67 1.60
CA HIS B 33 -4.97 14.29 0.28
C HIS B 33 -4.22 13.03 -0.17
N SER B 34 -4.90 12.09 -0.80
CA SER B 34 -4.24 10.89 -1.33
C SER B 34 -3.50 11.19 -2.63
N LYS B 35 -3.93 12.22 -3.36
CA LYS B 35 -3.39 12.52 -4.68
C LYS B 35 -2.03 13.21 -4.63
N CYS B 36 -1.71 13.87 -3.51
CA CYS B 36 -0.42 14.50 -3.32
C CYS B 36 0.64 13.46 -2.92
N GLU B 37 0.16 12.32 -2.41
CA GLU B 37 1.01 11.20 -2.04
C GLU B 37 1.27 10.29 -3.25
N ASN B 38 0.95 10.79 -4.45
CA ASN B 38 1.12 10.09 -5.73
C ASN B 38 0.49 8.69 -5.76
N LEU B 39 -0.50 8.44 -4.90
CA LEU B 39 -1.16 7.13 -4.82
C LEU B 39 -2.12 6.92 -5.98
N SER B 40 -2.21 5.69 -6.47
CA SER B 40 -3.24 5.30 -7.43
C SER B 40 -4.56 5.15 -6.67
N ASP B 41 -5.70 5.32 -7.34
CA ASP B 41 -6.99 5.22 -6.68
C ASP B 41 -7.28 3.87 -6.05
N GLU B 42 -6.81 2.79 -6.68
CA GLU B 42 -6.99 1.44 -6.15
C GLU B 42 -6.11 1.26 -4.91
N MET B 43 -4.83 1.61 -5.03
CA MET B 43 -3.88 1.47 -3.95
C MET B 43 -4.32 2.29 -2.75
N TYR B 44 -4.85 3.49 -3.02
CA TYR B 44 -5.45 4.35 -2.02
C TYR B 44 -6.64 3.77 -1.28
N GLU B 45 -7.64 3.29 -2.01
CA GLU B 45 -8.78 2.63 -1.40
C GLU B 45 -8.36 1.43 -0.55
N ILE B 46 -7.31 0.71 -0.95
CA ILE B 46 -6.85 -0.43 -0.16
C ILE B 46 -6.25 0.07 1.15
N LEU B 47 -5.24 0.95 1.09
CA LEU B 47 -4.57 1.40 2.30
C LEU B 47 -5.49 2.27 3.15
N SER B 48 -6.61 2.75 2.59
CA SER B 48 -7.61 3.47 3.35
C SER B 48 -8.58 2.49 4.04
N ASN B 49 -8.87 1.35 3.40
CA ASN B 49 -9.74 0.33 3.96
C ASN B 49 -8.97 -0.79 4.68
N LEU B 50 -7.64 -0.69 4.80
CA LEU B 50 -6.86 -1.61 5.61
C LEU B 50 -7.41 -1.64 7.05
N PRO B 51 -7.09 -2.69 7.82
CA PRO B 51 -7.54 -2.90 9.18
C PRO B 51 -7.24 -1.73 10.12
N GLU B 52 -7.81 -1.78 11.32
CA GLU B 52 -7.60 -0.74 12.33
C GLU B 52 -6.29 -0.95 13.07
N SER B 53 -5.73 -2.16 12.98
CA SER B 53 -4.47 -2.50 13.63
C SER B 53 -3.28 -2.03 12.79
N VAL B 54 -3.41 -2.13 11.47
CA VAL B 54 -2.35 -1.78 10.52
C VAL B 54 -2.88 -0.94 9.36
N ALA B 55 -2.19 0.15 9.04
CA ALA B 55 -2.63 1.07 8.02
C ALA B 55 -1.51 2.05 7.65
N TYR B 56 -1.69 2.78 6.55
CA TYR B 56 -0.71 3.77 6.13
C TYR B 56 -0.72 5.05 6.97
N THR B 57 0.41 5.30 7.65
CA THR B 57 0.56 6.43 8.55
C THR B 57 0.90 7.63 7.68
N CYS B 58 0.59 8.84 8.18
CA CYS B 58 0.92 10.08 7.50
C CYS B 58 2.43 10.29 7.50
N VAL B 59 2.89 11.26 6.70
CA VAL B 59 4.32 11.59 6.57
C VAL B 59 4.92 12.21 7.84
N ASN B 60 4.10 12.46 8.85
CA ASN B 60 4.59 13.01 10.11
C ASN B 60 4.81 11.88 11.11
N CYS B 61 4.04 10.79 10.99
CA CYS B 61 4.18 9.63 11.86
C CYS B 61 5.27 8.69 11.35
N THR B 62 5.60 8.77 10.06
CA THR B 62 6.67 7.99 9.45
C THR B 62 7.30 8.65 8.23
N GLU B 63 8.55 8.31 7.91
CA GLU B 63 9.22 8.90 6.76
C GLU B 63 8.76 8.21 5.46
N ARG B 64 8.55 9.01 4.41
CA ARG B 64 8.14 8.55 3.09
C ARG B 64 8.67 9.51 2.02
ZN ZN C . -2.46 18.04 -0.84
ZN ZN D . 0.05 10.84 11.57
N ALA A 1 5.58 -8.82 -21.13
CA ALA A 1 5.13 -8.88 -22.54
C ALA A 1 4.93 -10.32 -22.98
N GLY A 2 4.25 -10.52 -24.11
CA GLY A 2 4.00 -11.83 -24.68
C GLY A 2 2.81 -12.54 -24.04
N HIS A 3 2.14 -11.89 -23.08
CA HIS A 3 0.97 -12.46 -22.41
C HIS A 3 0.06 -11.37 -21.85
N MET A 4 -1.16 -11.78 -21.50
CA MET A 4 -2.16 -10.95 -20.87
C MET A 4 -1.87 -10.75 -19.38
N ALA A 5 -2.65 -9.88 -18.72
CA ALA A 5 -2.58 -9.63 -17.29
C ALA A 5 -1.19 -9.16 -16.82
N THR A 6 -0.47 -8.41 -17.65
CA THR A 6 0.80 -7.81 -17.26
C THR A 6 0.48 -6.70 -16.26
N THR A 7 -0.72 -6.10 -16.36
CA THR A 7 -1.16 -4.98 -15.55
C THR A 7 -0.32 -3.71 -15.65
N LYS A 8 -0.88 -2.59 -15.18
CA LYS A 8 -0.23 -1.29 -15.24
C LYS A 8 -0.52 -0.46 -13.98
N ARG A 9 -0.74 -1.15 -12.86
CA ARG A 9 -1.07 -0.51 -11.59
C ARG A 9 -0.40 -1.29 -10.45
N VAL A 10 -0.78 -1.01 -9.20
CA VAL A 10 -0.08 -1.53 -8.03
C VAL A 10 -0.10 -3.05 -7.91
N LEU A 11 0.96 -3.62 -7.34
CA LEU A 11 1.09 -5.06 -7.14
C LEU A 11 1.50 -5.36 -5.71
N TYR A 12 1.17 -6.57 -5.25
CA TYR A 12 1.39 -7.03 -3.89
C TYR A 12 2.76 -7.64 -3.57
N VAL A 13 3.23 -7.46 -2.33
CA VAL A 13 4.47 -8.03 -1.84
C VAL A 13 4.29 -8.55 -0.42
N GLY A 14 4.93 -9.67 -0.09
CA GLY A 14 4.80 -10.28 1.23
C GLY A 14 6.00 -11.15 1.59
N GLY A 15 5.97 -11.74 2.79
CA GLY A 15 7.06 -12.57 3.30
C GLY A 15 8.21 -11.72 3.84
N LEU A 16 8.02 -10.40 3.90
CA LEU A 16 9.03 -9.45 4.31
C LEU A 16 9.30 -9.52 5.82
N ALA A 17 10.52 -9.17 6.24
CA ALA A 17 10.86 -9.00 7.64
C ALA A 17 10.41 -7.63 8.13
N GLU A 18 10.32 -7.45 9.45
CA GLU A 18 9.92 -6.18 10.05
C GLU A 18 10.96 -5.10 9.78
N GLU A 19 12.18 -5.50 9.43
CA GLU A 19 13.27 -4.58 9.13
C GLU A 19 13.14 -3.97 7.73
N VAL A 20 12.27 -4.55 6.88
CA VAL A 20 12.11 -4.07 5.51
C VAL A 20 11.41 -2.72 5.49
N ASP A 21 11.86 -1.85 4.58
CA ASP A 21 11.38 -0.49 4.37
C ASP A 21 11.24 -0.17 2.89
N ASP A 22 10.66 0.99 2.57
CA ASP A 22 10.49 1.40 1.17
C ASP A 22 11.81 1.50 0.42
N LYS A 23 12.90 1.74 1.15
CA LYS A 23 14.24 1.85 0.58
C LYS A 23 14.84 0.46 0.31
N VAL A 24 14.42 -0.55 1.07
CA VAL A 24 14.88 -1.92 0.86
C VAL A 24 14.18 -2.50 -0.36
N LEU A 25 12.86 -2.27 -0.46
CA LEU A 25 12.09 -2.74 -1.61
C LEU A 25 12.49 -1.97 -2.87
N HIS A 26 12.85 -0.68 -2.74
CA HIS A 26 13.25 0.09 -3.90
C HIS A 26 14.55 -0.45 -4.50
N ALA A 27 15.49 -0.90 -3.65
CA ALA A 27 16.75 -1.42 -4.15
C ALA A 27 16.59 -2.82 -4.74
N ALA A 28 15.57 -3.57 -4.30
CA ALA A 28 15.34 -4.92 -4.77
C ALA A 28 14.45 -4.98 -6.01
N PHE A 29 13.55 -4.00 -6.17
CA PHE A 29 12.59 -3.99 -7.27
C PHE A 29 12.96 -3.16 -8.50
N ILE A 30 14.09 -2.45 -8.43
CA ILE A 30 14.53 -1.54 -9.49
C ILE A 30 15.25 -2.20 -10.67
N PRO A 31 15.80 -3.42 -10.59
CA PRO A 31 16.64 -3.95 -11.66
C PRO A 31 15.86 -4.36 -12.90
N PHE A 32 14.52 -4.50 -12.79
CA PHE A 32 13.70 -4.93 -13.91
C PHE A 32 13.23 -3.69 -14.67
N GLY A 33 13.25 -2.52 -14.02
CA GLY A 33 12.78 -1.28 -14.62
C GLY A 33 12.50 -0.22 -13.56
N ASP A 34 12.23 1.01 -14.01
CA ASP A 34 12.02 2.13 -13.11
C ASP A 34 10.84 1.99 -12.16
N ILE A 35 11.08 2.26 -10.88
CA ILE A 35 10.05 2.31 -9.85
C ILE A 35 9.51 3.73 -9.78
N THR A 36 8.24 3.87 -9.38
CA THR A 36 7.63 5.19 -9.23
C THR A 36 6.97 5.44 -7.87
N ASP A 37 6.60 4.37 -7.15
CA ASP A 37 6.03 4.53 -5.82
C ASP A 37 6.09 3.22 -5.02
N ILE A 38 6.33 3.33 -3.70
CA ILE A 38 6.35 2.19 -2.79
C ILE A 38 5.90 2.68 -1.42
N GLN A 39 5.02 1.92 -0.77
CA GLN A 39 4.55 2.24 0.58
C GLN A 39 4.34 0.97 1.40
N ILE A 40 4.57 1.08 2.71
CA ILE A 40 4.37 0.01 3.64
C ILE A 40 3.42 0.46 4.75
N PRO A 41 2.28 -0.22 4.94
CA PRO A 41 1.37 0.05 6.04
C PRO A 41 2.00 -0.43 7.34
N LEU A 42 1.71 0.24 8.47
CA LEU A 42 2.36 -0.06 9.73
C LEU A 42 1.36 -0.37 10.84
N ASP A 43 1.80 -1.15 11.82
CA ASP A 43 1.02 -1.49 12.99
C ASP A 43 0.95 -0.22 13.85
N TYR A 44 -0.21 0.08 14.42
CA TYR A 44 -0.37 1.27 15.23
C TYR A 44 0.38 1.33 16.57
N GLU A 45 0.85 0.18 17.07
CA GLU A 45 1.47 0.14 18.38
C GLU A 45 3.00 0.01 18.32
N THR A 46 3.55 -0.57 17.25
CA THR A 46 4.99 -0.79 17.11
C THR A 46 5.60 -0.17 15.86
N GLU A 47 4.79 0.42 14.98
CA GLU A 47 5.24 1.03 13.73
C GLU A 47 6.02 0.07 12.82
N LYS A 48 5.95 -1.23 13.09
CA LYS A 48 6.48 -2.27 12.20
C LYS A 48 5.38 -2.66 11.22
N HIS A 49 5.64 -3.67 10.40
CA HIS A 49 4.62 -4.23 9.51
C HIS A 49 4.68 -5.75 9.59
N ARG A 50 3.57 -6.41 9.27
CA ARG A 50 3.43 -7.85 9.46
C ARG A 50 4.06 -8.64 8.30
N GLY A 51 4.94 -8.02 7.52
CA GLY A 51 5.61 -8.68 6.42
C GLY A 51 4.79 -8.64 5.13
N PHE A 52 4.18 -7.49 4.82
CA PHE A 52 3.33 -7.34 3.65
C PHE A 52 3.45 -5.86 3.26
N ALA A 53 3.39 -5.59 1.96
CA ALA A 53 3.60 -4.25 1.41
C ALA A 53 3.07 -4.12 -0.01
N PHE A 54 3.21 -2.93 -0.59
CA PHE A 54 2.80 -2.63 -1.96
C PHE A 54 3.82 -1.89 -2.80
N VAL A 55 3.85 -2.15 -4.11
CA VAL A 55 4.83 -1.58 -5.02
C VAL A 55 4.15 -1.16 -6.33
N GLU A 56 4.61 -0.04 -6.91
CA GLU A 56 4.10 0.48 -8.16
C GLU A 56 5.24 0.81 -9.13
N PHE A 57 5.07 0.41 -10.39
CA PHE A 57 6.04 0.62 -11.45
C PHE A 57 5.78 1.79 -12.40
N GLU A 58 6.85 2.32 -13.00
CA GLU A 58 6.73 3.37 -14.01
C GLU A 58 6.34 2.78 -15.37
N LEU A 59 6.47 1.45 -15.51
CA LEU A 59 6.14 0.75 -16.74
C LEU A 59 5.31 -0.49 -16.42
N ALA A 60 4.39 -0.84 -17.34
CA ALA A 60 3.49 -1.97 -17.17
C ALA A 60 4.19 -3.31 -17.38
N GLU A 61 5.22 -3.34 -18.23
CA GLU A 61 5.92 -4.58 -18.54
C GLU A 61 6.86 -4.98 -17.41
N ASP A 62 7.48 -3.98 -16.77
CA ASP A 62 8.43 -4.22 -15.70
C ASP A 62 7.74 -4.69 -14.42
N ALA A 63 6.43 -4.47 -14.30
CA ALA A 63 5.66 -4.99 -13.18
C ALA A 63 5.41 -6.49 -13.39
N ALA A 64 5.35 -6.95 -14.64
CA ALA A 64 5.21 -8.36 -14.94
C ALA A 64 6.54 -9.07 -14.72
N ALA A 65 7.65 -8.34 -14.81
CA ALA A 65 8.97 -8.90 -14.50
C ALA A 65 9.16 -9.02 -12.99
N ALA A 66 8.48 -8.17 -12.21
CA ALA A 66 8.59 -8.24 -10.77
C ALA A 66 7.92 -9.50 -10.23
N ILE A 67 6.70 -9.81 -10.69
CA ILE A 67 6.01 -11.03 -10.27
C ILE A 67 6.72 -12.26 -10.85
N ASP A 68 7.42 -12.11 -11.98
CA ASP A 68 8.12 -13.22 -12.62
C ASP A 68 9.43 -13.60 -11.92
N ASN A 69 10.04 -12.67 -11.19
CA ASN A 69 11.35 -12.93 -10.59
C ASN A 69 11.41 -12.70 -9.09
N MET A 70 10.71 -11.69 -8.56
CA MET A 70 10.79 -11.39 -7.13
C MET A 70 9.92 -12.32 -6.29
N ASN A 71 9.01 -13.07 -6.93
CA ASN A 71 8.14 -14.00 -6.20
C ASN A 71 8.95 -15.16 -5.60
N GLU A 72 10.21 -15.33 -6.04
CA GLU A 72 11.11 -16.36 -5.53
C GLU A 72 12.35 -15.74 -4.88
N SER A 73 12.37 -14.41 -4.74
CA SER A 73 13.49 -13.68 -4.16
C SER A 73 13.52 -13.86 -2.64
N GLU A 74 14.59 -13.34 -2.01
CA GLU A 74 14.82 -13.47 -0.59
C GLU A 74 15.30 -12.14 -0.01
N LEU A 75 14.84 -11.80 1.20
CA LEU A 75 15.21 -10.58 1.89
C LEU A 75 15.30 -10.89 3.38
N PHE A 76 16.27 -10.28 4.08
CA PHE A 76 16.43 -10.47 5.51
C PHE A 76 16.58 -11.90 6.03
N GLY A 77 16.89 -12.85 5.13
CA GLY A 77 17.10 -14.24 5.50
C GLY A 77 15.86 -15.10 5.31
N ARG A 78 14.83 -14.60 4.62
CA ARG A 78 13.62 -15.38 4.35
C ARG A 78 13.06 -15.08 2.96
N THR A 79 12.37 -16.06 2.39
CA THR A 79 11.71 -15.94 1.09
C THR A 79 10.55 -14.95 1.05
N ILE A 80 10.39 -14.25 -0.07
CA ILE A 80 9.32 -13.28 -0.25
C ILE A 80 8.34 -13.79 -1.29
N ARG A 81 7.20 -13.10 -1.43
CA ARG A 81 6.16 -13.43 -2.39
C ARG A 81 5.70 -12.15 -3.09
N VAL A 82 5.41 -12.27 -4.39
CA VAL A 82 4.96 -11.15 -5.21
C VAL A 82 3.88 -11.59 -6.19
N ASN A 83 2.86 -10.75 -6.38
CA ASN A 83 1.74 -11.07 -7.25
C ASN A 83 0.98 -9.79 -7.62
N LEU A 84 0.09 -9.87 -8.61
CA LEU A 84 -0.71 -8.73 -9.04
C LEU A 84 -1.64 -8.29 -7.92
N ALA A 85 -2.08 -7.03 -7.97
CA ALA A 85 -3.04 -6.47 -7.05
C ALA A 85 -3.88 -5.40 -7.75
N LYS A 86 -3.97 -5.48 -9.08
CA LYS A 86 -4.76 -4.58 -9.91
C LYS A 86 -6.23 -5.01 -10.07
N PRO A 87 -6.55 -6.30 -10.21
CA PRO A 87 -7.91 -6.77 -10.46
C PRO A 87 -8.75 -6.79 -9.18
N MET A 88 -8.56 -5.82 -8.28
CA MET A 88 -9.24 -5.80 -6.99
C MET A 88 -9.60 -4.37 -6.58
N ARG A 89 -9.89 -3.51 -7.56
CA ARG A 89 -10.25 -2.12 -7.29
C ARG A 89 -11.48 -2.10 -6.38
N ILE A 90 -11.35 -1.44 -5.23
CA ILE A 90 -12.37 -1.46 -4.19
C ILE A 90 -13.69 -0.88 -4.69
N LYS A 91 -14.82 -1.47 -4.26
CA LYS A 91 -16.14 -0.97 -4.61
C LYS A 91 -16.46 0.24 -3.75
N GLU A 92 -16.02 1.41 -4.21
CA GLU A 92 -16.20 2.67 -3.49
C GLU A 92 -17.68 3.04 -3.35
N GLY A 93 -18.55 2.44 -4.17
CA GLY A 93 -19.99 2.66 -4.13
C GLY A 93 -20.72 1.58 -3.33
N SER A 94 -19.99 0.74 -2.58
CA SER A 94 -20.56 -0.38 -1.87
C SER A 94 -19.83 -0.61 -0.54
N SER A 95 -20.09 -1.77 0.09
CA SER A 95 -19.53 -2.14 1.39
C SER A 95 -18.01 -2.26 1.35
N ARG A 96 -17.41 -2.44 2.54
CA ARG A 96 -15.96 -2.57 2.70
C ARG A 96 -15.44 -3.80 1.96
N PRO A 97 -14.11 -3.92 1.79
CA PRO A 97 -13.48 -5.00 1.04
C PRO A 97 -13.77 -6.37 1.67
N VAL A 98 -14.51 -7.22 0.96
CA VAL A 98 -14.87 -8.56 1.44
C VAL A 98 -15.08 -9.55 0.29
N TRP A 99 -14.45 -9.34 -0.87
CA TRP A 99 -14.73 -10.15 -2.06
C TRP A 99 -13.51 -10.49 -2.91
N SER A 100 -12.29 -10.20 -2.43
CA SER A 100 -11.09 -10.32 -3.24
C SER A 100 -9.87 -10.55 -2.34
N ASP A 101 -8.67 -10.40 -2.90
CA ASP A 101 -7.44 -10.43 -2.12
C ASP A 101 -7.48 -9.45 -0.94
N ASP A 102 -8.35 -8.44 -1.00
CA ASP A 102 -8.59 -7.52 0.09
C ASP A 102 -9.39 -8.15 1.24
N ASP A 103 -10.13 -9.22 0.92
CA ASP A 103 -10.87 -9.97 1.92
C ASP A 103 -9.88 -10.79 2.72
N TRP A 104 -8.82 -11.33 2.09
CA TRP A 104 -7.84 -12.04 2.92
C TRP A 104 -7.04 -11.05 3.75
N LEU A 105 -6.96 -9.77 3.35
CA LEU A 105 -6.35 -8.77 4.22
C LEU A 105 -7.19 -8.65 5.50
N LYS A 106 -8.52 -8.83 5.40
CA LYS A 106 -9.37 -8.83 6.58
C LYS A 106 -9.18 -10.11 7.40
N LYS A 107 -8.98 -11.26 6.74
CA LYS A 107 -8.71 -12.49 7.46
C LYS A 107 -7.37 -12.35 8.20
N PHE A 108 -6.43 -11.66 7.57
CA PHE A 108 -5.14 -11.33 8.13
C PHE A 108 -5.17 -10.56 9.45
N SER A 109 -6.09 -9.60 9.58
CA SER A 109 -6.21 -8.85 10.83
C SER A 109 -6.91 -9.66 11.91
N GLY A 110 -7.69 -10.68 11.53
CA GLY A 110 -8.32 -11.56 12.51
C GLY A 110 -9.74 -11.96 12.11
N LYS A 111 -10.03 -12.03 10.80
CA LYS A 111 -11.37 -12.35 10.32
C LYS A 111 -12.40 -11.40 10.93
N THR A 112 -12.22 -10.10 10.69
CA THR A 112 -13.06 -9.06 11.23
C THR A 112 -14.49 -8.98 10.65
N LEU A 113 -14.82 -9.84 9.69
CA LEU A 113 -16.13 -9.83 9.05
C LEU A 113 -17.22 -10.24 10.03
N GLU A 114 -16.85 -10.73 11.22
CA GLU A 114 -17.78 -11.12 12.26
C GLU A 114 -17.47 -10.44 13.59
N GLU A 115 -16.66 -9.38 13.55
CA GLU A 115 -16.29 -8.62 14.75
C GLU A 115 -16.41 -7.11 14.53
N ASN A 116 -16.39 -6.66 13.27
CA ASN A 116 -16.56 -5.26 12.94
C ASN A 116 -18.05 -4.94 12.87
N LYS A 117 -18.39 -3.65 12.82
CA LYS A 117 -19.77 -3.19 12.73
C LYS A 117 -20.39 -3.61 11.40
N ALA B 1 2.48 20.58 14.19
CA ALA B 1 2.03 20.03 12.90
C ALA B 1 2.80 20.65 11.74
N LYS B 2 2.95 19.91 10.64
CA LYS B 2 3.63 20.41 9.44
C LYS B 2 2.75 21.45 8.73
N GLY B 3 1.45 21.45 9.04
CA GLY B 3 0.48 22.39 8.49
C GLY B 3 -0.93 21.81 8.61
N ASN B 4 -1.94 22.65 8.41
CA ASN B 4 -3.33 22.19 8.40
C ASN B 4 -3.66 21.48 7.08
N PHE B 5 -2.88 21.78 6.04
CA PHE B 5 -2.95 21.10 4.75
C PHE B 5 -2.20 19.78 4.70
N CYS B 6 -2.23 19.07 3.56
CA CYS B 6 -1.36 17.92 3.41
C CYS B 6 0.09 18.45 3.34
N PRO B 7 1.06 17.74 3.92
CA PRO B 7 2.42 18.22 4.03
C PRO B 7 3.17 18.23 2.68
N LEU B 8 2.46 18.05 1.56
CA LEU B 8 3.08 18.00 0.25
C LEU B 8 2.57 19.08 -0.71
N CYS B 9 1.62 19.92 -0.30
CA CYS B 9 1.23 21.06 -1.11
C CYS B 9 0.80 22.25 -0.24
N ASP B 10 0.85 23.44 -0.84
CA ASP B 10 0.65 24.71 -0.13
C ASP B 10 -0.80 25.18 0.05
N LYS B 11 -1.78 24.29 -0.11
CA LYS B 11 -3.18 24.69 0.01
C LYS B 11 -4.00 23.65 0.78
N CYS B 12 -4.92 24.13 1.60
CA CYS B 12 -5.80 23.28 2.39
C CYS B 12 -6.92 22.67 1.55
N TYR B 13 -7.75 21.85 2.21
CA TYR B 13 -8.92 21.24 1.61
C TYR B 13 -10.09 22.17 1.29
N ASP B 14 -10.82 21.84 0.22
CA ASP B 14 -11.97 22.60 -0.27
C ASP B 14 -13.13 21.63 -0.47
N ASP B 15 -14.26 22.12 -0.97
CA ASP B 15 -15.42 21.28 -1.27
C ASP B 15 -15.12 20.14 -2.24
N ASP B 16 -14.02 20.26 -2.99
CA ASP B 16 -13.51 19.24 -3.89
C ASP B 16 -12.93 18.00 -3.21
N ASP B 17 -12.82 18.02 -1.88
CA ASP B 17 -12.13 16.99 -1.12
C ASP B 17 -12.56 15.53 -1.37
N TYR B 18 -13.75 15.32 -1.92
CA TYR B 18 -14.24 13.98 -2.21
C TYR B 18 -13.51 13.44 -3.45
N GLU B 19 -13.06 14.34 -4.34
CA GLU B 19 -12.33 13.95 -5.53
C GLU B 19 -10.82 13.97 -5.25
N SER B 20 -10.41 14.75 -4.24
CA SER B 20 -9.01 14.85 -3.84
C SER B 20 -8.58 13.66 -2.98
N LYS B 21 -9.47 12.69 -2.78
CA LYS B 21 -9.16 11.47 -2.03
C LYS B 21 -8.58 11.78 -0.65
N MET B 22 -9.28 12.64 0.11
CA MET B 22 -8.82 13.05 1.42
C MET B 22 -8.98 11.94 2.46
N MET B 23 -8.06 11.90 3.41
CA MET B 23 -7.96 10.85 4.41
C MET B 23 -7.29 11.39 5.68
N GLN B 24 -7.54 10.76 6.82
CA GLN B 24 -6.97 11.20 8.09
C GLN B 24 -5.99 10.17 8.62
N CYS B 25 -4.98 10.64 9.36
CA CYS B 25 -3.99 9.80 9.99
C CYS B 25 -4.63 9.05 11.19
N GLY B 26 -3.95 8.03 11.72
CA GLY B 26 -4.53 7.19 12.76
C GLY B 26 -3.89 7.35 14.13
N LYS B 27 -2.80 8.10 14.26
CA LYS B 27 -2.22 8.40 15.57
C LYS B 27 -2.00 9.90 15.75
N CYS B 28 -2.43 10.67 14.76
CA CYS B 28 -2.52 12.12 14.83
C CYS B 28 -3.73 12.53 14.00
N ASP B 29 -4.18 13.78 14.13
CA ASP B 29 -5.40 14.23 13.47
C ASP B 29 -5.20 14.88 12.10
N ARG B 30 -3.97 14.82 11.58
CA ARG B 30 -3.64 15.46 10.31
C ARG B 30 -4.41 14.81 9.16
N TRP B 31 -5.08 15.64 8.37
CA TRP B 31 -5.73 15.22 7.13
C TRP B 31 -4.77 15.43 5.96
N VAL B 32 -4.82 14.58 4.95
CA VAL B 32 -3.91 14.66 3.81
C VAL B 32 -4.57 14.24 2.49
N HIS B 33 -4.15 14.87 1.39
CA HIS B 33 -4.54 14.47 0.04
C HIS B 33 -3.71 13.24 -0.32
N SER B 34 -4.30 12.20 -0.89
CA SER B 34 -3.53 11.04 -1.33
C SER B 34 -2.95 11.30 -2.73
N LYS B 35 -3.48 12.31 -3.44
CA LYS B 35 -2.99 12.65 -4.77
C LYS B 35 -1.62 13.33 -4.71
N CYS B 36 -1.35 14.09 -3.65
CA CYS B 36 -0.04 14.70 -3.46
C CYS B 36 0.96 13.65 -2.98
N GLU B 37 0.46 12.59 -2.34
CA GLU B 37 1.26 11.45 -1.89
C GLU B 37 1.63 10.55 -3.07
N ASN B 38 1.27 10.96 -4.29
CA ASN B 38 1.55 10.23 -5.53
C ASN B 38 0.92 8.82 -5.54
N LEU B 39 -0.07 8.58 -4.66
CA LEU B 39 -0.71 7.28 -4.55
C LEU B 39 -1.71 7.09 -5.69
N SER B 40 -1.74 5.88 -6.24
CA SER B 40 -2.74 5.50 -7.24
C SER B 40 -4.09 5.38 -6.53
N ASP B 41 -5.19 5.57 -7.26
CA ASP B 41 -6.51 5.52 -6.65
C ASP B 41 -6.82 4.20 -5.95
N GLU B 42 -6.47 3.08 -6.58
CA GLU B 42 -6.74 1.77 -6.00
C GLU B 42 -5.82 1.52 -4.80
N MET B 43 -4.55 1.90 -4.94
CA MET B 43 -3.58 1.72 -3.86
C MET B 43 -4.02 2.50 -2.64
N TYR B 44 -4.52 3.72 -2.85
CA TYR B 44 -5.10 4.52 -1.80
C TYR B 44 -6.34 3.92 -1.14
N GLU B 45 -7.28 3.42 -1.94
CA GLU B 45 -8.47 2.80 -1.39
C GLU B 45 -8.11 1.58 -0.55
N ILE B 46 -7.06 0.84 -0.93
CA ILE B 46 -6.66 -0.33 -0.15
C ILE B 46 -6.06 0.13 1.18
N LEU B 47 -5.04 0.99 1.15
CA LEU B 47 -4.38 1.42 2.37
C LEU B 47 -5.31 2.29 3.23
N SER B 48 -6.41 2.79 2.66
CA SER B 48 -7.42 3.51 3.42
C SER B 48 -8.39 2.54 4.08
N ASN B 49 -8.72 1.43 3.40
CA ASN B 49 -9.64 0.43 3.93
C ASN B 49 -8.92 -0.73 4.64
N LEU B 50 -7.60 -0.67 4.78
CA LEU B 50 -6.86 -1.63 5.59
C LEU B 50 -7.45 -1.73 7.01
N PRO B 51 -7.19 -2.83 7.72
CA PRO B 51 -7.65 -3.08 9.08
C PRO B 51 -7.32 -1.97 10.08
N GLU B 52 -7.92 -2.05 11.26
CA GLU B 52 -7.72 -1.07 12.32
C GLU B 52 -6.40 -1.31 13.07
N SER B 53 -5.79 -2.48 12.90
CA SER B 53 -4.53 -2.80 13.57
C SER B 53 -3.33 -2.27 12.77
N VAL B 54 -3.44 -2.33 11.44
CA VAL B 54 -2.38 -1.93 10.53
C VAL B 54 -2.91 -1.05 9.41
N ALA B 55 -2.24 0.08 9.16
CA ALA B 55 -2.71 1.08 8.22
C ALA B 55 -1.63 2.10 7.90
N TYR B 56 -1.89 2.92 6.87
CA TYR B 56 -1.00 4.00 6.48
C TYR B 56 -1.01 5.21 7.41
N THR B 57 0.13 5.88 7.56
CA THR B 57 0.30 6.97 8.52
C THR B 57 0.91 8.12 7.73
N CYS B 58 0.62 9.35 8.18
CA CYS B 58 1.06 10.57 7.53
C CYS B 58 2.59 10.73 7.56
N VAL B 59 3.09 11.71 6.79
CA VAL B 59 4.51 12.00 6.71
C VAL B 59 5.12 12.51 8.02
N ASN B 60 4.27 12.92 8.98
CA ASN B 60 4.76 13.44 10.24
C ASN B 60 4.93 12.30 11.25
N CYS B 61 4.16 11.21 11.10
CA CYS B 61 4.26 10.06 11.98
C CYS B 61 5.29 9.05 11.47
N THR B 62 5.54 9.03 10.16
CA THR B 62 6.50 8.13 9.54
C THR B 62 7.05 8.60 8.21
N GLU B 63 8.13 7.97 7.73
CA GLU B 63 8.70 8.31 6.42
C GLU B 63 7.78 7.83 5.30
N ARG B 64 7.66 8.62 4.24
CA ARG B 64 6.78 8.36 3.10
C ARG B 64 7.38 8.87 1.79
ZN ZN C . -2.03 18.29 -1.03
ZN ZN D . 0.16 11.36 11.58
N ALA A 1 7.38 -16.38 -24.65
CA ALA A 1 6.29 -16.74 -23.71
C ALA A 1 5.72 -15.51 -23.05
N GLY A 2 4.53 -15.65 -22.43
CA GLY A 2 3.87 -14.55 -21.75
C GLY A 2 2.56 -15.01 -21.11
N HIS A 3 1.85 -14.09 -20.47
CA HIS A 3 0.57 -14.37 -19.81
C HIS A 3 -0.29 -13.12 -19.74
N MET A 4 -1.59 -13.30 -19.50
CA MET A 4 -2.56 -12.22 -19.45
C MET A 4 -2.50 -11.46 -18.12
N ALA A 5 -1.73 -11.97 -17.15
CA ALA A 5 -1.65 -11.40 -15.81
C ALA A 5 -0.76 -10.16 -15.77
N THR A 6 -0.49 -9.54 -16.92
CA THR A 6 0.29 -8.31 -16.99
C THR A 6 -0.65 -7.22 -16.46
N THR A 7 -0.12 -6.35 -15.60
CA THR A 7 -0.86 -5.22 -15.03
C THR A 7 -0.03 -3.94 -14.95
N LYS A 8 -0.67 -2.78 -15.15
CA LYS A 8 0.02 -1.51 -15.20
C LYS A 8 -0.07 -0.72 -13.90
N ARG A 9 -0.68 -1.29 -12.85
CA ARG A 9 -0.85 -0.62 -11.58
C ARG A 9 -0.07 -1.34 -10.47
N VAL A 10 -0.46 -1.11 -9.22
CA VAL A 10 0.23 -1.62 -8.04
C VAL A 10 0.23 -3.15 -7.94
N LEU A 11 1.27 -3.71 -7.33
CA LEU A 11 1.38 -5.14 -7.09
C LEU A 11 1.76 -5.40 -5.64
N TYR A 12 1.41 -6.59 -5.14
CA TYR A 12 1.62 -6.99 -3.77
C TYR A 12 2.98 -7.60 -3.42
N VAL A 13 3.44 -7.40 -2.18
CA VAL A 13 4.68 -7.96 -1.68
C VAL A 13 4.51 -8.48 -0.26
N GLY A 14 5.14 -9.62 0.06
CA GLY A 14 5.00 -10.25 1.37
C GLY A 14 6.22 -11.07 1.75
N GLY A 15 6.19 -11.64 2.95
CA GLY A 15 7.30 -12.44 3.47
C GLY A 15 8.46 -11.57 3.96
N LEU A 16 8.26 -10.25 4.00
CA LEU A 16 9.30 -9.29 4.36
C LEU A 16 9.61 -9.33 5.85
N ALA A 17 10.85 -8.96 6.22
CA ALA A 17 11.21 -8.74 7.61
C ALA A 17 10.80 -7.34 8.04
N GLU A 18 10.73 -7.10 9.36
CA GLU A 18 10.34 -5.81 9.91
C GLU A 18 11.38 -4.73 9.58
N GLU A 19 12.59 -5.15 9.20
CA GLU A 19 13.68 -4.24 8.84
C GLU A 19 13.51 -3.69 7.43
N VAL A 20 12.64 -4.29 6.62
CA VAL A 20 12.45 -3.89 5.23
C VAL A 20 11.78 -2.53 5.14
N ASP A 21 12.31 -1.70 4.24
CA ASP A 21 11.85 -0.35 3.94
C ASP A 21 11.75 -0.12 2.43
N ASP A 22 11.22 1.03 2.01
CA ASP A 22 11.08 1.32 0.59
C ASP A 22 12.40 1.33 -0.17
N LYS A 23 13.50 1.60 0.53
CA LYS A 23 14.83 1.59 -0.07
C LYS A 23 15.33 0.17 -0.29
N VAL A 24 14.84 -0.78 0.50
CA VAL A 24 15.21 -2.19 0.34
C VAL A 24 14.37 -2.77 -0.80
N LEU A 25 13.08 -2.44 -0.84
CA LEU A 25 12.20 -2.90 -1.89
C LEU A 25 12.61 -2.30 -3.23
N HIS A 26 12.97 -1.01 -3.25
CA HIS A 26 13.34 -0.37 -4.51
C HIS A 26 14.60 -1.02 -5.10
N ALA A 27 15.61 -1.29 -4.27
CA ALA A 27 16.84 -1.87 -4.75
C ALA A 27 16.63 -3.31 -5.25
N ALA A 28 15.63 -4.00 -4.71
CA ALA A 28 15.33 -5.37 -5.09
C ALA A 28 14.35 -5.44 -6.28
N PHE A 29 13.59 -4.37 -6.53
CA PHE A 29 12.61 -4.34 -7.59
C PHE A 29 12.95 -3.53 -8.83
N ILE A 30 14.02 -2.73 -8.77
CA ILE A 30 14.41 -1.85 -9.86
C ILE A 30 15.14 -2.55 -11.02
N PRO A 31 15.74 -3.75 -10.88
CA PRO A 31 16.57 -4.29 -11.96
C PRO A 31 15.72 -4.84 -13.11
N PHE A 32 14.40 -4.97 -12.93
CA PHE A 32 13.52 -5.49 -13.97
C PHE A 32 12.95 -4.32 -14.76
N GLY A 33 12.98 -3.11 -14.20
CA GLY A 33 12.44 -1.93 -14.87
C GLY A 33 12.20 -0.79 -13.88
N ASP A 34 11.88 0.39 -14.41
CA ASP A 34 11.66 1.57 -13.59
C ASP A 34 10.48 1.47 -12.63
N ILE A 35 10.70 1.91 -11.39
CA ILE A 35 9.66 2.00 -10.36
C ILE A 35 9.23 3.45 -10.24
N THR A 36 7.97 3.67 -9.84
CA THR A 36 7.44 5.03 -9.68
C THR A 36 6.79 5.31 -8.33
N ASP A 37 6.47 4.28 -7.54
CA ASP A 37 5.96 4.48 -6.18
C ASP A 37 6.12 3.24 -5.31
N ILE A 38 6.39 3.44 -4.02
CA ILE A 38 6.51 2.37 -3.02
C ILE A 38 6.03 2.92 -1.67
N GLN A 39 5.19 2.16 -0.96
CA GLN A 39 4.67 2.56 0.33
C GLN A 39 4.54 1.35 1.25
N ILE A 40 4.83 1.55 2.53
CA ILE A 40 4.74 0.49 3.53
C ILE A 40 3.81 0.92 4.66
N PRO A 41 2.60 0.35 4.78
CA PRO A 41 1.70 0.59 5.90
C PRO A 41 2.32 0.03 7.18
N LEU A 42 1.94 0.57 8.33
CA LEU A 42 2.55 0.20 9.60
C LEU A 42 1.50 -0.22 10.63
N ASP A 43 1.94 -1.05 11.59
CA ASP A 43 1.12 -1.52 12.70
C ASP A 43 1.01 -0.35 13.66
N TYR A 44 -0.20 -0.07 14.16
CA TYR A 44 -0.41 1.04 15.07
C TYR A 44 0.25 0.97 16.45
N GLU A 45 0.69 -0.23 16.85
CA GLU A 45 1.24 -0.45 18.18
C GLU A 45 2.78 -0.38 18.20
N THR A 46 3.44 -0.81 17.13
CA THR A 46 4.90 -0.88 17.08
C THR A 46 5.57 -0.11 15.94
N GLU A 47 4.77 0.48 15.05
CA GLU A 47 5.27 1.22 13.88
C GLU A 47 6.16 0.38 12.95
N LYS A 48 6.08 -0.95 13.07
CA LYS A 48 6.70 -1.88 12.12
C LYS A 48 5.61 -2.37 11.19
N HIS A 49 5.91 -3.31 10.29
CA HIS A 49 4.91 -3.91 9.44
C HIS A 49 4.96 -5.43 9.60
N ARG A 50 3.83 -6.10 9.32
CA ARG A 50 3.70 -7.55 9.50
C ARG A 50 4.44 -8.32 8.41
N GLY A 51 5.30 -7.66 7.63
CA GLY A 51 6.05 -8.30 6.56
C GLY A 51 5.32 -8.27 5.23
N PHE A 52 4.67 -7.14 4.91
CA PHE A 52 3.88 -7.01 3.69
C PHE A 52 4.03 -5.54 3.29
N ALA A 53 3.95 -5.29 1.98
CA ALA A 53 4.14 -3.95 1.41
C ALA A 53 3.56 -3.88 0.00
N PHE A 54 3.63 -2.70 -0.61
CA PHE A 54 3.15 -2.47 -1.97
C PHE A 54 4.13 -1.74 -2.88
N VAL A 55 4.12 -2.06 -4.17
CA VAL A 55 5.07 -1.49 -5.14
C VAL A 55 4.36 -1.19 -6.45
N GLU A 56 4.75 -0.11 -7.12
CA GLU A 56 4.16 0.29 -8.39
C GLU A 56 5.24 0.59 -9.44
N PHE A 57 5.13 -0.10 -10.58
CA PHE A 57 6.03 0.07 -11.71
C PHE A 57 5.65 1.15 -12.72
N GLU A 58 6.64 1.68 -13.44
CA GLU A 58 6.40 2.64 -14.51
C GLU A 58 5.97 1.93 -15.79
N LEU A 59 6.18 0.60 -15.85
CA LEU A 59 5.84 -0.21 -17.01
C LEU A 59 5.12 -1.49 -16.56
N ALA A 60 4.18 -1.96 -17.39
CA ALA A 60 3.38 -3.14 -17.07
C ALA A 60 4.14 -4.44 -17.33
N GLU A 61 5.11 -4.43 -18.24
CA GLU A 61 5.87 -5.62 -18.59
C GLU A 61 6.91 -5.93 -17.51
N ASP A 62 7.39 -4.89 -16.82
CA ASP A 62 8.40 -5.03 -15.80
C ASP A 62 7.78 -5.48 -14.48
N ALA A 63 6.48 -5.19 -14.29
CA ALA A 63 5.74 -5.68 -13.14
C ALA A 63 5.46 -7.17 -13.30
N ALA A 64 5.36 -7.63 -14.54
CA ALA A 64 5.16 -9.05 -14.82
C ALA A 64 6.46 -9.82 -14.61
N ALA A 65 7.61 -9.15 -14.79
CA ALA A 65 8.90 -9.75 -14.51
C ALA A 65 9.13 -9.86 -13.01
N ALA A 66 8.55 -8.95 -12.23
CA ALA A 66 8.72 -8.98 -10.78
C ALA A 66 8.02 -10.20 -10.19
N ILE A 67 6.76 -10.44 -10.57
CA ILE A 67 6.02 -11.60 -10.07
C ILE A 67 6.63 -12.90 -10.60
N ASP A 68 7.29 -12.85 -11.75
CA ASP A 68 7.89 -14.03 -12.35
C ASP A 68 9.28 -14.41 -11.82
N ASN A 69 9.95 -13.49 -11.12
CA ASN A 69 11.29 -13.77 -10.59
C ASN A 69 11.44 -13.51 -9.10
N MET A 70 10.75 -12.51 -8.56
CA MET A 70 10.89 -12.15 -7.15
C MET A 70 10.01 -12.99 -6.23
N ASN A 71 9.05 -13.72 -6.78
CA ASN A 71 8.15 -14.56 -5.98
C ASN A 71 8.94 -15.71 -5.33
N GLU A 72 10.16 -15.97 -5.80
CA GLU A 72 11.03 -17.00 -5.27
C GLU A 72 12.31 -16.40 -4.65
N SER A 73 12.38 -15.06 -4.61
CA SER A 73 13.55 -14.35 -4.09
C SER A 73 13.57 -14.38 -2.55
N GLU A 74 14.64 -13.84 -1.97
CA GLU A 74 14.87 -13.86 -0.53
C GLU A 74 15.40 -12.50 -0.06
N LEU A 75 14.98 -12.07 1.12
CA LEU A 75 15.40 -10.82 1.74
C LEU A 75 15.46 -11.02 3.25
N PHE A 76 16.44 -10.40 3.90
CA PHE A 76 16.60 -10.50 5.34
C PHE A 76 16.71 -11.90 5.94
N GLY A 77 17.02 -12.90 5.11
CA GLY A 77 17.18 -14.27 5.57
C GLY A 77 15.90 -15.11 5.43
N ARG A 78 14.88 -14.62 4.72
CA ARG A 78 13.66 -15.37 4.52
C ARG A 78 13.08 -15.14 3.13
N THR A 79 12.35 -16.14 2.63
CA THR A 79 11.68 -16.07 1.34
C THR A 79 10.58 -15.03 1.26
N ILE A 80 10.40 -14.41 0.08
CA ILE A 80 9.38 -13.38 -0.11
C ILE A 80 8.32 -13.88 -1.08
N ARG A 81 7.23 -13.12 -1.19
CA ARG A 81 6.11 -13.42 -2.07
C ARG A 81 5.76 -12.17 -2.87
N VAL A 82 5.51 -12.33 -4.16
CA VAL A 82 5.12 -11.25 -5.06
C VAL A 82 4.00 -11.68 -5.99
N ASN A 83 3.02 -10.80 -6.20
CA ASN A 83 1.82 -11.13 -6.97
C ASN A 83 1.10 -9.84 -7.37
N LEU A 84 0.16 -9.94 -8.33
CA LEU A 84 -0.62 -8.79 -8.76
C LEU A 84 -1.54 -8.32 -7.63
N ALA A 85 -2.00 -7.07 -7.72
CA ALA A 85 -2.93 -6.50 -6.76
C ALA A 85 -3.88 -5.51 -7.39
N LYS A 86 -3.92 -5.47 -8.74
CA LYS A 86 -4.81 -4.58 -9.47
C LYS A 86 -6.23 -5.17 -9.63
N PRO A 87 -6.38 -6.49 -9.82
CA PRO A 87 -7.68 -7.15 -9.95
C PRO A 87 -8.55 -7.09 -8.69
N MET A 88 -8.25 -6.20 -7.75
CA MET A 88 -8.90 -6.18 -6.44
C MET A 88 -9.14 -4.75 -5.95
N ARG A 89 -9.46 -3.82 -6.86
CA ARG A 89 -9.77 -2.45 -6.49
C ARG A 89 -11.03 -2.40 -5.62
N ILE A 90 -11.05 -1.51 -4.63
CA ILE A 90 -12.14 -1.38 -3.68
C ILE A 90 -13.32 -0.63 -4.29
N LYS A 91 -14.52 -0.84 -3.73
CA LYS A 91 -15.72 -0.10 -4.12
C LYS A 91 -16.18 0.74 -2.93
N GLU A 92 -16.16 2.06 -3.09
CA GLU A 92 -16.60 2.98 -2.04
C GLU A 92 -18.12 3.14 -2.04
N GLY A 93 -18.79 2.60 -3.06
CA GLY A 93 -20.24 2.61 -3.15
C GLY A 93 -20.88 1.44 -2.40
N SER A 94 -20.08 0.70 -1.61
CA SER A 94 -20.53 -0.49 -0.91
C SER A 94 -19.76 -0.65 0.40
N SER A 95 -19.93 -1.80 1.06
CA SER A 95 -19.28 -2.11 2.33
C SER A 95 -17.76 -2.12 2.19
N ARG A 96 -17.06 -2.24 3.33
CA ARG A 96 -15.61 -2.33 3.35
C ARG A 96 -15.18 -3.56 2.56
N PRO A 97 -13.87 -3.71 2.27
CA PRO A 97 -13.36 -4.78 1.44
C PRO A 97 -13.60 -6.15 2.07
N VAL A 98 -14.54 -6.92 1.52
CA VAL A 98 -14.89 -8.24 2.03
C VAL A 98 -15.32 -9.21 0.91
N TRP A 99 -14.87 -8.98 -0.33
CA TRP A 99 -15.38 -9.74 -1.47
C TRP A 99 -14.29 -10.13 -2.47
N SER A 100 -13.01 -9.90 -2.14
CA SER A 100 -11.91 -10.08 -3.09
C SER A 100 -10.61 -10.36 -2.34
N ASP A 101 -9.49 -10.34 -3.05
CA ASP A 101 -8.19 -10.42 -2.40
C ASP A 101 -7.99 -9.34 -1.34
N ASP A 102 -8.83 -8.30 -1.35
CA ASP A 102 -8.83 -7.30 -0.30
C ASP A 102 -9.41 -7.84 1.00
N ASP A 103 -10.21 -8.91 0.90
CA ASP A 103 -10.78 -9.60 2.03
C ASP A 103 -9.69 -10.51 2.62
N TRP A 104 -8.79 -11.06 1.79
CA TRP A 104 -7.72 -11.85 2.42
C TRP A 104 -6.84 -10.90 3.22
N LEU A 105 -6.73 -9.62 2.83
CA LEU A 105 -6.01 -8.65 3.65
C LEU A 105 -6.72 -8.50 4.99
N LYS A 106 -8.06 -8.61 5.02
CA LYS A 106 -8.79 -8.58 6.29
C LYS A 106 -8.58 -9.88 7.07
N LYS A 107 -8.46 -11.03 6.39
CA LYS A 107 -8.21 -12.29 7.08
C LYS A 107 -6.78 -12.31 7.63
N PHE A 108 -5.88 -11.57 6.97
CA PHE A 108 -4.52 -11.36 7.44
C PHE A 108 -4.42 -10.70 8.81
N SER A 109 -5.12 -9.59 9.02
CA SER A 109 -5.19 -8.95 10.32
C SER A 109 -6.15 -9.72 11.25
N GLY A 110 -6.99 -10.56 10.64
CA GLY A 110 -7.94 -11.41 11.34
C GLY A 110 -7.24 -12.61 11.98
N LYS A 111 -7.41 -13.79 11.37
CA LYS A 111 -6.88 -15.04 11.92
C LYS A 111 -6.82 -16.11 10.83
N THR A 112 -5.84 -17.01 10.95
CA THR A 112 -5.69 -18.14 10.05
C THR A 112 -4.94 -19.26 10.79
N LEU A 113 -4.16 -18.90 11.81
CA LEU A 113 -3.49 -19.86 12.68
C LEU A 113 -4.43 -20.23 13.83
N GLU A 114 -5.60 -20.76 13.49
CA GLU A 114 -6.64 -21.07 14.46
C GLU A 114 -6.20 -22.14 15.47
N GLU A 115 -5.09 -22.82 15.24
CA GLU A 115 -4.54 -23.79 16.18
C GLU A 115 -4.00 -23.07 17.41
N ASN A 116 -3.73 -21.77 17.29
CA ASN A 116 -3.23 -20.93 18.37
C ASN A 116 -4.37 -20.14 19.03
N LYS A 117 -5.62 -20.52 18.74
CA LYS A 117 -6.81 -19.83 19.23
C LYS A 117 -6.75 -18.35 18.85
N ALA B 1 5.93 21.66 14.60
CA ALA B 1 4.88 20.75 14.11
C ALA B 1 4.82 20.77 12.59
N LYS B 2 4.33 19.66 12.00
CA LYS B 2 4.18 19.53 10.55
C LYS B 2 2.91 20.22 10.06
N GLY B 3 2.22 20.93 10.96
CA GLY B 3 0.99 21.63 10.64
C GLY B 3 -0.21 20.68 10.67
N ASN B 4 -1.38 21.22 11.01
CA ASN B 4 -2.62 20.45 11.13
C ASN B 4 -3.31 20.24 9.78
N PHE B 5 -2.53 20.17 8.69
CA PHE B 5 -3.09 20.07 7.34
C PHE B 5 -2.00 19.41 6.49
N CYS B 6 -2.36 19.09 5.24
CA CYS B 6 -1.45 18.50 4.25
C CYS B 6 -0.22 19.41 4.11
N PRO B 7 0.97 18.93 4.50
CA PRO B 7 2.19 19.71 4.46
C PRO B 7 2.82 19.71 3.07
N LEU B 8 2.30 18.89 2.15
CA LEU B 8 2.90 18.72 0.83
C LEU B 8 2.37 19.73 -0.18
N CYS B 9 1.36 20.52 0.18
CA CYS B 9 0.85 21.58 -0.69
C CYS B 9 0.27 22.73 0.13
N ASP B 10 0.22 23.93 -0.47
CA ASP B 10 -0.27 25.12 0.22
C ASP B 10 -1.79 25.29 0.27
N LYS B 11 -2.52 24.43 -0.45
CA LYS B 11 -3.97 24.52 -0.53
C LYS B 11 -4.62 23.88 0.69
N CYS B 12 -5.54 24.60 1.34
CA CYS B 12 -6.29 24.10 2.48
C CYS B 12 -7.48 23.28 1.99
N TYR B 13 -8.24 22.67 2.90
CA TYR B 13 -9.39 21.85 2.56
C TYR B 13 -10.38 22.77 1.82
N ASP B 14 -11.15 22.18 0.90
CA ASP B 14 -12.06 22.93 0.05
C ASP B 14 -13.11 21.92 -0.47
N ASP B 15 -14.11 22.42 -1.18
CA ASP B 15 -15.16 21.57 -1.75
C ASP B 15 -14.64 20.50 -2.72
N ASP B 16 -13.42 20.71 -3.23
CA ASP B 16 -12.73 19.77 -4.10
C ASP B 16 -12.32 18.46 -3.43
N ASP B 17 -12.51 18.36 -2.11
CA ASP B 17 -12.03 17.23 -1.32
C ASP B 17 -12.39 15.83 -1.84
N TYR B 18 -13.50 15.71 -2.58
CA TYR B 18 -13.89 14.43 -3.16
C TYR B 18 -13.07 13.94 -4.35
N GLU B 19 -12.37 14.86 -5.03
CA GLU B 19 -11.41 14.51 -6.07
C GLU B 19 -9.98 14.55 -5.53
N SER B 20 -9.81 15.12 -4.33
CA SER B 20 -8.51 15.19 -3.67
C SER B 20 -8.21 13.88 -2.92
N LYS B 21 -9.18 12.97 -2.87
CA LYS B 21 -9.01 11.64 -2.31
C LYS B 21 -8.44 11.72 -0.89
N MET B 22 -9.06 12.53 -0.03
CA MET B 22 -8.53 12.79 1.30
C MET B 22 -8.70 11.59 2.23
N MET B 23 -7.84 11.55 3.24
CA MET B 23 -7.75 10.45 4.20
C MET B 23 -7.32 11.00 5.55
N GLN B 24 -7.88 10.42 6.63
CA GLN B 24 -7.50 10.82 7.98
C GLN B 24 -6.46 9.86 8.52
N CYS B 25 -5.56 10.37 9.37
CA CYS B 25 -4.52 9.58 10.00
C CYS B 25 -5.15 8.66 11.06
N GLY B 26 -4.40 7.67 11.54
CA GLY B 26 -4.95 6.66 12.45
C GLY B 26 -4.44 6.77 13.88
N LYS B 27 -3.41 7.59 14.14
CA LYS B 27 -2.96 7.82 15.51
C LYS B 27 -2.93 9.31 15.85
N CYS B 28 -3.39 10.13 14.90
CA CYS B 28 -3.65 11.54 15.10
C CYS B 28 -4.84 11.91 14.21
N ASP B 29 -5.44 13.08 14.42
CA ASP B 29 -6.67 13.46 13.71
C ASP B 29 -6.48 14.32 12.47
N ARG B 30 -5.22 14.56 12.08
CA ARG B 30 -4.93 15.39 10.92
C ARG B 30 -5.41 14.73 9.63
N TRP B 31 -5.89 15.55 8.69
CA TRP B 31 -6.35 15.10 7.39
C TRP B 31 -5.31 15.45 6.32
N VAL B 32 -5.22 14.63 5.28
CA VAL B 32 -4.28 14.85 4.18
C VAL B 32 -4.87 14.46 2.82
N HIS B 33 -4.41 15.12 1.76
CA HIS B 33 -4.76 14.75 0.40
C HIS B 33 -3.89 13.58 -0.01
N SER B 34 -4.46 12.54 -0.64
CA SER B 34 -3.66 11.41 -1.08
C SER B 34 -2.96 11.69 -2.41
N LYS B 35 -3.42 12.72 -3.13
CA LYS B 35 -2.82 13.09 -4.41
C LYS B 35 -1.46 13.76 -4.21
N CYS B 36 -1.25 14.42 -3.07
CA CYS B 36 0.04 15.04 -2.77
C CYS B 36 1.03 13.98 -2.29
N GLU B 37 0.50 12.85 -1.78
CA GLU B 37 1.29 11.71 -1.33
C GLU B 37 1.69 10.82 -2.52
N ASN B 38 1.43 11.28 -3.75
CA ASN B 38 1.72 10.56 -4.98
C ASN B 38 0.98 9.22 -5.10
N LEU B 39 -0.03 8.99 -4.25
CA LEU B 39 -0.76 7.73 -4.27
C LEU B 39 -1.75 7.71 -5.44
N SER B 40 -1.86 6.55 -6.09
CA SER B 40 -2.87 6.32 -7.11
C SER B 40 -4.23 6.21 -6.44
N ASP B 41 -5.33 6.33 -7.19
CA ASP B 41 -6.65 6.24 -6.60
C ASP B 41 -6.94 4.87 -5.97
N GLU B 42 -6.57 3.80 -6.67
CA GLU B 42 -6.75 2.46 -6.14
C GLU B 42 -5.82 2.22 -4.96
N MET B 43 -4.59 2.76 -5.05
CA MET B 43 -3.62 2.63 -3.98
C MET B 43 -4.20 3.29 -2.72
N TYR B 44 -4.70 4.52 -2.88
CA TYR B 44 -5.41 5.23 -1.83
C TYR B 44 -6.55 4.47 -1.19
N GLU B 45 -7.40 3.86 -2.01
CA GLU B 45 -8.52 3.09 -1.50
C GLU B 45 -8.01 1.91 -0.66
N ILE B 46 -6.91 1.27 -1.07
CA ILE B 46 -6.40 0.15 -0.28
C ILE B 46 -5.85 0.64 1.06
N LEU B 47 -4.94 1.62 1.09
CA LEU B 47 -4.39 2.00 2.39
C LEU B 47 -5.48 2.55 3.30
N SER B 48 -6.49 3.20 2.70
CA SER B 48 -7.57 3.78 3.46
C SER B 48 -8.49 2.68 4.03
N ASN B 49 -8.63 1.56 3.31
CA ASN B 49 -9.46 0.45 3.76
C ASN B 49 -8.65 -0.73 4.31
N LEU B 50 -7.33 -0.59 4.50
CA LEU B 50 -6.53 -1.59 5.22
C LEU B 50 -7.15 -1.87 6.60
N PRO B 51 -6.77 -2.99 7.23
CA PRO B 51 -7.26 -3.39 8.54
C PRO B 51 -7.06 -2.34 9.63
N GLU B 52 -7.71 -2.56 10.78
CA GLU B 52 -7.64 -1.63 11.89
C GLU B 52 -6.31 -1.76 12.65
N SER B 53 -5.61 -2.88 12.48
CA SER B 53 -4.33 -3.12 13.15
C SER B 53 -3.18 -2.46 12.40
N VAL B 54 -3.28 -2.39 11.07
CA VAL B 54 -2.20 -1.90 10.21
C VAL B 54 -2.73 -0.99 9.11
N ALA B 55 -2.06 0.16 8.91
CA ALA B 55 -2.47 1.14 7.92
C ALA B 55 -1.41 2.22 7.75
N TYR B 56 -1.55 3.02 6.69
CA TYR B 56 -0.67 4.15 6.42
C TYR B 56 -0.91 5.38 7.32
N THR B 57 0.14 6.13 7.65
CA THR B 57 0.06 7.28 8.52
C THR B 57 0.62 8.59 7.94
N CYS B 58 0.20 9.71 8.52
CA CYS B 58 0.59 11.02 8.03
C CYS B 58 2.10 11.28 8.22
N VAL B 59 2.61 12.32 7.56
CA VAL B 59 4.02 12.69 7.61
C VAL B 59 4.53 13.05 9.00
N ASN B 60 3.64 13.20 9.98
CA ASN B 60 4.03 13.56 11.34
C ASN B 60 4.12 12.32 12.22
N CYS B 61 3.38 11.26 11.88
CA CYS B 61 3.41 10.01 12.63
C CYS B 61 4.45 9.06 12.02
N THR B 62 4.81 9.26 10.75
CA THR B 62 5.88 8.52 10.10
C THR B 62 6.53 9.25 8.94
N GLU B 63 7.82 8.99 8.71
CA GLU B 63 8.52 9.60 7.58
C GLU B 63 8.24 8.81 6.31
N ARG B 64 8.09 9.52 5.18
CA ARG B 64 7.85 8.92 3.87
C ARG B 64 8.57 9.73 2.79
ZN ZN C . -2.22 18.57 -0.43
ZN ZN D . -0.69 11.37 12.05
N ALA A 1 2.97 -17.90 -23.63
CA ALA A 1 3.46 -16.53 -23.46
C ALA A 1 4.64 -16.49 -22.49
N GLY A 2 5.38 -15.38 -22.48
CA GLY A 2 6.55 -15.21 -21.63
C GLY A 2 6.19 -14.92 -20.17
N HIS A 3 4.89 -14.79 -19.88
CA HIS A 3 4.38 -14.50 -18.54
C HIS A 3 2.97 -15.03 -18.38
N MET A 4 2.50 -15.11 -17.13
CA MET A 4 1.15 -15.57 -16.83
C MET A 4 0.17 -14.41 -16.82
N ALA A 5 0.65 -13.17 -16.64
CA ALA A 5 -0.19 -11.99 -16.57
C ALA A 5 0.66 -10.73 -16.68
N THR A 6 0.00 -9.59 -16.95
CA THR A 6 0.65 -8.29 -17.07
C THR A 6 -0.40 -7.28 -16.61
N THR A 7 0.02 -6.29 -15.84
CA THR A 7 -0.82 -5.20 -15.36
C THR A 7 -0.09 -3.86 -15.31
N LYS A 8 -0.84 -2.77 -15.51
CA LYS A 8 -0.27 -1.42 -15.51
C LYS A 8 -0.60 -0.69 -14.20
N ARG A 9 -0.87 -1.46 -13.14
CA ARG A 9 -1.32 -0.93 -11.86
C ARG A 9 -0.56 -1.61 -10.72
N VAL A 10 -0.94 -1.30 -9.48
CA VAL A 10 -0.19 -1.73 -8.29
C VAL A 10 -0.14 -3.24 -8.11
N LEU A 11 0.94 -3.74 -7.51
CA LEU A 11 1.13 -5.16 -7.24
C LEU A 11 1.52 -5.37 -5.77
N TYR A 12 1.23 -6.57 -5.27
CA TYR A 12 1.45 -6.97 -3.89
C TYR A 12 2.80 -7.58 -3.54
N VAL A 13 3.26 -7.36 -2.30
CA VAL A 13 4.50 -7.92 -1.80
C VAL A 13 4.31 -8.42 -0.36
N GLY A 14 4.94 -9.55 -0.01
CA GLY A 14 4.79 -10.15 1.31
C GLY A 14 6.03 -10.95 1.72
N GLY A 15 5.99 -11.53 2.92
CA GLY A 15 7.09 -12.32 3.46
C GLY A 15 8.23 -11.44 3.98
N LEU A 16 8.01 -10.12 4.01
CA LEU A 16 9.02 -9.15 4.39
C LEU A 16 9.30 -9.17 5.90
N ALA A 17 10.50 -8.75 6.29
CA ALA A 17 10.82 -8.51 7.70
C ALA A 17 10.33 -7.12 8.09
N GLU A 18 10.04 -6.91 9.38
CA GLU A 18 9.57 -5.62 9.87
C GLU A 18 10.61 -4.52 9.63
N GLU A 19 11.88 -4.91 9.40
CA GLU A 19 12.96 -3.97 9.14
C GLU A 19 12.90 -3.42 7.71
N VAL A 20 12.12 -4.05 6.82
CA VAL A 20 12.01 -3.62 5.43
C VAL A 20 11.30 -2.27 5.36
N ASP A 21 11.78 -1.42 4.45
CA ASP A 21 11.28 -0.08 4.20
C ASP A 21 11.16 0.19 2.70
N ASP A 22 10.58 1.33 2.31
CA ASP A 22 10.42 1.65 0.90
C ASP A 22 11.74 1.78 0.15
N LYS A 23 12.83 2.05 0.87
CA LYS A 23 14.17 2.15 0.31
C LYS A 23 14.76 0.76 0.06
N VAL A 24 14.35 -0.24 0.84
CA VAL A 24 14.82 -1.60 0.68
C VAL A 24 14.13 -2.24 -0.52
N LEU A 25 12.80 -2.06 -0.62
CA LEU A 25 12.05 -2.57 -1.74
C LEU A 25 12.43 -1.83 -3.02
N HIS A 26 12.81 -0.56 -2.93
CA HIS A 26 13.19 0.18 -4.13
C HIS A 26 14.48 -0.38 -4.72
N ALA A 27 15.45 -0.75 -3.88
CA ALA A 27 16.72 -1.27 -4.37
C ALA A 27 16.57 -2.70 -4.88
N ALA A 28 15.57 -3.45 -4.39
CA ALA A 28 15.36 -4.83 -4.80
C ALA A 28 14.46 -4.96 -6.02
N PHE A 29 13.57 -3.98 -6.25
CA PHE A 29 12.61 -4.01 -7.35
C PHE A 29 12.98 -3.22 -8.61
N ILE A 30 14.09 -2.49 -8.57
CA ILE A 30 14.51 -1.62 -9.65
C ILE A 30 15.24 -2.31 -10.82
N PRO A 31 15.80 -3.54 -10.68
CA PRO A 31 16.65 -4.09 -11.72
C PRO A 31 15.85 -4.61 -12.92
N PHE A 32 14.52 -4.74 -12.79
CA PHE A 32 13.68 -5.24 -13.88
C PHE A 32 13.18 -4.04 -14.69
N GLY A 33 13.16 -2.84 -14.09
CA GLY A 33 12.66 -1.65 -14.75
C GLY A 33 12.39 -0.53 -13.75
N ASP A 34 12.10 0.67 -14.27
CA ASP A 34 11.89 1.83 -13.43
C ASP A 34 10.70 1.74 -12.47
N ILE A 35 10.95 2.10 -11.20
CA ILE A 35 9.93 2.18 -10.17
C ILE A 35 9.37 3.60 -10.15
N THR A 36 8.10 3.73 -9.73
CA THR A 36 7.46 5.04 -9.62
C THR A 36 6.80 5.31 -8.27
N ASP A 37 6.48 4.27 -7.50
CA ASP A 37 5.94 4.44 -6.15
C ASP A 37 6.05 3.18 -5.30
N ILE A 38 6.36 3.35 -4.01
CA ILE A 38 6.42 2.27 -3.03
C ILE A 38 6.03 2.82 -1.67
N GLN A 39 5.08 2.17 -0.99
CA GLN A 39 4.60 2.61 0.31
C GLN A 39 4.28 1.41 1.20
N ILE A 40 4.52 1.58 2.51
CA ILE A 40 4.35 0.53 3.50
C ILE A 40 3.40 1.01 4.61
N PRO A 41 2.29 0.31 4.85
CA PRO A 41 1.39 0.62 5.96
C PRO A 41 2.00 0.14 7.27
N LEU A 42 1.61 0.74 8.39
CA LEU A 42 2.21 0.43 9.69
C LEU A 42 1.17 0.16 10.76
N ASP A 43 1.54 -0.67 11.73
CA ASP A 43 0.70 -1.02 12.87
C ASP A 43 0.49 0.14 13.85
N TYR A 44 -0.72 0.27 14.40
CA TYR A 44 -1.03 1.40 15.26
C TYR A 44 -0.29 1.55 16.59
N GLU A 45 0.19 0.46 17.16
CA GLU A 45 0.83 0.47 18.48
C GLU A 45 2.34 0.35 18.42
N THR A 46 2.89 -0.21 17.35
CA THR A 46 4.33 -0.43 17.20
C THR A 46 4.96 0.20 15.97
N GLU A 47 4.15 0.78 15.07
CA GLU A 47 4.64 1.42 13.85
C GLU A 47 5.49 0.48 12.99
N LYS A 48 5.20 -0.82 13.00
CA LYS A 48 5.86 -1.80 12.14
C LYS A 48 4.84 -2.41 11.18
N HIS A 49 5.29 -2.86 10.00
CA HIS A 49 4.41 -3.56 9.08
C HIS A 49 4.47 -5.05 9.40
N ARG A 50 3.40 -5.77 9.06
CA ARG A 50 3.27 -7.19 9.35
C ARG A 50 3.99 -8.07 8.32
N GLY A 51 4.94 -7.50 7.57
CA GLY A 51 5.69 -8.24 6.58
C GLY A 51 5.01 -8.21 5.21
N PHE A 52 4.34 -7.11 4.87
CA PHE A 52 3.57 -7.03 3.63
C PHE A 52 3.64 -5.55 3.22
N ALA A 53 3.56 -5.29 1.90
CA ALA A 53 3.72 -3.95 1.35
C ALA A 53 3.15 -3.87 -0.07
N PHE A 54 3.20 -2.68 -0.66
CA PHE A 54 2.76 -2.44 -2.03
C PHE A 54 3.77 -1.72 -2.92
N VAL A 55 3.81 -2.08 -4.22
CA VAL A 55 4.79 -1.55 -5.16
C VAL A 55 4.11 -1.22 -6.49
N GLU A 56 4.57 -0.13 -7.12
CA GLU A 56 4.04 0.32 -8.40
C GLU A 56 5.18 0.61 -9.39
N PHE A 57 5.04 0.12 -10.61
CA PHE A 57 6.02 0.31 -11.68
C PHE A 57 5.71 1.41 -12.69
N GLU A 58 6.76 1.93 -13.34
CA GLU A 58 6.60 2.92 -14.40
C GLU A 58 6.22 2.23 -15.71
N LEU A 59 6.37 0.90 -15.78
CA LEU A 59 6.05 0.10 -16.95
C LEU A 59 5.29 -1.15 -16.55
N ALA A 60 4.36 -1.60 -17.39
CA ALA A 60 3.52 -2.76 -17.10
C ALA A 60 4.25 -4.08 -17.38
N GLU A 61 5.25 -4.07 -18.26
CA GLU A 61 6.00 -5.28 -18.61
C GLU A 61 6.97 -5.62 -17.49
N ASP A 62 7.56 -4.60 -16.88
CA ASP A 62 8.55 -4.78 -15.82
C ASP A 62 7.89 -5.21 -14.51
N ALA A 63 6.59 -4.95 -14.38
CA ALA A 63 5.83 -5.42 -13.22
C ALA A 63 5.56 -6.92 -13.37
N ALA A 64 5.50 -7.44 -14.60
CA ALA A 64 5.35 -8.86 -14.83
C ALA A 64 6.67 -9.59 -14.57
N ALA A 65 7.80 -8.88 -14.73
CA ALA A 65 9.09 -9.44 -14.38
C ALA A 65 9.27 -9.49 -12.86
N ALA A 66 8.60 -8.59 -12.13
CA ALA A 66 8.69 -8.58 -10.69
C ALA A 66 7.99 -9.80 -10.07
N ILE A 67 6.78 -10.11 -10.54
CA ILE A 67 6.05 -11.28 -10.04
C ILE A 67 6.72 -12.57 -10.51
N ASP A 68 7.46 -12.53 -11.63
CA ASP A 68 8.15 -13.69 -12.15
C ASP A 68 9.54 -13.97 -11.55
N ASN A 69 10.13 -13.00 -10.85
CA ASN A 69 11.46 -13.18 -10.27
C ASN A 69 11.53 -12.88 -8.78
N MET A 70 10.83 -11.84 -8.30
CA MET A 70 10.92 -11.47 -6.89
C MET A 70 10.06 -12.37 -6.00
N ASN A 71 9.14 -13.14 -6.59
CA ASN A 71 8.29 -14.06 -5.83
C ASN A 71 9.12 -15.18 -5.19
N GLU A 72 10.37 -15.35 -5.64
CA GLU A 72 11.30 -16.36 -5.12
C GLU A 72 12.52 -15.70 -4.50
N SER A 73 12.53 -14.36 -4.41
CA SER A 73 13.64 -13.61 -3.85
C SER A 73 13.67 -13.69 -2.33
N GLU A 74 14.71 -13.14 -1.72
CA GLU A 74 14.94 -13.20 -0.29
C GLU A 74 15.41 -11.83 0.23
N LEU A 75 14.92 -11.45 1.41
CA LEU A 75 15.27 -10.20 2.06
C LEU A 75 15.32 -10.42 3.57
N PHE A 76 16.26 -9.76 4.25
CA PHE A 76 16.40 -9.91 5.71
C PHE A 76 16.58 -11.32 6.26
N GLY A 77 16.93 -12.28 5.41
CA GLY A 77 17.16 -13.65 5.83
C GLY A 77 15.95 -14.56 5.66
N ARG A 78 14.91 -14.11 4.94
CA ARG A 78 13.73 -14.93 4.68
C ARG A 78 13.17 -14.68 3.29
N THR A 79 12.50 -15.70 2.75
CA THR A 79 11.85 -15.62 1.45
C THR A 79 10.68 -14.63 1.38
N ILE A 80 10.52 -13.97 0.23
CA ILE A 80 9.45 -13.01 0.02
C ILE A 80 8.47 -13.57 -1.00
N ARG A 81 7.32 -12.90 -1.16
CA ARG A 81 6.29 -13.26 -2.11
C ARG A 81 5.83 -12.03 -2.88
N VAL A 82 5.51 -12.21 -4.17
CA VAL A 82 5.05 -11.12 -5.03
C VAL A 82 3.97 -11.62 -5.97
N ASN A 83 2.93 -10.79 -6.18
CA ASN A 83 1.80 -11.16 -7.02
C ASN A 83 1.04 -9.89 -7.42
N LEU A 84 0.14 -10.01 -8.40
CA LEU A 84 -0.66 -8.87 -8.86
C LEU A 84 -1.61 -8.41 -7.76
N ALA A 85 -2.09 -7.17 -7.89
CA ALA A 85 -3.08 -6.60 -6.98
C ALA A 85 -4.01 -5.64 -7.73
N LYS A 86 -4.07 -5.80 -9.06
CA LYS A 86 -4.91 -5.00 -9.94
C LYS A 86 -6.36 -5.49 -10.02
N PRO A 87 -6.63 -6.81 -10.12
CA PRO A 87 -7.98 -7.34 -10.24
C PRO A 87 -8.72 -7.36 -8.89
N MET A 88 -8.54 -6.32 -8.08
CA MET A 88 -9.14 -6.25 -6.75
C MET A 88 -9.46 -4.82 -6.34
N ARG A 89 -9.81 -3.95 -7.30
CA ARG A 89 -10.17 -2.57 -7.00
C ARG A 89 -11.42 -2.56 -6.10
N ILE A 90 -11.39 -1.75 -5.05
CA ILE A 90 -12.39 -1.78 -3.99
C ILE A 90 -13.74 -1.20 -4.42
N LYS A 91 -14.83 -1.79 -3.90
CA LYS A 91 -16.19 -1.31 -4.09
C LYS A 91 -16.58 -0.37 -2.95
N GLU A 92 -15.66 0.55 -2.60
CA GLU A 92 -15.83 1.44 -1.47
C GLU A 92 -17.09 2.30 -1.59
N GLY A 93 -17.63 2.42 -2.80
CA GLY A 93 -18.85 3.17 -3.06
C GLY A 93 -20.10 2.44 -2.57
N SER A 94 -19.96 1.27 -1.94
CA SER A 94 -21.08 0.50 -1.44
C SER A 94 -20.76 -0.27 -0.15
N SER A 95 -19.54 -0.81 -0.02
CA SER A 95 -19.16 -1.57 1.17
C SER A 95 -17.65 -1.71 1.29
N ARG A 96 -17.18 -2.17 2.45
CA ARG A 96 -15.75 -2.41 2.68
C ARG A 96 -15.32 -3.67 1.93
N PRO A 97 -14.02 -3.91 1.79
CA PRO A 97 -13.48 -5.03 1.04
C PRO A 97 -13.76 -6.37 1.73
N VAL A 98 -14.51 -7.26 1.06
CA VAL A 98 -14.91 -8.55 1.63
C VAL A 98 -15.16 -9.61 0.55
N TRP A 99 -14.66 -9.45 -0.68
CA TRP A 99 -15.06 -10.31 -1.79
C TRP A 99 -13.90 -10.68 -2.74
N SER A 100 -12.67 -10.31 -2.40
CA SER A 100 -11.53 -10.44 -3.30
C SER A 100 -10.25 -10.68 -2.51
N ASP A 101 -9.09 -10.56 -3.18
CA ASP A 101 -7.82 -10.60 -2.45
C ASP A 101 -7.75 -9.56 -1.32
N ASP A 102 -8.63 -8.57 -1.35
CA ASP A 102 -8.77 -7.61 -0.27
C ASP A 102 -9.43 -8.23 0.96
N ASP A 103 -10.16 -9.33 0.76
CA ASP A 103 -10.77 -10.08 1.83
C ASP A 103 -9.68 -10.94 2.47
N TRP A 104 -8.69 -11.43 1.71
CA TRP A 104 -7.63 -12.17 2.41
C TRP A 104 -6.85 -11.18 3.27
N LEU A 105 -6.82 -9.88 2.94
CA LEU A 105 -6.22 -8.91 3.84
C LEU A 105 -7.04 -8.86 5.14
N LYS A 106 -8.36 -9.04 5.07
CA LYS A 106 -9.18 -9.11 6.29
C LYS A 106 -8.91 -10.42 7.04
N LYS A 107 -8.67 -11.52 6.33
CA LYS A 107 -8.32 -12.79 6.97
C LYS A 107 -6.93 -12.70 7.58
N PHE A 108 -6.07 -11.86 7.00
CA PHE A 108 -4.79 -11.50 7.58
C PHE A 108 -4.91 -10.80 8.93
N SER A 109 -5.97 -10.00 9.09
CA SER A 109 -6.22 -9.29 10.34
C SER A 109 -6.67 -10.23 11.45
N GLY A 110 -7.44 -11.28 11.12
CA GLY A 110 -7.91 -12.20 12.15
C GLY A 110 -8.90 -13.26 11.68
N LYS A 111 -8.84 -13.67 10.41
CA LYS A 111 -9.77 -14.65 9.85
C LYS A 111 -11.22 -14.22 10.07
N THR A 112 -11.47 -12.91 10.06
CA THR A 112 -12.80 -12.35 10.30
C THR A 112 -13.82 -12.74 9.22
N LEU A 113 -15.10 -12.48 9.49
CA LEU A 113 -16.24 -12.92 8.68
C LEU A 113 -16.34 -14.43 8.58
N GLU A 114 -15.58 -15.15 9.41
CA GLU A 114 -15.61 -16.61 9.51
C GLU A 114 -15.51 -16.98 10.98
N GLU A 115 -16.28 -17.99 11.39
CA GLU A 115 -16.39 -18.40 12.78
C GLU A 115 -16.93 -17.28 13.70
N ASN A 116 -17.20 -16.08 13.16
CA ASN A 116 -17.77 -14.99 13.93
C ASN A 116 -19.21 -15.32 14.33
N LYS A 117 -19.69 -14.69 15.41
CA LYS A 117 -21.04 -14.89 15.91
C LYS A 117 -22.07 -14.26 14.96
N ALA B 1 5.65 18.64 15.27
CA ALA B 1 4.49 18.81 14.38
C ALA B 1 4.93 19.33 13.00
N LYS B 2 4.04 19.24 12.02
CA LYS B 2 4.30 19.68 10.65
C LYS B 2 3.03 20.27 10.05
N GLY B 3 2.18 20.87 10.89
CA GLY B 3 0.92 21.44 10.48
C GLY B 3 -0.16 20.37 10.39
N ASN B 4 -1.41 20.73 10.69
CA ASN B 4 -2.54 19.82 10.72
C ASN B 4 -3.09 19.54 9.33
N PHE B 5 -2.26 19.67 8.28
CA PHE B 5 -2.72 19.55 6.91
C PHE B 5 -1.58 18.92 6.10
N CYS B 6 -1.91 18.52 4.87
CA CYS B 6 -0.97 17.94 3.92
C CYS B 6 0.18 18.92 3.68
N PRO B 7 1.41 18.54 4.06
CA PRO B 7 2.58 19.39 3.93
C PRO B 7 3.14 19.38 2.51
N LEU B 8 2.63 18.50 1.64
CA LEU B 8 3.17 18.33 0.29
C LEU B 8 2.60 19.34 -0.70
N CYS B 9 1.63 20.15 -0.29
CA CYS B 9 1.09 21.19 -1.17
C CYS B 9 0.60 22.40 -0.36
N ASP B 10 0.46 23.54 -1.03
CA ASP B 10 0.14 24.82 -0.40
C ASP B 10 -1.34 25.15 -0.20
N LYS B 11 -2.24 24.22 -0.53
CA LYS B 11 -3.67 24.44 -0.40
C LYS B 11 -4.34 23.20 0.19
N CYS B 12 -5.29 23.41 1.10
CA CYS B 12 -5.94 22.30 1.80
C CYS B 12 -7.27 22.74 2.41
N TYR B 13 -8.06 21.74 2.83
CA TYR B 13 -9.33 21.93 3.51
C TYR B 13 -10.43 22.68 2.76
N ASP B 14 -10.17 23.01 1.48
CA ASP B 14 -11.14 23.66 0.62
C ASP B 14 -12.23 22.73 0.08
N ASP B 15 -13.22 23.30 -0.60
CA ASP B 15 -14.35 22.53 -1.12
C ASP B 15 -14.01 21.40 -2.10
N ASP B 16 -12.82 21.45 -2.71
CA ASP B 16 -12.38 20.40 -3.62
C ASP B 16 -11.94 19.09 -2.95
N ASP B 17 -11.71 19.13 -1.64
CA ASP B 17 -11.13 17.98 -0.93
C ASP B 17 -11.99 16.72 -0.84
N TYR B 18 -13.22 16.74 -1.36
CA TYR B 18 -14.06 15.55 -1.36
C TYR B 18 -13.59 14.71 -2.56
N GLU B 19 -12.95 15.30 -3.56
CA GLU B 19 -12.36 14.58 -4.68
C GLU B 19 -10.85 14.40 -4.52
N SER B 20 -10.26 14.98 -3.45
CA SER B 20 -8.84 14.87 -3.20
C SER B 20 -8.46 13.52 -2.59
N LYS B 21 -9.42 12.59 -2.47
CA LYS B 21 -9.17 11.22 -2.04
C LYS B 21 -8.39 11.17 -0.73
N MET B 22 -8.83 11.91 0.28
CA MET B 22 -8.07 12.02 1.53
C MET B 22 -8.29 10.82 2.46
N MET B 23 -7.38 10.69 3.43
CA MET B 23 -7.46 9.69 4.49
C MET B 23 -6.92 10.31 5.78
N GLN B 24 -7.21 9.67 6.91
CA GLN B 24 -6.67 10.12 8.19
C GLN B 24 -5.44 9.28 8.52
N CYS B 25 -4.46 9.90 9.18
CA CYS B 25 -3.21 9.24 9.55
C CYS B 25 -3.45 8.08 10.53
N GLY B 26 -4.57 8.13 11.25
CA GLY B 26 -5.01 7.09 12.15
C GLY B 26 -4.35 7.11 13.53
N LYS B 27 -3.31 7.94 13.74
CA LYS B 27 -2.61 7.93 15.02
C LYS B 27 -2.11 9.30 15.45
N CYS B 28 -2.39 10.35 14.68
CA CYS B 28 -2.16 11.73 15.08
C CYS B 28 -3.32 12.63 14.61
N ASP B 29 -4.39 11.99 14.12
CA ASP B 29 -5.60 12.61 13.62
C ASP B 29 -5.45 13.57 12.44
N ARG B 30 -4.24 13.76 11.91
CA ARG B 30 -4.02 14.62 10.77
C ARG B 30 -4.59 13.98 9.50
N TRP B 31 -5.10 14.80 8.59
CA TRP B 31 -5.65 14.34 7.33
C TRP B 31 -4.67 14.64 6.19
N VAL B 32 -4.71 13.83 5.13
CA VAL B 32 -3.77 13.95 4.01
C VAL B 32 -4.41 13.70 2.65
N HIS B 33 -3.97 14.43 1.62
CA HIS B 33 -4.39 14.17 0.24
C HIS B 33 -3.58 12.97 -0.27
N SER B 34 -4.24 11.96 -0.84
CA SER B 34 -3.51 10.84 -1.41
C SER B 34 -2.93 11.22 -2.78
N LYS B 35 -3.47 12.28 -3.40
CA LYS B 35 -3.01 12.73 -4.71
C LYS B 35 -1.63 13.38 -4.62
N CYS B 36 -1.30 14.00 -3.48
CA CYS B 36 0.01 14.59 -3.26
C CYS B 36 1.01 13.48 -2.90
N GLU B 37 0.49 12.35 -2.40
CA GLU B 37 1.27 11.17 -2.07
C GLU B 37 1.46 10.28 -3.30
N ASN B 38 1.14 10.82 -4.49
CA ASN B 38 1.27 10.14 -5.78
C ASN B 38 0.57 8.78 -5.82
N LEU B 39 -0.40 8.55 -4.93
CA LEU B 39 -1.14 7.30 -4.87
C LEU B 39 -2.19 7.24 -5.98
N SER B 40 -2.37 6.06 -6.57
CA SER B 40 -3.48 5.82 -7.47
C SER B 40 -4.74 5.66 -6.63
N ASP B 41 -5.93 5.88 -7.22
CA ASP B 41 -7.16 5.80 -6.45
C ASP B 41 -7.42 4.40 -5.89
N GLU B 42 -6.97 3.35 -6.60
CA GLU B 42 -7.13 1.98 -6.15
C GLU B 42 -6.19 1.66 -4.99
N MET B 43 -4.91 2.06 -5.12
CA MET B 43 -3.94 1.81 -4.08
C MET B 43 -4.35 2.60 -2.82
N TYR B 44 -4.89 3.80 -3.03
CA TYR B 44 -5.49 4.59 -1.97
C TYR B 44 -6.64 3.90 -1.24
N GLU B 45 -7.59 3.33 -1.99
CA GLU B 45 -8.70 2.61 -1.39
C GLU B 45 -8.21 1.41 -0.60
N ILE B 46 -7.15 0.73 -1.06
CA ILE B 46 -6.64 -0.41 -0.32
C ILE B 46 -6.04 0.06 1.01
N LEU B 47 -5.07 0.98 0.95
CA LEU B 47 -4.38 1.42 2.17
C LEU B 47 -5.30 2.23 3.07
N SER B 48 -6.45 2.70 2.55
CA SER B 48 -7.45 3.34 3.37
C SER B 48 -8.39 2.31 4.01
N ASN B 49 -8.66 1.19 3.32
CA ASN B 49 -9.53 0.13 3.83
C ASN B 49 -8.77 -1.03 4.46
N LEU B 50 -7.45 -0.91 4.64
CA LEU B 50 -6.67 -1.85 5.43
C LEU B 50 -7.35 -2.12 6.77
N PRO B 51 -7.04 -3.26 7.43
CA PRO B 51 -7.66 -3.67 8.67
C PRO B 51 -7.43 -2.67 9.79
N GLU B 52 -8.24 -2.76 10.85
CA GLU B 52 -8.25 -1.77 11.92
C GLU B 52 -6.98 -1.78 12.76
N SER B 53 -6.07 -2.75 12.54
CA SER B 53 -4.85 -2.85 13.31
C SER B 53 -3.68 -2.11 12.63
N VAL B 54 -3.76 -1.90 11.31
CA VAL B 54 -2.69 -1.27 10.54
C VAL B 54 -3.21 -0.32 9.46
N ALA B 55 -2.47 0.76 9.20
CA ALA B 55 -2.91 1.76 8.24
C ALA B 55 -1.74 2.63 7.79
N TYR B 56 -1.97 3.41 6.72
CA TYR B 56 -1.01 4.39 6.26
C TYR B 56 -0.95 5.65 7.12
N THR B 57 0.22 6.26 7.24
CA THR B 57 0.43 7.41 8.13
C THR B 57 1.12 8.60 7.47
N CYS B 58 0.95 9.78 8.08
CA CYS B 58 1.48 11.03 7.58
C CYS B 58 3.01 11.09 7.72
N VAL B 59 3.61 12.13 7.11
CA VAL B 59 5.05 12.34 7.11
C VAL B 59 5.65 12.54 8.50
N ASN B 60 4.80 12.81 9.51
CA ASN B 60 5.28 13.05 10.86
C ASN B 60 5.34 11.73 11.64
N CYS B 61 4.60 10.71 11.20
CA CYS B 61 4.55 9.42 11.87
C CYS B 61 5.37 8.37 11.13
N THR B 62 5.70 8.63 9.86
CA THR B 62 6.57 7.77 9.06
C THR B 62 7.32 8.53 7.96
N GLU B 63 8.43 7.96 7.48
CA GLU B 63 9.20 8.57 6.41
C GLU B 63 8.44 8.47 5.09
N ARG B 64 8.59 9.51 4.26
CA ARG B 64 7.92 9.61 2.97
C ARG B 64 8.81 10.34 1.97
ZN ZN C . -1.94 18.11 -0.67
ZN ZN D . 0.57 11.23 11.60
N ALA A 1 -6.43 -14.66 -26.35
CA ALA A 1 -4.97 -14.59 -26.21
C ALA A 1 -4.58 -13.67 -25.06
N GLY A 2 -3.34 -13.79 -24.58
CA GLY A 2 -2.84 -13.00 -23.47
C GLY A 2 -3.42 -13.46 -22.14
N HIS A 3 -3.17 -12.69 -21.08
CA HIS A 3 -3.65 -12.99 -19.74
C HIS A 3 -3.77 -11.71 -18.92
N MET A 4 -4.43 -11.80 -17.76
CA MET A 4 -4.71 -10.66 -16.92
C MET A 4 -3.50 -10.24 -16.08
N ALA A 5 -2.42 -11.03 -16.07
CA ALA A 5 -1.27 -10.74 -15.24
C ALA A 5 -0.36 -9.67 -15.87
N THR A 6 -0.67 -9.21 -17.08
CA THR A 6 0.07 -8.14 -17.75
C THR A 6 -0.15 -6.74 -17.19
N THR A 7 -0.35 -6.64 -15.88
CA THR A 7 -0.55 -5.36 -15.20
C THR A 7 0.61 -4.38 -15.37
N LYS A 8 0.36 -3.10 -15.11
CA LYS A 8 1.34 -2.06 -15.40
C LYS A 8 1.40 -1.00 -14.30
N ARG A 9 0.85 -1.31 -13.13
CA ARG A 9 0.84 -0.40 -11.99
C ARG A 9 1.17 -1.16 -10.70
N VAL A 10 0.44 -0.90 -9.62
CA VAL A 10 0.71 -1.49 -8.31
C VAL A 10 0.52 -3.00 -8.27
N LEU A 11 1.35 -3.67 -7.47
CA LEU A 11 1.22 -5.09 -7.19
C LEU A 11 1.61 -5.36 -5.72
N TYR A 12 1.28 -6.56 -5.26
CA TYR A 12 1.50 -6.99 -3.88
C TYR A 12 2.85 -7.64 -3.56
N VAL A 13 3.35 -7.43 -2.34
CA VAL A 13 4.59 -8.02 -1.86
C VAL A 13 4.42 -8.52 -0.42
N GLY A 14 5.04 -9.65 -0.08
CA GLY A 14 4.90 -10.25 1.24
C GLY A 14 6.12 -11.09 1.61
N GLY A 15 6.09 -11.65 2.83
CA GLY A 15 7.19 -12.46 3.36
C GLY A 15 8.34 -11.58 3.87
N LEU A 16 8.11 -10.27 3.95
CA LEU A 16 9.12 -9.31 4.33
C LEU A 16 9.41 -9.35 5.84
N ALA A 17 10.65 -8.98 6.22
CA ALA A 17 11.02 -8.79 7.62
C ALA A 17 10.65 -7.38 8.08
N GLU A 18 10.56 -7.17 9.40
CA GLU A 18 10.22 -5.86 9.95
C GLU A 18 11.30 -4.82 9.61
N GLU A 19 12.50 -5.29 9.23
CA GLU A 19 13.60 -4.42 8.87
C GLU A 19 13.44 -3.87 7.45
N VAL A 20 12.55 -4.46 6.63
CA VAL A 20 12.34 -4.02 5.27
C VAL A 20 11.64 -2.67 5.25
N ASP A 21 12.04 -1.83 4.30
CA ASP A 21 11.49 -0.50 4.08
C ASP A 21 11.50 -0.12 2.60
N ASP A 22 11.09 1.10 2.27
CA ASP A 22 10.97 1.52 0.88
C ASP A 22 12.27 1.48 0.09
N LYS A 23 13.41 1.66 0.75
CA LYS A 23 14.71 1.66 0.08
C LYS A 23 15.24 0.24 -0.15
N VAL A 24 14.82 -0.73 0.67
CA VAL A 24 15.20 -2.12 0.47
C VAL A 24 14.37 -2.66 -0.69
N LEU A 25 13.09 -2.32 -0.75
CA LEU A 25 12.23 -2.74 -1.84
C LEU A 25 12.65 -2.06 -3.15
N HIS A 26 13.11 -0.81 -3.09
CA HIS A 26 13.50 -0.11 -4.30
C HIS A 26 14.78 -0.71 -4.89
N ALA A 27 15.67 -1.21 -4.03
CA ALA A 27 16.93 -1.77 -4.50
C ALA A 27 16.75 -3.18 -5.08
N ALA A 28 15.77 -3.93 -4.58
CA ALA A 28 15.56 -5.30 -5.01
C ALA A 28 14.63 -5.42 -6.20
N PHE A 29 13.76 -4.42 -6.43
CA PHE A 29 12.78 -4.45 -7.51
C PHE A 29 13.15 -3.66 -8.78
N ILE A 30 14.28 -2.95 -8.74
CA ILE A 30 14.75 -2.11 -9.83
C ILE A 30 15.44 -2.84 -10.99
N PRO A 31 15.98 -4.06 -10.84
CA PRO A 31 16.79 -4.65 -11.90
C PRO A 31 15.96 -5.13 -13.09
N PHE A 32 14.64 -5.20 -12.96
CA PHE A 32 13.77 -5.67 -14.04
C PHE A 32 13.25 -4.45 -14.81
N GLY A 33 13.21 -3.27 -14.18
CA GLY A 33 12.76 -2.05 -14.82
C GLY A 33 12.59 -0.91 -13.82
N ASP A 34 12.17 0.26 -14.30
CA ASP A 34 11.98 1.42 -13.46
C ASP A 34 10.78 1.35 -12.53
N ILE A 35 10.98 1.78 -11.28
CA ILE A 35 9.92 1.88 -10.29
C ILE A 35 9.43 3.33 -10.22
N THR A 36 8.16 3.53 -9.86
CA THR A 36 7.59 4.86 -9.73
C THR A 36 6.91 5.13 -8.40
N ASP A 37 6.61 4.09 -7.62
CA ASP A 37 6.03 4.21 -6.28
C ASP A 37 6.27 3.01 -5.37
N ILE A 38 6.52 3.28 -4.08
CA ILE A 38 6.65 2.27 -3.04
C ILE A 38 6.17 2.88 -1.72
N GLN A 39 5.23 2.21 -1.06
CA GLN A 39 4.74 2.63 0.24
C GLN A 39 4.42 1.41 1.10
N ILE A 40 4.68 1.51 2.40
CA ILE A 40 4.49 0.40 3.33
C ILE A 40 3.56 0.84 4.46
N PRO A 41 2.43 0.15 4.66
CA PRO A 41 1.51 0.41 5.76
C PRO A 41 2.11 -0.11 7.06
N LEU A 42 1.75 0.49 8.20
CA LEU A 42 2.36 0.14 9.49
C LEU A 42 1.31 -0.16 10.55
N ASP A 43 1.68 -0.99 11.51
CA ASP A 43 0.86 -1.31 12.67
C ASP A 43 0.84 -0.13 13.65
N TYR A 44 -0.33 0.32 14.06
CA TYR A 44 -0.46 1.52 14.89
C TYR A 44 0.24 1.54 16.25
N GLU A 45 0.64 0.39 16.80
CA GLU A 45 1.25 0.35 18.11
C GLU A 45 2.76 0.14 18.07
N THR A 46 3.29 -0.41 16.97
CA THR A 46 4.71 -0.73 16.87
C THR A 46 5.42 -0.09 15.67
N GLU A 47 4.66 0.55 14.77
CA GLU A 47 5.21 1.19 13.57
C GLU A 47 5.98 0.22 12.67
N LYS A 48 5.70 -1.07 12.77
CA LYS A 48 6.26 -2.10 11.90
C LYS A 48 5.17 -2.66 11.00
N HIS A 49 5.54 -3.12 9.81
CA HIS A 49 4.61 -3.84 8.94
C HIS A 49 4.67 -5.32 9.30
N ARG A 50 3.58 -6.04 9.03
CA ARG A 50 3.49 -7.47 9.36
C ARG A 50 4.13 -8.34 8.29
N GLY A 51 5.06 -7.78 7.51
CA GLY A 51 5.76 -8.52 6.48
C GLY A 51 5.03 -8.46 5.14
N PHE A 52 4.39 -7.33 4.83
CA PHE A 52 3.62 -7.18 3.60
C PHE A 52 3.74 -5.70 3.24
N ALA A 53 3.71 -5.40 1.93
CA ALA A 53 3.89 -4.06 1.42
C ALA A 53 3.36 -3.94 -0.02
N PHE A 54 3.44 -2.73 -0.58
CA PHE A 54 3.01 -2.47 -1.95
C PHE A 54 4.04 -1.76 -2.82
N VAL A 55 4.10 -2.11 -4.11
CA VAL A 55 5.09 -1.58 -5.05
C VAL A 55 4.40 -1.31 -6.38
N GLU A 56 4.78 -0.22 -7.06
CA GLU A 56 4.18 0.17 -8.32
C GLU A 56 5.24 0.48 -9.37
N PHE A 57 5.06 -0.10 -10.56
CA PHE A 57 6.03 -0.05 -11.64
C PHE A 57 5.75 0.96 -12.75
N GLU A 58 6.80 1.35 -13.49
CA GLU A 58 6.67 2.27 -14.61
C GLU A 58 6.42 1.51 -15.93
N LEU A 59 6.67 0.20 -15.95
CA LEU A 59 6.48 -0.63 -17.14
C LEU A 59 5.71 -1.90 -16.81
N ALA A 60 5.00 -2.44 -17.81
CA ALA A 60 4.19 -3.64 -17.65
C ALA A 60 5.03 -4.91 -17.68
N GLU A 61 6.12 -4.91 -18.47
CA GLU A 61 6.98 -6.08 -18.59
C GLU A 61 7.80 -6.26 -17.32
N ASP A 62 8.00 -5.18 -16.57
CA ASP A 62 8.75 -5.20 -15.33
C ASP A 62 7.95 -5.80 -14.18
N ALA A 63 6.69 -5.38 -14.02
CA ALA A 63 5.83 -5.91 -12.98
C ALA A 63 5.56 -7.40 -13.24
N ALA A 64 5.56 -7.81 -14.51
CA ALA A 64 5.38 -9.21 -14.86
C ALA A 64 6.65 -10.02 -14.55
N ALA A 65 7.82 -9.38 -14.63
CA ALA A 65 9.07 -10.04 -14.30
C ALA A 65 9.25 -10.15 -12.78
N ALA A 66 8.58 -9.28 -12.02
CA ALA A 66 8.66 -9.32 -10.57
C ALA A 66 7.88 -10.53 -10.03
N ILE A 67 6.66 -10.75 -10.51
CA ILE A 67 5.88 -11.90 -10.08
C ILE A 67 6.51 -13.20 -10.57
N ASP A 68 7.26 -13.15 -11.68
CA ASP A 68 7.92 -14.33 -12.23
C ASP A 68 9.26 -14.72 -11.62
N ASN A 69 9.95 -13.78 -10.94
CA ASN A 69 11.26 -14.06 -10.38
C ASN A 69 11.38 -13.74 -8.89
N MET A 70 10.80 -12.62 -8.44
CA MET A 70 10.95 -12.21 -7.05
C MET A 70 10.08 -13.05 -6.10
N ASN A 71 9.16 -13.85 -6.62
CA ASN A 71 8.34 -14.73 -5.80
C ASN A 71 9.20 -15.87 -5.25
N GLU A 72 10.39 -16.08 -5.82
CA GLU A 72 11.35 -17.09 -5.34
C GLU A 72 12.54 -16.42 -4.67
N SER A 73 12.56 -15.09 -4.64
CA SER A 73 13.67 -14.33 -4.07
C SER A 73 13.65 -14.36 -2.54
N GLU A 74 14.70 -13.82 -1.92
CA GLU A 74 14.91 -13.85 -0.48
C GLU A 74 15.43 -12.51 0.00
N LEU A 75 14.98 -12.09 1.20
CA LEU A 75 15.39 -10.84 1.82
C LEU A 75 15.50 -11.06 3.32
N PHE A 76 16.50 -10.42 3.96
CA PHE A 76 16.70 -10.55 5.39
C PHE A 76 16.85 -11.96 5.96
N GLY A 77 17.13 -12.95 5.09
CA GLY A 77 17.31 -14.33 5.51
C GLY A 77 16.03 -15.17 5.39
N ARG A 78 15.00 -14.66 4.72
CA ARG A 78 13.74 -15.39 4.53
C ARG A 78 13.15 -15.14 3.15
N THR A 79 12.40 -16.14 2.66
CA THR A 79 11.73 -16.06 1.37
C THR A 79 10.62 -15.00 1.30
N ILE A 80 10.41 -14.42 0.12
CA ILE A 80 9.40 -13.39 -0.09
C ILE A 80 8.37 -13.90 -1.11
N ARG A 81 7.27 -13.15 -1.26
CA ARG A 81 6.21 -13.48 -2.20
C ARG A 81 5.79 -12.23 -2.97
N VAL A 82 5.42 -12.40 -4.23
CA VAL A 82 4.98 -11.32 -5.10
C VAL A 82 3.82 -11.78 -5.99
N ASN A 83 2.82 -10.92 -6.16
CA ASN A 83 1.63 -11.24 -6.94
C ASN A 83 0.93 -9.94 -7.34
N LEU A 84 0.04 -10.01 -8.34
CA LEU A 84 -0.67 -8.84 -8.82
C LEU A 84 -1.63 -8.31 -7.75
N ALA A 85 -1.99 -7.02 -7.87
CA ALA A 85 -2.95 -6.38 -6.99
C ALA A 85 -3.77 -5.34 -7.74
N LYS A 86 -3.68 -5.34 -9.08
CA LYS A 86 -4.44 -4.44 -9.95
C LYS A 86 -5.86 -4.95 -10.25
N PRO A 87 -6.08 -6.28 -10.39
CA PRO A 87 -7.41 -6.84 -10.64
C PRO A 87 -8.41 -6.64 -9.50
N MET A 88 -8.02 -5.92 -8.43
CA MET A 88 -8.80 -5.84 -7.21
C MET A 88 -9.10 -4.38 -6.81
N ARG A 89 -9.45 -3.55 -7.79
CA ARG A 89 -9.82 -2.16 -7.54
C ARG A 89 -11.03 -2.15 -6.61
N ILE A 90 -10.94 -1.42 -5.50
CA ILE A 90 -11.98 -1.42 -4.47
C ILE A 90 -13.28 -0.83 -5.01
N LYS A 91 -14.42 -1.35 -4.53
CA LYS A 91 -15.73 -0.82 -4.88
C LYS A 91 -16.02 0.42 -4.03
N GLU A 92 -15.64 1.59 -4.54
CA GLU A 92 -15.79 2.86 -3.84
C GLU A 92 -17.26 3.23 -3.67
N GLY A 93 -18.15 2.63 -4.47
CA GLY A 93 -19.59 2.86 -4.41
C GLY A 93 -20.29 1.84 -3.51
N SER A 94 -19.54 1.07 -2.71
CA SER A 94 -20.09 0.00 -1.90
C SER A 94 -19.37 -0.11 -0.56
N SER A 95 -19.69 -1.17 0.20
CA SER A 95 -19.11 -1.44 1.51
C SER A 95 -17.61 -1.65 1.44
N ARG A 96 -16.95 -1.79 2.60
CA ARG A 96 -15.51 -1.98 2.66
C ARG A 96 -15.13 -3.28 1.95
N PRO A 97 -13.83 -3.48 1.65
CA PRO A 97 -13.35 -4.61 0.89
C PRO A 97 -13.59 -5.94 1.60
N VAL A 98 -14.43 -6.81 1.01
CA VAL A 98 -14.80 -8.10 1.58
C VAL A 98 -15.16 -9.13 0.51
N TRP A 99 -14.63 -9.01 -0.71
CA TRP A 99 -15.05 -9.86 -1.82
C TRP A 99 -13.90 -10.31 -2.73
N SER A 100 -12.65 -10.03 -2.34
CA SER A 100 -11.50 -10.24 -3.21
C SER A 100 -10.22 -10.46 -2.38
N ASP A 101 -9.06 -10.41 -3.04
CA ASP A 101 -7.80 -10.45 -2.33
C ASP A 101 -7.71 -9.42 -1.19
N ASP A 102 -8.54 -8.38 -1.27
CA ASP A 102 -8.66 -7.38 -0.23
C ASP A 102 -9.41 -7.90 1.00
N ASP A 103 -10.23 -8.93 0.81
CA ASP A 103 -10.94 -9.59 1.88
C ASP A 103 -9.92 -10.37 2.68
N TRP A 104 -8.96 -11.04 2.03
CA TRP A 104 -7.98 -11.77 2.84
C TRP A 104 -7.05 -10.79 3.56
N LEU A 105 -6.90 -9.55 3.07
CA LEU A 105 -6.17 -8.55 3.85
C LEU A 105 -6.90 -8.33 5.18
N LYS A 106 -8.24 -8.41 5.19
CA LYS A 106 -9.00 -8.32 6.43
C LYS A 106 -8.83 -9.58 7.28
N LYS A 107 -8.79 -10.76 6.64
CA LYS A 107 -8.58 -12.01 7.36
C LYS A 107 -7.20 -11.99 8.01
N PHE A 108 -6.23 -11.37 7.32
CA PHE A 108 -4.90 -11.12 7.84
C PHE A 108 -4.87 -10.36 9.16
N SER A 109 -5.70 -9.31 9.27
CA SER A 109 -5.80 -8.56 10.52
C SER A 109 -6.46 -9.39 11.61
N GLY A 110 -7.19 -10.44 11.21
CA GLY A 110 -7.82 -11.36 12.15
C GLY A 110 -9.33 -11.29 12.01
N LYS A 111 -9.84 -11.54 10.79
CA LYS A 111 -11.26 -11.49 10.45
C LYS A 111 -11.95 -10.26 11.06
N THR A 112 -11.21 -9.13 11.09
CA THR A 112 -11.64 -7.91 11.73
C THR A 112 -12.98 -7.33 11.22
N LEU A 113 -13.40 -7.74 10.02
CA LEU A 113 -14.64 -7.24 9.44
C LEU A 113 -15.88 -7.77 10.19
N GLU A 114 -15.70 -8.81 11.01
CA GLU A 114 -16.80 -9.37 11.79
C GLU A 114 -17.16 -8.49 12.97
N GLU A 115 -16.42 -7.40 13.19
CA GLU A 115 -16.68 -6.44 14.25
C GLU A 115 -16.44 -5.02 13.75
N ASN A 116 -16.52 -4.82 12.42
CA ASN A 116 -16.30 -3.53 11.78
C ASN A 116 -17.23 -3.33 10.58
N LYS A 117 -17.30 -2.09 10.09
CA LYS A 117 -18.16 -1.72 8.96
C LYS A 117 -17.49 -0.60 8.16
N ALA B 1 4.25 21.07 15.76
CA ALA B 1 3.33 20.25 14.95
C ALA B 1 3.44 20.61 13.48
N LYS B 2 3.21 19.63 12.60
CA LYS B 2 3.26 19.82 11.15
C LYS B 2 1.91 20.31 10.60
N GLY B 3 1.03 20.77 11.49
CA GLY B 3 -0.29 21.24 11.09
C GLY B 3 -1.32 20.13 11.14
N ASN B 4 -2.59 20.47 10.93
CA ASN B 4 -3.69 19.51 10.94
C ASN B 4 -4.22 19.26 9.53
N PHE B 5 -3.42 19.58 8.51
CA PHE B 5 -3.85 19.54 7.12
C PHE B 5 -2.66 19.01 6.30
N CYS B 6 -2.92 18.74 5.02
CA CYS B 6 -1.95 18.23 4.06
C CYS B 6 -0.75 19.19 3.98
N PRO B 7 0.44 18.75 4.43
CA PRO B 7 1.65 19.54 4.36
C PRO B 7 2.31 19.47 2.97
N LEU B 8 1.77 18.66 2.06
CA LEU B 8 2.34 18.50 0.73
C LEU B 8 1.92 19.64 -0.20
N CYS B 9 0.90 20.43 0.19
CA CYS B 9 0.49 21.58 -0.59
C CYS B 9 -0.04 22.70 0.31
N ASP B 10 -0.09 23.93 -0.22
CA ASP B 10 -0.53 25.09 0.53
C ASP B 10 -2.05 25.23 0.66
N LYS B 11 -2.82 24.37 -0.02
CA LYS B 11 -4.26 24.45 -0.02
C LYS B 11 -4.84 23.76 1.22
N CYS B 12 -5.86 24.38 1.84
CA CYS B 12 -6.59 23.79 2.94
C CYS B 12 -7.88 23.13 2.48
N TYR B 13 -8.50 22.37 3.39
CA TYR B 13 -9.77 21.72 3.11
C TYR B 13 -10.96 22.62 2.86
N ASP B 14 -11.80 22.23 1.89
CA ASP B 14 -13.01 22.95 1.52
C ASP B 14 -13.99 22.01 0.82
N ASP B 15 -15.11 22.55 0.33
CA ASP B 15 -16.15 21.76 -0.31
C ASP B 15 -15.73 20.98 -1.56
N ASP B 16 -14.63 21.39 -2.20
CA ASP B 16 -14.13 20.72 -3.39
C ASP B 16 -13.30 19.48 -3.12
N ASP B 17 -12.80 19.36 -1.88
CA ASP B 17 -11.91 18.28 -1.51
C ASP B 17 -12.53 16.89 -1.35
N TYR B 18 -13.85 16.76 -1.54
CA TYR B 18 -14.51 15.47 -1.43
C TYR B 18 -14.01 14.64 -2.62
N GLU B 19 -13.58 15.30 -3.71
CA GLU B 19 -13.05 14.62 -4.89
C GLU B 19 -11.53 14.43 -4.78
N SER B 20 -10.89 15.17 -3.88
CA SER B 20 -9.43 15.13 -3.70
C SER B 20 -9.01 13.90 -2.91
N LYS B 21 -9.95 13.00 -2.59
CA LYS B 21 -9.66 11.75 -1.89
C LYS B 21 -8.96 11.96 -0.54
N MET B 22 -9.52 12.82 0.32
CA MET B 22 -8.92 13.09 1.61
C MET B 22 -9.03 11.89 2.55
N MET B 23 -8.11 11.85 3.51
CA MET B 23 -7.98 10.78 4.48
C MET B 23 -7.38 11.33 5.77
N GLN B 24 -7.72 10.71 6.91
CA GLN B 24 -7.21 11.15 8.20
C GLN B 24 -6.25 10.11 8.77
N CYS B 25 -5.28 10.58 9.56
CA CYS B 25 -4.30 9.74 10.20
C CYS B 25 -4.94 8.94 11.34
N GLY B 26 -4.26 7.89 11.81
CA GLY B 26 -4.82 7.01 12.83
C GLY B 26 -4.12 7.12 14.18
N LYS B 27 -3.03 7.90 14.29
CA LYS B 27 -2.38 8.14 15.57
C LYS B 27 -2.22 9.63 15.84
N CYS B 28 -2.70 10.45 14.90
CA CYS B 28 -2.83 11.88 15.09
C CYS B 28 -4.06 12.33 14.29
N ASP B 29 -4.50 13.58 14.46
CA ASP B 29 -5.72 14.05 13.82
C ASP B 29 -5.51 14.80 12.51
N ARG B 30 -4.27 14.88 12.02
CA ARG B 30 -3.96 15.59 10.80
C ARG B 30 -4.63 14.92 9.59
N TRP B 31 -5.26 15.75 8.75
CA TRP B 31 -5.88 15.32 7.51
C TRP B 31 -4.91 15.50 6.35
N VAL B 32 -5.03 14.68 5.31
CA VAL B 32 -4.17 14.79 4.13
C VAL B 32 -4.93 14.50 2.83
N HIS B 33 -4.53 15.16 1.74
CA HIS B 33 -5.00 14.81 0.40
C HIS B 33 -4.17 13.62 -0.07
N SER B 34 -4.79 12.59 -0.63
CA SER B 34 -4.03 11.45 -1.13
C SER B 34 -3.42 11.76 -2.51
N LYS B 35 -3.92 12.81 -3.18
CA LYS B 35 -3.43 13.19 -4.50
C LYS B 35 -2.10 13.92 -4.43
N CYS B 36 -1.81 14.58 -3.30
CA CYS B 36 -0.54 15.28 -3.12
C CYS B 36 0.56 14.28 -2.76
N GLU B 37 0.17 13.08 -2.29
CA GLU B 37 1.09 12.00 -2.00
C GLU B 37 1.47 11.25 -3.28
N ASN B 38 0.99 11.75 -4.44
CA ASN B 38 1.24 11.17 -5.76
C ASN B 38 0.71 9.72 -5.88
N LEU B 39 -0.16 9.30 -4.95
CA LEU B 39 -0.68 7.94 -4.94
C LEU B 39 -1.77 7.80 -6.02
N SER B 40 -1.80 6.63 -6.66
CA SER B 40 -2.86 6.29 -7.60
C SER B 40 -4.16 6.13 -6.84
N ASP B 41 -5.30 6.34 -7.51
CA ASP B 41 -6.59 6.23 -6.85
C ASP B 41 -6.82 4.85 -6.23
N GLU B 42 -6.43 3.79 -6.93
CA GLU B 42 -6.62 2.43 -6.45
C GLU B 42 -5.64 2.11 -5.32
N MET B 43 -4.39 2.57 -5.45
CA MET B 43 -3.38 2.37 -4.43
C MET B 43 -3.85 3.01 -3.14
N TYR B 44 -4.36 4.25 -3.25
CA TYR B 44 -4.96 4.93 -2.12
C TYR B 44 -6.16 4.23 -1.50
N GLU B 45 -7.08 3.73 -2.32
CA GLU B 45 -8.24 3.03 -1.79
C GLU B 45 -7.82 1.77 -1.04
N ILE B 46 -6.73 1.11 -1.45
CA ILE B 46 -6.29 -0.06 -0.71
C ILE B 46 -5.71 0.36 0.64
N LEU B 47 -4.70 1.24 0.62
CA LEU B 47 -4.06 1.63 1.87
C LEU B 47 -4.99 2.45 2.77
N SER B 48 -6.10 2.96 2.23
CA SER B 48 -7.10 3.65 3.03
C SER B 48 -8.11 2.66 3.62
N ASN B 49 -8.44 1.60 2.87
CA ASN B 49 -9.36 0.57 3.34
C ASN B 49 -8.65 -0.62 3.99
N LEU B 50 -7.32 -0.55 4.17
CA LEU B 50 -6.59 -1.52 4.97
C LEU B 50 -7.24 -1.65 6.36
N PRO B 51 -6.93 -2.75 7.07
CA PRO B 51 -7.50 -3.06 8.38
C PRO B 51 -7.30 -1.96 9.43
N GLU B 52 -7.98 -2.12 10.57
CA GLU B 52 -7.93 -1.15 11.65
C GLU B 52 -6.62 -1.25 12.44
N SER B 53 -5.92 -2.38 12.33
CA SER B 53 -4.66 -2.59 13.05
C SER B 53 -3.47 -1.99 12.30
N VAL B 54 -3.50 -2.09 10.96
CA VAL B 54 -2.40 -1.65 10.11
C VAL B 54 -2.91 -0.77 8.97
N ALA B 55 -2.25 0.36 8.75
CA ALA B 55 -2.68 1.36 7.78
C ALA B 55 -1.57 2.37 7.50
N TYR B 56 -1.77 3.17 6.46
CA TYR B 56 -0.84 4.23 6.11
C TYR B 56 -0.90 5.45 7.02
N THR B 57 0.24 5.84 7.60
CA THR B 57 0.33 6.94 8.55
C THR B 57 0.61 8.21 7.74
N CYS B 58 0.32 9.38 8.33
CA CYS B 58 0.61 10.65 7.70
C CYS B 58 2.10 11.00 7.85
N VAL B 59 2.50 12.17 7.33
CA VAL B 59 3.86 12.64 7.47
C VAL B 59 4.27 12.90 8.93
N ASN B 60 5.56 12.79 9.23
CA ASN B 60 6.11 12.91 10.58
C ASN B 60 5.64 11.86 11.58
N CYS B 61 4.52 11.16 11.31
CA CYS B 61 4.13 10.00 12.11
C CYS B 61 5.03 8.82 11.76
N THR B 62 5.75 8.92 10.65
CA THR B 62 6.76 7.96 10.22
C THR B 62 7.75 8.56 9.22
N GLU B 63 8.89 7.91 9.03
CA GLU B 63 9.88 8.38 8.07
C GLU B 63 9.43 8.11 6.64
N ARG B 64 9.77 9.01 5.72
CA ARG B 64 9.39 8.94 4.31
C ARG B 64 10.47 9.57 3.45
ZN ZN C . -2.67 18.71 -0.57
ZN ZN D . -0.24 11.48 11.75
#